data_7SVH
#
_entry.id   7SVH
#
_cell.length_a   87.350
_cell.length_b   167.376
_cell.length_c   88.153
_cell.angle_alpha   90.000
_cell.angle_beta   98.978
_cell.angle_gamma   90.000
#
_symmetry.space_group_name_H-M   'P 1 21 1'
#
loop_
_entity.id
_entity.type
_entity.pdbx_description
1 polymer 'Choloylglycine hydrolase'
2 non-polymer 'MAGNESIUM ION'
3 water water
#
_entity_poly.entity_id   1
_entity_poly.type   'polypeptide(L)'
_entity_poly.pdbx_seq_one_letter_code
;MCTSILYSPKDHYFGRNLDYEIAYGQKVVITPRNYEFKFANLPAEKSHYAMIGIAAVANNTPLYCDAINEKGLGVAGLSF
AGQGKYFPVVEDKKNIASFEFISYILATYETVDQVKENLTDVNISDVSFSKNTPASELHWLVGDKTGKSIVVESDEKGLH
VYDNPVNALTNAPLFPQQLTNLANYAAVVPGQPNNDFLPGVDLKMYSRSLGTHHLPGGMDSESRFVKVCFALNHAPKDSD
EVESVTNFFHILQSVEQVKGMDEVGPNIFEYTMYTSCMNLEKGILYFNCYDDSRISAVDMNKEDLSSSDLIVFDLFKKQD
ISFINHHHHHH
;
_entity_poly.pdbx_strand_id   A,B,C,D,E,F,G,H
#
# COMPACT_ATOMS: atom_id res chain seq x y z
N CYS A 2 9.89 33.53 2.49
CA CYS A 2 10.15 34.04 3.83
C CYS A 2 11.63 34.13 4.09
N THR A 3 12.02 34.99 5.04
CA THR A 3 13.41 35.21 5.41
C THR A 3 13.46 35.42 6.91
N SER A 4 14.34 34.71 7.61
CA SER A 4 14.48 34.86 9.03
C SER A 4 15.95 35.05 9.40
N ILE A 5 16.22 35.84 10.45
CA ILE A 5 17.58 36.14 10.87
C ILE A 5 17.69 36.20 12.40
N LEU A 6 18.93 36.01 12.87
CA LEU A 6 19.34 36.30 14.24
C LEU A 6 20.44 37.36 14.16
N TYR A 7 20.21 38.51 14.79
CA TYR A 7 21.06 39.69 14.70
C TYR A 7 21.59 40.01 16.08
N SER A 8 22.91 40.17 16.21
CA SER A 8 23.55 40.22 17.52
C SER A 8 24.44 41.46 17.69
N PRO A 9 23.88 42.67 17.55
CA PRO A 9 24.73 43.86 17.70
C PRO A 9 25.17 44.10 19.13
N LYS A 10 24.34 43.78 20.11
CA LYS A 10 24.66 43.92 21.53
C LYS A 10 23.67 43.07 22.31
N ASP A 11 22.41 43.51 22.36
CA ASP A 11 21.34 42.55 22.57
C ASP A 11 21.21 41.69 21.31
N HIS A 12 20.38 40.66 21.40
CA HIS A 12 20.16 39.72 20.30
C HIS A 12 18.72 39.82 19.83
N TYR A 13 18.53 39.89 18.51
CA TYR A 13 17.22 40.10 17.92
C TYR A 13 16.92 38.98 16.94
N PHE A 14 15.71 38.44 17.01
CA PHE A 14 15.31 37.27 16.24
C PHE A 14 13.99 37.58 15.56
N GLY A 15 13.86 37.24 14.28
CA GLY A 15 12.61 37.52 13.61
C GLY A 15 12.66 37.19 12.14
N ARG A 16 11.66 37.70 11.41
CA ARG A 16 11.48 37.22 10.04
C ARG A 16 10.55 38.13 9.25
N ASN A 17 10.73 38.11 7.93
CA ASN A 17 9.70 38.44 6.96
C ASN A 17 8.84 37.20 6.71
N LEU A 18 7.52 37.39 6.71
CA LEU A 18 6.62 36.35 6.20
C LEU A 18 6.13 36.80 4.83
N ASP A 19 6.53 36.08 3.78
CA ASP A 19 6.15 36.41 2.42
C ASP A 19 5.19 35.35 1.90
N TYR A 20 4.01 35.77 1.49
CA TYR A 20 3.00 34.88 0.93
C TYR A 20 1.99 35.70 0.15
N GLU A 21 1.02 35.01 -0.45
CA GLU A 21 -0.01 35.69 -1.23
C GLU A 21 -1.27 35.97 -0.44
N ILE A 22 -1.49 35.26 0.68
CA ILE A 22 -2.71 35.37 1.45
C ILE A 22 -2.38 35.23 2.94
N ALA A 23 -3.01 36.05 3.76
CA ALA A 23 -2.84 36.01 5.21
C ALA A 23 -3.71 34.92 5.80
N TYR A 24 -3.27 34.42 6.97
CA TYR A 24 -3.90 33.30 7.65
C TYR A 24 -4.38 33.72 9.04
N GLY A 25 -4.98 34.89 9.14
CA GLY A 25 -5.48 35.35 10.43
C GLY A 25 -4.42 35.60 11.49
N GLN A 26 -3.19 35.91 11.08
CA GLN A 26 -2.11 36.10 12.04
C GLN A 26 -2.37 37.33 12.91
N LYS A 27 -1.93 37.23 14.16
CA LYS A 27 -2.04 38.30 15.15
C LYS A 27 -0.82 38.20 16.05
N VAL A 28 -0.63 39.21 16.89
CA VAL A 28 0.37 39.12 17.96
C VAL A 28 -0.25 38.32 19.11
N VAL A 29 0.44 37.26 19.56
CA VAL A 29 -0.09 36.39 20.60
C VAL A 29 0.96 36.18 21.68
N ILE A 30 0.63 36.54 22.92
CA ILE A 30 1.40 36.14 24.09
C ILE A 30 0.75 34.90 24.72
N THR A 31 1.53 33.83 24.88
CA THR A 31 1.05 32.67 25.62
C THR A 31 1.67 32.70 27.01
N PRO A 32 0.88 32.88 28.07
CA PRO A 32 1.45 32.99 29.42
C PRO A 32 1.81 31.62 29.98
N ARG A 33 2.44 31.65 31.16
CA ARG A 33 3.07 30.44 31.70
C ARG A 33 2.07 29.32 31.97
N ASN A 34 0.82 29.66 32.31
CA ASN A 34 -0.15 28.66 32.75
C ASN A 34 -1.24 28.42 31.74
N TYR A 35 -1.09 28.86 30.50
CA TYR A 35 -1.88 28.31 29.41
C TYR A 35 -1.50 26.85 29.22
N GLU A 36 -2.48 25.95 29.23
CA GLU A 36 -2.20 24.52 29.14
C GLU A 36 -2.05 24.11 27.69
N PHE A 37 -0.83 23.70 27.31
CA PHE A 37 -0.59 23.16 25.98
C PHE A 37 -1.05 21.70 25.94
N LYS A 38 -1.88 21.36 24.97
CA LYS A 38 -2.27 19.98 24.72
C LYS A 38 -1.66 19.54 23.40
N PHE A 39 -0.78 18.55 23.46
CA PHE A 39 -0.04 18.10 22.30
C PHE A 39 -0.61 16.78 21.81
N ALA A 40 -0.47 16.53 20.51
CA ALA A 40 -1.01 15.31 19.93
C ALA A 40 -0.41 14.07 20.58
N ASN A 41 0.90 14.05 20.78
CA ASN A 41 1.57 12.81 21.19
C ASN A 41 2.61 13.07 22.26
N LEU A 42 2.43 14.13 23.04
CA LEU A 42 3.35 14.54 24.08
C LEU A 42 2.54 14.85 25.33
N PRO A 43 3.11 14.70 26.52
CA PRO A 43 2.39 15.07 27.74
C PRO A 43 1.98 16.53 27.69
N ALA A 44 0.85 16.83 28.33
CA ALA A 44 0.38 18.20 28.45
C ALA A 44 1.34 19.01 29.31
N GLU A 45 1.40 20.30 29.04
CA GLU A 45 2.28 21.21 29.76
C GLU A 45 1.39 22.29 30.34
N LYS A 46 0.98 22.09 31.59
CA LYS A 46 0.14 23.05 32.28
C LYS A 46 0.93 24.23 32.80
N SER A 47 2.24 24.07 32.93
CA SER A 47 3.14 25.11 33.41
C SER A 47 4.38 25.10 32.54
N HIS A 48 4.82 26.25 32.05
CA HIS A 48 5.91 26.32 31.07
C HIS A 48 6.38 27.77 30.95
N TYR A 49 7.39 27.99 30.10
CA TYR A 49 7.85 29.35 29.84
C TYR A 49 6.81 30.15 29.06
N ALA A 50 6.70 31.44 29.37
CA ALA A 50 5.85 32.32 28.58
C ALA A 50 6.54 32.65 27.25
N MET A 51 5.74 32.99 26.23
CA MET A 51 6.29 33.30 24.92
C MET A 51 5.46 34.37 24.21
N ILE A 52 6.08 35.04 23.25
CA ILE A 52 5.42 36.08 22.47
C ILE A 52 5.87 35.91 21.02
N GLY A 53 4.93 36.09 20.09
CA GLY A 53 5.27 35.96 18.69
C GLY A 53 4.05 36.24 17.86
N ILE A 54 4.10 35.81 16.60
CA ILE A 54 3.01 35.99 15.65
C ILE A 54 2.38 34.63 15.42
N ALA A 55 1.05 34.58 15.54
CA ALA A 55 0.33 33.31 15.50
C ALA A 55 -1.07 33.53 14.97
N ALA A 56 -1.60 32.53 14.29
CA ALA A 56 -3.04 32.40 14.18
C ALA A 56 -3.59 31.71 15.43
N VAL A 57 -4.82 32.04 15.79
CA VAL A 57 -5.48 31.40 16.92
C VAL A 57 -6.72 30.68 16.41
N ALA A 58 -6.79 29.39 16.68
CA ALA A 58 -7.96 28.58 16.36
C ALA A 58 -8.26 27.67 17.53
N ASN A 59 -9.53 27.57 17.93
CA ASN A 59 -9.92 26.68 19.02
C ASN A 59 -9.12 26.97 20.29
N ASN A 60 -8.90 28.26 20.58
CA ASN A 60 -8.13 28.67 21.75
C ASN A 60 -6.72 28.06 21.76
N THR A 61 -6.12 27.91 20.57
CA THR A 61 -4.79 27.32 20.43
C THR A 61 -3.93 28.26 19.58
N PRO A 62 -2.74 28.66 20.06
CA PRO A 62 -1.87 29.50 19.23
C PRO A 62 -1.12 28.65 18.20
N LEU A 63 -1.20 29.06 16.95
CA LEU A 63 -0.51 28.39 15.85
C LEU A 63 0.62 29.32 15.42
N TYR A 64 1.77 29.18 16.07
CA TYR A 64 2.83 30.18 15.92
C TYR A 64 3.53 30.09 14.57
N CYS A 65 3.81 31.27 14.01
CA CYS A 65 4.66 31.44 12.83
C CYS A 65 6.11 31.65 13.22
N ASP A 66 6.34 32.38 14.30
CA ASP A 66 7.64 32.73 14.85
C ASP A 66 7.38 33.32 16.24
N ALA A 67 8.31 33.09 17.15
CA ALA A 67 8.10 33.52 18.53
C ALA A 67 9.40 33.37 19.30
N ILE A 68 9.44 34.03 20.45
CA ILE A 68 10.52 33.88 21.40
C ILE A 68 9.90 33.65 22.77
N ASN A 69 10.68 33.04 23.67
CA ASN A 69 10.20 32.82 25.03
C ASN A 69 10.94 33.72 26.02
N GLU A 70 10.47 33.70 27.27
CA GLU A 70 10.94 34.62 28.29
C GLU A 70 12.38 34.36 28.72
N LYS A 71 13.01 33.29 28.27
CA LYS A 71 14.41 33.01 28.58
C LYS A 71 15.34 33.34 27.42
N GLY A 72 14.81 33.83 26.31
CA GLY A 72 15.65 34.26 25.21
C GLY A 72 15.95 33.22 24.16
N LEU A 73 15.08 32.23 23.99
CA LEU A 73 15.16 31.29 22.89
C LEU A 73 14.15 31.71 21.83
N GLY A 74 14.53 31.59 20.56
CA GLY A 74 13.64 31.95 19.46
C GLY A 74 13.50 30.84 18.45
N VAL A 75 12.29 30.70 17.90
CA VAL A 75 12.04 29.72 16.84
C VAL A 75 11.16 30.36 15.78
N ALA A 76 11.54 30.18 14.52
CA ALA A 76 10.79 30.66 13.37
C ALA A 76 10.50 29.50 12.44
N GLY A 77 9.25 29.40 11.99
CA GLY A 77 8.87 28.42 10.98
C GLY A 77 8.77 29.07 9.62
N LEU A 78 9.50 28.53 8.65
CA LEU A 78 9.54 29.11 7.32
C LEU A 78 9.02 28.08 6.33
N SER A 79 8.29 28.56 5.33
CA SER A 79 7.78 27.68 4.29
C SER A 79 8.89 26.81 3.71
N PHE A 80 8.58 25.53 3.46
CA PHE A 80 9.55 24.59 2.92
C PHE A 80 8.86 23.65 1.93
N ALA A 81 7.88 24.18 1.20
CA ALA A 81 7.11 23.38 0.24
C ALA A 81 8.02 22.72 -0.78
N GLY A 82 7.75 21.44 -1.05
CA GLY A 82 8.51 20.65 -1.98
C GLY A 82 9.78 20.05 -1.43
N GLN A 83 10.20 20.45 -0.23
CA GLN A 83 11.37 19.85 0.40
C GLN A 83 11.04 19.13 1.69
N GLY A 84 10.10 19.66 2.47
CA GLY A 84 9.78 19.05 3.75
C GLY A 84 9.06 17.73 3.58
N LYS A 85 9.30 16.84 4.52
CA LYS A 85 8.54 15.59 4.62
C LYS A 85 8.30 15.32 6.09
N TYR A 86 7.05 14.98 6.41
CA TYR A 86 6.64 14.56 7.75
C TYR A 86 6.33 13.07 7.74
N PHE A 87 6.29 12.48 8.93
CA PHE A 87 6.20 11.03 8.99
C PHE A 87 5.11 10.58 9.95
N PRO A 88 4.56 9.38 9.74
CA PRO A 88 3.56 8.89 10.69
C PRO A 88 4.15 8.76 12.07
N VAL A 89 3.29 8.96 13.08
CA VAL A 89 3.68 8.74 14.46
C VAL A 89 4.33 7.37 14.59
N VAL A 90 5.44 7.30 15.34
CA VAL A 90 6.12 6.03 15.58
C VAL A 90 6.40 5.86 17.07
N GLU A 91 6.33 4.60 17.53
CA GLU A 91 6.40 4.34 18.95
C GLU A 91 7.78 4.60 19.53
N ASP A 92 8.84 4.43 18.74
CA ASP A 92 10.20 4.53 19.24
C ASP A 92 10.80 5.92 19.09
N LYS A 93 9.98 6.93 18.89
CA LYS A 93 10.48 8.30 18.75
C LYS A 93 9.59 9.23 19.54
N LYS A 94 10.12 10.42 19.83
CA LYS A 94 9.31 11.50 20.38
C LYS A 94 8.69 12.26 19.20
N ASN A 95 7.37 12.22 19.12
CA ASN A 95 6.65 12.73 17.96
C ASN A 95 6.15 14.14 18.25
N ILE A 96 6.66 15.12 17.48
CA ILE A 96 6.21 16.51 17.55
C ILE A 96 5.52 16.83 16.23
N ALA A 97 4.28 17.27 16.29
CA ALA A 97 3.63 17.64 15.04
C ALA A 97 4.15 18.99 14.56
N SER A 98 4.17 19.17 13.24
CA SER A 98 4.81 20.35 12.66
C SER A 98 4.25 21.64 13.23
N PHE A 99 2.92 21.73 13.36
CA PHE A 99 2.31 22.96 13.86
C PHE A 99 2.59 23.20 15.34
N GLU A 100 2.98 22.19 16.12
CA GLU A 100 3.27 22.43 17.53
C GLU A 100 4.74 22.66 17.80
N PHE A 101 5.60 22.62 16.77
CA PHE A 101 7.04 22.63 17.03
C PHE A 101 7.48 23.91 17.74
N ILE A 102 7.03 25.08 17.27
CA ILE A 102 7.43 26.32 17.93
C ILE A 102 6.94 26.35 19.37
N SER A 103 5.65 26.08 19.59
CA SER A 103 5.10 26.07 20.94
C SER A 103 5.86 25.14 21.86
N TYR A 104 6.07 23.90 21.41
CA TYR A 104 6.68 22.91 22.27
C TYR A 104 8.10 23.29 22.63
N ILE A 105 8.90 23.66 21.63
CA ILE A 105 10.30 23.99 21.89
C ILE A 105 10.39 25.20 22.81
N LEU A 106 9.60 26.23 22.54
CA LEU A 106 9.68 27.42 23.37
C LEU A 106 9.11 27.19 24.77
N ALA A 107 8.14 26.28 24.90
CA ALA A 107 7.57 26.02 26.23
C ALA A 107 8.56 25.29 27.12
N THR A 108 9.49 24.55 26.51
CA THR A 108 10.22 23.49 27.21
C THR A 108 11.71 23.78 27.36
N TYR A 109 12.35 24.48 26.41
CA TYR A 109 13.79 24.66 26.42
C TYR A 109 14.19 26.12 26.51
N GLU A 110 15.45 26.35 26.87
CA GLU A 110 16.01 27.69 27.00
C GLU A 110 17.12 28.01 26.00
N THR A 111 17.89 27.02 25.52
CA THR A 111 19.05 27.32 24.68
C THR A 111 19.07 26.47 23.43
N VAL A 112 19.80 26.99 22.42
CA VAL A 112 20.04 26.25 21.17
C VAL A 112 20.71 24.92 21.46
N ASP A 113 21.70 24.93 22.37
CA ASP A 113 22.36 23.68 22.75
C ASP A 113 21.36 22.68 23.28
N GLN A 114 20.47 23.12 24.18
CA GLN A 114 19.48 22.20 24.73
C GLN A 114 18.59 21.65 23.63
N VAL A 115 18.21 22.48 22.67
CA VAL A 115 17.33 22.02 21.61
C VAL A 115 18.02 20.95 20.78
N LYS A 116 19.28 21.21 20.39
CA LYS A 116 20.02 20.23 19.60
C LYS A 116 20.15 18.90 20.34
N GLU A 117 20.52 18.95 21.62
CA GLU A 117 20.70 17.71 22.39
C GLU A 117 19.41 16.90 22.41
N ASN A 118 18.27 17.56 22.48
CA ASN A 118 17.02 16.85 22.75
C ASN A 118 16.18 16.62 21.52
N LEU A 119 16.72 16.90 20.32
CA LEU A 119 16.08 16.50 19.08
C LEU A 119 16.58 15.15 18.56
N THR A 120 17.50 14.50 19.26
CA THR A 120 18.17 13.32 18.70
C THR A 120 17.19 12.18 18.45
N ASP A 121 16.12 12.10 19.24
CA ASP A 121 15.16 11.01 19.10
C ASP A 121 13.80 11.48 18.58
N VAL A 122 13.76 12.62 17.88
CA VAL A 122 12.51 13.25 17.52
C VAL A 122 12.09 12.83 16.11
N ASN A 123 10.78 12.67 15.94
CA ASN A 123 10.14 12.51 14.64
C ASN A 123 9.18 13.67 14.46
N ILE A 124 9.28 14.39 13.34
CA ILE A 124 8.28 15.41 13.04
C ILE A 124 7.10 14.71 12.38
N SER A 125 5.97 14.67 13.07
CA SER A 125 4.86 13.84 12.64
C SER A 125 3.99 14.57 11.61
N ASP A 126 3.21 13.78 10.89
CA ASP A 126 2.29 14.29 9.87
C ASP A 126 0.94 14.73 10.45
N VAL A 127 0.81 14.83 11.76
CA VAL A 127 -0.47 15.22 12.37
C VAL A 127 -0.74 16.69 12.09
N SER A 128 -1.97 17.01 11.70
CA SER A 128 -2.38 18.38 11.49
C SER A 128 -3.24 18.88 12.64
N PHE A 129 -3.28 20.20 12.80
CA PHE A 129 -4.02 20.78 13.92
C PHE A 129 -5.51 20.57 13.78
N SER A 130 -6.06 20.89 12.61
CA SER A 130 -7.48 20.75 12.38
C SER A 130 -7.73 19.51 11.55
N LYS A 131 -8.81 18.80 11.87
CA LYS A 131 -9.22 17.67 11.06
C LYS A 131 -9.46 18.13 9.63
N ASN A 132 -8.99 17.32 8.68
CA ASN A 132 -9.27 17.54 7.26
C ASN A 132 -8.56 18.78 6.69
N THR A 133 -7.44 19.20 7.28
CA THR A 133 -6.62 20.22 6.65
C THR A 133 -5.15 19.79 6.71
N PRO A 134 -4.41 19.97 5.62
CA PRO A 134 -3.02 19.50 5.61
C PRO A 134 -2.13 20.36 6.50
N ALA A 135 -1.15 19.72 7.12
CA ALA A 135 -0.10 20.47 7.79
C ALA A 135 0.73 21.20 6.73
N SER A 136 1.03 22.47 6.98
CA SER A 136 1.92 23.18 6.08
C SER A 136 3.33 22.62 6.19
N GLU A 137 4.05 22.63 5.06
CA GLU A 137 5.42 22.15 5.04
C GLU A 137 6.36 23.27 5.48
N LEU A 138 7.16 22.99 6.52
CA LEU A 138 7.97 24.00 7.16
C LEU A 138 9.37 23.45 7.43
N HIS A 139 10.32 24.37 7.57
CA HIS A 139 11.54 24.10 8.31
C HIS A 139 11.75 25.25 9.27
N TRP A 140 12.71 25.12 10.18
CA TRP A 140 12.79 26.05 11.30
C TRP A 140 14.19 26.58 11.52
N LEU A 141 14.26 27.86 11.89
CA LEU A 141 15.47 28.46 12.45
C LEU A 141 15.28 28.59 13.96
N VAL A 142 16.32 28.26 14.72
CA VAL A 142 16.32 28.33 16.18
C VAL A 142 17.53 29.12 16.61
N GLY A 143 17.33 30.16 17.42
CA GLY A 143 18.42 31.02 17.83
C GLY A 143 18.28 31.41 19.29
N ASP A 144 19.38 31.87 19.86
CA ASP A 144 19.33 32.29 21.25
C ASP A 144 20.36 33.39 21.48
N LYS A 145 20.54 33.75 22.75
CA LYS A 145 21.38 34.87 23.15
C LYS A 145 22.87 34.55 23.08
N THR A 146 23.25 33.32 22.74
CA THR A 146 24.64 33.07 22.42
C THR A 146 25.05 33.62 21.07
N GLY A 147 24.09 34.11 20.28
CA GLY A 147 24.37 34.56 18.93
C GLY A 147 24.53 33.45 17.92
N LYS A 148 24.26 32.20 18.29
CA LYS A 148 24.35 31.07 17.38
C LYS A 148 22.96 30.55 17.06
N SER A 149 22.85 29.85 15.94
CA SER A 149 21.56 29.33 15.52
C SER A 149 21.73 27.96 14.88
N ILE A 150 20.62 27.22 14.79
CA ILE A 150 20.57 25.93 14.12
C ILE A 150 19.39 25.95 13.16
N VAL A 151 19.49 25.11 12.14
CA VAL A 151 18.42 24.87 11.17
C VAL A 151 17.87 23.47 11.41
N VAL A 152 16.55 23.34 11.50
CA VAL A 152 15.91 22.05 11.69
C VAL A 152 15.10 21.72 10.45
N GLU A 153 15.42 20.61 9.78
CA GLU A 153 14.78 20.22 8.54
C GLU A 153 14.39 18.75 8.61
N SER A 154 13.12 18.47 8.38
CA SER A 154 12.65 17.11 8.20
C SER A 154 12.34 16.94 6.72
N ASP A 155 13.09 16.07 6.06
CA ASP A 155 12.93 15.80 4.64
C ASP A 155 12.83 14.30 4.42
N GLU A 156 12.93 13.83 3.17
CA GLU A 156 12.73 12.42 2.88
C GLU A 156 13.76 11.52 3.55
N LYS A 157 14.93 12.06 3.91
CA LYS A 157 15.91 11.30 4.65
C LYS A 157 15.77 11.46 6.16
N GLY A 158 14.66 12.04 6.62
CA GLY A 158 14.41 12.14 8.05
C GLY A 158 14.69 13.51 8.62
N LEU A 159 15.03 13.55 9.91
CA LEU A 159 15.26 14.80 10.62
C LEU A 159 16.75 15.12 10.63
N HIS A 160 17.08 16.37 10.31
CA HIS A 160 18.45 16.87 10.35
C HIS A 160 18.51 18.16 11.13
N VAL A 161 19.58 18.33 11.90
CA VAL A 161 19.86 19.56 12.64
C VAL A 161 21.24 20.05 12.20
N TYR A 162 21.29 21.26 11.66
CA TYR A 162 22.51 21.85 11.13
C TYR A 162 22.89 23.08 11.93
N ASP A 163 24.15 23.18 12.33
CA ASP A 163 24.66 24.47 12.79
C ASP A 163 24.56 25.48 11.64
N ASN A 164 24.20 26.72 11.98
CA ASN A 164 23.96 27.73 10.95
C ASN A 164 25.02 28.82 11.03
N PRO A 165 26.04 28.80 10.19
CA PRO A 165 27.14 29.76 10.35
C PRO A 165 26.78 31.16 9.91
N VAL A 166 25.67 31.36 9.20
CA VAL A 166 25.30 32.67 8.67
C VAL A 166 24.07 33.25 9.34
N ASN A 167 23.42 32.50 10.23
CA ASN A 167 22.34 33.00 11.08
C ASN A 167 21.15 33.51 10.28
N ALA A 168 20.87 32.85 9.15
CA ALA A 168 19.75 33.26 8.30
C ALA A 168 19.15 32.01 7.67
N LEU A 169 17.90 32.16 7.22
CA LEU A 169 17.21 31.05 6.60
C LEU A 169 16.15 31.59 5.66
N THR A 170 15.94 30.91 4.53
CA THR A 170 14.80 31.23 3.67
C THR A 170 13.98 29.98 3.40
N ASN A 171 13.81 29.58 2.16
CA ASN A 171 12.94 28.46 1.81
C ASN A 171 13.78 27.33 1.23
N ALA A 172 13.41 26.74 0.11
CA ALA A 172 14.21 25.71 -0.54
C ALA A 172 15.49 26.34 -1.13
N PRO A 173 16.53 25.52 -1.38
CA PRO A 173 16.61 24.07 -1.23
C PRO A 173 17.03 23.62 0.17
N LEU A 174 17.45 22.36 0.30
CA LEU A 174 17.92 21.86 1.58
C LEU A 174 19.12 22.68 2.06
N PHE A 175 19.26 22.79 3.38
CA PHE A 175 20.21 23.76 3.92
C PHE A 175 21.65 23.57 3.45
N PRO A 176 22.21 22.37 3.34
CA PRO A 176 23.57 22.27 2.81
C PRO A 176 23.69 22.84 1.42
N GLN A 177 22.63 22.74 0.61
CA GLN A 177 22.67 23.33 -0.71
C GLN A 177 22.68 24.85 -0.65
N GLN A 178 21.91 25.44 0.27
CA GLN A 178 21.96 26.89 0.46
C GLN A 178 23.37 27.34 0.80
N LEU A 179 24.05 26.57 1.64
CA LEU A 179 25.40 26.95 2.06
C LEU A 179 26.39 26.84 0.91
N THR A 180 26.32 25.77 0.11
CA THR A 180 27.22 25.67 -1.03
C THR A 180 27.05 26.85 -1.99
N ASN A 181 25.80 27.26 -2.24
CA ASN A 181 25.54 28.35 -3.17
C ASN A 181 26.18 29.65 -2.71
N LEU A 182 26.39 29.84 -1.40
CA LEU A 182 27.04 31.08 -0.94
C LEU A 182 28.43 31.23 -1.53
N ALA A 183 29.15 30.11 -1.72
CA ALA A 183 30.51 30.20 -2.24
C ALA A 183 30.54 30.73 -3.67
N ASN A 184 29.42 30.66 -4.37
CA ASN A 184 29.35 31.23 -5.70
C ASN A 184 29.45 32.75 -5.70
N TYR A 185 29.33 33.37 -4.52
CA TYR A 185 29.39 34.82 -4.36
C TYR A 185 30.60 35.28 -3.57
N ALA A 186 31.61 34.42 -3.45
CA ALA A 186 32.76 34.69 -2.59
C ALA A 186 33.58 35.90 -3.03
N ALA A 187 33.44 36.37 -4.27
CA ALA A 187 34.16 37.57 -4.73
C ALA A 187 33.41 38.88 -4.48
N VAL A 188 32.19 38.81 -3.91
CA VAL A 188 31.44 40.02 -3.64
C VAL A 188 32.11 40.82 -2.52
N VAL A 189 32.14 42.13 -2.68
CA VAL A 189 32.59 43.05 -1.63
C VAL A 189 31.68 44.28 -1.62
N PRO A 190 31.50 44.89 -0.45
CA PRO A 190 30.67 46.12 -0.39
C PRO A 190 31.26 47.30 -1.14
N GLY A 191 32.58 47.33 -1.33
CA GLY A 191 33.20 48.46 -2.02
C GLY A 191 33.62 48.13 -3.44
N GLN A 192 34.82 48.52 -3.78
CA GLN A 192 35.36 48.29 -5.12
C GLN A 192 36.36 47.15 -5.07
N PRO A 193 36.29 46.20 -5.98
CA PRO A 193 37.32 45.16 -6.03
C PRO A 193 38.62 45.72 -6.59
N ASN A 194 39.72 45.07 -6.23
CA ASN A 194 40.97 45.32 -6.92
C ASN A 194 40.90 44.68 -8.29
N ASN A 195 41.53 45.31 -9.28
CA ASN A 195 41.39 44.82 -10.65
C ASN A 195 42.46 43.75 -10.91
N ASP A 196 42.13 42.53 -10.55
CA ASP A 196 42.84 41.34 -11.02
C ASP A 196 42.07 40.63 -12.12
N PHE A 197 41.05 41.30 -12.69
CA PHE A 197 40.25 40.79 -13.79
C PHE A 197 40.97 40.99 -15.12
N LEU A 198 41.40 42.22 -15.41
CA LEU A 198 42.21 42.54 -16.57
C LEU A 198 43.41 43.32 -16.10
N PRO A 199 44.41 42.65 -15.51
CA PRO A 199 45.62 43.36 -15.07
C PRO A 199 46.26 44.11 -16.22
N GLY A 200 46.74 45.32 -15.94
CA GLY A 200 47.31 46.18 -16.93
C GLY A 200 46.33 47.10 -17.63
N VAL A 201 45.02 46.89 -17.45
CA VAL A 201 43.98 47.73 -18.04
C VAL A 201 43.40 48.61 -16.93
N ASP A 202 43.15 49.88 -17.25
CA ASP A 202 42.48 50.79 -16.34
C ASP A 202 40.97 50.69 -16.59
N LEU A 203 40.25 50.12 -15.63
CA LEU A 203 38.81 49.97 -15.79
C LEU A 203 38.11 51.24 -15.30
N LYS A 204 37.01 51.56 -15.97
CA LYS A 204 36.22 52.74 -15.65
C LYS A 204 35.29 52.37 -14.49
N MET A 205 35.76 52.59 -13.26
CA MET A 205 34.99 52.24 -12.06
C MET A 205 33.93 53.33 -11.85
N TYR A 206 32.88 53.24 -12.65
CA TYR A 206 31.97 54.36 -12.86
C TYR A 206 30.94 54.53 -11.76
N SER A 207 30.77 53.52 -10.88
CA SER A 207 29.80 53.57 -9.80
C SER A 207 30.44 53.14 -8.50
N ARG A 208 29.90 53.65 -7.40
CA ARG A 208 30.24 53.09 -6.10
C ARG A 208 29.75 51.65 -6.02
N SER A 209 30.43 50.86 -5.19
CA SER A 209 30.02 49.50 -4.82
C SER A 209 29.89 48.57 -6.03
N LEU A 210 30.80 48.71 -7.02
CA LEU A 210 30.80 47.74 -8.11
C LEU A 210 31.12 46.34 -7.59
N GLY A 211 31.65 46.23 -6.38
CA GLY A 211 31.81 44.94 -5.75
C GLY A 211 30.50 44.20 -5.51
N THR A 212 29.35 44.89 -5.58
CA THR A 212 28.08 44.20 -5.39
C THR A 212 27.31 44.04 -6.69
N HIS A 213 27.96 44.22 -7.84
CA HIS A 213 27.21 44.13 -9.10
C HIS A 213 26.58 42.76 -9.33
N HIS A 214 27.15 41.69 -8.79
CA HIS A 214 26.53 40.37 -8.91
C HIS A 214 25.82 39.91 -7.64
N LEU A 215 25.58 40.79 -6.69
CA LEU A 215 24.76 40.43 -5.52
C LEU A 215 23.31 40.18 -5.94
N PRO A 216 22.69 39.07 -5.53
CA PRO A 216 21.36 38.74 -6.04
C PRO A 216 20.28 39.68 -5.51
N GLY A 217 19.36 40.06 -6.40
CA GLY A 217 18.22 40.84 -5.98
C GLY A 217 16.88 40.21 -6.28
N GLY A 218 16.90 38.94 -6.66
CA GLY A 218 15.68 38.26 -7.01
C GLY A 218 14.77 38.04 -5.81
N MET A 219 13.53 37.68 -6.14
CA MET A 219 12.57 37.29 -5.13
C MET A 219 12.63 35.80 -4.80
N ASP A 220 13.41 35.01 -5.54
CA ASP A 220 13.47 33.58 -5.27
C ASP A 220 14.28 33.30 -4.00
N SER A 221 14.17 32.05 -3.51
CA SER A 221 14.62 31.73 -2.17
C SER A 221 16.14 31.81 -2.05
N GLU A 222 16.88 31.38 -3.09
CA GLU A 222 18.34 31.48 -3.05
C GLU A 222 18.82 32.92 -3.12
N SER A 223 18.22 33.75 -3.98
CA SER A 223 18.60 35.16 -4.07
C SER A 223 18.43 35.86 -2.73
N ARG A 224 17.30 35.62 -2.06
CA ARG A 224 17.06 36.29 -0.79
C ARG A 224 18.03 35.81 0.27
N PHE A 225 18.34 34.51 0.24
CA PHE A 225 19.28 33.94 1.22
C PHE A 225 20.65 34.58 1.06
N VAL A 226 21.19 34.59 -0.16
CA VAL A 226 22.51 35.18 -0.39
C VAL A 226 22.52 36.65 0.06
N LYS A 227 21.53 37.41 -0.38
CA LYS A 227 21.56 38.84 -0.08
C LYS A 227 21.37 39.11 1.41
N VAL A 228 20.46 38.39 2.07
CA VAL A 228 20.26 38.68 3.48
C VAL A 228 21.45 38.26 4.30
N CYS A 229 22.13 37.17 3.90
CA CYS A 229 23.35 36.80 4.61
C CYS A 229 24.36 37.93 4.56
N PHE A 230 24.48 38.57 3.40
CA PHE A 230 25.40 39.68 3.20
C PHE A 230 24.97 40.90 4.03
N ALA A 231 23.69 41.23 3.98
CA ALA A 231 23.23 42.40 4.72
C ALA A 231 23.40 42.21 6.22
N LEU A 232 23.15 40.99 6.70
CA LEU A 232 23.29 40.68 8.12
C LEU A 232 24.75 40.72 8.54
N ASN A 233 25.64 40.12 7.75
CA ASN A 233 27.05 40.05 8.12
C ASN A 233 27.66 41.44 8.25
N HIS A 234 27.26 42.38 7.39
CA HIS A 234 27.88 43.68 7.34
C HIS A 234 27.10 44.75 8.11
N ALA A 235 26.08 44.34 8.86
CA ALA A 235 25.28 45.32 9.60
C ALA A 235 26.08 45.93 10.75
N PRO A 236 25.68 47.13 11.20
CA PRO A 236 26.37 47.74 12.34
C PRO A 236 26.23 46.89 13.60
N LYS A 237 27.20 47.07 14.50
CA LYS A 237 27.17 46.44 15.82
C LYS A 237 27.26 47.50 16.92
N ASP A 238 27.16 47.04 18.17
CA ASP A 238 27.28 47.90 19.35
C ASP A 238 26.22 48.99 19.40
N SER A 239 25.05 48.74 18.82
CA SER A 239 23.97 49.71 18.81
C SER A 239 23.12 49.57 20.06
N ASP A 240 22.44 50.67 20.43
CA ASP A 240 21.47 50.67 21.50
C ASP A 240 20.14 50.13 20.96
N GLU A 241 19.07 50.18 21.77
CA GLU A 241 17.86 49.43 21.44
C GLU A 241 17.19 49.96 20.18
N VAL A 242 16.88 51.26 20.14
CA VAL A 242 16.14 51.77 18.98
C VAL A 242 16.99 51.65 17.72
N GLU A 243 18.29 51.91 17.82
CA GLU A 243 19.15 51.81 16.64
C GLU A 243 19.27 50.37 16.16
N SER A 244 19.37 49.42 17.09
CA SER A 244 19.43 48.01 16.72
C SER A 244 18.15 47.57 16.02
N VAL A 245 16.99 47.94 16.56
CA VAL A 245 15.73 47.58 15.93
C VAL A 245 15.65 48.19 14.52
N THR A 246 16.02 49.46 14.39
CA THR A 246 16.01 50.11 13.07
C THR A 246 16.87 49.34 12.09
N ASN A 247 18.07 48.95 12.50
CA ASN A 247 18.97 48.23 11.60
C ASN A 247 18.44 46.84 11.26
N PHE A 248 17.83 46.16 12.24
CA PHE A 248 17.19 44.89 11.99
C PHE A 248 16.16 44.98 10.87
N PHE A 249 15.24 45.96 10.96
CA PHE A 249 14.22 46.09 9.92
C PHE A 249 14.86 46.39 8.56
N HIS A 250 15.93 47.18 8.53
CA HIS A 250 16.57 47.45 7.25
C HIS A 250 17.22 46.19 6.67
N ILE A 251 17.75 45.30 7.51
CA ILE A 251 18.32 44.05 6.99
C ILE A 251 17.27 43.26 6.25
N LEU A 252 16.10 43.09 6.87
CA LEU A 252 15.06 42.29 6.22
C LEU A 252 14.39 43.06 5.09
N GLN A 253 14.35 44.39 5.18
CA GLN A 253 13.89 45.25 4.08
C GLN A 253 14.74 45.04 2.82
N SER A 254 16.01 44.68 3.00
CA SER A 254 16.88 44.47 1.85
C SER A 254 16.42 43.33 0.96
N VAL A 255 15.60 42.41 1.49
CA VAL A 255 15.09 41.27 0.73
C VAL A 255 13.57 41.26 0.79
N GLU A 256 12.97 42.44 0.95
CA GLU A 256 11.52 42.58 0.94
C GLU A 256 10.96 42.16 -0.41
N GLN A 257 9.79 41.53 -0.41
CA GLN A 257 9.11 41.17 -1.64
C GLN A 257 7.99 42.17 -1.88
N VAL A 258 8.12 42.95 -2.93
CA VAL A 258 7.16 44.00 -3.28
C VAL A 258 6.14 43.41 -4.24
N LYS A 259 4.90 43.86 -4.13
CA LYS A 259 3.82 43.36 -4.97
C LYS A 259 4.14 43.53 -6.44
N GLY A 260 3.93 42.47 -7.22
CA GLY A 260 4.20 42.47 -8.63
C GLY A 260 5.47 41.74 -9.04
N MET A 261 6.45 41.61 -8.15
CA MET A 261 7.75 41.08 -8.54
C MET A 261 7.86 39.56 -8.40
N ASP A 262 7.05 38.93 -7.55
CA ASP A 262 7.05 37.47 -7.37
C ASP A 262 5.65 36.97 -7.74
N GLU A 263 5.52 36.45 -8.96
CA GLU A 263 4.23 36.00 -9.46
C GLU A 263 4.06 34.51 -9.21
N VAL A 264 3.02 34.15 -8.46
CA VAL A 264 2.73 32.75 -8.16
C VAL A 264 1.46 32.28 -8.88
N GLY A 265 1.00 33.06 -9.85
CA GLY A 265 -0.24 32.81 -10.56
C GLY A 265 -0.66 34.11 -11.22
N PRO A 266 -1.49 34.04 -12.25
CA PRO A 266 -1.89 35.27 -12.94
C PRO A 266 -2.55 36.26 -11.98
N ASN A 267 -1.96 37.45 -11.89
CA ASN A 267 -2.41 38.52 -10.99
C ASN A 267 -2.36 38.09 -9.51
N ILE A 268 -1.62 37.05 -9.17
CA ILE A 268 -1.47 36.60 -7.79
C ILE A 268 0.01 36.66 -7.42
N PHE A 269 0.34 37.42 -6.37
CA PHE A 269 1.71 37.78 -6.05
C PHE A 269 2.02 37.45 -4.60
N GLU A 270 3.18 36.84 -4.38
CA GLU A 270 3.71 36.66 -3.03
C GLU A 270 4.47 37.92 -2.63
N TYR A 271 4.12 38.49 -1.48
CA TYR A 271 4.73 39.72 -1.01
C TYR A 271 4.97 39.63 0.49
N THR A 272 5.73 40.59 1.00
CA THR A 272 6.13 40.59 2.41
C THR A 272 4.95 41.11 3.24
N MET A 273 4.23 40.18 3.87
CA MET A 273 3.02 40.53 4.61
C MET A 273 3.33 41.22 5.94
N TYR A 274 4.31 40.71 6.68
CA TYR A 274 4.72 41.37 7.92
C TYR A 274 6.18 41.10 8.18
N THR A 275 6.72 41.89 9.11
CA THR A 275 8.11 41.78 9.56
C THR A 275 8.10 41.85 11.08
N SER A 276 8.68 40.83 11.72
CA SER A 276 8.76 40.73 13.17
C SER A 276 10.21 40.83 13.61
N CYS A 277 10.44 41.45 14.75
CA CYS A 277 11.77 41.64 15.33
C CYS A 277 11.62 41.50 16.85
N MET A 278 12.19 40.45 17.42
CA MET A 278 11.98 40.16 18.83
C MET A 278 13.29 40.24 19.61
N ASN A 279 13.31 41.08 20.64
CA ASN A 279 14.50 41.23 21.48
C ASN A 279 14.55 40.08 22.49
N LEU A 280 15.55 39.21 22.34
CA LEU A 280 15.61 38.01 23.16
C LEU A 280 15.86 38.33 24.62
N GLU A 281 16.64 39.37 24.91
CA GLU A 281 16.91 39.74 26.30
C GLU A 281 15.70 40.37 26.97
N LYS A 282 14.91 41.13 26.23
CA LYS A 282 13.87 41.94 26.83
C LYS A 282 12.47 41.40 26.65
N GLY A 283 12.27 40.42 25.77
CA GLY A 283 10.94 39.93 25.49
C GLY A 283 10.03 40.95 24.86
N ILE A 284 10.56 41.82 24.00
CA ILE A 284 9.79 42.83 23.29
C ILE A 284 9.67 42.40 21.83
N LEU A 285 8.44 42.44 21.32
CA LEU A 285 8.16 42.16 19.91
C LEU A 285 7.91 43.47 19.17
N TYR A 286 8.71 43.73 18.14
CA TYR A 286 8.50 44.87 17.26
C TYR A 286 7.99 44.36 15.91
N PHE A 287 7.07 45.10 15.29
CA PHE A 287 6.54 44.60 14.02
C PHE A 287 6.02 45.74 13.15
N ASN A 288 6.01 45.49 11.84
CA ASN A 288 5.21 46.29 10.90
C ASN A 288 4.69 45.33 9.82
N CYS A 289 4.02 45.87 8.81
CA CYS A 289 3.42 45.01 7.82
C CYS A 289 3.43 45.73 6.48
N TYR A 290 2.92 45.07 5.44
CA TYR A 290 2.99 45.67 4.11
C TYR A 290 2.27 47.00 4.06
N ASP A 291 1.13 47.10 4.76
CA ASP A 291 0.28 48.29 4.71
C ASP A 291 0.66 49.36 5.73
N ASP A 292 1.50 49.05 6.70
CA ASP A 292 1.84 50.03 7.75
C ASP A 292 3.34 50.00 7.96
N SER A 293 3.99 51.07 7.52
CA SER A 293 5.42 51.22 7.65
C SER A 293 5.86 51.51 9.08
N ARG A 294 5.01 52.15 9.90
CA ARG A 294 5.40 52.46 11.27
C ARG A 294 5.63 51.20 12.08
N ILE A 295 6.67 51.22 12.92
CA ILE A 295 7.00 50.09 13.79
C ILE A 295 6.15 50.18 15.06
N SER A 296 5.49 49.08 15.40
CA SER A 296 4.77 48.94 16.67
C SER A 296 5.53 48.00 17.61
N ALA A 297 5.26 48.12 18.91
CA ALA A 297 5.95 47.28 19.89
C ALA A 297 4.99 46.74 20.93
N VAL A 298 5.17 45.47 21.28
CA VAL A 298 4.47 44.84 22.40
C VAL A 298 5.51 44.26 23.35
N ASP A 299 5.45 44.64 24.63
CA ASP A 299 6.37 44.13 25.64
C ASP A 299 5.68 43.01 26.39
N MET A 300 6.21 41.78 26.26
CA MET A 300 5.61 40.63 26.95
C MET A 300 5.55 40.85 28.46
N ASN A 301 6.56 41.51 29.02
CA ASN A 301 6.66 41.62 30.47
C ASN A 301 5.76 42.71 31.06
N LYS A 302 4.99 43.43 30.24
CA LYS A 302 3.95 44.29 30.77
C LYS A 302 2.61 43.57 30.89
N GLU A 303 2.55 42.30 30.52
CA GLU A 303 1.38 41.48 30.68
C GLU A 303 1.54 40.55 31.89
N ASP A 304 0.43 39.95 32.31
CA ASP A 304 0.42 39.03 33.45
C ASP A 304 0.83 37.65 32.95
N LEU A 305 2.08 37.27 33.21
CA LEU A 305 2.63 36.02 32.69
C LEU A 305 2.16 34.79 33.48
N SER A 306 1.53 34.99 34.64
CA SER A 306 0.98 33.87 35.38
C SER A 306 -0.43 33.53 34.95
N SER A 307 -1.01 34.29 34.02
CA SER A 307 -2.34 34.05 33.52
C SER A 307 -2.42 32.70 32.81
N SER A 308 -3.64 32.32 32.41
CA SER A 308 -3.87 31.08 31.71
C SER A 308 -4.49 31.27 30.34
N ASP A 309 -4.81 32.49 29.93
CA ASP A 309 -5.47 32.75 28.66
C ASP A 309 -4.51 33.44 27.69
N LEU A 310 -4.74 33.18 26.40
CA LEU A 310 -3.96 33.86 25.37
C LEU A 310 -4.22 35.36 25.40
N ILE A 311 -3.17 36.15 25.22
CA ILE A 311 -3.28 37.60 25.15
C ILE A 311 -2.95 38.00 23.72
N VAL A 312 -3.87 38.71 23.06
CA VAL A 312 -3.85 38.88 21.62
C VAL A 312 -3.91 40.36 21.26
N PHE A 313 -3.13 40.74 20.25
CA PHE A 313 -3.11 42.10 19.71
C PHE A 313 -3.16 42.04 18.20
N ASP A 314 -3.69 43.11 17.60
CA ASP A 314 -3.70 43.25 16.15
C ASP A 314 -2.27 43.29 15.62
N LEU A 315 -2.03 42.56 14.53
CA LEU A 315 -0.80 42.66 13.76
C LEU A 315 -0.97 43.54 12.52
N PHE A 316 -1.89 43.20 11.63
CA PHE A 316 -2.08 43.97 10.41
C PHE A 316 -2.82 45.28 10.70
N LYS A 317 -2.25 46.38 10.21
CA LYS A 317 -2.75 47.72 10.48
C LYS A 317 -2.80 48.53 9.18
N LYS A 318 -3.55 49.62 9.22
CA LYS A 318 -3.56 50.57 8.11
C LYS A 318 -2.34 51.49 8.19
N GLN A 319 -1.98 52.08 7.05
CA GLN A 319 -0.82 52.96 7.01
C GLN A 319 -0.99 54.11 7.98
N ASP A 320 -0.01 54.27 8.87
CA ASP A 320 -0.12 55.20 9.98
C ASP A 320 0.70 56.47 9.69
N ILE A 321 0.12 57.36 8.87
CA ILE A 321 0.83 58.56 8.42
C ILE A 321 0.75 59.65 9.48
N SER A 322 1.89 60.29 9.73
CA SER A 322 1.96 61.44 10.63
C SER A 322 1.77 62.71 9.81
N PHE A 323 0.64 63.41 9.99
CA PHE A 323 0.34 64.61 9.22
C PHE A 323 0.94 65.81 9.94
N ILE A 324 1.92 66.44 9.31
CA ILE A 324 2.80 67.40 9.99
C ILE A 324 2.14 68.77 10.08
N ASN A 325 1.54 69.23 8.98
CA ASN A 325 1.02 70.60 8.89
C ASN A 325 -0.49 70.62 8.69
N CYS B 2 -31.29 -5.86 1.77
CA CYS B 2 -30.96 -5.39 3.11
C CYS B 2 -29.45 -5.38 3.34
N THR B 3 -28.99 -4.54 4.27
CA THR B 3 -27.58 -4.38 4.59
C THR B 3 -27.46 -4.19 6.09
N SER B 4 -26.58 -4.93 6.74
CA SER B 4 -26.41 -4.80 8.18
C SER B 4 -24.92 -4.67 8.51
N ILE B 5 -24.61 -3.92 9.56
CA ILE B 5 -23.22 -3.64 9.92
C ILE B 5 -23.03 -3.60 11.43
N LEU B 6 -21.81 -3.89 11.87
CA LEU B 6 -21.36 -3.59 13.23
C LEU B 6 -20.22 -2.58 13.12
N TYR B 7 -20.39 -1.43 13.78
CA TYR B 7 -19.50 -0.27 13.66
C TYR B 7 -18.96 0.03 15.05
N SER B 8 -17.63 0.13 15.18
CA SER B 8 -16.98 0.17 16.50
C SER B 8 -16.05 1.36 16.64
N PRO B 9 -16.56 2.59 16.55
CA PRO B 9 -15.66 3.75 16.66
C PRO B 9 -15.13 3.96 18.07
N LYS B 10 -15.98 3.75 19.07
CA LYS B 10 -15.61 3.81 20.49
C LYS B 10 -16.61 2.95 21.27
N ASP B 11 -17.87 3.39 21.33
CA ASP B 11 -18.95 2.45 21.58
C ASP B 11 -19.19 1.64 20.31
N HIS B 12 -20.07 0.65 20.43
CA HIS B 12 -20.34 -0.28 19.33
C HIS B 12 -21.79 -0.15 18.89
N TYR B 13 -22.00 -0.09 17.58
CA TYR B 13 -23.31 0.22 17.02
C TYR B 13 -23.66 -0.86 16.01
N PHE B 14 -24.88 -1.39 16.13
CA PHE B 14 -25.33 -2.54 15.35
C PHE B 14 -26.67 -2.19 14.72
N GLY B 15 -26.84 -2.48 13.44
CA GLY B 15 -28.11 -2.14 12.82
C GLY B 15 -28.12 -2.46 11.34
N ARG B 16 -29.12 -1.92 10.64
CA ARG B 16 -29.32 -2.38 9.28
C ARG B 16 -30.25 -1.43 8.52
N ASN B 17 -30.12 -1.45 7.20
CA ASN B 17 -31.20 -1.07 6.29
C ASN B 17 -32.10 -2.27 6.06
N LEU B 18 -33.40 -2.04 6.09
CA LEU B 18 -34.35 -3.03 5.61
C LEU B 18 -34.86 -2.56 4.25
N ASP B 19 -34.53 -3.31 3.21
CA ASP B 19 -34.90 -2.98 1.83
C ASP B 19 -35.92 -3.99 1.34
N TYR B 20 -37.10 -3.51 0.98
CA TYR B 20 -38.14 -4.38 0.44
C TYR B 20 -39.16 -3.50 -0.28
N GLU B 21 -40.13 -4.16 -0.92
CA GLU B 21 -41.15 -3.45 -1.66
C GLU B 21 -42.44 -3.25 -0.87
N ILE B 22 -42.58 -3.90 0.29
CA ILE B 22 -43.82 -3.88 1.06
C ILE B 22 -43.47 -3.92 2.55
N ALA B 23 -44.16 -3.09 3.33
CA ALA B 23 -43.98 -3.09 4.77
C ALA B 23 -44.78 -4.22 5.41
N TYR B 24 -44.32 -4.67 6.57
CA TYR B 24 -44.93 -5.81 7.26
C TYR B 24 -45.42 -5.43 8.65
N GLY B 25 -45.76 -4.16 8.85
CA GLY B 25 -46.26 -3.74 10.15
C GLY B 25 -45.19 -3.54 11.20
N GLN B 26 -43.96 -3.24 10.80
CA GLN B 26 -42.88 -3.13 11.75
C GLN B 26 -43.05 -1.90 12.63
N LYS B 27 -42.63 -2.05 13.89
CA LYS B 27 -42.63 -1.00 14.89
C LYS B 27 -41.36 -1.11 15.70
N VAL B 28 -41.09 -0.12 16.54
CA VAL B 28 -40.08 -0.26 17.59
C VAL B 28 -40.72 -1.03 18.74
N VAL B 29 -40.09 -2.14 19.15
CA VAL B 29 -40.64 -3.00 20.21
C VAL B 29 -39.55 -3.29 21.23
N ILE B 30 -39.84 -2.97 22.49
CA ILE B 30 -39.02 -3.40 23.62
C ILE B 30 -39.69 -4.62 24.24
N THR B 31 -38.96 -5.74 24.33
CA THR B 31 -39.47 -6.90 25.03
C THR B 31 -38.83 -6.95 26.41
N PRO B 32 -39.59 -6.76 27.49
CA PRO B 32 -38.98 -6.70 28.82
C PRO B 32 -38.64 -8.09 29.33
N ARG B 33 -37.99 -8.11 30.50
CA ARG B 33 -37.36 -9.34 31.00
C ARG B 33 -38.38 -10.43 31.29
N ASN B 34 -39.61 -10.05 31.66
CA ASN B 34 -40.59 -11.01 32.14
C ASN B 34 -41.75 -11.22 31.18
N TYR B 35 -41.62 -10.74 29.94
CA TYR B 35 -42.47 -11.24 28.86
C TYR B 35 -42.13 -12.70 28.61
N GLU B 36 -43.12 -13.57 28.65
CA GLU B 36 -42.87 -15.00 28.52
C GLU B 36 -42.76 -15.39 27.05
N PHE B 37 -41.58 -15.89 26.66
CA PHE B 37 -41.38 -16.40 25.31
C PHE B 37 -41.88 -17.84 25.23
N LYS B 38 -42.77 -18.12 24.30
CA LYS B 38 -43.24 -19.47 24.01
C LYS B 38 -42.68 -19.90 22.67
N PHE B 39 -41.82 -20.92 22.67
CA PHE B 39 -41.14 -21.38 21.47
C PHE B 39 -41.75 -22.68 20.98
N ALA B 40 -41.62 -22.93 19.67
CA ALA B 40 -42.24 -24.10 19.07
C ALA B 40 -41.67 -25.39 19.64
N ASN B 41 -40.36 -25.44 19.85
CA ASN B 41 -39.69 -26.68 20.20
C ASN B 41 -38.57 -26.48 21.22
N LEU B 42 -38.69 -25.43 22.04
CA LEU B 42 -37.73 -25.08 23.06
C LEU B 42 -38.51 -24.78 24.33
N PRO B 43 -37.88 -24.93 25.51
CA PRO B 43 -38.60 -24.60 26.75
C PRO B 43 -38.96 -23.13 26.81
N ALA B 44 -40.09 -22.84 27.43
CA ALA B 44 -40.51 -21.46 27.58
C ALA B 44 -39.51 -20.69 28.44
N GLU B 45 -39.40 -19.39 28.18
CA GLU B 45 -38.51 -18.51 28.93
C GLU B 45 -39.38 -17.41 29.54
N LYS B 46 -39.73 -17.59 30.81
CA LYS B 46 -40.54 -16.60 31.51
C LYS B 46 -39.69 -15.46 32.06
N SER B 47 -38.38 -15.65 32.16
CA SER B 47 -37.45 -14.62 32.59
C SER B 47 -36.23 -14.69 31.68
N HIS B 48 -35.75 -13.54 31.19
CA HIS B 48 -34.68 -13.51 30.19
C HIS B 48 -34.16 -12.09 30.08
N TYR B 49 -33.14 -11.90 29.23
CA TYR B 49 -32.65 -10.54 28.97
C TYR B 49 -33.70 -9.71 28.24
N ALA B 50 -33.78 -8.43 28.58
CA ALA B 50 -34.62 -7.51 27.83
C ALA B 50 -33.94 -7.14 26.52
N MET B 51 -34.76 -6.75 25.53
CA MET B 51 -34.24 -6.43 24.21
C MET B 51 -35.07 -5.31 23.58
N ILE B 52 -34.44 -4.61 22.65
CA ILE B 52 -35.07 -3.53 21.89
C ILE B 52 -34.69 -3.69 20.43
N GLY B 53 -35.66 -3.54 19.55
CA GLY B 53 -35.38 -3.62 18.13
C GLY B 53 -36.59 -3.27 17.32
N ILE B 54 -36.55 -3.65 16.05
CA ILE B 54 -37.65 -3.43 15.13
C ILE B 54 -38.35 -4.76 14.91
N ALA B 55 -39.67 -4.78 15.11
CA ALA B 55 -40.42 -6.02 15.04
C ALA B 55 -41.83 -5.72 14.55
N ALA B 56 -42.41 -6.72 13.87
CA ALA B 56 -43.87 -6.79 13.79
C ALA B 56 -44.39 -7.48 15.05
N VAL B 57 -45.55 -7.05 15.53
CA VAL B 57 -46.20 -7.67 16.67
C VAL B 57 -47.49 -8.30 16.17
N ALA B 58 -47.59 -9.62 16.29
CA ALA B 58 -48.78 -10.36 15.90
C ALA B 58 -49.19 -11.25 17.07
N ASN B 59 -50.43 -11.10 17.52
CA ASN B 59 -50.95 -11.90 18.62
C ASN B 59 -50.01 -11.85 19.82
N ASN B 60 -49.62 -10.62 20.19
CA ASN B 60 -48.80 -10.37 21.37
C ASN B 60 -47.47 -11.13 21.31
N THR B 61 -46.93 -11.30 20.11
CA THR B 61 -45.64 -11.95 19.91
C THR B 61 -44.77 -11.01 19.09
N PRO B 62 -43.61 -10.59 19.58
CA PRO B 62 -42.70 -9.78 18.74
C PRO B 62 -42.00 -10.66 17.72
N LEU B 63 -42.10 -10.28 16.46
CA LEU B 63 -41.40 -10.95 15.37
C LEU B 63 -40.29 -9.99 14.94
N TYR B 64 -39.10 -10.16 15.54
CA TYR B 64 -38.04 -9.18 15.36
C TYR B 64 -37.40 -9.31 13.98
N CYS B 65 -37.07 -8.15 13.41
CA CYS B 65 -36.27 -8.05 12.19
C CYS B 65 -34.80 -7.88 12.54
N ASP B 66 -34.52 -7.13 13.60
CA ASP B 66 -33.19 -6.86 14.12
C ASP B 66 -33.36 -6.30 15.51
N ALA B 67 -32.43 -6.62 16.40
CA ALA B 67 -32.57 -6.16 17.77
C ALA B 67 -31.25 -6.33 18.51
N ILE B 68 -31.16 -5.68 19.66
CA ILE B 68 -30.06 -5.88 20.59
C ILE B 68 -30.67 -6.16 21.96
N ASN B 69 -29.89 -6.80 22.83
CA ASN B 69 -30.37 -7.01 24.18
C ASN B 69 -29.62 -6.12 25.17
N GLU B 70 -30.03 -6.19 26.44
CA GLU B 70 -29.52 -5.29 27.47
C GLU B 70 -28.07 -5.57 27.84
N LYS B 71 -27.47 -6.65 27.34
CA LYS B 71 -26.08 -6.99 27.61
C LYS B 71 -25.15 -6.64 26.46
N GLY B 72 -25.66 -6.12 25.36
CA GLY B 72 -24.82 -5.70 24.26
C GLY B 72 -24.62 -6.72 23.17
N LEU B 73 -25.53 -7.69 23.02
CA LEU B 73 -25.52 -8.63 21.91
C LEU B 73 -26.54 -8.18 20.88
N GLY B 74 -26.20 -8.30 19.60
CA GLY B 74 -27.09 -7.89 18.54
C GLY B 74 -27.28 -8.98 17.50
N VAL B 75 -28.49 -9.06 16.96
CA VAL B 75 -28.80 -10.01 15.89
C VAL B 75 -29.69 -9.33 14.88
N ALA B 76 -29.35 -9.44 13.60
CA ALA B 76 -30.17 -8.95 12.51
C ALA B 76 -30.48 -10.11 11.56
N GLY B 77 -31.73 -10.22 11.14
CA GLY B 77 -32.12 -11.18 10.13
C GLY B 77 -32.27 -10.49 8.79
N LEU B 78 -31.58 -11.02 7.79
CA LEU B 78 -31.56 -10.42 6.46
C LEU B 78 -32.12 -11.41 5.47
N SER B 79 -32.91 -10.90 4.53
CA SER B 79 -33.51 -11.76 3.52
C SER B 79 -32.43 -12.62 2.84
N PHE B 80 -32.78 -13.87 2.57
CA PHE B 80 -31.86 -14.83 2.00
C PHE B 80 -32.56 -15.71 0.99
N ALA B 81 -33.54 -15.15 0.29
CA ALA B 81 -34.36 -15.94 -0.64
C ALA B 81 -33.49 -16.62 -1.68
N GLY B 82 -33.81 -17.88 -1.97
CA GLY B 82 -33.09 -18.65 -2.96
C GLY B 82 -31.83 -19.31 -2.45
N GLN B 83 -31.34 -18.94 -1.28
CA GLN B 83 -30.17 -19.56 -0.68
C GLN B 83 -30.49 -20.30 0.60
N GLY B 84 -31.44 -19.80 1.38
CA GLY B 84 -31.74 -20.39 2.65
C GLY B 84 -32.44 -21.73 2.49
N LYS B 85 -32.27 -22.57 3.48
CA LYS B 85 -33.04 -23.81 3.58
C LYS B 85 -33.25 -24.11 5.05
N TYR B 86 -34.50 -24.40 5.41
CA TYR B 86 -34.88 -24.84 6.74
C TYR B 86 -35.25 -26.32 6.68
N PHE B 87 -35.33 -26.95 7.85
CA PHE B 87 -35.47 -28.41 7.87
C PHE B 87 -36.55 -28.83 8.86
N PRO B 88 -37.20 -29.97 8.62
CA PRO B 88 -38.15 -30.49 9.61
C PRO B 88 -37.50 -30.67 10.98
N VAL B 89 -38.30 -30.46 12.03
CA VAL B 89 -37.82 -30.70 13.39
C VAL B 89 -37.24 -32.11 13.48
N VAL B 90 -36.08 -32.22 14.14
CA VAL B 90 -35.43 -33.51 14.32
C VAL B 90 -35.09 -33.72 15.79
N GLU B 91 -35.06 -34.99 16.20
CA GLU B 91 -35.01 -35.33 17.62
C GLU B 91 -33.62 -35.10 18.22
N ASP B 92 -32.56 -35.28 17.44
CA ASP B 92 -31.21 -35.20 17.98
C ASP B 92 -30.60 -33.80 17.85
N LYS B 93 -31.41 -32.78 17.60
CA LYS B 93 -30.93 -31.42 17.46
C LYS B 93 -31.79 -30.47 18.29
N LYS B 94 -31.24 -29.31 18.58
CA LYS B 94 -32.01 -28.21 19.15
C LYS B 94 -32.64 -27.43 18.01
N ASN B 95 -33.97 -27.42 17.96
CA ASN B 95 -34.72 -26.85 16.83
C ASN B 95 -35.16 -25.43 17.18
N ILE B 96 -34.61 -24.44 16.47
CA ILE B 96 -35.05 -23.05 16.57
C ILE B 96 -35.75 -22.70 15.28
N ALA B 97 -36.99 -22.22 15.36
CA ALA B 97 -37.66 -21.80 14.14
C ALA B 97 -37.06 -20.46 13.68
N SER B 98 -37.10 -20.24 12.35
CA SER B 98 -36.42 -19.08 11.79
C SER B 98 -36.91 -17.78 12.40
N PHE B 99 -38.23 -17.65 12.61
CA PHE B 99 -38.79 -16.40 13.12
C PHE B 99 -38.52 -16.18 14.60
N GLU B 100 -38.12 -17.22 15.34
CA GLU B 100 -37.75 -17.03 16.74
C GLU B 100 -36.25 -16.88 16.96
N PHE B 101 -35.44 -16.94 15.90
CA PHE B 101 -34.00 -16.94 16.08
C PHE B 101 -33.53 -15.71 16.85
N ILE B 102 -33.92 -14.51 16.40
CA ILE B 102 -33.45 -13.29 17.06
C ILE B 102 -33.92 -13.27 18.52
N SER B 103 -35.20 -13.56 18.75
CA SER B 103 -35.75 -13.54 20.10
C SER B 103 -35.03 -14.52 21.02
N TYR B 104 -34.87 -15.75 20.55
CA TYR B 104 -34.27 -16.78 21.38
C TYR B 104 -32.82 -16.45 21.70
N ILE B 105 -32.06 -16.04 20.68
CA ILE B 105 -30.64 -15.78 20.90
C ILE B 105 -30.46 -14.61 21.84
N LEU B 106 -31.23 -13.54 21.64
CA LEU B 106 -31.08 -12.36 22.48
C LEU B 106 -31.62 -12.60 23.88
N ALA B 107 -32.62 -13.47 24.02
CA ALA B 107 -33.14 -13.75 25.37
C ALA B 107 -32.15 -14.51 26.21
N THR B 108 -31.25 -15.26 25.57
CA THR B 108 -30.54 -16.35 26.23
C THR B 108 -29.04 -16.11 26.36
N TYR B 109 -28.43 -15.35 25.45
CA TYR B 109 -26.97 -15.25 25.38
C TYR B 109 -26.52 -13.80 25.45
N GLU B 110 -25.25 -13.62 25.82
CA GLU B 110 -24.64 -12.31 25.95
C GLU B 110 -23.58 -12.00 24.91
N THR B 111 -22.84 -12.99 24.39
CA THR B 111 -21.70 -12.70 23.53
C THR B 111 -21.73 -13.53 22.26
N VAL B 112 -21.00 -13.04 21.25
CA VAL B 112 -20.84 -13.77 19.99
C VAL B 112 -20.21 -15.12 20.25
N ASP B 113 -19.20 -15.16 21.13
CA ASP B 113 -18.53 -16.42 21.48
C ASP B 113 -19.53 -17.44 22.01
N GLN B 114 -20.38 -17.01 22.94
CA GLN B 114 -21.40 -17.91 23.49
C GLN B 114 -22.33 -18.40 22.40
N VAL B 115 -22.72 -17.53 21.48
CA VAL B 115 -23.65 -17.93 20.44
C VAL B 115 -23.02 -18.97 19.54
N LYS B 116 -21.75 -18.76 19.16
CA LYS B 116 -21.06 -19.73 18.32
C LYS B 116 -20.91 -21.08 19.03
N GLU B 117 -20.50 -21.06 20.31
CA GLU B 117 -20.32 -22.30 21.05
C GLU B 117 -21.59 -23.13 21.10
N ASN B 118 -22.74 -22.47 21.18
CA ASN B 118 -23.99 -23.15 21.49
C ASN B 118 -24.88 -23.34 20.27
N LEU B 119 -24.40 -22.99 19.08
CA LEU B 119 -25.09 -23.36 17.85
C LEU B 119 -24.62 -24.69 17.27
N THR B 120 -23.69 -25.39 17.93
CA THR B 120 -23.11 -26.60 17.35
C THR B 120 -24.18 -27.68 17.10
N ASP B 121 -25.19 -27.79 17.96
CA ASP B 121 -26.19 -28.84 17.81
C ASP B 121 -27.54 -28.32 17.32
N VAL B 122 -27.56 -27.17 16.65
CA VAL B 122 -28.81 -26.48 16.33
C VAL B 122 -29.27 -26.86 14.93
N ASN B 123 -30.59 -26.98 14.77
CA ASN B 123 -31.26 -27.09 13.48
C ASN B 123 -32.21 -25.91 13.36
N ILE B 124 -32.11 -25.16 12.26
CA ILE B 124 -33.11 -24.14 11.97
C ILE B 124 -34.30 -24.84 11.32
N SER B 125 -35.43 -24.88 12.03
CA SER B 125 -36.57 -25.66 11.59
C SER B 125 -37.43 -24.88 10.61
N ASP B 126 -38.31 -25.61 9.91
CA ASP B 126 -39.21 -25.03 8.93
C ASP B 126 -40.53 -24.54 9.54
N VAL B 127 -40.62 -24.43 10.86
CA VAL B 127 -41.87 -24.00 11.50
C VAL B 127 -42.11 -22.51 11.25
N SER B 128 -43.36 -22.17 10.92
CA SER B 128 -43.76 -20.80 10.71
C SER B 128 -44.58 -20.27 11.87
N PHE B 129 -44.64 -18.95 11.99
CA PHE B 129 -45.36 -18.33 13.10
C PHE B 129 -46.86 -18.53 12.98
N SER B 130 -47.42 -18.32 11.79
CA SER B 130 -48.83 -18.59 11.56
C SER B 130 -49.00 -19.82 10.69
N LYS B 131 -50.09 -20.54 10.93
CA LYS B 131 -50.37 -21.74 10.18
C LYS B 131 -50.66 -21.41 8.73
N ASN B 132 -50.20 -22.27 7.82
CA ASN B 132 -50.47 -22.16 6.40
C ASN B 132 -49.81 -20.94 5.76
N THR B 133 -48.73 -20.45 6.35
CA THR B 133 -47.92 -19.39 5.75
C THR B 133 -46.45 -19.82 5.82
N PRO B 134 -45.68 -19.63 4.76
CA PRO B 134 -44.27 -20.02 4.83
C PRO B 134 -43.48 -19.06 5.69
N ALA B 135 -42.48 -19.59 6.38
CA ALA B 135 -41.51 -18.73 7.04
C ALA B 135 -40.66 -18.05 5.97
N SER B 136 -40.30 -16.78 6.21
CA SER B 136 -39.40 -16.10 5.29
C SER B 136 -38.00 -16.69 5.38
N GLU B 137 -37.31 -16.69 4.24
CA GLU B 137 -35.95 -17.18 4.17
C GLU B 137 -34.98 -16.08 4.63
N LEU B 138 -34.15 -16.41 5.62
CA LEU B 138 -33.28 -15.44 6.25
C LEU B 138 -31.91 -16.06 6.51
N HIS B 139 -30.90 -15.19 6.64
CA HIS B 139 -29.67 -15.51 7.36
C HIS B 139 -29.41 -14.36 8.32
N TRP B 140 -28.43 -14.54 9.21
CA TRP B 140 -28.30 -13.63 10.33
C TRP B 140 -26.88 -13.13 10.53
N LEU B 141 -26.78 -11.87 10.92
CA LEU B 141 -25.55 -11.28 11.45
C LEU B 141 -25.69 -11.14 12.96
N VAL B 142 -24.65 -11.56 13.68
CA VAL B 142 -24.61 -11.52 15.14
C VAL B 142 -23.34 -10.77 15.53
N GLY B 143 -23.48 -9.72 16.35
CA GLY B 143 -22.34 -8.93 16.75
C GLY B 143 -22.46 -8.53 18.21
N ASP B 144 -21.35 -8.07 18.77
CA ASP B 144 -21.35 -7.70 20.17
C ASP B 144 -20.26 -6.64 20.40
N LYS B 145 -20.03 -6.33 21.68
CA LYS B 145 -19.17 -5.22 22.07
C LYS B 145 -17.70 -5.56 21.99
N THR B 146 -17.33 -6.78 21.58
CA THR B 146 -15.94 -7.06 21.23
C THR B 146 -15.59 -6.46 19.87
N GLY B 147 -16.54 -5.93 19.12
CA GLY B 147 -16.29 -5.49 17.76
C GLY B 147 -16.17 -6.61 16.76
N LYS B 148 -16.48 -7.85 17.13
CA LYS B 148 -16.44 -8.98 16.21
C LYS B 148 -17.87 -9.46 15.93
N SER B 149 -18.03 -10.14 14.79
CA SER B 149 -19.33 -10.63 14.39
C SER B 149 -19.20 -12.00 13.75
N ILE B 150 -20.33 -12.71 13.67
CA ILE B 150 -20.42 -13.96 12.95
C ILE B 150 -21.62 -13.90 12.02
N VAL B 151 -21.60 -14.75 11.01
CA VAL B 151 -22.71 -14.93 10.08
C VAL B 151 -23.28 -16.32 10.28
N VAL B 152 -24.60 -16.42 10.42
CA VAL B 152 -25.28 -17.70 10.60
C VAL B 152 -26.12 -17.96 9.36
N GLU B 153 -25.83 -19.07 8.67
CA GLU B 153 -26.53 -19.42 7.44
C GLU B 153 -26.93 -20.89 7.49
N SER B 154 -28.21 -21.16 7.24
CA SER B 154 -28.71 -22.50 7.03
C SER B 154 -29.05 -22.63 5.56
N ASP B 155 -28.43 -23.58 4.88
CA ASP B 155 -28.58 -23.75 3.45
C ASP B 155 -28.75 -25.24 3.16
N GLU B 156 -28.61 -25.62 1.89
CA GLU B 156 -28.81 -27.01 1.49
C GLU B 156 -27.91 -27.96 2.25
N LYS B 157 -26.73 -27.50 2.67
CA LYS B 157 -25.77 -28.35 3.35
C LYS B 157 -25.84 -28.20 4.88
N GLY B 158 -26.92 -27.67 5.40
CA GLY B 158 -27.09 -27.56 6.83
C GLY B 158 -26.78 -26.18 7.37
N LEU B 159 -26.45 -26.14 8.66
CA LEU B 159 -26.18 -24.91 9.38
C LEU B 159 -24.69 -24.63 9.42
N HIS B 160 -24.30 -23.39 9.13
CA HIS B 160 -22.92 -22.95 9.12
C HIS B 160 -22.78 -21.66 9.91
N VAL B 161 -21.68 -21.53 10.64
CA VAL B 161 -21.37 -20.33 11.43
C VAL B 161 -19.99 -19.85 11.00
N TYR B 162 -19.92 -18.63 10.45
CA TYR B 162 -18.69 -18.08 9.90
C TYR B 162 -18.23 -16.85 10.68
N ASP B 163 -16.95 -16.77 11.00
CA ASP B 163 -16.41 -15.50 11.47
C ASP B 163 -16.51 -14.49 10.34
N ASN B 164 -16.85 -13.24 10.69
CA ASN B 164 -17.09 -12.20 9.70
C ASN B 164 -16.00 -11.14 9.77
N PRO B 165 -14.98 -11.17 8.90
CA PRO B 165 -13.86 -10.25 9.06
C PRO B 165 -14.16 -8.83 8.62
N VAL B 166 -15.30 -8.58 7.98
CA VAL B 166 -15.63 -7.26 7.48
C VAL B 166 -16.85 -6.66 8.16
N ASN B 167 -17.53 -7.41 9.03
CA ASN B 167 -18.54 -6.87 9.95
C ASN B 167 -19.74 -6.29 9.19
N ALA B 168 -20.11 -6.97 8.11
CA ALA B 168 -21.21 -6.53 7.27
C ALA B 168 -21.85 -7.75 6.62
N LEU B 169 -23.10 -7.58 6.19
CA LEU B 169 -23.83 -8.68 5.57
C LEU B 169 -24.92 -8.10 4.68
N THR B 170 -25.19 -8.76 3.56
CA THR B 170 -26.36 -8.38 2.77
C THR B 170 -27.22 -9.62 2.52
N ASN B 171 -27.46 -9.97 1.26
CA ASN B 171 -28.36 -11.06 0.90
C ASN B 171 -27.57 -12.18 0.27
N ALA B 172 -27.96 -12.71 -0.89
CA ALA B 172 -27.22 -13.75 -1.57
C ALA B 172 -25.93 -13.18 -2.17
N PRO B 173 -24.91 -14.03 -2.43
CA PRO B 173 -24.82 -15.49 -2.31
C PRO B 173 -24.43 -15.98 -0.90
N LEU B 174 -24.01 -17.24 -0.79
CA LEU B 174 -23.53 -17.76 0.48
C LEU B 174 -22.30 -16.98 0.93
N PHE B 175 -22.10 -16.91 2.25
CA PHE B 175 -21.12 -15.97 2.78
C PHE B 175 -19.70 -16.19 2.26
N PRO B 176 -19.16 -17.42 2.17
CA PRO B 176 -17.80 -17.54 1.59
C PRO B 176 -17.71 -16.96 0.19
N GLN B 177 -18.78 -17.03 -0.57
CA GLN B 177 -18.79 -16.44 -1.90
C GLN B 177 -18.76 -14.92 -1.84
N GLN B 178 -19.47 -14.32 -0.87
CA GLN B 178 -19.36 -12.88 -0.69
C GLN B 178 -17.93 -12.48 -0.41
N LEU B 179 -17.23 -13.25 0.45
CA LEU B 179 -15.86 -12.92 0.80
C LEU B 179 -14.92 -13.04 -0.39
N THR B 180 -15.09 -14.07 -1.23
CA THR B 180 -14.22 -14.18 -2.38
C THR B 180 -14.41 -13.01 -3.35
N ASN B 181 -15.67 -12.63 -3.59
CA ASN B 181 -15.93 -11.51 -4.49
C ASN B 181 -15.29 -10.21 -4.00
N LEU B 182 -15.03 -10.07 -2.70
CA LEU B 182 -14.37 -8.87 -2.19
C LEU B 182 -12.99 -8.67 -2.81
N ALA B 183 -12.25 -9.77 -3.01
CA ALA B 183 -10.89 -9.65 -3.51
C ALA B 183 -10.87 -9.14 -4.94
N ASN B 184 -11.98 -9.23 -5.67
CA ASN B 184 -12.05 -8.64 -6.99
C ASN B 184 -11.91 -7.11 -6.95
N TYR B 185 -12.00 -6.51 -5.77
CA TYR B 185 -11.93 -5.06 -5.62
C TYR B 185 -10.67 -4.64 -4.88
N ALA B 186 -9.67 -5.53 -4.80
CA ALA B 186 -8.48 -5.28 -4.00
C ALA B 186 -7.67 -4.06 -4.47
N ALA B 187 -7.83 -3.62 -5.72
CA ALA B 187 -7.11 -2.44 -6.21
C ALA B 187 -7.82 -1.13 -5.90
N VAL B 188 -9.03 -1.17 -5.35
CA VAL B 188 -9.74 0.06 -5.03
C VAL B 188 -9.01 0.81 -3.91
N VAL B 189 -8.92 2.14 -4.05
CA VAL B 189 -8.43 3.01 -2.98
C VAL B 189 -9.28 4.27 -2.96
N PRO B 190 -9.40 4.90 -1.79
CA PRO B 190 -10.22 6.13 -1.73
C PRO B 190 -9.59 7.33 -2.42
N GLY B 191 -8.28 7.34 -2.61
CA GLY B 191 -7.64 8.47 -3.28
C GLY B 191 -7.27 8.17 -4.72
N GLN B 192 -6.09 8.59 -5.10
CA GLN B 192 -5.58 8.34 -6.44
C GLN B 192 -4.59 7.19 -6.41
N PRO B 193 -4.72 6.22 -7.32
CA PRO B 193 -3.70 5.16 -7.38
C PRO B 193 -2.43 5.69 -8.00
N ASN B 194 -1.31 5.10 -7.60
CA ASN B 194 -0.08 5.36 -8.33
C ASN B 194 -0.18 4.68 -9.70
N ASN B 195 0.43 5.29 -10.70
CA ASN B 195 0.26 4.81 -12.07
C ASN B 195 1.26 3.70 -12.37
N ASP B 196 0.86 2.47 -12.07
CA ASP B 196 1.52 1.29 -12.59
C ASP B 196 0.69 0.60 -13.66
N PHE B 197 -0.36 1.27 -14.12
CA PHE B 197 -1.18 0.81 -15.23
C PHE B 197 -0.46 1.01 -16.56
N LEU B 198 -0.05 2.26 -16.85
CA LEU B 198 0.76 2.57 -18.03
C LEU B 198 1.99 3.32 -17.56
N PRO B 199 2.98 2.63 -16.98
CA PRO B 199 4.22 3.30 -16.57
C PRO B 199 4.87 4.01 -17.75
N GLY B 200 5.35 5.22 -17.50
CA GLY B 200 5.92 6.05 -18.55
C GLY B 200 4.95 7.00 -19.21
N VAL B 201 3.65 6.88 -18.96
CA VAL B 201 2.62 7.72 -19.57
C VAL B 201 2.01 8.60 -18.49
N ASP B 202 1.85 9.88 -18.79
CA ASP B 202 1.19 10.81 -17.86
C ASP B 202 -0.30 10.72 -18.07
N LEU B 203 -1.01 10.15 -17.09
CA LEU B 203 -2.45 10.00 -17.19
C LEU B 203 -3.12 11.30 -16.78
N LYS B 204 -4.25 11.58 -17.42
CA LYS B 204 -5.03 12.78 -17.11
C LYS B 204 -5.90 12.46 -15.90
N MET B 205 -5.38 12.73 -14.71
CA MET B 205 -6.09 12.37 -13.48
C MET B 205 -7.14 13.45 -13.22
N TYR B 206 -8.23 13.37 -13.98
CA TYR B 206 -9.13 14.50 -14.14
C TYR B 206 -10.11 14.68 -12.96
N SER B 207 -10.30 13.64 -12.15
CA SER B 207 -11.23 13.69 -11.01
C SER B 207 -10.53 13.26 -9.74
N ARG B 208 -11.02 13.77 -8.62
CA ARG B 208 -10.63 13.17 -7.35
C ARG B 208 -11.18 11.74 -7.26
N SER B 209 -10.53 10.93 -6.41
CA SER B 209 -10.96 9.57 -6.05
C SER B 209 -11.11 8.66 -7.29
N LEU B 210 -10.21 8.80 -8.26
CA LEU B 210 -10.23 7.84 -9.36
C LEU B 210 -9.95 6.42 -8.89
N GLY B 211 -9.37 6.26 -7.69
CA GLY B 211 -9.23 4.93 -7.12
C GLY B 211 -10.54 4.23 -6.80
N THR B 212 -11.67 4.96 -6.76
CA THR B 212 -12.96 4.32 -6.55
C THR B 212 -13.79 4.20 -7.83
N HIS B 213 -13.19 4.40 -9.00
CA HIS B 213 -13.97 4.37 -10.24
C HIS B 213 -14.68 3.03 -10.45
N HIS B 214 -14.14 1.92 -9.92
CA HIS B 214 -14.77 0.61 -10.07
C HIS B 214 -15.43 0.11 -8.79
N LEU B 215 -15.66 1.01 -7.83
CA LEU B 215 -16.44 0.66 -6.65
C LEU B 215 -17.91 0.45 -7.05
N PRO B 216 -18.55 -0.63 -6.59
CA PRO B 216 -19.91 -0.91 -7.06
C PRO B 216 -20.95 0.06 -6.52
N GLY B 217 -21.91 0.40 -7.37
CA GLY B 217 -23.02 1.24 -6.97
C GLY B 217 -24.38 0.63 -7.20
N GLY B 218 -24.41 -0.63 -7.60
CA GLY B 218 -25.66 -1.29 -7.89
C GLY B 218 -26.53 -1.47 -6.65
N MET B 219 -27.80 -1.79 -6.92
CA MET B 219 -28.76 -2.15 -5.89
C MET B 219 -28.75 -3.63 -5.57
N ASP B 220 -27.97 -4.42 -6.31
CA ASP B 220 -27.93 -5.85 -6.08
C ASP B 220 -27.08 -6.17 -4.85
N SER B 221 -27.21 -7.43 -4.38
CA SER B 221 -26.70 -7.83 -3.08
C SER B 221 -25.19 -7.76 -3.01
N GLU B 222 -24.48 -8.23 -4.05
CA GLU B 222 -23.01 -8.15 -4.04
C GLU B 222 -22.52 -6.71 -4.10
N SER B 223 -23.12 -5.88 -4.95
CA SER B 223 -22.68 -4.48 -5.04
C SER B 223 -22.79 -3.77 -3.70
N ARG B 224 -23.90 -3.98 -3.00
CA ARG B 224 -24.09 -3.32 -1.71
C ARG B 224 -23.09 -3.86 -0.68
N PHE B 225 -22.82 -5.17 -0.72
CA PHE B 225 -21.85 -5.76 0.21
C PHE B 225 -20.47 -5.16 0.02
N VAL B 226 -19.99 -5.14 -1.22
CA VAL B 226 -18.67 -4.58 -1.47
C VAL B 226 -18.60 -3.11 -1.03
N LYS B 227 -19.58 -2.30 -1.44
CA LYS B 227 -19.53 -0.88 -1.10
C LYS B 227 -19.65 -0.64 0.40
N VAL B 228 -20.55 -1.36 1.08
CA VAL B 228 -20.70 -1.08 2.50
C VAL B 228 -19.47 -1.53 3.27
N CYS B 229 -18.81 -2.60 2.83
CA CYS B 229 -17.59 -3.03 3.50
C CYS B 229 -16.54 -1.92 3.45
N PHE B 230 -16.42 -1.30 2.29
CA PHE B 230 -15.50 -0.17 2.08
C PHE B 230 -15.91 1.04 2.92
N ALA B 231 -17.20 1.40 2.89
CA ALA B 231 -17.66 2.55 3.65
C ALA B 231 -17.44 2.35 5.14
N LEU B 232 -17.69 1.14 5.63
CA LEU B 232 -17.51 0.82 7.05
C LEU B 232 -16.03 0.80 7.42
N ASN B 233 -15.20 0.17 6.59
CA ASN B 233 -13.77 0.07 6.91
C ASN B 233 -13.12 1.45 7.04
N HIS B 234 -13.48 2.39 6.17
CA HIS B 234 -12.84 3.70 6.12
C HIS B 234 -13.57 4.75 6.94
N ALA B 235 -14.58 4.36 7.71
CA ALA B 235 -15.35 5.34 8.47
C ALA B 235 -14.52 5.92 9.62
N PRO B 236 -14.88 7.12 10.09
CA PRO B 236 -14.15 7.72 11.21
C PRO B 236 -14.27 6.87 12.47
N LYS B 237 -13.27 7.00 13.36
CA LYS B 237 -13.32 6.35 14.66
C LYS B 237 -13.11 7.39 15.76
N ASP B 238 -13.15 6.92 17.02
CA ASP B 238 -12.96 7.76 18.21
C ASP B 238 -13.99 8.88 18.32
N SER B 239 -15.20 8.65 17.83
CA SER B 239 -16.24 9.65 17.88
C SER B 239 -17.10 9.48 19.12
N ASP B 240 -17.67 10.60 19.58
CA ASP B 240 -18.64 10.62 20.65
C ASP B 240 -19.99 10.11 20.14
N GLU B 241 -21.01 10.10 21.01
CA GLU B 241 -22.25 9.39 20.70
C GLU B 241 -22.92 9.95 19.45
N VAL B 242 -23.19 11.24 19.40
CA VAL B 242 -23.97 11.80 18.31
C VAL B 242 -23.20 11.71 16.99
N GLU B 243 -21.90 12.00 17.03
CA GLU B 243 -21.08 11.87 15.83
C GLU B 243 -21.03 10.44 15.35
N SER B 244 -20.95 9.48 16.28
CA SER B 244 -20.93 8.07 15.90
C SER B 244 -22.22 7.67 15.21
N VAL B 245 -23.35 8.08 15.77
CA VAL B 245 -24.63 7.78 15.15
C VAL B 245 -24.70 8.39 13.75
N THR B 246 -24.34 9.68 13.64
CA THR B 246 -24.36 10.34 12.34
C THR B 246 -23.54 9.57 11.31
N ASN B 247 -22.36 9.13 11.70
CA ASN B 247 -21.50 8.40 10.78
C ASN B 247 -22.08 7.03 10.43
N PHE B 248 -22.68 6.35 11.42
CA PHE B 248 -23.35 5.08 11.17
C PHE B 248 -24.39 5.22 10.07
N PHE B 249 -25.28 6.21 10.19
CA PHE B 249 -26.32 6.39 9.19
C PHE B 249 -25.73 6.69 7.82
N HIS B 250 -24.63 7.44 7.75
CA HIS B 250 -24.04 7.71 6.45
C HIS B 250 -23.48 6.43 5.80
N ILE B 251 -22.89 5.54 6.61
CA ILE B 251 -22.38 4.27 6.07
C ILE B 251 -23.51 3.50 5.38
N LEU B 252 -24.65 3.36 6.05
CA LEU B 252 -25.74 2.62 5.44
C LEU B 252 -26.42 3.42 4.32
N GLN B 253 -26.41 4.77 4.43
CA GLN B 253 -26.89 5.61 3.34
C GLN B 253 -26.11 5.39 2.06
N SER B 254 -24.83 5.03 2.17
CA SER B 254 -24.00 4.78 0.99
C SER B 254 -24.53 3.66 0.11
N VAL B 255 -25.36 2.77 0.65
CA VAL B 255 -25.93 1.67 -0.10
C VAL B 255 -27.45 1.71 0.03
N GLU B 256 -27.99 2.92 0.23
CA GLU B 256 -29.42 3.15 0.21
C GLU B 256 -30.03 2.72 -1.11
N GLN B 257 -31.23 2.14 -1.07
CA GLN B 257 -31.99 1.82 -2.28
C GLN B 257 -33.11 2.85 -2.45
N VAL B 258 -32.98 3.68 -3.49
CA VAL B 258 -33.93 4.75 -3.80
C VAL B 258 -35.02 4.18 -4.69
N LYS B 259 -36.26 4.63 -4.46
CA LYS B 259 -37.39 4.20 -5.27
C LYS B 259 -37.12 4.39 -6.74
N GLY B 260 -37.24 3.31 -7.50
CA GLY B 260 -37.07 3.30 -8.94
C GLY B 260 -35.86 2.56 -9.45
N MET B 261 -34.85 2.33 -8.60
CA MET B 261 -33.58 1.76 -9.07
C MET B 261 -33.51 0.26 -8.92
N ASP B 262 -34.39 -0.35 -8.12
CA ASP B 262 -34.43 -1.80 -7.91
C ASP B 262 -35.85 -2.27 -8.25
N GLU B 263 -36.04 -2.70 -9.49
CA GLU B 263 -37.35 -3.12 -9.98
C GLU B 263 -37.54 -4.61 -9.67
N VAL B 264 -38.52 -4.94 -8.84
CA VAL B 264 -38.77 -6.33 -8.48
C VAL B 264 -40.04 -6.79 -9.17
N GLY B 265 -40.33 -6.17 -10.32
CA GLY B 265 -41.57 -6.35 -11.03
C GLY B 265 -42.02 -5.01 -11.59
N PRO B 266 -42.65 -5.02 -12.76
CA PRO B 266 -43.08 -3.77 -13.38
C PRO B 266 -43.83 -2.85 -12.43
N ASN B 267 -43.27 -1.65 -12.25
CA ASN B 267 -43.77 -0.59 -11.36
C ASN B 267 -43.72 -0.99 -9.89
N ILE B 268 -42.94 -2.02 -9.54
CA ILE B 268 -42.81 -2.46 -8.15
C ILE B 268 -41.34 -2.41 -7.77
N PHE B 269 -41.04 -1.65 -6.72
CA PHE B 269 -39.64 -1.32 -6.42
C PHE B 269 -39.29 -1.68 -4.99
N GLU B 270 -38.15 -2.33 -4.83
CA GLU B 270 -37.55 -2.53 -3.51
C GLU B 270 -36.76 -1.27 -3.14
N TYR B 271 -37.05 -0.72 -1.96
CA TYR B 271 -36.39 0.50 -1.49
C TYR B 271 -36.09 0.34 0.00
N THR B 272 -35.25 1.24 0.51
CA THR B 272 -34.84 1.19 1.91
C THR B 272 -35.98 1.75 2.78
N MET B 273 -36.70 0.85 3.45
CA MET B 273 -37.88 1.24 4.22
C MET B 273 -37.51 1.88 5.55
N TYR B 274 -36.52 1.34 6.26
CA TYR B 274 -36.04 1.98 7.48
C TYR B 274 -34.57 1.65 7.69
N THR B 275 -33.96 2.41 8.60
CA THR B 275 -32.57 2.24 8.99
C THR B 275 -32.53 2.29 10.52
N SER B 276 -32.00 1.23 11.12
CA SER B 276 -31.87 1.15 12.56
C SER B 276 -30.39 1.20 12.94
N CYS B 277 -30.11 1.85 14.06
CA CYS B 277 -28.76 1.98 14.61
C CYS B 277 -28.89 1.78 16.11
N MET B 278 -28.30 0.72 16.65
CA MET B 278 -28.49 0.38 18.05
C MET B 278 -27.16 0.43 18.79
N ASN B 279 -27.09 1.27 19.82
CA ASN B 279 -25.88 1.36 20.65
C ASN B 279 -25.86 0.19 21.64
N LEU B 280 -24.89 -0.71 21.46
CA LEU B 280 -24.81 -1.93 22.27
C LEU B 280 -24.52 -1.62 23.73
N GLU B 281 -23.69 -0.61 24.00
CA GLU B 281 -23.35 -0.28 25.39
C GLU B 281 -24.54 0.34 26.12
N LYS B 282 -25.34 1.15 25.42
CA LYS B 282 -26.33 2.01 26.05
C LYS B 282 -27.78 1.53 25.89
N GLY B 283 -28.05 0.57 25.01
CA GLY B 283 -29.41 0.11 24.82
C GLY B 283 -30.32 1.16 24.22
N ILE B 284 -29.79 1.98 23.32
CA ILE B 284 -30.56 3.03 22.65
C ILE B 284 -30.70 2.66 21.18
N LEU B 285 -31.93 2.70 20.69
CA LEU B 285 -32.25 2.46 19.29
C LEU B 285 -32.49 3.79 18.58
N TYR B 286 -31.66 4.09 17.58
CA TYR B 286 -31.86 5.25 16.72
C TYR B 286 -32.42 4.78 15.38
N PHE B 287 -33.32 5.55 14.79
CA PHE B 287 -33.94 5.08 13.57
C PHE B 287 -34.45 6.23 12.71
N ASN B 288 -34.51 5.99 11.40
CA ASN B 288 -35.29 6.82 10.49
C ASN B 288 -35.89 5.90 9.43
N CYS B 289 -36.59 6.48 8.47
CA CYS B 289 -37.24 5.65 7.48
C CYS B 289 -37.27 6.41 6.16
N TYR B 290 -37.83 5.76 5.13
CA TYR B 290 -37.79 6.35 3.81
C TYR B 290 -38.45 7.72 3.79
N ASP B 291 -39.51 7.90 4.58
CA ASP B 291 -40.33 9.09 4.54
C ASP B 291 -39.91 10.15 5.55
N ASP B 292 -39.06 9.83 6.51
CA ASP B 292 -38.66 10.77 7.56
C ASP B 292 -37.16 10.69 7.73
N SER B 293 -36.47 11.74 7.29
CA SER B 293 -35.02 11.81 7.35
C SER B 293 -34.50 12.07 8.77
N ARG B 294 -35.30 12.70 9.62
CA ARG B 294 -34.87 12.98 10.99
C ARG B 294 -34.64 11.69 11.77
N ILE B 295 -33.56 11.67 12.54
CA ILE B 295 -33.27 10.53 13.41
C ILE B 295 -34.07 10.64 14.68
N SER B 296 -34.74 9.55 15.04
CA SER B 296 -35.47 9.37 16.29
C SER B 296 -34.73 8.39 17.19
N ALA B 297 -34.98 8.47 18.50
CA ALA B 297 -34.28 7.64 19.47
C ALA B 297 -35.23 7.14 20.55
N VAL B 298 -35.10 5.86 20.87
CA VAL B 298 -35.80 5.21 21.99
C VAL B 298 -34.73 4.60 22.89
N ASP B 299 -34.73 4.99 24.17
CA ASP B 299 -33.80 4.44 25.15
C ASP B 299 -34.52 3.33 25.90
N MET B 300 -34.07 2.08 25.71
CA MET B 300 -34.68 0.96 26.40
C MET B 300 -34.64 1.13 27.91
N ASN B 301 -33.62 1.78 28.44
CA ASN B 301 -33.45 1.82 29.88
C ASN B 301 -34.32 2.89 30.57
N LYS B 302 -35.05 3.68 29.80
CA LYS B 302 -36.03 4.55 30.42
C LYS B 302 -37.34 3.82 30.68
N GLU B 303 -37.48 2.62 30.16
CA GLU B 303 -38.67 1.82 30.40
C GLU B 303 -38.43 0.89 31.58
N ASP B 304 -39.52 0.28 32.05
CA ASP B 304 -39.46 -0.67 33.16
C ASP B 304 -39.17 -2.05 32.58
N LEU B 305 -37.93 -2.49 32.69
CA LEU B 305 -37.53 -3.74 32.07
C LEU B 305 -37.97 -4.95 32.88
N SER B 306 -38.48 -4.75 34.09
CA SER B 306 -39.09 -5.83 34.85
C SER B 306 -40.52 -6.09 34.42
N SER B 307 -41.04 -5.30 33.50
CA SER B 307 -42.39 -5.43 32.97
C SER B 307 -42.59 -6.81 32.34
N SER B 308 -43.85 -7.10 32.00
CA SER B 308 -44.17 -8.32 31.30
C SER B 308 -44.85 -8.10 29.96
N ASP B 309 -45.22 -6.88 29.62
CA ASP B 309 -45.88 -6.60 28.36
C ASP B 309 -44.92 -5.94 27.36
N LEU B 310 -45.20 -6.13 26.08
CA LEU B 310 -44.41 -5.46 25.06
C LEU B 310 -44.62 -3.95 25.14
N ILE B 311 -43.54 -3.19 24.94
CA ILE B 311 -43.60 -1.73 24.91
C ILE B 311 -43.29 -1.32 23.48
N VAL B 312 -44.19 -0.58 22.87
CA VAL B 312 -44.22 -0.40 21.42
C VAL B 312 -44.25 1.09 21.06
N PHE B 313 -43.49 1.47 20.04
CA PHE B 313 -43.49 2.83 19.52
C PHE B 313 -43.56 2.79 18.00
N ASP B 314 -44.07 3.87 17.42
CA ASP B 314 -44.14 3.99 15.98
C ASP B 314 -42.74 4.02 15.36
N LEU B 315 -42.55 3.24 14.30
CA LEU B 315 -41.32 3.33 13.52
C LEU B 315 -41.48 4.27 12.32
N PHE B 316 -42.49 4.02 11.49
CA PHE B 316 -42.69 4.80 10.28
C PHE B 316 -43.35 6.13 10.62
N LYS B 317 -42.78 7.22 10.11
CA LYS B 317 -43.18 8.58 10.43
C LYS B 317 -43.24 9.40 9.15
N LYS B 318 -43.97 10.51 9.20
CA LYS B 318 -43.97 11.45 8.10
C LYS B 318 -42.73 12.34 8.18
N GLN B 319 -42.40 12.99 7.07
CA GLN B 319 -41.20 13.82 6.99
C GLN B 319 -41.28 14.98 7.98
N ASP B 320 -40.30 15.05 8.88
CA ASP B 320 -40.36 15.98 10.02
C ASP B 320 -39.52 17.23 9.71
N ILE B 321 -40.11 18.16 8.95
CA ILE B 321 -39.39 19.32 8.43
C ILE B 321 -39.36 20.42 9.48
N SER B 322 -38.21 21.05 9.63
CA SER B 322 -38.04 22.17 10.55
C SER B 322 -38.23 23.46 9.76
N PHE B 323 -39.37 24.11 9.95
CA PHE B 323 -39.64 25.35 9.23
C PHE B 323 -39.00 26.50 9.98
N ILE B 324 -37.93 27.05 9.40
CA ILE B 324 -37.07 27.99 10.11
C ILE B 324 -37.75 29.34 10.28
N ASN B 325 -38.51 29.77 9.27
CA ASN B 325 -39.02 31.16 9.25
C ASN B 325 -40.51 31.25 8.88
N CYS C 2 6.32 -11.05 48.24
CA CYS C 2 4.95 -10.54 48.25
C CYS C 2 4.09 -11.22 47.18
N THR C 3 2.78 -11.25 47.41
CA THR C 3 1.81 -11.86 46.49
C THR C 3 0.59 -10.95 46.49
N SER C 4 0.08 -10.61 45.31
CA SER C 4 -1.08 -9.74 45.16
C SER C 4 -2.05 -10.39 44.20
N ILE C 5 -3.35 -10.22 44.45
CA ILE C 5 -4.38 -10.87 43.63
C ILE C 5 -5.59 -9.96 43.44
N LEU C 6 -6.30 -10.20 42.35
CA LEU C 6 -7.62 -9.66 42.09
C LEU C 6 -8.59 -10.84 42.00
N TYR C 7 -9.60 -10.83 42.87
CA TYR C 7 -10.52 -11.94 43.08
C TYR C 7 -11.94 -11.45 42.81
N SER C 8 -12.64 -12.11 41.89
CA SER C 8 -13.90 -11.57 41.34
C SER C 8 -15.07 -12.53 41.52
N PRO C 9 -15.40 -12.92 42.77
CA PRO C 9 -16.51 -13.87 42.95
C PRO C 9 -17.87 -13.29 42.63
N LYS C 10 -18.12 -12.05 42.99
CA LYS C 10 -19.34 -11.32 42.65
C LYS C 10 -19.04 -9.84 42.77
N ASP C 11 -18.74 -9.39 43.99
CA ASP C 11 -17.94 -8.18 44.16
C ASP C 11 -16.50 -8.48 43.77
N HIS C 12 -15.66 -7.45 43.79
CA HIS C 12 -14.27 -7.57 43.38
C HIS C 12 -13.36 -7.18 44.53
N TYR C 13 -12.33 -7.99 44.76
CA TYR C 13 -11.49 -7.88 45.95
C TYR C 13 -10.03 -7.86 45.54
N PHE C 14 -9.29 -6.89 46.06
CA PHE C 14 -7.93 -6.60 45.65
C PHE C 14 -7.06 -6.45 46.89
N GLY C 15 -5.90 -7.09 46.89
CA GLY C 15 -5.03 -6.98 48.07
C GLY C 15 -3.81 -7.85 47.91
N ARG C 16 -3.11 -8.06 49.03
CA ARG C 16 -1.79 -8.69 48.95
C ARG C 16 -1.32 -9.22 50.29
N ASN C 17 -0.42 -10.20 50.23
CA ASN C 17 0.55 -10.45 51.29
C ASN C 17 1.73 -9.51 51.10
N LEU C 18 2.18 -8.87 52.17
CA LEU C 18 3.49 -8.23 52.19
C LEU C 18 4.44 -9.12 52.97
N ASP C 19 5.42 -9.70 52.25
CA ASP C 19 6.39 -10.61 52.85
C ASP C 19 7.73 -9.90 52.91
N TYR C 20 8.31 -9.78 54.10
CA TYR C 20 9.61 -9.14 54.24
C TYR C 20 10.17 -9.51 55.61
N GLU C 21 11.42 -9.11 55.86
CA GLU C 21 12.04 -9.45 57.13
C GLU C 21 11.93 -8.36 58.18
N ILE C 22 11.51 -7.15 57.80
CA ILE C 22 11.43 -6.05 58.74
C ILE C 22 10.26 -5.14 58.34
N ALA C 23 9.56 -4.62 59.34
CA ALA C 23 8.44 -3.72 59.13
C ALA C 23 8.94 -2.29 58.95
N TYR C 24 8.12 -1.49 58.29
CA TYR C 24 8.48 -0.11 57.99
C TYR C 24 7.40 0.85 58.48
N GLY C 25 6.83 0.55 59.65
CA GLY C 25 5.84 1.44 60.23
C GLY C 25 4.55 1.55 59.45
N GLN C 26 4.13 0.46 58.80
CA GLN C 26 2.90 0.48 58.02
C GLN C 26 1.68 0.62 58.94
N LYS C 27 0.68 1.32 58.42
CA LYS C 27 -0.59 1.56 59.11
C LYS C 27 -1.71 1.43 58.11
N VAL C 28 -2.95 1.43 58.60
CA VAL C 28 -4.08 1.63 57.70
C VAL C 28 -4.26 3.13 57.53
N VAL C 29 -4.33 3.60 56.28
CA VAL C 29 -4.40 5.04 56.01
C VAL C 29 -5.50 5.32 55.00
N ILE C 30 -6.43 6.20 55.39
CA ILE C 30 -7.41 6.78 54.47
C ILE C 30 -6.90 8.16 54.07
N THR C 31 -6.82 8.41 52.77
CA THR C 31 -6.50 9.75 52.28
C THR C 31 -7.75 10.34 51.69
N PRO C 32 -8.33 11.38 52.30
CA PRO C 32 -9.61 11.95 51.83
C PRO C 32 -9.41 12.82 50.59
N ARG C 33 -10.53 13.29 50.03
CA ARG C 33 -10.50 13.94 48.72
C ARG C 33 -9.67 15.22 48.74
N ASN C 34 -9.60 15.91 49.87
CA ASN C 34 -8.95 17.22 49.92
C ASN C 34 -7.68 17.21 50.73
N TYR C 35 -7.08 16.04 50.97
CA TYR C 35 -5.67 16.00 51.35
C TYR C 35 -4.85 16.41 50.13
N GLU C 36 -3.94 17.36 50.30
CA GLU C 36 -3.16 17.89 49.18
C GLU C 36 -1.92 17.03 48.96
N PHE C 37 -1.84 16.39 47.78
CA PHE C 37 -0.68 15.60 47.39
C PHE C 37 0.39 16.52 46.83
N LYS C 38 1.59 16.49 47.41
CA LYS C 38 2.73 17.26 46.90
C LYS C 38 3.69 16.30 46.18
N PHE C 39 3.57 16.23 44.85
CA PHE C 39 4.38 15.29 44.09
C PHE C 39 5.71 15.93 43.71
N ALA C 40 6.74 15.10 43.59
CA ALA C 40 8.10 15.60 43.40
C ALA C 40 8.24 16.38 42.11
N ASN C 41 7.62 15.90 41.02
CA ASN C 41 7.82 16.50 39.71
C ASN C 41 6.52 16.60 38.93
N LEU C 42 5.40 16.64 39.64
CA LEU C 42 4.08 16.82 39.05
C LEU C 42 3.33 17.89 39.84
N PRO C 43 2.37 18.54 39.22
CA PRO C 43 1.60 19.56 39.95
C PRO C 43 0.83 18.96 41.11
N ALA C 44 0.72 19.73 42.19
CA ALA C 44 0.01 19.27 43.38
C ALA C 44 -1.47 19.06 43.06
N GLU C 45 -2.05 18.05 43.72
CA GLU C 45 -3.47 17.71 43.56
C GLU C 45 -4.15 18.00 44.90
N LYS C 46 -4.90 19.10 44.96
CA LYS C 46 -5.60 19.47 46.18
C LYS C 46 -7.00 18.89 46.25
N SER C 47 -7.53 18.39 45.14
CA SER C 47 -8.84 17.76 45.10
C SER C 47 -8.74 16.54 44.20
N HIS C 48 -9.16 15.38 44.69
CA HIS C 48 -8.90 14.11 44.02
C HIS C 48 -9.78 13.03 44.64
N TYR C 49 -9.70 11.83 44.09
CA TYR C 49 -10.43 10.69 44.63
C TYR C 49 -9.90 10.31 46.02
N ALA C 50 -10.81 9.90 46.91
CA ALA C 50 -10.40 9.38 48.20
C ALA C 50 -9.88 7.97 48.05
N MET C 51 -9.01 7.55 48.98
CA MET C 51 -8.41 6.23 48.86
C MET C 51 -8.14 5.64 50.24
N ILE C 52 -7.99 4.32 50.27
CA ILE C 52 -7.72 3.59 51.51
C ILE C 52 -6.77 2.45 51.21
N GLY C 53 -5.79 2.27 52.08
CA GLY C 53 -4.83 1.19 51.88
C GLY C 53 -3.91 1.08 53.07
N ILE C 54 -2.81 0.33 52.88
CA ILE C 54 -1.75 0.22 53.88
C ILE C 54 -0.62 1.12 53.46
N ALA C 55 -0.12 1.93 54.39
CA ALA C 55 0.89 2.94 54.07
C ALA C 55 1.71 3.20 55.32
N ALA C 56 2.96 3.61 55.11
CA ALA C 56 3.63 4.33 56.18
C ALA C 56 3.29 5.81 56.06
N VAL C 57 3.45 6.53 57.16
CA VAL C 57 3.19 7.97 57.15
C VAL C 57 4.44 8.67 57.68
N ALA C 58 4.99 9.57 56.87
CA ALA C 58 6.16 10.34 57.25
C ALA C 58 5.92 11.78 56.80
N ASN C 59 6.17 12.72 57.70
CA ASN C 59 5.99 14.14 57.41
C ASN C 59 4.63 14.39 56.76
N ASN C 60 3.59 13.84 57.38
CA ASN C 60 2.21 14.02 56.96
C ASN C 60 2.00 13.61 55.50
N THR C 61 2.69 12.55 55.09
CA THR C 61 2.64 12.09 53.71
C THR C 61 2.40 10.58 53.74
N PRO C 62 1.38 10.08 53.04
CA PRO C 62 1.18 8.61 52.98
C PRO C 62 2.07 7.96 51.94
N LEU C 63 2.81 6.95 52.36
CA LEU C 63 3.67 6.15 51.49
C LEU C 63 2.98 4.80 51.35
N TYR C 64 2.08 4.71 50.37
CA TYR C 64 1.23 3.54 50.23
C TYR C 64 2.01 2.32 49.77
N CYS C 65 1.65 1.18 50.32
CA CYS C 65 2.12 -0.15 49.91
C CYS C 65 1.13 -0.77 48.92
N ASP C 66 -0.16 -0.57 49.17
CA ASP C 66 -1.26 -1.06 48.35
C ASP C 66 -2.49 -0.32 48.83
N ALA C 67 -3.43 -0.07 47.92
CA ALA C 67 -4.59 0.77 48.24
C ALA C 67 -5.61 0.66 47.13
N ILE C 68 -6.84 1.13 47.41
CA ILE C 68 -7.88 1.27 46.41
C ILE C 68 -8.49 2.66 46.56
N ASN C 69 -9.10 3.16 45.50
CA ASN C 69 -9.78 4.45 45.61
C ASN C 69 -11.29 4.25 45.60
N GLU C 70 -12.01 5.36 45.81
CA GLU C 70 -13.45 5.31 45.97
C GLU C 70 -14.17 4.95 44.67
N LYS C 71 -13.47 4.89 43.54
CA LYS C 71 -14.08 4.49 42.27
C LYS C 71 -13.85 3.03 41.92
N GLY C 72 -13.21 2.25 42.79
CA GLY C 72 -12.99 0.84 42.51
C GLY C 72 -11.76 0.48 41.71
N LEU C 73 -10.74 1.33 41.69
CA LEU C 73 -9.43 1.02 41.13
C LEU C 73 -8.49 0.64 42.26
N GLY C 74 -7.60 -0.30 42.01
CA GLY C 74 -6.66 -0.70 43.04
C GLY C 74 -5.25 -0.83 42.51
N VAL C 75 -4.27 -0.46 43.32
CA VAL C 75 -2.86 -0.60 42.92
C VAL C 75 -2.09 -1.19 44.09
N ALA C 76 -1.24 -2.16 43.81
CA ALA C 76 -0.36 -2.72 44.82
C ALA C 76 1.07 -2.66 44.32
N GLY C 77 1.98 -2.18 45.16
CA GLY C 77 3.40 -2.22 44.86
C GLY C 77 4.01 -3.45 45.51
N LEU C 78 4.80 -4.19 44.71
CA LEU C 78 5.43 -5.43 45.14
C LEU C 78 6.92 -5.33 44.88
N SER C 79 7.70 -5.87 45.81
CA SER C 79 9.15 -5.87 45.67
C SER C 79 9.56 -6.45 44.32
N PHE C 80 10.54 -5.81 43.69
CA PHE C 80 11.02 -6.19 42.36
C PHE C 80 12.54 -6.09 42.32
N ALA C 81 13.18 -6.42 43.44
CA ALA C 81 14.62 -6.21 43.57
C ALA C 81 15.38 -7.04 42.55
N GLY C 82 16.38 -6.42 41.92
CA GLY C 82 17.17 -7.06 40.89
C GLY C 82 16.56 -7.03 39.50
N GLN C 83 15.30 -6.67 39.37
CA GLN C 83 14.67 -6.54 38.06
C GLN C 83 14.29 -5.11 37.70
N GLY C 84 13.95 -4.30 38.70
CA GLY C 84 13.46 -2.96 38.44
C GLY C 84 14.57 -1.99 38.09
N LYS C 85 14.22 -0.99 37.30
CA LYS C 85 15.12 0.12 37.02
C LYS C 85 14.27 1.37 36.91
N TYR C 86 14.69 2.43 37.60
CA TYR C 86 14.11 3.75 37.47
C TYR C 86 15.09 4.66 36.75
N PHE C 87 14.59 5.82 36.33
CA PHE C 87 15.36 6.66 35.42
C PHE C 87 15.35 8.11 35.86
N PRO C 88 16.40 8.86 35.52
CA PRO C 88 16.47 10.25 35.93
C PRO C 88 15.29 11.05 35.40
N VAL C 89 14.92 12.08 36.15
CA VAL C 89 13.87 12.98 35.72
C VAL C 89 14.22 13.59 34.36
N VAL C 90 13.25 13.64 33.45
CA VAL C 90 13.44 14.24 32.14
C VAL C 90 12.34 15.27 31.88
N GLU C 91 12.67 16.26 31.06
CA GLU C 91 11.76 17.36 30.80
C GLU C 91 10.59 16.99 29.89
N ASP C 92 10.65 15.84 29.21
CA ASP C 92 9.68 15.55 28.18
C ASP C 92 8.86 14.30 28.47
N LYS C 93 8.85 13.84 29.72
CA LYS C 93 7.97 12.77 30.16
C LYS C 93 7.24 13.22 31.42
N LYS C 94 6.17 12.50 31.76
CA LYS C 94 5.51 12.67 33.05
C LYS C 94 6.29 11.86 34.08
N ASN C 95 6.96 12.54 35.01
CA ASN C 95 7.83 11.85 35.97
C ASN C 95 7.03 11.52 37.23
N ILE C 96 6.91 10.23 37.54
CA ILE C 96 6.27 9.75 38.76
C ILE C 96 7.32 9.01 39.58
N ALA C 97 7.58 9.47 40.80
CA ALA C 97 8.53 8.74 41.64
C ALA C 97 7.90 7.43 42.12
N SER C 98 8.74 6.43 42.36
CA SER C 98 8.22 5.09 42.63
C SER C 98 7.38 5.08 43.89
N PHE C 99 7.77 5.84 44.91
CA PHE C 99 7.01 5.89 46.15
C PHE C 99 5.69 6.66 46.02
N GLU C 100 5.49 7.43 44.94
CA GLU C 100 4.21 8.13 44.77
C GLU C 100 3.32 7.51 43.71
N PHE C 101 3.72 6.38 43.11
CA PHE C 101 2.95 5.81 41.99
C PHE C 101 1.53 5.46 42.42
N ILE C 102 1.39 4.80 43.58
CA ILE C 102 0.05 4.41 44.04
C ILE C 102 -0.81 5.66 44.27
N SER C 103 -0.30 6.62 45.04
CA SER C 103 -1.05 7.86 45.30
C SER C 103 -1.49 8.56 44.03
N TYR C 104 -0.56 8.76 43.09
CA TYR C 104 -0.91 9.54 41.91
C TYR C 104 -1.93 8.79 41.05
N ILE C 105 -1.76 7.48 40.87
CA ILE C 105 -2.66 6.73 40.01
C ILE C 105 -4.06 6.72 40.60
N LEU C 106 -4.16 6.45 41.90
CA LEU C 106 -5.45 6.37 42.55
C LEU C 106 -6.09 7.74 42.74
N ALA C 107 -5.28 8.81 42.77
CA ALA C 107 -5.85 10.13 42.92
C ALA C 107 -6.57 10.56 41.66
N THR C 108 -6.08 10.09 40.52
CA THR C 108 -6.39 10.61 39.20
C THR C 108 -7.25 9.70 38.35
N TYR C 109 -7.12 8.38 38.49
CA TYR C 109 -7.66 7.47 37.50
C TYR C 109 -8.79 6.64 38.06
N GLU C 110 -9.63 6.13 37.16
CA GLU C 110 -10.77 5.31 37.53
C GLU C 110 -10.67 3.86 37.10
N THR C 111 -10.09 3.55 35.95
CA THR C 111 -10.13 2.19 35.40
C THR C 111 -8.76 1.73 34.94
N VAL C 112 -8.62 0.41 34.83
CA VAL C 112 -7.40 -0.19 34.28
C VAL C 112 -7.18 0.29 32.85
N ASP C 113 -8.26 0.37 32.06
CA ASP C 113 -8.15 0.81 30.67
C ASP C 113 -7.53 2.21 30.59
N GLN C 114 -7.93 3.11 31.49
CA GLN C 114 -7.35 4.45 31.51
C GLN C 114 -5.88 4.41 31.85
N VAL C 115 -5.52 3.63 32.87
CA VAL C 115 -4.13 3.57 33.30
C VAL C 115 -3.26 3.06 32.16
N LYS C 116 -3.75 2.07 31.41
CA LYS C 116 -2.95 1.49 30.34
C LYS C 116 -2.69 2.50 29.23
N GLU C 117 -3.72 3.22 28.79
CA GLU C 117 -3.54 4.21 27.74
C GLU C 117 -2.75 5.42 28.19
N ASN C 118 -2.72 5.71 29.49
CA ASN C 118 -2.15 6.94 30.02
C ASN C 118 -0.80 6.77 30.68
N LEU C 119 -0.18 5.60 30.52
CA LEU C 119 1.20 5.42 30.92
C LEU C 119 2.17 5.57 29.76
N THR C 120 1.67 5.84 28.54
CA THR C 120 2.54 5.89 27.37
C THR C 120 3.60 6.97 27.50
N ASP C 121 3.31 8.05 28.21
CA ASP C 121 4.29 9.13 28.32
C ASP C 121 4.73 9.32 29.76
N VAL C 122 4.82 8.23 30.52
CA VAL C 122 5.23 8.29 31.91
C VAL C 122 6.66 7.77 32.03
N ASN C 123 7.42 8.40 32.91
CA ASN C 123 8.73 7.91 33.32
C ASN C 123 8.67 7.64 34.83
N ILE C 124 9.01 6.42 35.24
CA ILE C 124 9.15 6.14 36.67
C ILE C 124 10.54 6.61 37.08
N SER C 125 10.58 7.71 37.83
CA SER C 125 11.82 8.38 38.15
C SER C 125 12.54 7.71 39.31
N ASP C 126 13.82 8.05 39.45
CA ASP C 126 14.65 7.54 40.52
C ASP C 126 14.58 8.40 41.78
N VAL C 127 13.60 9.31 41.86
CA VAL C 127 13.49 10.18 43.02
C VAL C 127 13.05 9.38 44.24
N SER C 128 13.67 9.65 45.39
CA SER C 128 13.32 9.00 46.64
C SER C 128 12.62 9.97 47.57
N PHE C 129 11.85 9.40 48.50
CA PHE C 129 11.15 10.24 49.47
C PHE C 129 12.13 10.94 50.40
N SER C 130 13.12 10.21 50.89
CA SER C 130 14.12 10.77 51.80
C SER C 130 15.42 10.99 51.04
N LYS C 131 15.97 12.20 51.15
CA LYS C 131 17.28 12.47 50.58
C LYS C 131 18.29 11.48 51.13
N ASN C 132 19.27 11.14 50.28
CA ASN C 132 20.38 10.26 50.65
C ASN C 132 19.92 8.85 50.98
N THR C 133 18.74 8.45 50.53
CA THR C 133 18.21 7.11 50.71
C THR C 133 17.67 6.63 49.37
N PRO C 134 17.92 5.38 48.98
CA PRO C 134 17.45 4.93 47.66
C PRO C 134 15.99 4.53 47.69
N ALA C 135 15.32 4.71 46.55
CA ALA C 135 13.96 4.23 46.43
C ALA C 135 13.93 2.72 46.34
N SER C 136 12.92 2.11 46.95
CA SER C 136 12.78 0.67 46.85
C SER C 136 12.35 0.28 45.44
N GLU C 137 12.84 -0.88 45.00
CA GLU C 137 12.59 -1.37 43.67
C GLU C 137 11.27 -2.13 43.65
N LEU C 138 10.33 -1.70 42.81
CA LEU C 138 8.97 -2.19 42.82
C LEU C 138 8.48 -2.44 41.41
N HIS C 139 7.47 -3.28 41.29
CA HIS C 139 6.54 -3.26 40.16
C HIS C 139 5.13 -3.28 40.74
N TRP C 140 4.12 -3.12 39.88
CA TRP C 140 2.78 -2.89 40.36
C TRP C 140 1.75 -3.78 39.67
N LEU C 141 0.77 -4.24 40.45
CA LEU C 141 -0.48 -4.78 39.92
C LEU C 141 -1.55 -3.70 40.02
N VAL C 142 -2.29 -3.50 38.94
CA VAL C 142 -3.42 -2.57 38.91
C VAL C 142 -4.65 -3.36 38.48
N GLY C 143 -5.73 -3.26 39.27
CA GLY C 143 -6.96 -3.99 38.96
C GLY C 143 -8.17 -3.15 39.29
N ASP C 144 -9.31 -3.54 38.70
CA ASP C 144 -10.54 -2.78 38.87
C ASP C 144 -11.75 -3.71 38.81
N LYS C 145 -12.95 -3.11 38.91
CA LYS C 145 -14.20 -3.85 38.97
C LYS C 145 -14.62 -4.47 37.65
N THR C 146 -13.86 -4.28 36.58
CA THR C 146 -14.09 -5.13 35.42
C THR C 146 -13.58 -6.55 35.63
N GLY C 147 -12.86 -6.79 36.71
CA GLY C 147 -12.23 -8.09 36.92
C GLY C 147 -10.98 -8.32 36.09
N LYS C 148 -10.40 -7.28 35.52
CA LYS C 148 -9.19 -7.41 34.73
C LYS C 148 -8.07 -6.61 35.40
N SER C 149 -6.83 -6.97 35.07
CA SER C 149 -5.68 -6.33 35.69
C SER C 149 -4.55 -6.16 34.68
N ILE C 150 -3.63 -5.26 35.02
CA ILE C 150 -2.41 -5.06 34.26
C ILE C 150 -1.24 -5.10 35.22
N VAL C 151 -0.07 -5.40 34.67
CA VAL C 151 1.19 -5.36 35.40
C VAL C 151 2.00 -4.20 34.84
N VAL C 152 2.54 -3.36 35.73
CA VAL C 152 3.37 -2.22 35.34
C VAL C 152 4.78 -2.49 35.84
N GLU C 153 5.73 -2.57 34.92
CA GLU C 153 7.12 -2.85 35.25
C GLU C 153 8.02 -1.84 34.54
N SER C 154 8.88 -1.20 35.31
CA SER C 154 9.97 -0.38 34.79
C SER C 154 11.25 -1.18 34.94
N ASP C 155 11.87 -1.53 33.82
CA ASP C 155 13.09 -2.33 33.85
C ASP C 155 14.15 -1.69 32.97
N GLU C 156 15.23 -2.43 32.68
CA GLU C 156 16.32 -1.77 31.95
C GLU C 156 15.91 -1.42 30.52
N LYS C 157 14.80 -1.93 30.02
CA LYS C 157 14.32 -1.58 28.69
C LYS C 157 13.17 -0.58 28.74
N GLY C 158 12.94 0.05 29.89
CA GLY C 158 11.95 1.09 30.01
C GLY C 158 10.70 0.65 30.74
N LEU C 159 9.64 1.42 30.52
CA LEU C 159 8.35 1.17 31.17
C LEU C 159 7.49 0.28 30.27
N HIS C 160 6.95 -0.79 30.86
CA HIS C 160 6.06 -1.70 30.16
C HIS C 160 4.75 -1.87 30.92
N VAL C 161 3.67 -2.07 30.16
CA VAL C 161 2.36 -2.40 30.70
C VAL C 161 1.91 -3.70 30.04
N TYR C 162 1.54 -4.69 30.85
CA TYR C 162 1.12 -5.99 30.37
C TYR C 162 -0.30 -6.31 30.83
N ASP C 163 -1.12 -6.82 29.92
CA ASP C 163 -2.36 -7.44 30.36
C ASP C 163 -2.03 -8.66 31.20
N ASN C 164 -2.76 -8.81 32.32
CA ASN C 164 -2.51 -9.91 33.25
C ASN C 164 -3.63 -10.95 33.16
N PRO C 165 -3.42 -12.04 32.42
CA PRO C 165 -4.49 -13.05 32.27
C PRO C 165 -4.80 -13.84 33.52
N VAL C 166 -3.98 -13.78 34.57
CA VAL C 166 -4.19 -14.64 35.74
C VAL C 166 -4.45 -13.85 37.01
N ASN C 167 -4.46 -12.51 36.94
CA ASN C 167 -4.92 -11.64 38.03
C ASN C 167 -4.09 -11.81 39.31
N ALA C 168 -2.82 -12.13 39.16
CA ALA C 168 -1.93 -12.33 40.29
C ALA C 168 -0.55 -11.78 39.94
N LEU C 169 0.25 -11.50 40.97
CA LEU C 169 1.60 -11.01 40.75
C LEU C 169 2.43 -11.33 41.98
N THR C 170 3.71 -11.65 41.77
CA THR C 170 4.60 -11.75 42.92
C THR C 170 5.82 -10.84 42.70
N ASN C 171 7.01 -11.43 42.66
CA ASN C 171 8.23 -10.62 42.54
C ASN C 171 8.92 -10.91 41.21
N ALA C 172 10.21 -11.24 41.23
CA ALA C 172 10.92 -11.53 39.99
C ALA C 172 10.49 -12.91 39.46
N PRO C 173 10.71 -13.18 38.16
CA PRO C 173 11.36 -12.40 37.10
C PRO C 173 10.40 -11.47 36.38
N LEU C 174 10.79 -10.94 35.20
CA LEU C 174 9.90 -10.06 34.47
C LEU C 174 8.59 -10.78 34.14
N PHE C 175 7.51 -10.01 33.99
CA PHE C 175 6.19 -10.63 33.92
C PHE C 175 6.04 -11.62 32.78
N PRO C 176 6.41 -11.32 31.52
CA PRO C 176 6.30 -12.35 30.46
C PRO C 176 6.96 -13.65 30.82
N GLN C 177 8.07 -13.59 31.54
CA GLN C 177 8.75 -14.80 31.98
C GLN C 177 7.95 -15.52 33.06
N GLN C 178 7.20 -14.80 33.88
CA GLN C 178 6.33 -15.48 34.84
C GLN C 178 5.26 -16.28 34.11
N LEU C 179 4.72 -15.72 33.02
CA LEU C 179 3.67 -16.41 32.29
C LEU C 179 4.20 -17.64 31.57
N THR C 180 5.42 -17.57 31.06
CA THR C 180 6.01 -18.74 30.42
C THR C 180 6.16 -19.88 31.43
N ASN C 181 6.68 -19.57 32.61
CA ASN C 181 6.85 -20.61 33.63
C ASN C 181 5.53 -21.23 34.04
N LEU C 182 4.45 -20.44 34.03
CA LEU C 182 3.13 -20.97 34.39
C LEU C 182 2.76 -22.19 33.55
N ALA C 183 3.05 -22.16 32.25
CA ALA C 183 2.66 -23.26 31.37
C ALA C 183 3.41 -24.54 31.67
N ASN C 184 4.53 -24.46 32.39
CA ASN C 184 5.23 -25.66 32.82
C ASN C 184 4.38 -26.53 33.74
N TYR C 185 3.28 -25.99 34.27
CA TYR C 185 2.41 -26.68 35.21
C TYR C 185 1.06 -27.02 34.57
N ALA C 186 1.03 -27.07 33.24
CA ALA C 186 -0.22 -27.29 32.52
C ALA C 186 -0.87 -28.64 32.83
N ALA C 187 -0.07 -29.64 33.26
CA ALA C 187 -0.61 -30.97 33.57
C ALA C 187 -1.22 -31.06 34.98
N VAL C 188 -1.06 -30.02 35.80
CA VAL C 188 -1.58 -30.07 37.18
C VAL C 188 -3.11 -30.03 37.16
N VAL C 189 -3.74 -30.85 38.01
CA VAL C 189 -5.19 -30.82 38.19
C VAL C 189 -5.51 -30.98 39.68
N PRO C 190 -6.65 -30.44 40.12
CA PRO C 190 -6.98 -30.51 41.55
C PRO C 190 -7.36 -31.91 42.04
N GLY C 191 -7.87 -32.76 41.17
CA GLY C 191 -8.30 -34.10 41.56
C GLY C 191 -7.33 -35.17 41.10
N GLN C 192 -7.89 -36.27 40.63
CA GLN C 192 -7.03 -37.35 40.14
C GLN C 192 -6.94 -37.27 38.63
N PRO C 193 -5.74 -37.31 38.06
CA PRO C 193 -5.64 -37.32 36.61
C PRO C 193 -6.15 -38.64 36.06
N ASN C 194 -6.65 -38.60 34.82
CA ASN C 194 -6.88 -39.85 34.12
C ASN C 194 -5.53 -40.45 33.78
N ASN C 195 -5.48 -41.78 33.68
CA ASN C 195 -4.19 -42.45 33.51
C ASN C 195 -3.82 -42.49 32.04
N ASP C 196 -3.24 -41.40 31.58
CA ASP C 196 -2.54 -41.36 30.30
C ASP C 196 -1.04 -41.38 30.51
N PHE C 197 -0.61 -41.58 31.77
CA PHE C 197 0.80 -41.73 32.12
C PHE C 197 1.32 -43.11 31.75
N LEU C 198 0.68 -44.16 32.26
CA LEU C 198 1.04 -45.54 31.95
C LEU C 198 -0.23 -46.29 31.57
N PRO C 199 -0.76 -46.05 30.36
CA PRO C 199 -2.01 -46.68 29.95
C PRO C 199 -1.90 -48.20 30.03
N GLY C 200 -2.92 -48.83 30.59
CA GLY C 200 -2.93 -50.25 30.80
C GLY C 200 -2.38 -50.71 32.14
N VAL C 201 -1.78 -49.82 32.91
CA VAL C 201 -1.25 -50.13 34.23
C VAL C 201 -2.20 -49.55 35.27
N ASP C 202 -2.47 -50.31 36.33
CA ASP C 202 -3.29 -49.86 37.44
C ASP C 202 -2.40 -49.20 38.49
N LEU C 203 -2.35 -47.87 38.50
CA LEU C 203 -1.52 -47.17 39.46
C LEU C 203 -2.13 -47.21 40.85
N LYS C 204 -1.27 -47.13 41.86
CA LYS C 204 -1.70 -47.10 43.26
C LYS C 204 -2.07 -45.67 43.61
N MET C 205 -3.34 -45.31 43.39
CA MET C 205 -3.81 -43.95 43.65
C MET C 205 -4.07 -43.77 45.15
N TYR C 206 -2.96 -43.68 45.89
CA TYR C 206 -2.97 -43.87 47.35
C TYR C 206 -3.43 -42.63 48.11
N SER C 207 -3.47 -41.46 47.47
CA SER C 207 -3.86 -40.22 48.12
C SER C 207 -4.77 -39.44 47.19
N ARG C 208 -5.67 -38.66 47.79
CA ARG C 208 -6.44 -37.71 47.02
C ARG C 208 -5.51 -36.65 46.43
N SER C 209 -5.99 -36.04 45.35
CA SER C 209 -5.33 -34.90 44.71
C SER C 209 -3.88 -35.20 44.31
N LEU C 210 -3.64 -36.41 43.82
CA LEU C 210 -2.33 -36.71 43.23
C LEU C 210 -2.03 -35.81 42.03
N GLY C 211 -3.05 -35.18 41.44
CA GLY C 211 -2.82 -34.24 40.36
C GLY C 211 -2.12 -32.96 40.78
N THR C 212 -2.06 -32.67 42.09
CA THR C 212 -1.28 -31.52 42.56
C THR C 212 0.06 -31.93 43.14
N HIS C 213 0.55 -33.13 42.86
CA HIS C 213 1.81 -33.55 43.46
C HIS C 213 2.97 -32.65 43.04
N HIS C 214 2.90 -32.02 41.87
CA HIS C 214 3.95 -31.12 41.41
C HIS C 214 3.57 -29.65 41.51
N LEU C 215 2.48 -29.33 42.22
CA LEU C 215 2.16 -27.93 42.48
C LEU C 215 3.21 -27.33 43.41
N PRO C 216 3.76 -26.17 43.10
CA PRO C 216 4.87 -25.63 43.91
C PRO C 216 4.42 -25.16 45.29
N GLY C 217 5.23 -25.46 46.30
CA GLY C 217 4.97 -24.93 47.64
C GLY C 217 6.10 -24.11 48.20
N GLY C 218 7.09 -23.77 47.37
CA GLY C 218 8.25 -23.06 47.87
C GLY C 218 7.92 -21.62 48.22
N MET C 219 8.88 -20.99 48.92
CA MET C 219 8.75 -19.60 49.31
C MET C 219 9.27 -18.64 48.25
N ASP C 220 9.95 -19.14 47.23
CA ASP C 220 10.48 -18.28 46.17
C ASP C 220 9.33 -17.69 45.33
N SER C 221 9.69 -16.70 44.51
CA SER C 221 8.72 -15.89 43.79
C SER C 221 7.94 -16.69 42.76
N GLU C 222 8.61 -17.54 41.98
CA GLU C 222 7.91 -18.33 40.95
C GLU C 222 7.00 -19.38 41.59
N SER C 223 7.46 -20.05 42.65
CA SER C 223 6.61 -21.02 43.34
C SER C 223 5.33 -20.36 43.84
N ARG C 224 5.45 -19.21 44.49
CA ARG C 224 4.26 -18.53 45.01
C ARG C 224 3.35 -18.05 43.89
N PHE C 225 3.93 -17.59 42.78
CA PHE C 225 3.11 -17.17 41.64
C PHE C 225 2.29 -18.33 41.09
N VAL C 226 2.93 -19.46 40.80
CA VAL C 226 2.20 -20.60 40.23
C VAL C 226 1.10 -21.06 41.19
N LYS C 227 1.43 -21.22 42.46
CA LYS C 227 0.43 -21.74 43.39
C LYS C 227 -0.72 -20.76 43.58
N VAL C 228 -0.43 -19.46 43.74
CA VAL C 228 -1.54 -18.54 43.94
C VAL C 228 -2.40 -18.42 42.68
N CYS C 229 -1.81 -18.52 41.48
CA CYS C 229 -2.64 -18.56 40.28
C CYS C 229 -3.64 -19.70 40.33
N PHE C 230 -3.17 -20.89 40.75
CA PHE C 230 -4.02 -22.07 40.84
C PHE C 230 -5.08 -21.89 41.92
N ALA C 231 -4.68 -21.42 43.10
CA ALA C 231 -5.64 -21.24 44.18
C ALA C 231 -6.71 -20.21 43.82
N LEU C 232 -6.30 -19.14 43.13
CA LEU C 232 -7.23 -18.09 42.72
C LEU C 232 -8.20 -18.59 41.66
N ASN C 233 -7.69 -19.28 40.64
CA ASN C 233 -8.53 -19.76 39.56
C ASN C 233 -9.62 -20.72 40.05
N HIS C 234 -9.30 -21.56 41.05
CA HIS C 234 -10.21 -22.59 41.50
C HIS C 234 -11.00 -22.19 42.73
N ALA C 235 -10.85 -20.95 43.20
CA ALA C 235 -11.57 -20.48 44.37
C ALA C 235 -13.07 -20.42 44.09
N PRO C 236 -13.89 -20.50 45.13
CA PRO C 236 -15.35 -20.45 44.93
C PRO C 236 -15.78 -19.11 44.35
N LYS C 237 -16.93 -19.12 43.69
CA LYS C 237 -17.50 -17.93 43.07
C LYS C 237 -18.92 -17.72 43.55
N ASP C 238 -19.51 -16.59 43.14
CA ASP C 238 -20.90 -16.22 43.44
C ASP C 238 -21.18 -16.21 44.94
N SER C 239 -20.18 -15.80 45.72
CA SER C 239 -20.26 -15.76 47.17
C SER C 239 -20.61 -14.35 47.65
N ASP C 240 -21.23 -14.27 48.83
CA ASP C 240 -21.57 -12.97 49.41
C ASP C 240 -20.36 -12.43 50.18
N GLU C 241 -20.57 -11.38 50.99
CA GLU C 241 -19.43 -10.55 51.39
C GLU C 241 -18.48 -11.28 52.33
N VAL C 242 -19.00 -11.83 53.42
CA VAL C 242 -18.12 -12.43 54.42
C VAL C 242 -17.48 -13.70 53.88
N GLU C 243 -18.27 -14.52 53.18
CA GLU C 243 -17.74 -15.73 52.56
C GLU C 243 -16.66 -15.39 51.52
N SER C 244 -16.89 -14.32 50.75
CA SER C 244 -15.88 -13.88 49.78
C SER C 244 -14.59 -13.49 50.47
N VAL C 245 -14.69 -12.74 51.57
CA VAL C 245 -13.50 -12.27 52.27
C VAL C 245 -12.76 -13.44 52.86
N THR C 246 -13.49 -14.39 53.44
CA THR C 246 -12.89 -15.60 53.98
C THR C 246 -12.13 -16.36 52.91
N ASN C 247 -12.75 -16.53 51.74
CA ASN C 247 -12.10 -17.24 50.65
C ASN C 247 -10.85 -16.48 50.20
N PHE C 248 -10.91 -15.15 50.20
CA PHE C 248 -9.78 -14.34 49.73
C PHE C 248 -8.57 -14.54 50.63
N PHE C 249 -8.77 -14.46 51.94
CA PHE C 249 -7.67 -14.70 52.87
C PHE C 249 -7.11 -16.12 52.73
N HIS C 250 -7.96 -17.11 52.46
CA HIS C 250 -7.45 -18.47 52.27
C HIS C 250 -6.61 -18.59 51.01
N ILE C 251 -6.94 -17.84 49.94
CA ILE C 251 -6.11 -17.87 48.73
C ILE C 251 -4.70 -17.39 49.05
N LEU C 252 -4.60 -16.25 49.73
CA LEU C 252 -3.28 -15.71 50.04
C LEU C 252 -2.58 -16.52 51.11
N GLN C 253 -3.34 -17.15 52.03
CA GLN C 253 -2.72 -18.02 53.03
C GLN C 253 -2.08 -19.23 52.37
N SER C 254 -2.57 -19.65 51.21
CA SER C 254 -1.97 -20.79 50.52
C SER C 254 -0.53 -20.54 50.09
N VAL C 255 -0.08 -19.29 50.09
CA VAL C 255 1.28 -18.97 49.70
C VAL C 255 1.91 -18.12 50.80
N GLU C 256 1.43 -18.32 52.02
CA GLU C 256 1.97 -17.62 53.16
C GLU C 256 3.41 -18.04 53.43
N GLN C 257 4.23 -17.11 53.91
CA GLN C 257 5.61 -17.39 54.26
C GLN C 257 5.74 -17.44 55.77
N VAL C 258 6.02 -18.59 56.29
CA VAL C 258 6.10 -18.82 57.72
C VAL C 258 7.53 -18.60 58.16
N LYS C 259 7.72 -18.07 59.36
CA LYS C 259 9.07 -17.80 59.85
C LYS C 259 9.90 -19.08 59.87
N GLY C 260 11.09 -19.02 59.27
CA GLY C 260 12.01 -20.14 59.21
C GLY C 260 12.21 -20.71 57.82
N MET C 261 11.22 -20.55 56.95
CA MET C 261 11.24 -21.21 55.64
C MET C 261 11.88 -20.38 54.53
N ASP C 262 12.02 -19.06 54.71
CA ASP C 262 12.63 -18.17 53.71
C ASP C 262 13.76 -17.43 54.39
N GLU C 263 14.97 -17.97 54.28
CA GLU C 263 16.15 -17.40 54.93
C GLU C 263 16.80 -16.39 53.98
N VAL C 264 16.92 -15.15 54.44
CA VAL C 264 17.53 -14.07 53.69
C VAL C 264 18.79 -13.56 54.39
N GLY C 265 19.37 -14.38 55.24
CA GLY C 265 20.50 -13.97 56.04
C GLY C 265 20.53 -14.86 57.28
N PRO C 266 21.68 -14.92 57.95
CA PRO C 266 21.80 -15.89 59.06
C PRO C 266 20.82 -15.57 60.17
N ASN C 267 19.84 -16.45 60.38
CA ASN C 267 18.78 -16.25 61.36
C ASN C 267 17.91 -15.04 61.03
N ILE C 268 17.84 -14.68 59.74
CA ILE C 268 16.99 -13.58 59.29
C ILE C 268 16.01 -14.14 58.26
N PHE C 269 14.71 -13.95 58.49
CA PHE C 269 13.71 -14.64 57.69
C PHE C 269 12.70 -13.65 57.12
N GLU C 270 12.34 -13.87 55.85
CA GLU C 270 11.24 -13.17 55.22
C GLU C 270 9.95 -13.94 55.53
N TYR C 271 8.94 -13.24 56.03
CA TYR C 271 7.68 -13.86 56.42
C TYR C 271 6.53 -12.91 56.09
N THR C 272 5.32 -13.45 56.07
CA THR C 272 4.14 -12.68 55.67
C THR C 272 3.75 -11.76 56.83
N MET C 273 4.10 -10.47 56.70
CA MET C 273 3.87 -9.52 57.81
C MET C 273 2.42 -9.11 57.91
N TYR C 274 1.74 -8.89 56.79
CA TYR C 274 0.31 -8.60 56.82
C TYR C 274 -0.33 -9.06 55.53
N THR C 275 -1.66 -9.14 55.57
CA THR C 275 -2.48 -9.51 54.42
C THR C 275 -3.61 -8.50 54.33
N SER C 276 -3.77 -7.84 53.18
CA SER C 276 -4.82 -6.85 52.98
C SER C 276 -5.82 -7.37 51.96
N CYS C 277 -7.10 -7.04 52.15
CA CYS C 277 -8.16 -7.45 51.24
C CYS C 277 -9.12 -6.28 51.13
N MET C 278 -9.24 -5.69 49.93
CA MET C 278 -10.01 -4.46 49.79
C MET C 278 -11.13 -4.68 48.78
N ASN C 279 -12.36 -4.41 49.21
CA ASN C 279 -13.55 -4.55 48.37
C ASN C 279 -13.67 -3.31 47.48
N LEU C 280 -13.49 -3.50 46.17
CA LEU C 280 -13.48 -2.38 45.23
C LEU C 280 -14.84 -1.69 45.14
N GLU C 281 -15.93 -2.48 45.18
CA GLU C 281 -17.28 -1.90 45.13
C GLU C 281 -17.58 -1.09 46.38
N LYS C 282 -17.08 -1.52 47.54
CA LYS C 282 -17.58 -1.01 48.81
C LYS C 282 -16.60 -0.15 49.57
N GLY C 283 -15.33 -0.12 49.17
CA GLY C 283 -14.37 0.72 49.86
C GLY C 283 -14.04 0.25 51.25
N ILE C 284 -14.08 -1.06 51.50
CA ILE C 284 -13.76 -1.62 52.81
C ILE C 284 -12.44 -2.36 52.70
N LEU C 285 -11.55 -2.12 53.67
CA LEU C 285 -10.27 -2.79 53.76
C LEU C 285 -10.32 -3.79 54.91
N TYR C 286 -10.15 -5.07 54.61
CA TYR C 286 -10.04 -6.12 55.60
C TYR C 286 -8.57 -6.50 55.75
N PHE C 287 -8.14 -6.83 56.96
CA PHE C 287 -6.72 -7.12 57.13
C PHE C 287 -6.46 -8.00 58.35
N ASN C 288 -5.37 -8.76 58.28
CA ASN C 288 -4.76 -9.34 59.48
C ASN C 288 -3.24 -9.30 59.30
N CYS C 289 -2.52 -9.86 60.27
CA CYS C 289 -1.06 -9.78 60.25
C CYS C 289 -0.47 -11.04 60.86
N TYR C 290 0.86 -11.14 60.86
CA TYR C 290 1.49 -12.37 61.30
C TYR C 290 1.12 -12.70 62.75
N ASP C 291 1.03 -11.69 63.60
CA ASP C 291 0.76 -11.87 65.03
C ASP C 291 -0.71 -11.91 65.39
N ASP C 292 -1.62 -11.61 64.47
CA ASP C 292 -3.05 -11.57 64.79
C ASP C 292 -3.83 -12.19 63.64
N SER C 293 -4.40 -13.38 63.90
CA SER C 293 -5.17 -14.11 62.90
C SER C 293 -6.56 -13.52 62.67
N ARG C 294 -7.10 -12.78 63.63
CA ARG C 294 -8.43 -12.21 63.47
C ARG C 294 -8.45 -11.16 62.36
N ILE C 295 -9.50 -11.19 61.55
CA ILE C 295 -9.68 -10.22 60.47
C ILE C 295 -10.33 -8.96 61.04
N SER C 296 -9.75 -7.81 60.70
CA SER C 296 -10.28 -6.50 61.05
C SER C 296 -10.77 -5.78 59.80
N ALA C 297 -11.66 -4.81 59.98
CA ALA C 297 -12.21 -4.11 58.82
C ALA C 297 -12.29 -2.62 59.09
N VAL C 298 -11.95 -1.82 58.08
CA VAL C 298 -12.12 -0.37 58.07
C VAL C 298 -12.89 0.00 56.81
N ASP C 299 -14.01 0.69 56.97
CA ASP C 299 -14.85 1.13 55.86
C ASP C 299 -14.50 2.57 55.56
N MET C 300 -13.88 2.82 54.40
CA MET C 300 -13.55 4.19 54.01
C MET C 300 -14.79 5.06 53.98
N ASN C 301 -15.92 4.49 53.55
CA ASN C 301 -17.15 5.25 53.37
C ASN C 301 -17.87 5.56 54.68
N LYS C 302 -17.32 5.13 55.82
CA LYS C 302 -17.80 5.59 57.11
C LYS C 302 -17.06 6.83 57.61
N GLU C 303 -16.16 7.40 56.82
CA GLU C 303 -15.44 8.60 57.20
C GLU C 303 -15.92 9.77 56.36
N ASP C 304 -15.47 10.96 56.73
CA ASP C 304 -15.77 12.20 56.01
C ASP C 304 -14.77 12.34 54.86
N LEU C 305 -15.18 11.95 53.66
CA LEU C 305 -14.28 11.93 52.52
C LEU C 305 -14.10 13.32 51.90
N SER C 306 -14.79 14.34 52.41
CA SER C 306 -14.56 15.73 52.03
C SER C 306 -13.52 16.41 52.89
N SER C 307 -12.94 15.71 53.86
CA SER C 307 -11.97 16.31 54.76
C SER C 307 -10.58 16.37 54.11
N SER C 308 -9.60 16.84 54.89
CA SER C 308 -8.28 17.17 54.38
C SER C 308 -7.12 16.50 55.12
N ASP C 309 -7.36 15.82 56.23
CA ASP C 309 -6.29 15.20 57.02
C ASP C 309 -6.29 13.70 56.81
N LEU C 310 -5.11 13.09 56.90
CA LEU C 310 -5.02 11.64 56.83
C LEU C 310 -5.72 11.02 58.05
N ILE C 311 -6.40 9.89 57.82
CA ILE C 311 -7.08 9.15 58.87
C ILE C 311 -6.37 7.82 59.00
N VAL C 312 -5.81 7.55 60.19
CA VAL C 312 -4.85 6.48 60.40
C VAL C 312 -5.37 5.54 61.50
N PHE C 313 -5.23 4.23 61.25
CA PHE C 313 -5.56 3.19 62.21
C PHE C 313 -4.41 2.20 62.30
N ASP C 314 -4.31 1.51 63.44
CA ASP C 314 -3.28 0.49 63.61
C ASP C 314 -3.50 -0.68 62.66
N LEU C 315 -2.40 -1.14 62.05
CA LEU C 315 -2.39 -2.34 61.22
C LEU C 315 -1.91 -3.54 62.03
N PHE C 316 -0.73 -3.43 62.62
CA PHE C 316 -0.13 -4.55 63.33
C PHE C 316 -0.74 -4.65 64.71
N LYS C 317 -1.23 -5.85 65.04
CA LYS C 317 -1.99 -6.10 66.27
C LYS C 317 -1.45 -7.36 66.94
N LYS C 318 -1.76 -7.52 68.22
CA LYS C 318 -1.42 -8.76 68.91
C LYS C 318 -2.54 -9.79 68.75
N GLN C 319 -2.19 -11.06 68.99
CA GLN C 319 -3.14 -12.15 68.76
C GLN C 319 -4.41 -11.94 69.57
N ASP C 320 -5.55 -11.88 68.87
CA ASP C 320 -6.82 -11.50 69.51
C ASP C 320 -7.59 -12.77 69.82
N ILE C 321 -7.23 -13.40 70.93
CA ILE C 321 -7.80 -14.71 71.27
C ILE C 321 -9.16 -14.52 71.92
N SER C 322 -10.13 -15.32 71.50
CA SER C 322 -11.46 -15.33 72.09
C SER C 322 -11.51 -16.44 73.12
N PHE C 323 -11.59 -16.08 74.40
CA PHE C 323 -11.59 -17.06 75.47
C PHE C 323 -13.02 -17.54 75.68
N ILE C 324 -13.30 -18.77 75.22
CA ILE C 324 -14.63 -19.34 75.31
C ILE C 324 -14.95 -19.64 76.76
N ASN C 325 -13.92 -19.99 77.52
CA ASN C 325 -13.97 -20.53 78.86
C ASN C 325 -13.58 -19.44 79.85
N HIS C 326 -14.29 -19.38 80.97
CA HIS C 326 -13.80 -18.60 82.10
C HIS C 326 -14.22 -19.32 83.36
N HIS C 327 -13.66 -18.87 84.48
CA HIS C 327 -13.97 -19.49 85.76
C HIS C 327 -15.47 -19.49 86.00
N HIS C 328 -15.98 -20.61 86.55
CA HIS C 328 -17.41 -20.80 86.76
C HIS C 328 -17.83 -20.20 88.09
N HIS C 329 -18.44 -19.00 88.04
CA HIS C 329 -18.84 -18.31 89.26
C HIS C 329 -20.12 -18.87 89.86
N HIS C 330 -21.03 -19.36 89.02
CA HIS C 330 -22.29 -19.94 89.48
C HIS C 330 -22.23 -21.47 89.39
N CYS D 2 36.84 18.82 -15.53
CA CYS D 2 36.38 17.86 -16.54
C CYS D 2 34.90 18.01 -16.87
N THR D 3 34.56 17.72 -18.12
CA THR D 3 33.18 17.73 -18.61
C THR D 3 32.97 16.49 -19.46
N SER D 4 31.96 15.70 -19.15
CA SER D 4 31.63 14.51 -19.93
C SER D 4 30.18 14.62 -20.40
N ILE D 5 29.89 14.07 -21.57
CA ILE D 5 28.56 14.13 -22.17
C ILE D 5 28.25 12.83 -22.89
N LEU D 6 26.96 12.54 -23.01
CA LEU D 6 26.44 11.51 -23.90
C LEU D 6 25.54 12.20 -24.90
N TYR D 7 25.88 12.09 -26.18
CA TYR D 7 25.26 12.83 -27.27
C TYR D 7 24.60 11.82 -28.20
N SER D 8 23.32 12.05 -28.53
CA SER D 8 22.50 11.04 -29.18
C SER D 8 21.80 11.58 -30.43
N PRO D 9 22.55 12.11 -31.40
CA PRO D 9 21.87 12.64 -32.60
C PRO D 9 21.27 11.55 -33.47
N LYS D 10 21.93 10.41 -33.60
CA LYS D 10 21.45 9.27 -34.37
C LYS D 10 22.16 8.01 -33.89
N ASP D 11 23.45 7.88 -34.22
CA ASP D 11 24.32 7.08 -33.37
C ASP D 11 24.49 7.80 -32.03
N HIS D 12 25.19 7.15 -31.10
CA HIS D 12 25.37 7.66 -29.76
C HIS D 12 26.84 7.84 -29.46
N TYR D 13 27.21 9.02 -28.97
CA TYR D 13 28.60 9.40 -28.81
C TYR D 13 28.87 9.74 -27.36
N PHE D 14 29.93 9.15 -26.80
CA PHE D 14 30.24 9.26 -25.38
C PHE D 14 31.69 9.71 -25.21
N GLY D 15 31.91 10.74 -24.40
CA GLY D 15 33.26 11.27 -24.28
C GLY D 15 33.34 12.42 -23.30
N ARG D 16 34.52 13.06 -23.26
CA ARG D 16 34.77 14.07 -22.25
C ARG D 16 35.93 14.99 -22.63
N ASN D 17 35.96 16.16 -21.98
CA ASN D 17 37.15 16.96 -21.81
C ASN D 17 37.84 16.49 -20.55
N LEU D 18 39.16 16.31 -20.60
CA LEU D 18 39.95 16.15 -19.38
C LEU D 18 40.66 17.46 -19.11
N ASP D 19 40.23 18.16 -18.05
CA ASP D 19 40.79 19.44 -17.66
C ASP D 19 41.64 19.24 -16.42
N TYR D 20 42.92 19.60 -16.51
CA TYR D 20 43.83 19.48 -15.38
C TYR D 20 45.09 20.28 -15.69
N GLU D 21 45.98 20.37 -14.70
CA GLU D 21 47.19 21.16 -14.85
C GLU D 21 48.42 20.30 -15.19
N ILE D 22 48.33 19.00 -15.07
CA ILE D 22 49.47 18.12 -15.37
C ILE D 22 48.96 16.86 -16.03
N ALA D 23 49.73 16.35 -16.99
CA ALA D 23 49.43 15.11 -17.68
C ALA D 23 49.98 13.92 -16.90
N TYR D 24 49.37 12.77 -17.14
CA TYR D 24 49.72 11.55 -16.43
C TYR D 24 49.95 10.40 -17.39
N GLY D 25 50.76 10.65 -18.42
CA GLY D 25 51.14 9.60 -19.36
C GLY D 25 49.98 8.96 -20.10
N GLN D 26 48.88 9.69 -20.27
CA GLN D 26 47.72 9.13 -20.95
C GLN D 26 48.04 8.83 -22.41
N LYS D 27 47.47 7.73 -22.90
CA LYS D 27 47.60 7.27 -24.27
C LYS D 27 46.25 6.70 -24.68
N VAL D 28 46.12 6.32 -25.95
CA VAL D 28 44.95 5.59 -26.40
C VAL D 28 45.23 4.11 -26.17
N VAL D 29 44.32 3.41 -25.50
CA VAL D 29 44.53 2.01 -25.17
C VAL D 29 43.32 1.17 -25.54
N ILE D 30 43.54 0.13 -26.36
CA ILE D 30 42.53 -0.89 -26.60
C ILE D 30 42.86 -2.09 -25.70
N THR D 31 41.89 -2.50 -24.89
CA THR D 31 42.04 -3.69 -24.08
C THR D 31 41.22 -4.81 -24.71
N PRO D 32 41.84 -5.87 -25.22
CA PRO D 32 41.10 -6.91 -25.94
C PRO D 32 40.45 -7.90 -24.99
N ARG D 33 39.70 -8.85 -25.58
CA ARG D 33 38.82 -9.72 -24.80
C ARG D 33 39.57 -10.61 -23.83
N ASN D 34 40.82 -10.96 -24.11
CA ASN D 34 41.54 -11.94 -23.29
C ASN D 34 42.71 -11.32 -22.53
N TYR D 35 42.76 -9.99 -22.45
CA TYR D 35 43.61 -9.38 -21.44
C TYR D 35 43.12 -9.82 -20.07
N GLU D 36 44.05 -10.23 -19.19
CA GLU D 36 43.65 -10.70 -17.86
C GLU D 36 43.63 -9.52 -16.89
N PHE D 37 42.42 -9.13 -16.49
CA PHE D 37 42.25 -8.10 -15.46
C PHE D 37 42.57 -8.68 -14.08
N LYS D 38 43.52 -8.07 -13.38
CA LYS D 38 43.84 -8.46 -12.00
C LYS D 38 43.17 -7.45 -11.08
N PHE D 39 41.91 -7.71 -10.73
CA PHE D 39 41.19 -6.79 -9.84
C PHE D 39 41.68 -6.94 -8.40
N ALA D 40 41.56 -5.86 -7.65
CA ALA D 40 42.15 -5.79 -6.31
C ALA D 40 41.50 -6.78 -5.37
N ASN D 41 40.17 -6.86 -5.39
CA ASN D 41 39.43 -7.66 -4.43
C ASN D 41 38.25 -8.34 -5.10
N LEU D 42 38.39 -8.63 -6.39
CA LEU D 42 37.43 -9.39 -7.17
C LEU D 42 38.21 -10.46 -7.92
N PRO D 43 37.56 -11.53 -8.34
CA PRO D 43 38.29 -12.57 -9.08
C PRO D 43 38.74 -12.07 -10.44
N ALA D 44 39.91 -12.57 -10.87
CA ALA D 44 40.47 -12.14 -12.15
C ALA D 44 39.53 -12.53 -13.29
N GLU D 45 39.60 -11.76 -14.38
CA GLU D 45 38.78 -12.01 -15.56
C GLU D 45 39.70 -12.10 -16.78
N LYS D 46 39.84 -13.31 -17.33
CA LYS D 46 40.63 -13.54 -18.53
C LYS D 46 39.79 -13.56 -19.80
N SER D 47 38.47 -13.53 -19.69
CA SER D 47 37.60 -13.46 -20.87
C SER D 47 36.48 -12.49 -20.60
N HIS D 48 36.39 -11.43 -21.39
CA HIS D 48 35.48 -10.33 -21.09
C HIS D 48 35.28 -9.50 -22.36
N TYR D 49 34.50 -8.43 -22.25
CA TYR D 49 34.33 -7.53 -23.37
C TYR D 49 35.60 -6.74 -23.65
N ALA D 50 35.82 -6.47 -24.93
CA ALA D 50 36.87 -5.56 -25.36
C ALA D 50 36.43 -4.11 -25.13
N MET D 51 37.42 -3.23 -25.03
CA MET D 51 37.15 -1.83 -24.75
C MET D 51 38.26 -0.96 -25.33
N ILE D 52 37.92 0.31 -25.54
CA ILE D 52 38.84 1.30 -26.07
C ILE D 52 38.62 2.61 -25.34
N GLY D 53 39.70 3.31 -25.05
CA GLY D 53 39.57 4.65 -24.49
C GLY D 53 40.94 5.22 -24.17
N ILE D 54 40.95 6.20 -23.26
CA ILE D 54 42.17 6.89 -22.86
C ILE D 54 42.63 6.32 -21.52
N ALA D 55 43.89 5.94 -21.44
CA ALA D 55 44.39 5.35 -20.20
C ALA D 55 45.88 5.62 -20.07
N ALA D 56 46.35 5.61 -18.82
CA ALA D 56 47.76 5.41 -18.57
C ALA D 56 48.02 3.90 -18.54
N VAL D 57 49.25 3.50 -18.85
CA VAL D 57 49.62 2.09 -18.77
C VAL D 57 50.80 1.98 -17.81
N ALA D 58 50.66 1.16 -16.79
CA ALA D 58 51.74 0.88 -15.85
C ALA D 58 51.63 -0.58 -15.48
N ASN D 59 52.76 -1.28 -15.46
CA ASN D 59 52.77 -2.69 -15.08
C ASN D 59 51.73 -3.46 -15.90
N ASN D 60 51.70 -3.18 -17.20
CA ASN D 60 50.80 -3.87 -18.13
C ASN D 60 49.34 -3.80 -17.66
N THR D 61 48.94 -2.62 -17.16
CA THR D 61 47.60 -2.42 -16.60
C THR D 61 47.01 -1.15 -17.19
N PRO D 62 45.83 -1.20 -17.81
CA PRO D 62 45.21 0.03 -18.31
C PRO D 62 44.50 0.77 -17.19
N LEU D 63 44.96 1.99 -16.91
CA LEU D 63 44.32 2.86 -15.90
C LEU D 63 43.47 3.85 -16.68
N TYR D 64 42.22 3.47 -16.93
CA TYR D 64 41.36 4.24 -17.82
C TYR D 64 40.86 5.52 -17.17
N CYS D 65 40.84 6.58 -17.96
CA CYS D 65 40.19 7.84 -17.65
C CYS D 65 38.74 7.85 -18.15
N ASP D 66 38.52 7.25 -19.32
CA ASP D 66 37.21 7.19 -19.97
C ASP D 66 37.36 6.19 -21.10
N ALA D 67 36.28 5.45 -21.38
CA ALA D 67 36.34 4.36 -22.35
C ALA D 67 34.93 3.88 -22.66
N ILE D 68 34.82 3.09 -23.74
CA ILE D 68 33.59 2.40 -24.11
C ILE D 68 33.97 0.96 -24.42
N ASN D 69 32.99 0.06 -24.33
CA ASN D 69 33.25 -1.33 -24.70
C ASN D 69 32.57 -1.68 -26.03
N GLU D 70 32.83 -2.91 -26.49
CA GLU D 70 32.35 -3.36 -27.79
C GLU D 70 30.83 -3.50 -27.85
N LYS D 71 30.14 -3.41 -26.71
CA LYS D 71 28.70 -3.56 -26.67
C LYS D 71 27.95 -2.23 -26.61
N GLY D 72 28.67 -1.11 -26.66
CA GLY D 72 28.02 0.19 -26.59
C GLY D 72 27.79 0.75 -25.20
N LEU D 73 28.59 0.34 -24.22
CA LEU D 73 28.54 0.91 -22.88
C LEU D 73 29.73 1.86 -22.69
N GLY D 74 29.50 2.98 -22.03
CA GLY D 74 30.56 3.97 -21.83
C GLY D 74 30.62 4.44 -20.39
N VAL D 75 31.85 4.64 -19.90
CA VAL D 75 32.09 5.09 -18.52
C VAL D 75 33.20 6.13 -18.52
N ALA D 76 32.95 7.27 -17.88
CA ALA D 76 33.97 8.31 -17.77
C ALA D 76 34.19 8.62 -16.29
N GLY D 77 35.45 8.63 -15.88
CA GLY D 77 35.81 9.09 -14.55
C GLY D 77 36.12 10.57 -14.59
N LEU D 78 35.52 11.32 -13.67
CA LEU D 78 35.69 12.77 -13.61
C LEU D 78 36.09 13.16 -12.20
N SER D 79 36.98 14.14 -12.11
CA SER D 79 37.47 14.57 -10.80
C SER D 79 36.31 14.98 -9.91
N PHE D 80 36.46 14.70 -8.62
CA PHE D 80 35.42 14.94 -7.63
C PHE D 80 36.04 15.34 -6.31
N ALA D 81 37.16 16.05 -6.36
CA ALA D 81 37.93 16.36 -5.16
C ALA D 81 37.10 17.15 -4.16
N GLY D 82 37.21 16.79 -2.89
CA GLY D 82 36.46 17.43 -1.83
C GLY D 82 35.06 16.90 -1.62
N GLN D 83 34.54 16.09 -2.54
CA GLN D 83 33.21 15.49 -2.41
C GLN D 83 33.24 13.98 -2.29
N GLY D 84 34.14 13.31 -3.00
CA GLY D 84 34.13 11.87 -3.02
C GLY D 84 34.67 11.29 -1.73
N LYS D 85 34.22 10.07 -1.45
CA LYS D 85 34.75 9.31 -0.32
C LYS D 85 34.78 7.85 -0.71
N TYR D 86 35.90 7.20 -0.47
CA TYR D 86 36.05 5.76 -0.63
C TYR D 86 36.12 5.12 0.75
N PHE D 87 35.95 3.80 0.77
CA PHE D 87 35.72 3.11 2.03
C PHE D 87 36.58 1.84 2.10
N PRO D 88 36.94 1.41 3.31
CA PRO D 88 37.79 0.22 3.44
C PRO D 88 37.12 -1.01 2.85
N VAL D 89 37.97 -1.91 2.35
CA VAL D 89 37.51 -3.21 1.89
C VAL D 89 36.81 -3.94 3.03
N VAL D 90 35.60 -4.46 2.75
CA VAL D 90 34.84 -5.22 3.72
C VAL D 90 34.40 -6.53 3.10
N GLU D 91 34.09 -7.50 3.98
CA GLU D 91 33.83 -8.85 3.54
C GLU D 91 32.44 -9.03 2.95
N ASP D 92 31.52 -8.10 3.16
CA ASP D 92 30.13 -8.33 2.79
C ASP D 92 29.66 -7.39 1.69
N LYS D 93 30.59 -6.80 0.93
CA LYS D 93 30.26 -6.01 -0.24
C LYS D 93 31.17 -6.43 -1.38
N LYS D 94 30.73 -6.14 -2.60
CA LYS D 94 31.58 -6.27 -3.77
C LYS D 94 32.47 -5.03 -3.87
N ASN D 95 33.75 -5.18 -3.56
CA ASN D 95 34.69 -4.06 -3.52
C ASN D 95 35.29 -3.81 -4.90
N ILE D 96 35.11 -2.59 -5.41
CA ILE D 96 35.71 -2.13 -6.66
C ILE D 96 36.58 -0.93 -6.36
N ALA D 97 37.88 -1.05 -6.61
CA ALA D 97 38.76 0.10 -6.40
C ALA D 97 38.42 1.19 -7.40
N SER D 98 38.67 2.45 -7.01
CA SER D 98 38.26 3.55 -7.86
C SER D 98 38.98 3.52 -9.20
N PHE D 99 40.26 3.14 -9.18
CA PHE D 99 41.07 3.16 -10.39
C PHE D 99 40.73 2.02 -11.33
N GLU D 100 39.98 1.02 -10.88
CA GLU D 100 39.57 -0.09 -11.73
C GLU D 100 38.07 -0.08 -12.02
N PHE D 101 37.34 0.97 -11.62
CA PHE D 101 35.89 0.98 -11.83
C PHE D 101 35.53 0.94 -13.31
N ILE D 102 36.16 1.78 -14.13
CA ILE D 102 35.89 1.76 -15.57
C ILE D 102 36.19 0.38 -16.14
N SER D 103 37.37 -0.16 -15.81
CA SER D 103 37.75 -1.49 -16.29
C SER D 103 36.72 -2.55 -15.94
N TYR D 104 36.29 -2.59 -14.67
CA TYR D 104 35.38 -3.65 -14.24
C TYR D 104 34.01 -3.51 -14.89
N ILE D 105 33.47 -2.29 -14.91
CA ILE D 105 32.14 -2.08 -15.46
C ILE D 105 32.10 -2.43 -16.95
N LEU D 106 33.11 -1.96 -17.69
CA LEU D 106 33.14 -2.20 -19.12
C LEU D 106 33.53 -3.64 -19.46
N ALA D 107 34.30 -4.29 -18.59
CA ALA D 107 34.64 -5.69 -18.80
C ALA D 107 33.41 -6.59 -18.67
N THR D 108 32.44 -6.19 -17.86
CA THR D 108 31.43 -7.08 -17.29
C THR D 108 30.03 -6.84 -17.80
N TYR D 109 29.63 -5.59 -18.04
CA TYR D 109 28.25 -5.26 -18.30
C TYR D 109 28.06 -4.62 -19.67
N GLU D 110 26.81 -4.63 -20.12
CA GLU D 110 26.45 -4.14 -21.45
C GLU D 110 25.62 -2.87 -21.45
N THR D 111 24.75 -2.66 -20.46
CA THR D 111 23.82 -1.54 -20.48
C THR D 111 23.83 -0.79 -19.15
N VAL D 112 23.27 0.42 -19.21
CA VAL D 112 23.14 1.26 -18.02
C VAL D 112 22.20 0.58 -17.01
N ASP D 113 21.09 0.01 -17.48
CA ASP D 113 20.20 -0.76 -16.63
C ASP D 113 20.93 -1.86 -15.88
N GLN D 114 21.79 -2.60 -16.59
CA GLN D 114 22.55 -3.67 -15.94
C GLN D 114 23.47 -3.12 -14.86
N VAL D 115 24.11 -1.98 -15.13
CA VAL D 115 25.01 -1.39 -14.15
C VAL D 115 24.24 -0.97 -12.91
N LYS D 116 23.08 -0.33 -13.11
CA LYS D 116 22.23 0.08 -12.00
C LYS D 116 21.87 -1.11 -11.13
N GLU D 117 21.40 -2.19 -11.75
CA GLU D 117 21.00 -3.38 -10.99
C GLU D 117 22.16 -3.94 -10.18
N ASN D 118 23.37 -3.91 -10.73
CA ASN D 118 24.52 -4.58 -10.15
C ASN D 118 25.37 -3.71 -9.23
N LEU D 119 25.04 -2.42 -9.06
CA LEU D 119 25.76 -1.60 -8.10
C LEU D 119 25.16 -1.69 -6.70
N THR D 120 24.04 -2.40 -6.56
CA THR D 120 23.31 -2.44 -5.28
C THR D 120 24.22 -2.77 -4.10
N ASP D 121 25.11 -3.76 -4.26
CA ASP D 121 25.92 -4.22 -3.14
C ASP D 121 27.40 -3.84 -3.31
N VAL D 122 27.69 -2.76 -4.01
CA VAL D 122 29.07 -2.41 -4.33
C VAL D 122 29.60 -1.41 -3.32
N ASN D 123 30.87 -1.60 -2.96
CA ASN D 123 31.65 -0.65 -2.19
C ASN D 123 32.77 -0.12 -3.09
N ILE D 124 32.83 1.19 -3.30
CA ILE D 124 34.00 1.77 -3.95
C ILE D 124 35.09 1.86 -2.88
N SER D 125 36.13 1.04 -3.03
CA SER D 125 37.12 0.85 -1.99
C SER D 125 38.20 1.92 -2.05
N ASP D 126 38.95 2.02 -0.97
CA ASP D 126 40.04 2.98 -0.88
C ASP D 126 41.37 2.41 -1.36
N VAL D 127 41.36 1.27 -2.05
CA VAL D 127 42.59 0.67 -2.56
C VAL D 127 43.15 1.54 -3.69
N SER D 128 44.46 1.77 -3.66
CA SER D 128 45.12 2.54 -4.70
C SER D 128 46.05 1.66 -5.53
N PHE D 129 46.26 2.06 -6.78
CA PHE D 129 47.07 1.25 -7.69
C PHE D 129 48.51 1.15 -7.18
N SER D 130 49.08 2.26 -6.75
CA SER D 130 50.43 2.27 -6.19
C SER D 130 50.40 2.11 -4.68
N PRO D 134 47.96 7.74 -2.89
CA PRO D 134 46.53 7.47 -2.69
C PRO D 134 45.73 7.55 -3.99
N ALA D 135 44.50 7.05 -3.96
CA ALA D 135 43.64 7.07 -5.14
C ALA D 135 43.02 8.44 -5.31
N SER D 136 42.91 8.89 -6.56
CA SER D 136 42.28 10.18 -6.83
C SER D 136 40.77 10.09 -6.65
N GLU D 137 40.18 11.18 -6.16
CA GLU D 137 38.75 11.23 -5.89
C GLU D 137 37.99 11.45 -7.19
N LEU D 138 37.10 10.53 -7.52
CA LEU D 138 36.38 10.54 -8.78
C LEU D 138 34.89 10.31 -8.54
N HIS D 139 34.10 10.73 -9.53
CA HIS D 139 32.78 10.16 -9.74
C HIS D 139 32.65 9.85 -11.23
N TRP D 140 31.59 9.14 -11.58
CA TRP D 140 31.52 8.52 -12.89
C TRP D 140 30.22 8.84 -13.58
N LEU D 141 30.30 9.04 -14.89
CA LEU D 141 29.15 9.06 -15.78
C LEU D 141 29.15 7.76 -16.58
N VAL D 142 27.99 7.13 -16.69
CA VAL D 142 27.80 5.86 -17.38
C VAL D 142 26.67 6.06 -18.37
N GLY D 143 26.93 5.78 -19.65
CA GLY D 143 25.90 5.92 -20.67
C GLY D 143 25.94 4.76 -21.65
N ASP D 144 24.86 4.62 -22.41
CA ASP D 144 24.83 3.55 -23.42
C ASP D 144 23.99 4.01 -24.61
N LYS D 145 23.70 3.06 -25.52
CA LYS D 145 23.02 3.36 -26.77
C LYS D 145 21.52 3.57 -26.60
N THR D 146 20.98 3.47 -25.38
CA THR D 146 19.61 3.86 -25.15
C THR D 146 19.45 5.38 -25.13
N GLY D 147 20.55 6.12 -25.08
CA GLY D 147 20.49 7.56 -24.92
C GLY D 147 20.30 8.00 -23.49
N LYS D 148 20.43 7.08 -22.53
CA LYS D 148 20.24 7.39 -21.12
C LYS D 148 21.54 7.18 -20.38
N SER D 149 21.69 7.89 -19.27
CA SER D 149 22.91 7.80 -18.49
C SER D 149 22.58 7.83 -17.01
N ILE D 150 23.57 7.46 -16.20
CA ILE D 150 23.47 7.53 -14.75
C ILE D 150 24.74 8.16 -14.22
N VAL D 151 24.64 8.67 -13.00
CA VAL D 151 25.77 9.24 -12.28
C VAL D 151 26.04 8.36 -11.08
N VAL D 152 27.29 7.93 -10.93
CA VAL D 152 27.71 7.09 -9.82
C VAL D 152 28.60 7.94 -8.91
N GLU D 153 28.16 8.14 -7.67
CA GLU D 153 28.90 8.95 -6.72
C GLU D 153 29.03 8.21 -5.39
N SER D 154 30.26 8.08 -4.90
CA SER D 154 30.53 7.59 -3.55
C SER D 154 30.97 8.78 -2.71
N ASP D 155 30.20 9.11 -1.68
CA ASP D 155 30.47 10.27 -0.84
C ASP D 155 30.41 9.88 0.63
N GLU D 156 30.27 10.89 1.50
CA GLU D 156 30.20 10.68 2.94
C GLU D 156 29.08 9.71 3.32
N LYS D 157 27.95 9.77 2.62
CA LYS D 157 26.80 8.95 2.94
C LYS D 157 26.75 7.65 2.16
N GLY D 158 27.82 7.28 1.46
CA GLY D 158 27.91 6.01 0.80
C GLY D 158 27.83 6.11 -0.72
N LEU D 159 27.41 5.01 -1.32
CA LEU D 159 27.33 4.93 -2.77
C LEU D 159 25.93 5.31 -3.23
N HIS D 160 25.85 6.21 -4.19
CA HIS D 160 24.57 6.63 -4.76
C HIS D 160 24.64 6.51 -6.27
N VAL D 161 23.50 6.16 -6.85
CA VAL D 161 23.34 6.05 -8.30
C VAL D 161 22.14 6.89 -8.66
N TYR D 162 22.34 7.87 -9.54
CA TYR D 162 21.30 8.81 -9.95
C TYR D 162 21.03 8.67 -11.43
N ASP D 163 19.76 8.69 -11.80
CA ASP D 163 19.40 8.90 -13.19
C ASP D 163 19.80 10.31 -13.63
N ASN D 164 20.38 10.42 -14.82
CA ASN D 164 20.91 11.70 -15.27
C ASN D 164 20.04 12.28 -16.37
N PRO D 165 19.11 13.19 -16.07
CA PRO D 165 18.19 13.69 -17.11
C PRO D 165 18.83 14.62 -18.12
N VAL D 166 20.08 15.04 -17.93
CA VAL D 166 20.72 15.99 -18.84
C VAL D 166 21.95 15.39 -19.53
N ASN D 167 22.33 14.17 -19.21
CA ASN D 167 23.36 13.44 -19.94
C ASN D 167 24.69 14.18 -19.95
N ALA D 168 25.00 14.85 -18.84
CA ALA D 168 26.24 15.59 -18.69
C ALA D 168 26.74 15.51 -17.24
N LEU D 169 28.03 15.76 -17.06
CA LEU D 169 28.58 15.74 -15.71
C LEU D 169 29.88 16.54 -15.69
N THR D 170 30.12 17.28 -14.59
CA THR D 170 31.40 17.95 -14.41
C THR D 170 31.99 17.47 -13.09
N ASN D 171 32.26 18.37 -12.16
CA ASN D 171 32.95 17.99 -10.94
C ASN D 171 32.01 18.21 -9.76
N ALA D 172 32.45 18.91 -8.72
CA ALA D 172 31.59 19.20 -7.57
C ALA D 172 30.52 20.23 -7.94
N PRO D 173 29.42 20.33 -7.17
CA PRO D 173 29.05 19.60 -5.95
C PRO D 173 28.40 18.25 -6.21
N LEU D 174 27.74 17.69 -5.19
CA LEU D 174 27.04 16.41 -5.36
C LEU D 174 25.98 16.55 -6.44
N PHE D 175 25.67 15.43 -7.11
CA PHE D 175 24.85 15.53 -8.31
C PHE D 175 23.47 16.16 -8.09
N PRO D 176 22.71 15.83 -7.03
CA PRO D 176 21.41 16.50 -6.86
C PRO D 176 21.56 18.00 -6.71
N GLN D 177 22.67 18.46 -6.14
CA GLN D 177 22.90 19.89 -6.01
C GLN D 177 23.18 20.53 -7.36
N GLN D 178 23.89 19.81 -8.26
CA GLN D 178 24.07 20.28 -9.62
C GLN D 178 22.74 20.46 -10.33
N LEU D 179 21.81 19.53 -10.10
CA LEU D 179 20.51 19.62 -10.77
C LEU D 179 19.69 20.77 -10.23
N THR D 180 19.77 21.01 -8.91
CA THR D 180 19.10 22.18 -8.34
C THR D 180 19.60 23.48 -8.97
N ASN D 181 20.93 23.63 -9.08
CA ASN D 181 21.51 24.85 -9.62
C ASN D 181 21.12 25.07 -11.08
N LEU D 182 20.95 23.97 -11.83
CA LEU D 182 20.47 24.05 -13.20
C LEU D 182 19.20 24.86 -13.31
N ALA D 183 18.28 24.67 -12.36
CA ALA D 183 16.98 25.34 -12.45
C ALA D 183 17.10 26.85 -12.28
N ASN D 184 18.20 27.34 -11.72
CA ASN D 184 18.42 28.76 -11.62
C ASN D 184 18.51 29.44 -12.97
N TYR D 185 18.73 28.66 -14.03
CA TYR D 185 18.91 29.19 -15.38
C TYR D 185 17.69 28.93 -16.26
N ALA D 186 16.56 28.60 -15.63
CA ALA D 186 15.34 28.27 -16.35
C ALA D 186 14.90 29.35 -17.34
N ALA D 187 15.29 30.61 -17.13
CA ALA D 187 14.85 31.69 -18.01
C ALA D 187 15.72 31.86 -19.25
N VAL D 188 16.79 31.08 -19.42
CA VAL D 188 17.69 31.26 -20.54
C VAL D 188 17.03 30.75 -21.82
N VAL D 189 17.22 31.46 -22.92
CA VAL D 189 16.75 31.02 -24.23
C VAL D 189 17.81 31.33 -25.28
N PRO D 190 17.86 30.52 -26.35
CA PRO D 190 18.91 30.74 -27.37
C PRO D 190 18.75 32.01 -28.18
N GLY D 191 17.53 32.53 -28.31
CA GLY D 191 17.32 33.71 -29.11
C GLY D 191 16.93 34.91 -28.27
N GLN D 192 15.89 35.59 -28.69
CA GLN D 192 15.43 36.76 -27.94
C GLN D 192 14.20 36.39 -27.15
N PRO D 193 14.19 36.69 -25.86
CA PRO D 193 13.00 36.41 -25.04
C PRO D 193 11.84 37.29 -25.44
N ASN D 194 10.63 36.81 -25.18
CA ASN D 194 9.48 37.69 -25.22
C ASN D 194 9.65 38.73 -24.12
N ASN D 195 9.05 39.91 -24.31
CA ASN D 195 9.26 40.98 -23.34
C ASN D 195 8.20 40.89 -22.25
N ASP D 196 8.45 39.99 -21.31
CA ASP D 196 7.73 39.96 -20.04
C ASP D 196 8.55 40.57 -18.92
N PHE D 197 9.72 41.12 -19.25
CA PHE D 197 10.56 41.79 -18.26
C PHE D 197 10.00 43.15 -17.91
N LEU D 198 9.75 43.98 -18.93
CA LEU D 198 9.14 45.31 -18.76
C LEU D 198 8.05 45.49 -19.80
N PRO D 199 6.90 44.87 -19.61
CA PRO D 199 5.82 44.98 -20.61
C PRO D 199 5.44 46.44 -20.85
N GLY D 200 5.21 46.77 -22.13
CA GLY D 200 4.91 48.13 -22.52
C GLY D 200 6.10 49.03 -22.73
N VAL D 201 7.32 48.50 -22.60
CA VAL D 201 8.55 49.26 -22.83
C VAL D 201 9.28 48.63 -23.99
N ASP D 202 9.70 49.47 -24.95
CA ASP D 202 10.44 49.00 -26.11
C ASP D 202 11.92 48.94 -25.73
N LEU D 203 12.43 47.73 -25.52
CA LEU D 203 13.81 47.56 -25.12
C LEU D 203 14.76 47.66 -26.33
N LYS D 204 16.00 48.03 -26.03
CA LYS D 204 17.05 48.13 -27.04
C LYS D 204 17.65 46.75 -27.22
N MET D 205 17.02 45.93 -28.07
CA MET D 205 17.52 44.58 -28.29
C MET D 205 18.73 44.68 -29.23
N TYR D 206 19.84 45.14 -28.65
CA TYR D 206 21.01 45.58 -29.40
C TYR D 206 21.88 44.43 -29.87
N SER D 207 21.67 43.21 -29.37
CA SER D 207 22.48 42.05 -29.76
C SER D 207 21.58 40.87 -30.05
N ARG D 208 22.08 39.97 -30.92
CA ARG D 208 21.45 38.67 -31.04
C ARG D 208 21.69 37.86 -29.76
N SER D 209 20.77 36.92 -29.50
CA SER D 209 20.89 35.98 -28.38
C SER D 209 20.99 36.68 -27.03
N LEU D 210 20.18 37.73 -26.81
CA LEU D 210 20.17 38.30 -25.48
C LEU D 210 19.56 37.34 -24.47
N GLY D 211 18.87 36.31 -24.95
CA GLY D 211 18.41 35.24 -24.07
C GLY D 211 19.53 34.51 -23.36
N THR D 212 20.76 34.54 -23.88
CA THR D 212 21.85 33.84 -23.23
C THR D 212 22.74 34.77 -22.41
N HIS D 213 22.29 36.00 -22.13
CA HIS D 213 23.18 36.94 -21.45
C HIS D 213 23.61 36.44 -20.08
N HIS D 214 22.79 35.58 -19.44
CA HIS D 214 23.12 35.04 -18.12
C HIS D 214 23.59 33.59 -18.18
N LEU D 215 23.89 33.08 -19.37
CA LEU D 215 24.48 31.75 -19.49
C LEU D 215 25.90 31.75 -18.94
N PRO D 216 26.28 30.79 -18.10
CA PRO D 216 27.60 30.84 -17.47
C PRO D 216 28.75 30.53 -18.43
N GLY D 217 29.82 31.30 -18.31
CA GLY D 217 31.04 31.04 -19.06
C GLY D 217 32.24 30.80 -18.18
N GLY D 218 32.01 30.60 -16.88
CA GLY D 218 33.10 30.37 -15.97
C GLY D 218 33.83 29.07 -16.24
N MET D 219 35.03 28.98 -15.68
CA MET D 219 35.82 27.77 -15.69
C MET D 219 35.49 26.83 -14.53
N ASP D 220 34.67 27.26 -13.59
CA ASP D 220 34.32 26.41 -12.46
C ASP D 220 33.31 25.35 -12.85
N SER D 221 33.13 24.38 -11.94
CA SER D 221 32.38 23.17 -12.24
C SER D 221 30.90 23.45 -12.52
N GLU D 222 30.25 24.32 -11.71
CA GLU D 222 28.84 24.59 -11.96
C GLU D 222 28.62 25.37 -13.25
N SER D 223 29.48 26.37 -13.54
CA SER D 223 29.38 27.08 -14.81
C SER D 223 29.49 26.13 -15.98
N ARG D 224 30.50 25.25 -15.96
CA ARG D 224 30.69 24.34 -17.09
C ARG D 224 29.51 23.39 -17.20
N PHE D 225 28.98 22.92 -16.07
CA PHE D 225 27.83 22.02 -16.11
C PHE D 225 26.64 22.66 -16.78
N VAL D 226 26.24 23.86 -16.32
CA VAL D 226 25.06 24.51 -16.89
C VAL D 226 25.25 24.78 -18.37
N LYS D 227 26.41 25.32 -18.75
CA LYS D 227 26.63 25.66 -20.16
C LYS D 227 26.59 24.42 -21.03
N VAL D 228 27.28 23.35 -20.62
CA VAL D 228 27.35 22.18 -21.49
C VAL D 228 25.99 21.50 -21.59
N CYS D 229 25.19 21.53 -20.52
CA CYS D 229 23.83 21.00 -20.62
C CYS D 229 23.05 21.74 -21.69
N PHE D 230 23.19 23.07 -21.74
CA PHE D 230 22.53 23.88 -22.76
C PHE D 230 23.08 23.57 -24.15
N ALA D 231 24.42 23.55 -24.29
CA ALA D 231 25.02 23.28 -25.59
C ALA D 231 24.63 21.90 -26.09
N LEU D 232 24.64 20.90 -25.20
CA LEU D 232 24.27 19.54 -25.59
C LEU D 232 22.81 19.48 -25.99
N ASN D 233 21.93 20.06 -25.18
CA ASN D 233 20.49 19.97 -25.41
C ASN D 233 20.10 20.56 -26.76
N HIS D 234 20.76 21.65 -27.17
CA HIS D 234 20.38 22.39 -28.37
C HIS D 234 21.18 22.00 -29.61
N ALA D 235 22.08 21.03 -29.50
CA ALA D 235 22.92 20.64 -30.63
C ALA D 235 22.09 19.97 -31.73
N PRO D 236 22.58 19.98 -32.97
CA PRO D 236 21.84 19.34 -34.06
C PRO D 236 21.58 17.86 -33.80
N LYS D 237 20.46 17.38 -34.33
CA LYS D 237 20.11 15.96 -34.34
C LYS D 237 20.16 15.40 -35.75
N ASP D 238 20.05 14.07 -35.85
CA ASP D 238 19.91 13.36 -37.13
C ASP D 238 21.13 13.52 -38.02
N SER D 239 22.29 13.78 -37.44
CA SER D 239 23.51 13.92 -38.22
C SER D 239 24.13 12.56 -38.50
N ASP D 240 24.98 12.53 -39.53
CA ASP D 240 25.73 11.33 -39.88
C ASP D 240 27.05 11.34 -39.12
N GLU D 241 27.92 10.37 -39.42
CA GLU D 241 29.08 10.14 -38.55
C GLU D 241 29.95 11.38 -38.41
N VAL D 242 30.49 11.91 -39.51
CA VAL D 242 31.45 13.00 -39.39
C VAL D 242 30.75 14.27 -38.92
N GLU D 243 29.51 14.51 -39.35
CA GLU D 243 28.79 15.68 -38.86
C GLU D 243 28.56 15.59 -37.35
N SER D 244 28.24 14.40 -36.85
CA SER D 244 28.01 14.23 -35.42
C SER D 244 29.29 14.42 -34.63
N VAL D 245 30.39 13.84 -35.09
CA VAL D 245 31.66 14.00 -34.39
C VAL D 245 32.04 15.48 -34.32
N THR D 246 31.86 16.21 -35.43
CA THR D 246 32.15 17.64 -35.46
C THR D 246 31.32 18.40 -34.44
N ASN D 247 30.00 18.14 -34.43
CA ASN D 247 29.12 18.79 -33.46
C ASN D 247 29.52 18.43 -32.03
N PHE D 248 29.90 17.17 -31.80
CA PHE D 248 30.28 16.72 -30.46
C PHE D 248 31.49 17.49 -29.94
N PHE D 249 32.51 17.66 -30.77
CA PHE D 249 33.68 18.41 -30.33
C PHE D 249 33.34 19.86 -30.06
N HIS D 250 32.38 20.43 -30.78
CA HIS D 250 32.01 21.82 -30.55
C HIS D 250 31.27 21.97 -29.22
N ILE D 251 30.45 20.98 -28.85
CA ILE D 251 29.76 21.03 -27.56
C ILE D 251 30.76 21.09 -26.42
N LEU D 252 31.73 20.17 -26.43
CA LEU D 252 32.76 20.22 -25.38
C LEU D 252 33.65 21.46 -25.51
N GLN D 253 33.87 21.95 -26.73
CA GLN D 253 34.69 23.15 -26.88
C GLN D 253 34.01 24.36 -26.27
N SER D 254 32.67 24.35 -26.20
CA SER D 254 31.93 25.44 -25.57
C SER D 254 32.23 25.57 -24.09
N VAL D 255 32.87 24.58 -23.47
CA VAL D 255 33.23 24.70 -22.06
C VAL D 255 34.71 24.40 -21.91
N GLU D 256 35.50 24.66 -22.94
CA GLU D 256 36.87 24.26 -22.75
C GLU D 256 37.61 25.29 -21.91
N GLN D 257 38.68 24.86 -21.28
CA GLN D 257 39.45 25.73 -20.40
C GLN D 257 40.75 26.13 -21.09
N VAL D 258 40.85 27.43 -21.45
CA VAL D 258 42.04 27.99 -22.07
C VAL D 258 43.06 28.26 -20.97
N LYS D 259 44.33 28.02 -21.29
CA LYS D 259 45.43 28.33 -20.38
C LYS D 259 45.35 29.79 -19.93
N GLY D 260 45.36 29.98 -18.60
CA GLY D 260 45.34 31.31 -18.00
C GLY D 260 44.04 31.64 -17.29
N MET D 261 42.94 31.01 -17.69
CA MET D 261 41.64 31.35 -17.11
C MET D 261 41.31 30.59 -15.82
N ASP D 262 41.97 29.47 -15.54
CA ASP D 262 41.68 28.66 -14.34
C ASP D 262 42.99 28.47 -13.58
N GLU D 263 43.22 29.35 -12.60
CA GLU D 263 44.45 29.33 -11.82
C GLU D 263 44.29 28.42 -10.63
N VAL D 264 45.14 27.39 -10.55
CA VAL D 264 45.10 26.43 -9.45
C VAL D 264 46.36 26.51 -8.59
N GLY D 265 47.32 27.33 -8.96
CA GLY D 265 48.54 27.56 -8.21
C GLY D 265 49.25 28.75 -8.82
N PRO D 266 50.40 29.16 -8.24
CA PRO D 266 51.13 30.30 -8.80
C PRO D 266 51.64 30.03 -10.20
N ASN D 267 51.01 30.67 -11.20
CA ASN D 267 51.30 30.40 -12.60
C ASN D 267 51.11 28.92 -12.97
N ILE D 268 50.20 28.24 -12.27
CA ILE D 268 49.80 26.87 -12.59
C ILE D 268 48.32 26.90 -12.95
N PHE D 269 48.00 26.36 -14.12
CA PHE D 269 46.67 26.52 -14.69
C PHE D 269 46.09 25.18 -15.12
N GLU D 270 44.81 25.00 -14.82
CA GLU D 270 44.06 23.85 -15.30
C GLU D 270 43.47 24.20 -16.66
N TYR D 271 43.73 23.35 -17.66
CA TYR D 271 43.26 23.59 -19.01
C TYR D 271 42.79 22.28 -19.61
N THR D 272 42.16 22.35 -20.79
CA THR D 272 41.60 21.16 -21.42
C THR D 272 42.72 20.42 -22.14
N MET D 273 43.21 19.36 -21.50
CA MET D 273 44.35 18.60 -22.02
C MET D 273 43.99 17.78 -23.26
N TYR D 274 42.84 17.10 -23.24
CA TYR D 274 42.37 16.35 -24.39
C TYR D 274 40.85 16.27 -24.37
N THR D 275 40.31 15.92 -25.53
CA THR D 275 38.88 15.73 -25.75
C THR D 275 38.67 14.41 -26.48
N SER D 276 37.88 13.52 -25.90
CA SER D 276 37.57 12.22 -26.51
C SER D 276 36.10 12.16 -26.91
N CYS D 277 35.85 11.44 -28.00
CA CYS D 277 34.51 11.24 -28.55
C CYS D 277 34.47 9.81 -29.03
N MET D 278 33.64 8.97 -28.41
CA MET D 278 33.61 7.55 -28.72
C MET D 278 32.23 7.17 -29.24
N ASN D 279 32.20 6.64 -30.47
CA ASN D 279 30.97 6.16 -31.08
C ASN D 279 30.60 4.81 -30.47
N LEU D 280 29.45 4.75 -29.80
CA LEU D 280 29.07 3.54 -29.06
C LEU D 280 28.70 2.40 -29.99
N GLU D 281 27.99 2.71 -31.08
CA GLU D 281 27.60 1.70 -32.06
C GLU D 281 28.80 1.10 -32.76
N LYS D 282 29.77 1.93 -33.14
CA LYS D 282 30.83 1.53 -34.06
C LYS D 282 32.17 1.27 -33.38
N GLY D 283 32.33 1.64 -32.12
CA GLY D 283 33.59 1.37 -31.43
C GLY D 283 34.76 2.17 -31.96
N ILE D 284 34.52 3.40 -32.43
CA ILE D 284 35.58 4.28 -32.89
C ILE D 284 35.80 5.37 -31.86
N LEU D 285 37.06 5.61 -31.52
CA LEU D 285 37.44 6.72 -30.64
C LEU D 285 38.01 7.84 -31.48
N TYR D 286 37.47 9.04 -31.32
CA TYR D 286 38.03 10.23 -31.91
C TYR D 286 38.62 11.10 -30.82
N PHE D 287 39.71 11.80 -31.14
CA PHE D 287 40.36 12.60 -30.10
C PHE D 287 41.11 13.77 -30.72
N ASN D 288 41.24 14.85 -29.93
CA ASN D 288 42.29 15.83 -30.16
C ASN D 288 42.81 16.28 -28.79
N CYS D 289 43.76 17.20 -28.78
CA CYS D 289 44.31 17.65 -27.52
C CYS D 289 44.58 19.15 -27.59
N TYR D 290 45.02 19.72 -26.47
CA TYR D 290 45.28 21.15 -26.43
C TYR D 290 46.28 21.55 -27.50
N ASP D 291 47.27 20.70 -27.76
CA ASP D 291 48.34 21.06 -28.68
C ASP D 291 48.08 20.63 -30.11
N ASP D 292 47.03 19.88 -30.37
CA ASP D 292 46.72 19.43 -31.73
C ASP D 292 45.22 19.54 -31.94
N SER D 293 44.82 20.50 -32.78
CA SER D 293 43.40 20.69 -33.05
C SER D 293 42.85 19.67 -34.05
N ARG D 294 43.71 19.03 -34.85
CA ARG D 294 43.23 18.00 -35.76
C ARG D 294 42.67 16.81 -35.00
N ILE D 295 41.51 16.34 -35.43
CA ILE D 295 40.87 15.15 -34.87
C ILE D 295 41.54 13.90 -35.43
N SER D 296 41.90 12.98 -34.55
CA SER D 296 42.43 11.67 -34.92
C SER D 296 41.43 10.59 -34.57
N ALA D 297 41.54 9.43 -35.21
CA ALA D 297 40.57 8.37 -34.96
C ALA D 297 41.24 7.00 -34.91
N VAL D 298 40.85 6.21 -33.91
CA VAL D 298 41.25 4.82 -33.77
C VAL D 298 40.00 3.96 -33.73
N ASP D 299 39.95 2.93 -34.58
CA ASP D 299 38.79 2.04 -34.67
C ASP D 299 39.13 0.72 -33.98
N MET D 300 38.42 0.43 -32.89
CA MET D 300 38.67 -0.78 -32.11
C MET D 300 38.52 -2.04 -32.98
N ASN D 301 37.57 -2.03 -33.90
CA ASN D 301 37.26 -3.22 -34.66
C ASN D 301 38.24 -3.50 -35.79
N LYS D 302 39.18 -2.60 -36.06
CA LYS D 302 40.26 -2.88 -37.00
C LYS D 302 41.42 -3.62 -36.35
N GLU D 303 41.30 -3.96 -35.08
CA GLU D 303 42.32 -4.71 -34.36
C GLU D 303 41.79 -6.11 -34.05
N ASP D 304 42.70 -6.96 -33.58
CA ASP D 304 42.35 -8.33 -33.21
C ASP D 304 41.87 -8.34 -31.77
N LEU D 305 40.55 -8.36 -31.59
CA LEU D 305 39.98 -8.28 -30.25
C LEU D 305 40.00 -9.62 -29.51
N SER D 306 40.41 -10.70 -30.15
CA SER D 306 40.62 -11.96 -29.44
C SER D 306 42.01 -12.07 -28.85
N SER D 307 42.76 -10.97 -28.89
CA SER D 307 44.12 -10.87 -28.40
C SER D 307 44.14 -10.83 -26.88
N SER D 308 45.36 -10.86 -26.33
CA SER D 308 45.57 -10.66 -24.90
C SER D 308 46.45 -9.46 -24.58
N ASP D 309 47.10 -8.85 -25.57
CA ASP D 309 47.99 -7.73 -25.33
C ASP D 309 47.25 -6.41 -25.49
N LEU D 310 47.63 -5.42 -24.69
CA LEU D 310 47.07 -4.08 -24.88
C LEU D 310 47.57 -3.52 -26.20
N ILE D 311 46.69 -2.80 -26.89
CA ILE D 311 47.03 -2.14 -28.16
C ILE D 311 46.98 -0.64 -27.91
N VAL D 312 48.10 0.04 -28.11
CA VAL D 312 48.33 1.38 -27.60
C VAL D 312 48.73 2.32 -28.74
N PHE D 313 48.16 3.52 -28.73
CA PHE D 313 48.45 4.57 -29.69
C PHE D 313 48.72 5.87 -28.95
N ASP D 314 49.47 6.76 -29.58
CA ASP D 314 49.73 8.06 -28.97
C ASP D 314 48.45 8.89 -28.96
N LEU D 315 48.21 9.57 -27.83
CA LEU D 315 47.10 10.51 -27.69
C LEU D 315 47.54 11.95 -27.91
N PHE D 316 48.58 12.39 -27.21
CA PHE D 316 49.01 13.78 -27.30
C PHE D 316 49.90 13.95 -28.52
N LYS D 317 49.64 14.97 -29.33
CA LYS D 317 50.32 15.17 -30.60
C LYS D 317 50.69 16.63 -30.78
N LYS D 318 51.67 16.87 -31.65
CA LYS D 318 52.03 18.21 -32.07
C LYS D 318 50.94 18.80 -32.99
N GLN D 319 50.87 20.13 -33.03
CA GLN D 319 49.88 20.77 -33.88
C GLN D 319 50.11 20.37 -35.32
N ASP D 320 49.09 19.78 -35.95
CA ASP D 320 49.23 19.16 -37.27
C ASP D 320 48.70 20.11 -38.33
N ILE D 321 49.57 21.03 -38.75
CA ILE D 321 49.17 22.12 -39.62
C ILE D 321 49.21 21.65 -41.07
N SER D 322 48.17 21.98 -41.81
CA SER D 322 48.08 21.69 -43.24
C SER D 322 48.65 22.88 -44.00
N PHE D 323 49.84 22.73 -44.56
CA PHE D 323 50.52 23.84 -45.24
C PHE D 323 50.08 23.86 -46.69
N ILE D 324 49.34 24.91 -47.07
CA ILE D 324 48.85 25.04 -48.43
C ILE D 324 49.87 25.67 -49.37
N ASN D 325 50.91 26.32 -48.83
CA ASN D 325 51.87 27.15 -49.55
C ASN D 325 51.18 28.32 -50.25
N CYS E 2 15.14 -30.16 19.42
CA CYS E 2 16.55 -30.17 19.09
C CYS E 2 17.42 -29.72 20.27
N THR E 3 18.64 -30.24 20.33
CA THR E 3 19.61 -29.86 21.36
C THR E 3 20.99 -29.73 20.72
N SER E 4 21.64 -28.58 20.91
CA SER E 4 22.96 -28.39 20.34
C SER E 4 23.93 -28.00 21.45
N ILE E 5 25.19 -28.43 21.33
CA ILE E 5 26.20 -28.15 22.34
C ILE E 5 27.54 -27.82 21.72
N LEU E 6 28.39 -27.14 22.50
CA LEU E 6 29.82 -26.99 22.25
C LEU E 6 30.57 -27.61 23.42
N TYR E 7 31.40 -28.61 23.13
CA TYR E 7 32.09 -29.42 24.13
C TYR E 7 33.60 -29.22 23.97
N SER E 8 34.30 -28.94 25.07
CA SER E 8 35.68 -28.48 25.01
C SER E 8 36.61 -29.27 25.91
N PRO E 9 36.67 -30.60 25.76
CA PRO E 9 37.56 -31.38 26.64
C PRO E 9 39.04 -31.17 26.37
N LYS E 10 39.41 -30.90 25.11
CA LYS E 10 40.79 -30.73 24.68
C LYS E 10 40.74 -30.09 23.30
N ASP E 11 40.39 -30.87 22.30
CA ASP E 11 39.84 -30.31 21.08
C ASP E 11 38.42 -29.84 21.35
N HIS E 12 37.79 -29.24 20.34
CA HIS E 12 36.48 -28.62 20.47
C HIS E 12 35.50 -29.30 19.52
N TYR E 13 34.34 -29.69 20.06
CA TYR E 13 33.34 -30.48 19.34
C TYR E 13 32.01 -29.74 19.34
N PHE E 14 31.40 -29.64 18.17
CA PHE E 14 30.18 -28.88 17.98
C PHE E 14 29.19 -29.75 17.23
N GLY E 15 27.96 -29.83 17.73
CA GLY E 15 26.99 -30.67 17.07
C GLY E 15 25.64 -30.60 17.77
N ARG E 16 24.76 -31.52 17.39
CA ARG E 16 23.38 -31.43 17.89
C ARG E 16 22.62 -32.73 17.67
N ASN E 17 21.61 -32.95 18.50
CA ASN E 17 20.47 -33.80 18.16
C ASN E 17 19.50 -33.01 17.29
N LEU E 18 18.99 -33.62 16.23
CA LEU E 18 17.82 -33.09 15.53
C LEU E 18 16.62 -33.94 15.93
N ASP E 19 15.71 -33.36 16.68
CA ASP E 19 14.50 -34.04 17.14
C ASP E 19 13.33 -33.53 16.31
N TYR E 20 12.65 -34.43 15.62
CA TYR E 20 11.49 -34.03 14.82
C TYR E 20 10.69 -35.28 14.48
N GLU E 21 9.52 -35.05 13.88
CA GLU E 21 8.66 -36.16 13.49
C GLU E 21 8.76 -36.50 12.00
N ILE E 22 9.35 -35.62 11.19
CA ILE E 22 9.49 -35.79 9.74
C ILE E 22 10.95 -35.58 9.36
N ALA E 23 11.49 -36.47 8.53
CA ALA E 23 12.80 -36.23 7.92
C ALA E 23 12.62 -35.46 6.62
N TYR E 24 13.67 -34.74 6.23
CA TYR E 24 13.59 -33.88 5.06
C TYR E 24 14.75 -34.10 4.11
N GLY E 25 15.25 -35.32 4.02
CA GLY E 25 16.32 -35.61 3.07
C GLY E 25 17.68 -35.12 3.47
N GLN E 26 17.98 -35.12 4.76
CA GLN E 26 19.29 -34.65 5.20
C GLN E 26 20.38 -35.63 4.78
N LYS E 27 21.54 -35.10 4.44
CA LYS E 27 22.71 -35.89 4.09
C LYS E 27 23.92 -35.23 4.75
N VAL E 28 25.06 -35.91 4.69
CA VAL E 28 26.33 -35.26 5.01
C VAL E 28 26.80 -34.52 3.75
N VAL E 29 27.04 -33.21 3.87
CA VAL E 29 27.43 -32.38 2.73
C VAL E 29 28.69 -31.59 3.05
N ILE E 30 29.70 -31.74 2.20
CA ILE E 30 30.89 -30.90 2.23
C ILE E 30 30.73 -29.88 1.12
N THR E 31 30.86 -28.60 1.45
CA THR E 31 30.90 -27.57 0.43
C THR E 31 32.32 -27.07 0.26
N PRO E 32 32.96 -27.33 -0.89
CA PRO E 32 34.36 -26.92 -1.06
C PRO E 32 34.48 -25.43 -1.26
N ARG E 33 35.72 -24.94 -1.21
CA ARG E 33 35.98 -23.50 -1.24
C ARG E 33 35.42 -22.83 -2.48
N ASN E 34 35.36 -23.52 -3.61
CA ASN E 34 35.00 -22.84 -4.86
C ASN E 34 33.62 -23.24 -5.36
N TYR E 35 32.76 -23.78 -4.49
CA TYR E 35 31.34 -23.84 -4.78
C TYR E 35 30.77 -22.42 -4.68
N GLU E 36 30.03 -21.99 -5.69
CA GLU E 36 29.51 -20.64 -5.71
C GLU E 36 28.21 -20.56 -4.91
N PHE E 37 28.24 -19.78 -3.82
CA PHE E 37 27.01 -19.45 -3.10
C PHE E 37 26.31 -18.30 -3.80
N LYS E 38 25.00 -18.43 -3.98
CA LYS E 38 24.17 -17.36 -4.52
C LYS E 38 23.11 -17.03 -3.48
N PHE E 39 23.23 -15.87 -2.86
CA PHE E 39 22.33 -15.44 -1.79
C PHE E 39 21.25 -14.52 -2.34
N ALA E 40 20.17 -14.39 -1.57
CA ALA E 40 19.01 -13.64 -2.03
C ALA E 40 19.23 -12.12 -1.99
N ASN E 41 19.99 -11.61 -1.01
CA ASN E 41 20.26 -10.18 -0.96
C ASN E 41 21.67 -9.90 -0.46
N LEU E 42 22.62 -10.79 -0.74
CA LEU E 42 24.02 -10.56 -0.46
C LEU E 42 24.82 -10.82 -1.73
N PRO E 43 25.99 -10.17 -1.89
CA PRO E 43 26.87 -10.47 -3.02
C PRO E 43 27.18 -11.96 -3.10
N ALA E 44 27.30 -12.46 -4.33
CA ALA E 44 27.65 -13.86 -4.51
C ALA E 44 29.06 -14.12 -3.98
N GLU E 45 29.29 -15.35 -3.51
CA GLU E 45 30.60 -15.75 -2.99
C GLU E 45 31.07 -16.97 -3.77
N LYS E 46 31.97 -16.75 -4.73
CA LYS E 46 32.51 -17.84 -5.53
C LYS E 46 33.77 -18.44 -4.91
N SER E 47 34.40 -17.75 -3.97
CA SER E 47 35.56 -18.26 -3.25
C SER E 47 35.33 -17.98 -1.77
N HIS E 48 35.50 -18.98 -0.92
CA HIS E 48 35.13 -18.84 0.49
C HIS E 48 35.67 -20.02 1.28
N TYR E 49 35.27 -20.12 2.55
CA TYR E 49 35.72 -21.20 3.40
C TYR E 49 34.98 -22.49 3.06
N ALA E 50 35.70 -23.61 3.13
CA ALA E 50 35.07 -24.91 3.01
C ALA E 50 34.37 -25.29 4.32
N MET E 51 33.28 -26.04 4.20
CA MET E 51 32.50 -26.43 5.38
C MET E 51 32.01 -27.86 5.21
N ILE E 52 31.66 -28.48 6.35
CA ILE E 52 31.10 -29.83 6.37
C ILE E 52 29.99 -29.84 7.41
N GLY E 53 28.87 -30.46 7.08
CA GLY E 53 27.79 -30.55 8.02
C GLY E 53 26.65 -31.39 7.48
N ILE E 54 25.50 -31.29 8.14
CA ILE E 54 24.31 -32.01 7.74
C ILE E 54 23.40 -31.06 6.98
N ALA E 55 22.98 -31.45 5.79
CA ALA E 55 22.15 -30.58 4.98
C ALA E 55 21.21 -31.40 4.12
N ALA E 56 20.08 -30.80 3.74
CA ALA E 56 19.35 -31.23 2.57
C ALA E 56 19.96 -30.55 1.33
N VAL E 57 19.91 -31.25 0.21
CA VAL E 57 20.39 -30.72 -1.07
C VAL E 57 19.20 -30.55 -2.00
N ALA E 58 18.98 -29.32 -2.45
CA ALA E 58 17.93 -29.04 -3.42
C ALA E 58 18.48 -28.04 -4.43
N ASN E 59 18.31 -28.34 -5.71
CA ASN E 59 18.81 -27.47 -6.76
C ASN E 59 20.29 -27.15 -6.56
N ASN E 60 21.09 -28.20 -6.38
CA ASN E 60 22.54 -28.08 -6.22
C ASN E 60 22.89 -27.04 -5.16
N THR E 61 22.09 -26.99 -4.10
CA THR E 61 22.22 -25.97 -3.06
C THR E 61 22.08 -26.59 -1.68
N PRO E 62 23.10 -26.47 -0.83
CA PRO E 62 23.05 -27.12 0.48
C PRO E 62 22.25 -26.26 1.47
N LEU E 63 21.20 -26.85 2.03
CA LEU E 63 20.39 -26.21 3.07
C LEU E 63 20.82 -26.78 4.40
N TYR E 64 21.81 -26.14 5.03
CA TYR E 64 22.45 -26.74 6.20
C TYR E 64 21.56 -26.64 7.43
N CYS E 65 21.55 -27.73 8.20
CA CYS E 65 20.96 -27.83 9.54
C CYS E 65 21.98 -27.46 10.60
N ASP E 66 23.23 -27.85 10.39
CA ASP E 66 24.35 -27.58 11.27
C ASP E 66 25.62 -27.92 10.52
N ALA E 67 26.66 -27.13 10.71
CA ALA E 67 27.90 -27.37 9.99
C ALA E 67 29.02 -26.64 10.71
N ILE E 68 30.24 -26.97 10.30
CA ILE E 68 31.45 -26.27 10.73
C ILE E 68 32.28 -25.97 9.48
N ASN E 69 33.11 -24.93 9.57
CA ASN E 69 33.96 -24.57 8.44
C ASN E 69 35.42 -24.94 8.74
N GLU E 70 36.26 -24.83 7.71
CA GLU E 70 37.64 -25.28 7.83
C GLU E 70 38.45 -24.49 8.85
N LYS E 71 37.95 -23.35 9.33
CA LYS E 71 38.65 -22.53 10.30
C LYS E 71 38.22 -22.82 11.74
N GLY E 72 37.30 -23.75 11.95
CA GLY E 72 36.87 -24.09 13.29
C GLY E 72 35.73 -23.26 13.82
N LEU E 73 34.91 -22.71 12.94
CA LEU E 73 33.68 -22.02 13.34
C LEU E 73 32.52 -22.95 13.07
N GLY E 74 31.57 -22.98 13.98
CA GLY E 74 30.41 -23.86 13.84
C GLY E 74 29.13 -23.08 14.05
N VAL E 75 28.10 -23.45 13.29
CA VAL E 75 26.76 -22.87 13.43
C VAL E 75 25.73 -24.00 13.35
N ALA E 76 24.82 -24.03 14.32
CA ALA E 76 23.72 -24.99 14.33
C ALA E 76 22.41 -24.22 14.35
N GLY E 77 21.49 -24.60 13.47
CA GLY E 77 20.15 -24.04 13.47
C GLY E 77 19.21 -24.98 14.21
N LEU E 78 18.41 -24.40 15.11
CA LEU E 78 17.50 -25.18 15.95
C LEU E 78 16.11 -24.59 15.85
N SER E 79 15.11 -25.47 15.86
CA SER E 79 13.73 -25.02 15.73
C SER E 79 13.36 -24.02 16.82
N PHE E 80 12.65 -22.97 16.42
CA PHE E 80 12.30 -21.89 17.33
C PHE E 80 10.84 -21.51 17.12
N ALA E 81 10.01 -22.49 16.77
CA ALA E 81 8.64 -22.21 16.36
C ALA E 81 7.86 -21.51 17.46
N GLY E 82 7.06 -20.51 17.07
CA GLY E 82 6.32 -19.72 18.01
C GLY E 82 7.10 -18.63 18.70
N GLN E 83 8.42 -18.59 18.54
CA GLN E 83 9.26 -17.53 19.09
C GLN E 83 9.92 -16.68 18.02
N GLY E 84 10.38 -17.31 16.94
CA GLY E 84 11.09 -16.57 15.92
C GLY E 84 10.19 -15.61 15.17
N LYS E 85 10.77 -14.49 14.75
CA LYS E 85 10.12 -13.62 13.77
C LYS E 85 11.16 -13.14 12.78
N TYR E 86 10.81 -13.25 11.50
CA TYR E 86 11.60 -12.75 10.39
C TYR E 86 10.94 -11.48 9.83
N PHE E 87 11.73 -10.71 9.08
CA PHE E 87 11.25 -9.40 8.70
C PHE E 87 11.47 -9.15 7.22
N PRO E 88 10.64 -8.30 6.60
CA PRO E 88 10.86 -7.93 5.20
C PRO E 88 12.24 -7.34 4.96
N VAL E 89 12.77 -7.55 3.76
CA VAL E 89 14.05 -6.95 3.40
C VAL E 89 13.93 -5.44 3.46
N VAL E 90 14.95 -4.79 4.03
CA VAL E 90 14.98 -3.33 4.13
C VAL E 90 16.36 -2.83 3.74
N GLU E 91 16.37 -1.64 3.12
CA GLU E 91 17.60 -1.12 2.51
C GLU E 91 18.63 -0.68 3.54
N ASP E 92 18.21 -0.38 4.77
CA ASP E 92 19.10 0.09 5.80
C ASP E 92 19.89 -1.03 6.50
N LYS E 93 19.64 -2.30 6.15
CA LYS E 93 20.22 -3.42 6.88
C LYS E 93 20.86 -4.40 5.91
N LYS E 94 21.74 -5.24 6.46
CA LYS E 94 22.28 -6.39 5.74
C LYS E 94 21.33 -7.56 5.94
N ASN E 95 20.68 -7.99 4.87
CA ASN E 95 19.61 -8.97 4.95
C ASN E 95 20.15 -10.36 4.65
N ILE E 96 20.04 -11.25 5.63
CA ILE E 96 20.39 -12.66 5.50
C ILE E 96 19.11 -13.46 5.65
N ALA E 97 18.79 -14.28 4.65
CA ALA E 97 17.64 -15.14 4.78
C ALA E 97 17.92 -16.23 5.81
N SER E 98 16.86 -16.71 6.46
CA SER E 98 17.05 -17.66 7.55
C SER E 98 17.70 -18.96 7.07
N PHE E 99 17.33 -19.44 5.88
CA PHE E 99 17.91 -20.67 5.38
C PHE E 99 19.34 -20.49 4.87
N GLU E 100 19.77 -19.26 4.60
CA GLU E 100 21.14 -18.99 4.19
C GLU E 100 22.07 -18.73 5.36
N PHE E 101 21.55 -18.64 6.58
CA PHE E 101 22.35 -18.11 7.68
C PHE E 101 23.59 -18.95 7.93
N ILE E 102 23.43 -20.28 8.00
CA ILE E 102 24.57 -21.13 8.29
C ILE E 102 25.59 -21.07 7.14
N SER E 103 25.11 -21.21 5.90
CA SER E 103 26.01 -21.11 4.73
C SER E 103 26.79 -19.81 4.72
N TYR E 104 26.09 -18.70 4.89
CA TYR E 104 26.74 -17.39 4.77
C TYR E 104 27.75 -17.18 5.89
N ILE E 105 27.36 -17.47 7.14
CA ILE E 105 28.25 -17.21 8.26
C ILE E 105 29.51 -18.07 8.17
N LEU E 106 29.35 -19.33 7.79
CA LEU E 106 30.49 -20.24 7.72
C LEU E 106 31.35 -19.97 6.49
N ALA E 107 30.75 -19.48 5.41
CA ALA E 107 31.53 -19.12 4.23
C ALA E 107 32.44 -17.92 4.47
N THR E 108 32.02 -17.03 5.37
CA THR E 108 32.54 -15.67 5.45
C THR E 108 33.38 -15.39 6.69
N TYR E 109 33.11 -16.05 7.82
CA TYR E 109 33.74 -15.69 9.08
C TYR E 109 34.49 -16.86 9.70
N GLU E 110 35.46 -16.53 10.54
CA GLU E 110 36.27 -17.53 11.23
C GLU E 110 35.93 -17.72 12.71
N THR E 111 35.51 -16.67 13.42
CA THR E 111 35.39 -16.76 14.88
C THR E 111 34.04 -16.24 15.35
N VAL E 112 33.68 -16.63 16.59
CA VAL E 112 32.46 -16.14 17.23
C VAL E 112 32.51 -14.63 17.39
N ASP E 113 33.67 -14.11 17.82
CA ASP E 113 33.84 -12.66 17.94
C ASP E 113 33.56 -11.95 16.62
N GLN E 114 34.06 -12.50 15.51
CA GLN E 114 33.79 -11.87 14.22
C GLN E 114 32.32 -11.91 13.89
N VAL E 115 31.66 -13.03 14.18
CA VAL E 115 30.22 -13.13 13.90
C VAL E 115 29.46 -12.09 14.71
N LYS E 116 29.84 -11.93 15.98
CA LYS E 116 29.18 -10.94 16.84
C LYS E 116 29.36 -9.52 16.28
N GLU E 117 30.61 -9.13 15.96
CA GLU E 117 30.86 -7.77 15.49
C GLU E 117 30.06 -7.44 14.25
N ASN E 118 29.77 -8.43 13.42
CA ASN E 118 29.24 -8.15 12.10
C ASN E 118 27.76 -8.46 11.98
N LEU E 119 27.12 -8.88 13.07
CA LEU E 119 25.67 -8.99 13.11
C LEU E 119 24.98 -7.69 13.50
N THR E 120 25.73 -6.63 13.81
CA THR E 120 25.12 -5.44 14.40
C THR E 120 24.15 -4.75 13.45
N ASP E 121 24.34 -4.89 12.14
CA ASP E 121 23.42 -4.26 11.18
C ASP E 121 22.60 -5.29 10.40
N VAL E 122 22.48 -6.52 10.92
CA VAL E 122 21.87 -7.61 10.18
C VAL E 122 20.38 -7.64 10.43
N ASN E 123 19.61 -7.94 9.39
CA ASN E 123 18.19 -8.27 9.47
C ASN E 123 18.00 -9.69 8.96
N ILE E 124 17.38 -10.56 9.75
CA ILE E 124 17.04 -11.89 9.25
C ILE E 124 15.77 -11.76 8.44
N SER E 125 15.88 -11.95 7.12
CA SER E 125 14.77 -11.64 6.23
C SER E 125 13.75 -12.77 6.22
N ASP E 126 12.53 -12.42 5.79
CA ASP E 126 11.46 -13.38 5.63
C ASP E 126 11.53 -14.16 4.31
N VAL E 127 12.69 -14.16 3.64
CA VAL E 127 12.82 -14.82 2.35
C VAL E 127 12.84 -16.34 2.56
N SER E 128 12.03 -17.06 1.77
CA SER E 128 12.00 -18.51 1.80
C SER E 128 12.91 -19.08 0.72
N PHE E 129 13.10 -20.40 0.76
CA PHE E 129 13.82 -21.06 -0.33
C PHE E 129 12.88 -21.48 -1.45
N SER E 130 11.63 -21.80 -1.12
CA SER E 130 10.62 -22.13 -2.11
C SER E 130 9.65 -20.94 -2.21
N LYS E 131 8.34 -21.15 -2.20
CA LYS E 131 7.39 -20.05 -2.36
C LYS E 131 5.98 -20.46 -1.98
N PRO E 134 7.07 -21.38 2.87
CA PRO E 134 7.45 -20.50 3.99
C PRO E 134 8.71 -21.00 4.72
N ALA E 135 9.56 -20.05 5.14
CA ALA E 135 10.75 -20.40 5.89
C ALA E 135 10.38 -20.87 7.29
N SER E 136 11.16 -21.83 7.79
CA SER E 136 10.94 -22.35 9.13
C SER E 136 11.56 -21.44 10.17
N GLU E 137 10.90 -21.35 11.32
CA GLU E 137 11.38 -20.49 12.40
C GLU E 137 12.54 -21.17 13.15
N LEU E 138 13.65 -20.46 13.24
CA LEU E 138 14.91 -20.99 13.76
C LEU E 138 15.58 -19.97 14.65
N HIS E 139 16.48 -20.46 15.50
CA HIS E 139 17.48 -19.62 16.14
C HIS E 139 18.77 -20.41 16.11
N TRP E 140 19.88 -19.77 16.46
CA TRP E 140 21.14 -20.41 16.14
C TRP E 140 22.08 -20.40 17.32
N LEU E 141 22.84 -21.47 17.44
CA LEU E 141 24.04 -21.52 18.25
C LEU E 141 25.24 -21.36 17.34
N VAL E 142 26.16 -20.47 17.71
CA VAL E 142 27.42 -20.27 17.01
C VAL E 142 28.54 -20.51 18.02
N GLY E 143 29.48 -21.39 17.69
CA GLY E 143 30.60 -21.66 18.56
C GLY E 143 31.86 -21.84 17.75
N ASP E 144 33.00 -21.83 18.45
CA ASP E 144 34.29 -21.95 17.79
C ASP E 144 35.29 -22.55 18.77
N LYS E 145 36.55 -22.65 18.33
CA LYS E 145 37.60 -23.32 19.07
C LYS E 145 38.09 -22.52 20.26
N THR E 146 37.59 -21.32 20.50
CA THR E 146 37.88 -20.68 21.78
C THR E 146 37.11 -21.33 22.92
N GLY E 147 36.13 -22.16 22.61
CA GLY E 147 35.28 -22.75 23.61
C GLY E 147 34.15 -21.85 24.06
N LYS E 148 33.90 -20.77 23.36
CA LYS E 148 32.80 -19.86 23.69
C LYS E 148 31.75 -19.92 22.58
N SER E 149 30.53 -19.51 22.92
CA SER E 149 29.43 -19.60 21.98
C SER E 149 28.49 -18.42 22.19
N ILE E 150 27.68 -18.14 21.17
CA ILE E 150 26.66 -17.11 21.23
C ILE E 150 25.37 -17.70 20.71
N VAL E 151 24.28 -17.08 21.09
CA VAL E 151 22.94 -17.44 20.64
C VAL E 151 22.40 -16.28 19.83
N VAL E 152 21.86 -16.59 18.65
CA VAL E 152 21.34 -15.60 17.74
C VAL E 152 19.85 -15.87 17.61
N GLU E 153 19.03 -14.89 18.00
CA GLU E 153 17.58 -15.02 17.93
C GLU E 153 17.00 -13.78 17.27
N SER E 154 16.16 -14.00 16.26
CA SER E 154 15.32 -12.95 15.71
C SER E 154 13.91 -13.18 16.24
N ASP E 155 13.42 -12.24 17.04
CA ASP E 155 12.07 -12.34 17.59
C ASP E 155 11.30 -11.06 17.29
N GLU E 156 10.15 -10.87 17.94
CA GLU E 156 9.30 -9.72 17.66
C GLU E 156 9.98 -8.40 18.00
N LYS E 157 11.02 -8.41 18.83
CA LYS E 157 11.77 -7.20 19.11
C LYS E 157 13.01 -7.07 18.25
N GLY E 158 13.16 -7.89 17.22
CA GLY E 158 14.28 -7.78 16.31
C GLY E 158 15.36 -8.81 16.59
N LEU E 159 16.58 -8.46 16.17
CA LEU E 159 17.71 -9.37 16.25
C LEU E 159 18.46 -9.16 17.56
N HIS E 160 18.75 -10.28 18.24
CA HIS E 160 19.52 -10.25 19.48
C HIS E 160 20.65 -11.26 19.40
N VAL E 161 21.79 -10.90 19.98
CA VAL E 161 22.91 -11.81 20.09
C VAL E 161 23.29 -11.88 21.56
N TYR E 162 23.26 -13.08 22.13
CA TYR E 162 23.54 -13.29 23.54
C TYR E 162 24.81 -14.10 23.71
N ASP E 163 25.66 -13.70 24.65
CA ASP E 163 26.72 -14.60 25.06
C ASP E 163 26.07 -15.79 25.76
N ASN E 164 26.63 -16.97 25.51
CA ASN E 164 26.05 -18.21 26.02
C ASN E 164 26.97 -18.78 27.08
N PRO E 165 26.66 -18.59 28.38
CA PRO E 165 27.55 -19.09 29.43
C PRO E 165 27.53 -20.59 29.59
N VAL E 166 26.57 -21.30 29.01
CA VAL E 166 26.46 -22.74 29.23
C VAL E 166 26.71 -23.55 27.96
N ASN E 167 26.90 -22.90 26.81
CA ASN E 167 27.36 -23.55 25.58
C ASN E 167 26.38 -24.60 25.07
N ALA E 168 25.08 -24.33 25.25
CA ALA E 168 24.04 -25.27 24.88
C ALA E 168 22.83 -24.47 24.46
N LEU E 169 21.96 -25.12 23.69
CA LEU E 169 20.75 -24.44 23.23
C LEU E 169 19.73 -25.52 22.87
N THR E 170 18.45 -25.25 23.16
CA THR E 170 17.40 -26.14 22.68
C THR E 170 16.44 -25.31 21.86
N ASN E 171 15.18 -25.23 22.25
CA ASN E 171 14.17 -24.53 21.46
C ASN E 171 13.67 -23.35 22.29
N ALA E 172 12.35 -23.19 22.39
CA ALA E 172 11.77 -22.11 23.18
C ALA E 172 11.99 -22.36 24.68
N PRO E 173 11.89 -21.32 25.52
CA PRO E 173 11.58 -19.90 25.26
C PRO E 173 12.78 -19.06 24.83
N LEU E 174 12.61 -17.74 24.83
CA LEU E 174 13.70 -16.84 24.50
C LEU E 174 14.89 -17.10 25.41
N PHE E 175 16.10 -16.90 24.88
CA PHE E 175 17.29 -17.36 25.60
C PHE E 175 17.42 -16.78 27.01
N PRO E 176 17.16 -15.49 27.26
CA PRO E 176 17.25 -15.00 28.66
C PRO E 176 16.36 -15.78 29.61
N GLN E 177 15.18 -16.20 29.15
CA GLN E 177 14.29 -17.01 29.98
C GLN E 177 14.87 -18.39 30.24
N GLN E 178 15.54 -18.99 29.25
CA GLN E 178 16.22 -20.26 29.48
C GLN E 178 17.27 -20.14 30.56
N LEU E 179 18.03 -19.04 30.56
CA LEU E 179 19.05 -18.85 31.59
C LEU E 179 18.41 -18.65 32.96
N THR E 180 17.31 -17.89 33.04
CA THR E 180 16.66 -17.67 34.32
C THR E 180 16.18 -18.98 34.93
N ASN E 181 15.59 -19.84 34.10
CA ASN E 181 15.09 -21.12 34.58
C ASN E 181 16.21 -22.01 35.13
N LEU E 182 17.45 -21.84 34.67
CA LEU E 182 18.55 -22.65 35.21
C LEU E 182 18.70 -22.44 36.71
N ALA E 183 18.46 -21.21 37.18
CA ALA E 183 18.66 -20.93 38.59
C ALA E 183 17.68 -21.70 39.46
N ASN E 184 16.56 -22.18 38.89
CA ASN E 184 15.62 -22.98 39.65
C ASN E 184 16.19 -24.33 40.06
N TYR E 185 17.34 -24.72 39.50
CA TYR E 185 17.98 -26.02 39.73
C TYR E 185 19.33 -25.87 40.42
N ALA E 186 19.60 -24.70 40.99
CA ALA E 186 20.89 -24.40 41.62
C ALA E 186 21.26 -25.38 42.74
N ALA E 187 20.28 -26.07 43.33
CA ALA E 187 20.60 -27.02 44.40
C ALA E 187 20.92 -28.42 43.89
N VAL E 188 20.78 -28.66 42.59
CA VAL E 188 21.12 -29.98 42.05
C VAL E 188 22.62 -30.22 42.20
N VAL E 189 22.98 -31.43 42.65
CA VAL E 189 24.37 -31.88 42.67
C VAL E 189 24.42 -33.30 42.13
N PRO E 190 25.55 -33.70 41.55
CA PRO E 190 25.65 -35.09 41.05
C PRO E 190 25.73 -36.12 42.15
N GLY E 191 26.18 -35.77 43.34
CA GLY E 191 26.31 -36.72 44.43
C GLY E 191 25.14 -36.64 45.40
N GLN E 192 25.46 -36.68 46.70
CA GLN E 192 24.45 -36.53 47.74
C GLN E 192 24.51 -35.15 48.35
N PRO E 193 23.38 -34.47 48.49
CA PRO E 193 23.39 -33.18 49.20
C PRO E 193 23.65 -33.37 50.68
N ASN E 194 24.17 -32.32 51.30
CA ASN E 194 24.24 -32.26 52.74
C ASN E 194 22.84 -31.96 53.27
N ASN E 195 22.49 -32.55 54.41
CA ASN E 195 21.14 -32.38 54.95
C ASN E 195 21.04 -31.08 55.72
N ASP E 196 20.74 -30.01 55.01
CA ASP E 196 20.26 -28.78 55.61
C ASP E 196 18.76 -28.60 55.38
N PHE E 197 18.11 -29.66 54.89
CA PHE E 197 16.66 -29.71 54.72
C PHE E 197 15.95 -29.88 56.06
N LEU E 198 16.30 -30.93 56.80
CA LEU E 198 15.76 -31.19 58.13
C LEU E 198 16.91 -31.40 59.09
N PRO E 199 17.61 -30.33 59.46
CA PRO E 199 18.75 -30.45 60.38
C PRO E 199 18.33 -31.15 61.66
N GLY E 200 19.19 -32.05 62.14
CA GLY E 200 18.89 -32.84 63.31
C GLY E 200 18.15 -34.14 63.04
N VAL E 201 17.75 -34.37 61.80
CA VAL E 201 17.08 -35.60 61.40
C VAL E 201 18.03 -36.39 60.50
N ASP E 202 18.15 -37.68 60.74
CA ASP E 202 18.96 -38.55 59.90
C ASP E 202 18.09 -39.07 58.76
N LEU E 203 18.33 -38.60 57.55
CA LEU E 203 17.51 -39.01 56.43
C LEU E 203 17.98 -40.35 55.86
N LYS E 204 17.06 -41.08 55.25
CA LYS E 204 17.35 -42.36 54.63
C LYS E 204 17.88 -42.09 53.23
N MET E 205 19.20 -41.90 53.11
CA MET E 205 19.81 -41.63 51.80
C MET E 205 19.92 -42.94 51.00
N TYR E 206 18.78 -43.38 50.47
CA TYR E 206 18.56 -44.75 50.05
C TYR E 206 19.11 -45.04 48.65
N SER E 207 19.41 -44.02 47.86
CA SER E 207 19.91 -44.19 46.50
C SER E 207 21.13 -43.30 46.28
N ARG E 208 22.00 -43.74 45.37
CA ARG E 208 23.05 -42.85 44.89
C ARG E 208 22.42 -41.67 44.15
N SER E 209 23.15 -40.55 44.14
CA SER E 209 22.79 -39.36 43.36
C SER E 209 21.39 -38.85 43.69
N LEU E 210 21.03 -38.85 44.97
CA LEU E 210 19.77 -38.18 45.34
C LEU E 210 19.84 -36.69 45.05
N GLY E 211 21.05 -36.13 44.91
CA GLY E 211 21.17 -34.74 44.50
C GLY E 211 20.60 -34.45 43.12
N THR E 212 20.38 -35.48 42.29
CA THR E 212 19.77 -35.25 40.99
C THR E 212 18.30 -35.64 40.95
N HIS E 213 17.64 -35.81 42.10
CA HIS E 213 16.25 -36.25 42.09
C HIS E 213 15.33 -35.26 41.37
N HIS E 214 15.65 -33.97 41.38
CA HIS E 214 14.82 -32.98 40.69
C HIS E 214 15.43 -32.52 39.37
N LEU E 215 16.41 -33.27 38.84
CA LEU E 215 16.94 -32.96 37.51
C LEU E 215 15.90 -33.32 36.44
N PRO E 216 15.62 -32.44 35.48
CA PRO E 216 14.51 -32.71 34.54
C PRO E 216 14.85 -33.81 33.54
N GLY E 217 13.87 -34.69 33.30
CA GLY E 217 13.99 -35.70 32.26
C GLY E 217 12.95 -35.62 31.16
N GLY E 218 12.18 -34.53 31.15
CA GLY E 218 11.14 -34.37 30.15
C GLY E 218 11.69 -34.20 28.75
N MET E 219 10.79 -34.35 27.78
CA MET E 219 11.12 -34.17 26.37
C MET E 219 10.94 -32.72 25.91
N ASP E 220 10.33 -31.88 26.74
CA ASP E 220 10.10 -30.48 26.40
C ASP E 220 11.40 -29.70 26.38
N SER E 221 11.34 -28.50 25.80
CA SER E 221 12.55 -27.75 25.47
C SER E 221 13.33 -27.35 26.72
N GLU E 222 12.63 -26.90 27.77
CA GLU E 222 13.31 -26.44 28.99
C GLU E 222 13.94 -27.60 29.75
N SER E 223 13.24 -28.73 29.84
CA SER E 223 13.80 -29.91 30.51
C SER E 223 15.07 -30.37 29.82
N ARG E 224 15.05 -30.48 28.49
CA ARG E 224 16.24 -30.89 27.76
C ARG E 224 17.37 -29.88 27.96
N PHE E 225 17.03 -28.59 28.02
CA PHE E 225 18.06 -27.56 28.18
C PHE E 225 18.76 -27.68 29.52
N VAL E 226 17.96 -27.77 30.60
CA VAL E 226 18.54 -27.88 31.93
C VAL E 226 19.41 -29.12 32.05
N LYS E 227 18.89 -30.27 31.62
CA LYS E 227 19.65 -31.52 31.76
C LYS E 227 20.92 -31.50 30.93
N VAL E 228 20.84 -31.04 29.68
CA VAL E 228 22.06 -31.10 28.87
C VAL E 228 23.10 -30.12 29.38
N CYS E 229 22.67 -29.01 29.98
CA CYS E 229 23.64 -28.07 30.54
C CYS E 229 24.42 -28.74 31.66
N PHE E 230 23.71 -29.54 32.46
CA PHE E 230 24.29 -30.31 33.56
C PHE E 230 25.24 -31.38 33.02
N ALA E 231 24.76 -32.17 32.05
CA ALA E 231 25.60 -33.23 31.50
C ALA E 231 26.87 -32.68 30.85
N LEU E 232 26.72 -31.59 30.09
CA LEU E 232 27.86 -30.97 29.44
C LEU E 232 28.86 -30.44 30.47
N ASN E 233 28.34 -29.71 31.47
CA ASN E 233 29.21 -29.09 32.46
C ASN E 233 30.05 -30.12 33.23
N HIS E 234 29.48 -31.30 33.50
CA HIS E 234 30.11 -32.32 34.32
C HIS E 234 30.82 -33.39 33.51
N ALA E 235 30.84 -33.28 32.19
CA ALA E 235 31.44 -34.33 31.36
C ALA E 235 32.97 -34.35 31.52
N PRO E 236 33.62 -35.46 31.18
CA PRO E 236 35.08 -35.55 31.33
C PRO E 236 35.82 -34.51 30.48
N LYS E 237 37.04 -34.20 30.89
CA LYS E 237 37.94 -33.33 30.15
C LYS E 237 39.27 -34.05 29.92
N ASP E 238 40.13 -33.40 29.13
CA ASP E 238 41.49 -33.89 28.86
C ASP E 238 41.49 -35.19 28.07
N SER E 239 40.46 -35.44 27.29
CA SER E 239 40.33 -36.68 26.56
C SER E 239 40.94 -36.55 25.17
N ASP E 240 41.41 -37.67 24.63
CA ASP E 240 41.88 -37.74 23.25
C ASP E 240 40.67 -37.85 22.32
N GLU E 241 40.93 -38.12 21.04
CA GLU E 241 39.89 -37.95 20.03
C GLU E 241 38.71 -38.90 20.25
N VAL E 242 38.99 -40.21 20.29
CA VAL E 242 37.87 -41.16 20.33
C VAL E 242 37.12 -41.06 21.63
N GLU E 243 37.84 -40.90 22.74
CA GLU E 243 37.18 -40.77 24.04
C GLU E 243 36.31 -39.52 24.08
N SER E 244 36.77 -38.44 23.44
CA SER E 244 36.00 -37.19 23.41
C SER E 244 34.72 -37.36 22.62
N VAL E 245 34.81 -37.99 21.44
CA VAL E 245 33.64 -38.23 20.60
C VAL E 245 32.63 -39.10 21.33
N THR E 246 33.12 -40.13 22.01
CA THR E 246 32.24 -41.01 22.76
C THR E 246 31.49 -40.23 23.82
N ASN E 247 32.20 -39.39 24.58
CA ASN E 247 31.54 -38.63 25.64
C ASN E 247 30.57 -37.62 25.06
N PHE E 248 30.92 -37.01 23.92
CA PHE E 248 30.01 -36.08 23.25
C PHE E 248 28.67 -36.76 22.94
N PHE E 249 28.71 -37.93 22.32
CA PHE E 249 27.48 -38.62 21.99
C PHE E 249 26.67 -38.98 23.23
N HIS E 250 27.34 -39.33 24.34
CA HIS E 250 26.61 -39.65 25.56
C HIS E 250 25.91 -38.41 26.13
N ILE E 251 26.55 -37.24 26.05
CA ILE E 251 25.92 -36.01 26.55
C ILE E 251 24.58 -35.78 25.84
N LEU E 252 24.60 -35.86 24.51
CA LEU E 252 23.36 -35.63 23.77
C LEU E 252 22.40 -36.79 23.96
N GLN E 253 22.93 -37.99 24.17
CA GLN E 253 22.12 -39.15 24.52
C GLN E 253 21.33 -38.92 25.79
N SER E 254 21.90 -38.18 26.74
CA SER E 254 21.22 -37.89 28.00
C SER E 254 19.89 -37.18 27.80
N VAL E 255 19.72 -36.48 26.67
CA VAL E 255 18.50 -35.75 26.39
C VAL E 255 17.86 -36.23 25.09
N GLU E 256 18.14 -37.47 24.72
CA GLU E 256 17.56 -38.03 23.51
C GLU E 256 16.07 -38.24 23.69
N GLN E 257 15.33 -38.11 22.59
CA GLN E 257 13.89 -38.31 22.58
C GLN E 257 13.58 -39.65 21.95
N VAL E 258 13.03 -40.57 22.74
CA VAL E 258 12.65 -41.90 22.30
C VAL E 258 11.25 -41.84 21.70
N LYS E 259 11.04 -42.62 20.64
CA LYS E 259 9.71 -42.68 20.02
C LYS E 259 8.67 -43.07 21.04
N GLY E 260 7.62 -42.24 21.15
CA GLY E 260 6.50 -42.50 22.03
C GLY E 260 6.36 -41.52 23.18
N MET E 261 7.45 -40.86 23.57
CA MET E 261 7.43 -39.97 24.73
C MET E 261 7.08 -38.52 24.40
N ASP E 262 7.25 -38.09 23.15
CA ASP E 262 6.95 -36.71 22.75
C ASP E 262 5.87 -36.78 21.68
N GLU E 263 4.62 -36.63 22.08
CA GLU E 263 3.49 -36.78 21.18
C GLU E 263 3.12 -35.42 20.63
N VAL E 264 3.33 -35.22 19.33
CA VAL E 264 3.06 -33.96 18.66
C VAL E 264 1.82 -34.04 17.78
N GLY E 265 1.16 -35.18 17.76
CA GLY E 265 -0.08 -35.36 17.02
C GLY E 265 -0.59 -36.75 17.29
N PRO E 266 -1.82 -37.04 16.88
CA PRO E 266 -2.38 -38.38 17.06
C PRO E 266 -1.48 -39.46 16.47
N ASN E 267 -0.79 -40.20 17.34
CA ASN E 267 0.15 -41.26 16.97
C ASN E 267 1.33 -40.75 16.15
N ILE E 268 1.67 -39.46 16.29
CA ILE E 268 2.82 -38.86 15.63
C ILE E 268 3.78 -38.38 16.71
N PHE E 269 5.06 -38.74 16.59
CA PHE E 269 6.02 -38.54 17.67
C PHE E 269 7.27 -37.86 17.16
N GLU E 270 7.77 -36.93 17.98
CA GLU E 270 9.04 -36.28 17.73
C GLU E 270 10.14 -37.08 18.43
N TYR E 271 11.19 -37.41 17.68
CA TYR E 271 12.25 -38.25 18.23
C TYR E 271 13.58 -37.78 17.68
N THR E 272 14.67 -38.27 18.27
CA THR E 272 16.00 -37.81 17.87
C THR E 272 16.39 -38.55 16.59
N MET E 273 16.29 -37.85 15.46
CA MET E 273 16.54 -38.46 14.17
C MET E 273 18.02 -38.65 13.90
N TYR E 274 18.86 -37.68 14.26
CA TYR E 274 20.29 -37.88 14.10
C TYR E 274 21.05 -37.07 15.13
N THR E 275 22.31 -37.43 15.30
CA THR E 275 23.22 -36.75 16.21
C THR E 275 24.53 -36.50 15.46
N SER E 276 24.92 -35.23 15.36
CA SER E 276 26.16 -34.85 14.70
C SER E 276 27.16 -34.36 15.75
N CYS E 277 28.42 -34.66 15.49
CA CYS E 277 29.53 -34.25 16.35
C CYS E 277 30.68 -33.87 15.43
N MET E 278 31.10 -32.60 15.47
CA MET E 278 32.09 -32.11 14.51
C MET E 278 33.29 -31.56 15.25
N ASN E 279 34.47 -32.12 14.96
CA ASN E 279 35.71 -31.66 15.56
C ASN E 279 36.15 -30.38 14.83
N LEU E 280 36.16 -29.26 15.56
CA LEU E 280 36.45 -27.97 14.95
C LEU E 280 37.90 -27.86 14.51
N GLU E 281 38.82 -28.44 15.29
CA GLU E 281 40.23 -28.41 14.94
C GLU E 281 40.52 -29.22 13.68
N LYS E 282 39.84 -30.35 13.52
CA LYS E 282 40.21 -31.35 12.54
C LYS E 282 39.27 -31.44 11.35
N GLY E 283 38.10 -30.82 11.41
CA GLY E 283 37.17 -30.88 10.30
C GLY E 283 36.59 -32.23 10.04
N ILE E 284 36.39 -33.04 11.09
CA ILE E 284 35.82 -34.38 10.98
C ILE E 284 34.40 -34.33 11.56
N LEU E 285 33.43 -34.77 10.76
CA LEU E 285 32.04 -34.92 11.21
C LEU E 285 31.80 -36.37 11.61
N TYR E 286 31.41 -36.59 12.86
CA TYR E 286 30.95 -37.90 13.31
C TYR E 286 29.43 -37.87 13.49
N PHE E 287 28.76 -38.97 13.14
CA PHE E 287 27.30 -38.95 13.22
C PHE E 287 26.75 -40.35 13.47
N ASN E 288 25.56 -40.39 14.07
CA ASN E 288 24.72 -41.59 14.00
C ASN E 288 23.26 -41.13 13.94
N CYS E 289 22.34 -42.08 13.98
CA CYS E 289 20.94 -41.74 13.79
C CYS E 289 20.07 -42.71 14.58
N TYR E 290 18.76 -42.50 14.52
CA TYR E 290 17.86 -43.31 15.35
C TYR E 290 18.00 -44.79 15.01
N ASP E 291 18.16 -45.12 13.73
CA ASP E 291 18.17 -46.51 13.32
C ASP E 291 19.56 -47.13 13.32
N ASP E 292 20.62 -46.36 13.47
CA ASP E 292 21.98 -46.90 13.44
C ASP E 292 22.76 -46.31 14.61
N SER E 293 23.06 -47.14 15.58
CA SER E 293 23.81 -46.79 16.76
C SER E 293 25.30 -46.60 16.48
N ARG E 294 25.84 -47.24 15.45
CA ARG E 294 27.26 -47.16 15.20
C ARG E 294 27.61 -45.76 14.74
N ILE E 295 28.76 -45.27 15.18
CA ILE E 295 29.21 -43.93 14.81
C ILE E 295 29.96 -44.01 13.47
N SER E 296 29.65 -43.09 12.57
CA SER E 296 30.35 -42.92 11.29
C SER E 296 31.17 -41.64 11.30
N ALA E 297 32.18 -41.58 10.42
CA ALA E 297 33.06 -40.41 10.38
C ALA E 297 33.41 -40.03 8.94
N VAL E 298 33.25 -38.74 8.63
CA VAL E 298 33.66 -38.15 7.36
C VAL E 298 34.65 -37.05 7.67
N ASP E 299 35.84 -37.13 7.08
CA ASP E 299 36.88 -36.11 7.26
C ASP E 299 36.82 -35.15 6.07
N MET E 300 36.57 -33.87 6.34
CA MET E 300 36.53 -32.89 5.27
C MET E 300 37.87 -32.79 4.56
N ASN E 301 38.97 -32.96 5.27
CA ASN E 301 40.30 -32.69 4.74
C ASN E 301 40.86 -33.85 3.93
N LYS E 302 40.15 -34.98 3.88
CA LYS E 302 40.44 -36.05 2.94
C LYS E 302 39.79 -35.82 1.59
N GLU E 303 39.31 -34.61 1.34
CA GLU E 303 38.72 -34.25 0.06
C GLU E 303 39.51 -33.12 -0.56
N ASP E 304 39.22 -32.87 -1.83
CA ASP E 304 39.79 -31.74 -2.56
C ASP E 304 38.92 -30.53 -2.27
N LEU E 305 39.41 -29.67 -1.37
CA LEU E 305 38.63 -28.51 -0.96
C LEU E 305 38.78 -27.33 -1.92
N SER E 306 39.78 -27.36 -2.82
CA SER E 306 39.79 -26.39 -3.90
C SER E 306 38.76 -26.71 -4.98
N SER E 307 38.02 -27.81 -4.83
CA SER E 307 37.08 -28.24 -5.86
C SER E 307 35.87 -27.31 -5.86
N SER E 308 34.87 -27.67 -6.67
CA SER E 308 33.76 -26.77 -6.96
C SER E 308 32.39 -27.40 -6.79
N ASP E 309 32.30 -28.72 -6.60
CA ASP E 309 31.05 -29.43 -6.52
C ASP E 309 30.79 -29.87 -5.07
N LEU E 310 29.52 -30.00 -4.72
CA LEU E 310 29.16 -30.53 -3.40
C LEU E 310 29.56 -31.99 -3.31
N ILE E 311 30.09 -32.39 -2.15
CA ILE E 311 30.48 -33.77 -1.86
C ILE E 311 29.52 -34.31 -0.82
N VAL E 312 28.80 -35.37 -1.17
CA VAL E 312 27.62 -35.80 -0.41
C VAL E 312 27.81 -37.24 0.05
N PHE E 313 27.41 -37.50 1.29
CA PHE E 313 27.45 -38.85 1.86
C PHE E 313 26.13 -39.15 2.55
N ASP E 314 25.86 -40.44 2.73
CA ASP E 314 24.64 -40.87 3.40
C ASP E 314 24.69 -40.55 4.89
N LEU E 315 23.60 -40.02 5.43
CA LEU E 315 23.43 -39.80 6.86
C LEU E 315 22.64 -40.92 7.50
N PHE E 316 21.41 -41.14 7.02
CA PHE E 316 20.54 -42.14 7.61
C PHE E 316 20.92 -43.53 7.14
N LYS E 317 21.14 -44.42 8.09
CA LYS E 317 21.63 -45.77 7.80
C LYS E 317 20.85 -46.77 8.64
N LYS E 318 20.85 -48.03 8.18
CA LYS E 318 20.26 -49.11 8.93
C LYS E 318 21.17 -49.50 10.09
N GLN E 319 20.59 -50.22 11.05
CA GLN E 319 21.35 -50.70 12.20
C GLN E 319 22.50 -51.59 11.76
N ASP E 320 23.72 -51.21 12.13
CA ASP E 320 24.94 -51.88 11.67
C ASP E 320 25.44 -52.79 12.78
N ILE E 321 24.91 -54.01 12.82
CA ILE E 321 25.14 -54.95 13.92
C ILE E 321 26.36 -55.80 13.61
N SER E 322 27.27 -55.90 14.58
CA SER E 322 28.46 -56.74 14.45
C SER E 322 28.13 -58.14 14.98
N PHE E 323 27.99 -59.10 14.07
CA PHE E 323 27.62 -60.46 14.48
C PHE E 323 28.88 -61.24 14.86
N ILE E 324 28.95 -61.65 16.12
CA ILE E 324 30.20 -62.14 16.71
C ILE E 324 30.46 -63.60 16.33
N ASN E 325 29.43 -64.44 16.31
CA ASN E 325 29.60 -65.84 15.98
C ASN E 325 28.71 -66.22 14.80
N HIS E 326 28.99 -67.39 14.21
CA HIS E 326 28.41 -67.77 12.93
C HIS E 326 28.13 -69.27 12.85
N HIS E 327 27.46 -69.64 11.77
CA HIS E 327 27.37 -71.02 11.28
C HIS E 327 26.37 -71.82 12.11
N CYS F 2 -19.14 17.36 -6.40
CA CYS F 2 -20.44 18.04 -6.36
C CYS F 2 -21.41 17.37 -7.33
N THR F 3 -22.70 17.38 -6.98
CA THR F 3 -23.74 16.82 -7.84
C THR F 3 -24.96 17.73 -7.79
N SER F 4 -25.43 18.20 -8.94
CA SER F 4 -26.59 19.07 -9.03
C SER F 4 -27.62 18.44 -9.95
N ILE F 5 -28.91 18.67 -9.66
CA ILE F 5 -29.99 18.06 -10.43
C ILE F 5 -31.17 19.03 -10.54
N LEU F 6 -31.96 18.82 -11.59
CA LEU F 6 -33.28 19.42 -11.75
C LEU F 6 -34.27 18.26 -11.83
N TYR F 7 -35.27 18.29 -10.95
CA TYR F 7 -36.20 17.18 -10.72
C TYR F 7 -37.61 17.74 -10.93
N SER F 8 -38.38 17.10 -11.82
CA SER F 8 -39.67 17.64 -12.28
C SER F 8 -40.85 16.71 -12.05
N PRO F 9 -41.10 16.29 -10.81
CA PRO F 9 -42.25 15.40 -10.58
C PRO F 9 -43.60 16.07 -10.81
N LYS F 10 -43.71 17.36 -10.50
CA LYS F 10 -44.94 18.11 -10.68
C LYS F 10 -44.59 19.58 -10.58
N ASP F 11 -44.32 20.05 -9.37
CA ASP F 11 -43.47 21.21 -9.20
C ASP F 11 -42.06 20.84 -9.64
N HIS F 12 -41.16 21.84 -9.66
CA HIS F 12 -39.81 21.65 -10.16
C HIS F 12 -38.83 22.00 -9.05
N TYR F 13 -37.85 21.13 -8.85
CA TYR F 13 -36.95 21.23 -7.71
C TYR F 13 -35.51 21.28 -8.22
N PHE F 14 -34.72 22.18 -7.68
CA PHE F 14 -33.37 22.44 -8.16
C PHE F 14 -32.45 22.54 -6.97
N GLY F 15 -31.31 21.85 -7.03
CA GLY F 15 -30.42 21.83 -5.89
C GLY F 15 -29.22 20.94 -6.13
N ARG F 16 -28.47 20.70 -5.06
CA ARG F 16 -27.18 20.03 -5.25
C ARG F 16 -26.66 19.49 -3.92
N ASN F 17 -25.80 18.48 -4.03
CA ASN F 17 -24.80 18.19 -3.01
C ASN F 17 -23.58 19.09 -3.21
N LEU F 18 -23.06 19.67 -2.14
CA LEU F 18 -21.74 20.30 -2.17
C LEU F 18 -20.77 19.38 -1.44
N ASP F 19 -19.85 18.77 -2.20
CA ASP F 19 -18.86 17.86 -1.64
C ASP F 19 -17.49 18.53 -1.64
N TYR F 20 -16.85 18.59 -0.48
CA TYR F 20 -15.54 19.23 -0.37
C TYR F 20 -14.95 18.82 0.98
N GLU F 21 -13.69 19.18 1.20
CA GLU F 21 -13.03 18.81 2.46
C GLU F 21 -13.13 19.90 3.52
N ILE F 22 -13.48 21.12 3.14
CA ILE F 22 -13.48 22.25 4.06
C ILE F 22 -14.65 23.15 3.71
N ALA F 23 -15.33 23.66 4.74
CA ALA F 23 -16.42 24.61 4.54
C ALA F 23 -15.88 26.02 4.40
N TYR F 24 -16.68 26.87 3.79
CA TYR F 24 -16.30 28.26 3.54
C TYR F 24 -17.35 29.20 4.08
N GLY F 25 -17.86 28.89 5.26
CA GLY F 25 -18.85 29.74 5.91
C GLY F 25 -20.12 29.93 5.12
N GLN F 26 -20.57 28.88 4.43
CA GLN F 26 -21.83 28.95 3.71
C GLN F 26 -23.01 29.08 4.67
N LYS F 27 -24.01 29.83 4.24
CA LYS F 27 -25.23 30.09 5.00
C LYS F 27 -26.41 30.02 4.03
N VAL F 28 -27.60 30.10 4.57
CA VAL F 28 -28.78 30.34 3.74
C VAL F 28 -28.89 31.84 3.60
N VAL F 29 -28.97 32.34 2.37
CA VAL F 29 -28.98 33.78 2.12
C VAL F 29 -30.12 34.11 1.16
N ILE F 30 -31.01 35.00 1.60
CA ILE F 30 -31.99 35.62 0.72
C ILE F 30 -31.43 36.98 0.31
N THR F 31 -31.39 37.24 -0.99
CA THR F 31 -31.02 38.57 -1.48
C THR F 31 -32.28 39.24 -1.97
N PRO F 32 -32.78 40.27 -1.30
CA PRO F 32 -34.03 40.91 -1.71
C PRO F 32 -33.84 41.81 -2.92
N ARG F 33 -34.97 42.32 -3.43
CA ARG F 33 -34.98 43.00 -4.71
C ARG F 33 -34.16 44.28 -4.73
N ASN F 34 -33.92 44.90 -3.58
CA ASN F 34 -33.26 46.20 -3.55
C ASN F 34 -31.92 46.16 -2.82
N TYR F 35 -31.39 44.96 -2.54
CA TYR F 35 -29.95 44.86 -2.35
C TYR F 35 -29.26 45.28 -3.64
N GLU F 36 -28.27 46.16 -3.54
CA GLU F 36 -27.59 46.68 -4.72
C GLU F 36 -26.38 45.80 -5.02
N PHE F 37 -26.43 45.08 -6.15
CA PHE F 37 -25.29 44.30 -6.63
C PHE F 37 -24.28 45.24 -7.27
N LYS F 38 -23.04 45.20 -6.79
CA LYS F 38 -21.94 45.93 -7.44
C LYS F 38 -21.11 44.91 -8.22
N PHE F 39 -21.41 44.76 -9.50
CA PHE F 39 -20.68 43.82 -10.32
C PHE F 39 -19.34 44.40 -10.74
N ALA F 40 -18.37 43.51 -11.01
CA ALA F 40 -17.02 43.94 -11.26
C ALA F 40 -16.91 44.78 -12.53
N ASN F 41 -17.58 44.35 -13.61
CA ASN F 41 -17.45 44.99 -14.90
C ASN F 41 -18.80 45.10 -15.60
N LEU F 42 -19.87 45.24 -14.83
CA LEU F 42 -21.21 45.38 -15.35
C LEU F 42 -21.88 46.51 -14.57
N PRO F 43 -22.87 47.16 -15.16
CA PRO F 43 -23.56 48.23 -14.44
C PRO F 43 -24.19 47.68 -13.17
N ALA F 44 -24.11 48.46 -12.10
CA ALA F 44 -24.72 48.06 -10.83
C ALA F 44 -26.23 47.94 -10.97
N GLU F 45 -26.81 47.01 -10.22
CA GLU F 45 -28.24 46.71 -10.30
C GLU F 45 -28.84 46.92 -8.91
N LYS F 46 -29.47 48.09 -8.72
CA LYS F 46 -30.12 48.44 -7.47
C LYS F 46 -31.56 47.93 -7.38
N SER F 47 -32.12 47.42 -8.48
CA SER F 47 -33.45 46.83 -8.48
C SER F 47 -33.42 45.60 -9.37
N HIS F 48 -33.78 44.44 -8.82
CA HIS F 48 -33.63 43.18 -9.53
C HIS F 48 -34.53 42.13 -8.88
N TYR F 49 -34.51 40.93 -9.44
CA TYR F 49 -35.25 39.82 -8.86
C TYR F 49 -34.67 39.40 -7.51
N ALA F 50 -35.55 38.97 -6.62
CA ALA F 50 -35.09 38.41 -5.35
C ALA F 50 -34.64 36.96 -5.56
N MET F 51 -33.75 36.51 -4.68
CA MET F 51 -33.24 35.15 -4.83
C MET F 51 -32.97 34.55 -3.46
N ILE F 52 -32.88 33.23 -3.44
CA ILE F 52 -32.56 32.48 -2.22
C ILE F 52 -31.65 31.33 -2.59
N GLY F 53 -30.66 31.07 -1.75
CA GLY F 53 -29.80 29.93 -1.98
C GLY F 53 -28.79 29.81 -0.86
N ILE F 54 -27.71 29.07 -1.13
CA ILE F 54 -26.63 28.90 -0.17
C ILE F 54 -25.47 29.74 -0.66
N ALA F 55 -24.90 30.54 0.26
CA ALA F 55 -23.86 31.48 -0.11
C ALA F 55 -22.97 31.74 1.08
N ALA F 56 -21.71 32.07 0.81
CA ALA F 56 -20.95 32.76 1.83
C ALA F 56 -21.28 34.25 1.77
N VAL F 57 -21.05 34.95 2.87
CA VAL F 57 -21.22 36.40 2.94
C VAL F 57 -19.90 37.02 3.33
N ALA F 58 -19.36 37.86 2.46
CA ALA F 58 -18.15 38.62 2.77
C ALA F 58 -18.38 40.05 2.36
N ASN F 59 -18.08 40.98 3.27
CA ASN F 59 -18.24 42.42 3.03
C ASN F 59 -19.61 42.71 2.42
N ASN F 60 -20.65 42.15 3.06
CA ASN F 60 -22.05 42.39 2.69
C ASN F 60 -22.31 42.02 1.24
N THR F 61 -21.65 40.96 0.76
CA THR F 61 -21.83 40.48 -0.59
C THR F 61 -22.15 38.99 -0.53
N PRO F 62 -23.24 38.54 -1.16
CA PRO F 62 -23.54 37.10 -1.20
C PRO F 62 -22.72 36.42 -2.28
N LEU F 63 -21.93 35.42 -1.90
CA LEU F 63 -21.12 34.64 -2.84
C LEU F 63 -21.82 33.29 -2.99
N TYR F 64 -22.74 33.21 -3.96
CA TYR F 64 -23.65 32.08 -4.03
C TYR F 64 -22.94 30.82 -4.54
N CYS F 65 -23.34 29.68 -3.96
CA CYS F 65 -22.97 28.36 -4.45
C CYS F 65 -24.04 27.80 -5.37
N ASP F 66 -25.30 28.03 -5.01
CA ASP F 66 -26.46 27.60 -5.78
C ASP F 66 -27.64 28.39 -5.22
N ALA F 67 -28.60 28.68 -6.08
CA ALA F 67 -29.67 29.59 -5.68
C ALA F 67 -30.77 29.55 -6.75
N ILE F 68 -31.95 30.07 -6.37
CA ILE F 68 -33.07 30.24 -7.28
C ILE F 68 -33.62 31.64 -7.08
N ASN F 69 -34.27 32.17 -8.10
CA ASN F 69 -34.85 33.51 -7.96
C ASN F 69 -36.37 33.41 -7.86
N GLU F 70 -37.01 34.56 -7.61
CA GLU F 70 -38.45 34.59 -7.38
C GLU F 70 -39.26 34.14 -8.59
N LYS F 71 -38.64 34.05 -9.76
CA LYS F 71 -39.32 33.73 -11.01
C LYS F 71 -39.17 32.28 -11.45
N GLY F 72 -38.50 31.45 -10.64
CA GLY F 72 -38.35 30.04 -10.99
C GLY F 72 -37.14 29.69 -11.81
N LEU F 73 -36.11 30.55 -11.81
CA LEU F 73 -34.83 30.24 -12.45
C LEU F 73 -33.86 29.76 -11.38
N GLY F 74 -33.02 28.78 -11.74
CA GLY F 74 -32.04 28.25 -10.81
C GLY F 74 -30.67 28.09 -11.44
N VAL F 75 -29.62 28.41 -10.69
CA VAL F 75 -28.25 28.23 -11.14
C VAL F 75 -27.46 27.61 -10.00
N ALA F 76 -26.64 26.61 -10.32
CA ALA F 76 -25.73 25.99 -9.36
C ALA F 76 -24.31 26.03 -9.92
N GLY F 77 -23.37 26.49 -9.10
CA GLY F 77 -21.96 26.43 -9.46
C GLY F 77 -21.34 25.16 -8.89
N LEU F 78 -20.64 24.42 -9.74
CA LEU F 78 -20.01 23.16 -9.37
C LEU F 78 -18.53 23.24 -9.69
N SER F 79 -17.72 22.69 -8.80
CA SER F 79 -16.28 22.68 -9.00
C SER F 79 -15.91 22.06 -10.34
N PHE F 80 -14.93 22.66 -11.00
CA PHE F 80 -14.49 22.29 -12.34
C PHE F 80 -12.99 22.34 -12.43
N ALA F 81 -12.31 22.07 -11.32
CA ALA F 81 -10.84 22.21 -11.26
C ALA F 81 -10.18 21.35 -12.33
N GLY F 82 -9.17 21.92 -12.97
CA GLY F 82 -8.45 21.24 -14.02
C GLY F 82 -9.09 21.32 -15.39
N GLN F 83 -10.34 21.78 -15.48
CA GLN F 83 -11.03 21.94 -16.76
C GLN F 83 -11.37 23.40 -17.06
N GLY F 84 -11.72 24.18 -16.03
CA GLY F 84 -12.18 25.53 -16.26
C GLY F 84 -11.05 26.45 -16.68
N LYS F 85 -11.40 27.45 -17.48
CA LYS F 85 -10.48 28.52 -17.82
C LYS F 85 -11.31 29.80 -17.93
N TYR F 86 -10.85 30.84 -17.26
CA TYR F 86 -11.42 32.17 -17.39
C TYR F 86 -10.46 33.06 -18.17
N PHE F 87 -10.96 34.22 -18.60
CA PHE F 87 -10.20 35.03 -19.54
C PHE F 87 -10.17 36.48 -19.09
N PRO F 88 -9.13 37.22 -19.47
CA PRO F 88 -9.03 38.62 -19.04
C PRO F 88 -10.23 39.43 -19.51
N VAL F 89 -10.55 40.47 -18.73
CA VAL F 89 -11.61 41.39 -19.11
C VAL F 89 -11.27 42.02 -20.46
N VAL F 90 -12.27 42.10 -21.34
CA VAL F 90 -12.09 42.67 -22.67
C VAL F 90 -13.19 43.70 -22.93
N GLU F 91 -12.88 44.68 -23.78
CA GLU F 91 -13.79 45.79 -24.01
C GLU F 91 -14.96 45.43 -24.90
N ASP F 92 -14.91 44.30 -25.61
CA ASP F 92 -15.92 43.99 -26.61
C ASP F 92 -16.77 42.77 -26.25
N LYS F 93 -16.74 42.34 -25.00
CA LYS F 93 -17.63 41.29 -24.51
C LYS F 93 -18.31 41.78 -23.24
N LYS F 94 -19.38 41.11 -22.87
CA LYS F 94 -19.98 41.32 -21.56
C LYS F 94 -19.23 40.43 -20.57
N ASN F 95 -18.54 41.05 -19.61
CA ASN F 95 -17.65 40.33 -18.71
C ASN F 95 -18.40 40.00 -17.41
N ILE F 96 -18.52 38.72 -17.10
CA ILE F 96 -19.13 38.24 -15.86
C ILE F 96 -18.07 37.49 -15.09
N ALA F 97 -17.76 37.95 -13.89
CA ALA F 97 -16.80 37.21 -13.07
C ALA F 97 -17.43 35.93 -12.55
N SER F 98 -16.59 34.90 -12.35
CA SER F 98 -17.12 33.59 -12.01
C SER F 98 -17.88 33.60 -10.69
N PHE F 99 -17.38 34.34 -9.69
CA PHE F 99 -18.05 34.39 -8.39
C PHE F 99 -19.37 35.15 -8.44
N GLU F 100 -19.59 36.00 -9.44
CA GLU F 100 -20.84 36.74 -9.53
C GLU F 100 -21.79 36.16 -10.57
N PHE F 101 -21.43 35.04 -11.21
CA PHE F 101 -22.26 34.50 -12.29
C PHE F 101 -23.68 34.15 -11.80
N ILE F 102 -23.79 33.46 -10.66
CA ILE F 102 -25.11 33.10 -10.16
C ILE F 102 -25.93 34.35 -9.84
N SER F 103 -25.32 35.30 -9.14
CA SER F 103 -26.03 36.54 -8.77
C SER F 103 -26.53 37.29 -9.99
N TYR F 104 -25.66 37.45 -11.00
CA TYR F 104 -26.04 38.25 -12.16
C TYR F 104 -27.12 37.55 -12.97
N ILE F 105 -26.99 36.25 -13.18
CA ILE F 105 -27.99 35.53 -13.97
C ILE F 105 -29.34 35.57 -13.26
N LEU F 106 -29.35 35.27 -11.96
CA LEU F 106 -30.60 35.27 -11.21
C LEU F 106 -31.16 36.68 -10.96
N ALA F 107 -30.30 37.69 -10.90
CA ALA F 107 -30.82 39.05 -10.73
C ALA F 107 -31.52 39.57 -11.98
N THR F 108 -31.18 39.01 -13.14
CA THR F 108 -31.50 39.61 -14.43
C THR F 108 -32.50 38.81 -15.26
N TYR F 109 -32.43 37.49 -15.20
CA TYR F 109 -33.14 36.65 -16.16
C TYR F 109 -34.18 35.80 -15.47
N GLU F 110 -35.12 35.32 -16.28
CA GLU F 110 -36.26 34.53 -15.82
C GLU F 110 -36.19 33.08 -16.24
N THR F 111 -35.72 32.80 -17.45
CA THR F 111 -35.86 31.48 -18.04
C THR F 111 -34.53 30.99 -18.59
N VAL F 112 -34.44 29.68 -18.77
CA VAL F 112 -33.26 29.08 -19.39
C VAL F 112 -33.07 29.66 -20.79
N ASP F 113 -34.16 29.83 -21.53
CA ASP F 113 -34.04 30.32 -22.90
C ASP F 113 -33.54 31.75 -22.93
N GLN F 114 -33.98 32.60 -22.00
CA GLN F 114 -33.41 33.93 -21.86
C GLN F 114 -31.91 33.85 -21.58
N VAL F 115 -31.50 32.93 -20.71
CA VAL F 115 -30.10 32.81 -20.36
C VAL F 115 -29.29 32.37 -21.57
N LYS F 116 -29.81 31.41 -22.35
CA LYS F 116 -29.08 30.95 -23.52
C LYS F 116 -28.90 32.08 -24.53
N GLU F 117 -29.94 32.90 -24.73
CA GLU F 117 -29.83 33.99 -25.69
C GLU F 117 -28.82 35.04 -25.23
N ASN F 118 -28.76 35.32 -23.94
CA ASN F 118 -27.95 36.40 -23.43
C ASN F 118 -26.50 35.99 -23.11
N LEU F 119 -26.14 34.72 -23.28
CA LEU F 119 -24.76 34.31 -23.10
C LEU F 119 -23.94 34.43 -24.38
N THR F 120 -24.57 34.83 -25.49
CA THR F 120 -23.90 34.73 -26.80
C THR F 120 -22.61 35.53 -26.85
N ASP F 121 -22.55 36.68 -26.19
CA ASP F 121 -21.34 37.49 -26.25
C ASP F 121 -20.85 37.80 -24.85
N VAL F 122 -20.81 36.76 -24.02
CA VAL F 122 -20.36 36.88 -22.64
C VAL F 122 -18.95 36.31 -22.54
N ASN F 123 -18.12 36.96 -21.72
CA ASN F 123 -16.81 36.47 -21.32
C ASN F 123 -16.86 36.18 -19.83
N ILE F 124 -16.52 34.95 -19.43
CA ILE F 124 -16.37 34.66 -18.02
C ILE F 124 -14.97 35.12 -17.63
N SER F 125 -14.89 36.17 -16.85
CA SER F 125 -13.63 36.84 -16.61
C SER F 125 -12.86 36.15 -15.48
N ASP F 126 -11.57 36.44 -15.43
CA ASP F 126 -10.70 35.92 -14.39
C ASP F 126 -10.71 36.78 -13.13
N VAL F 127 -11.67 37.70 -13.00
CA VAL F 127 -11.73 38.56 -11.83
C VAL F 127 -12.13 37.74 -10.61
N SER F 128 -11.43 37.95 -9.50
CA SER F 128 -11.75 37.28 -8.25
C SER F 128 -12.41 38.25 -7.28
N PHE F 129 -13.10 37.68 -6.29
CA PHE F 129 -13.75 38.51 -5.29
C PHE F 129 -12.73 39.21 -4.41
N SER F 130 -11.70 38.50 -3.98
CA SER F 130 -10.65 39.05 -3.14
C SER F 130 -9.41 39.31 -3.97
N LYS F 131 -8.81 40.48 -3.79
CA LYS F 131 -7.56 40.78 -4.44
C LYS F 131 -6.48 39.78 -4.02
N ASN F 132 -5.66 39.38 -4.99
CA ASN F 132 -4.55 38.46 -4.79
C ASN F 132 -5.00 37.04 -4.48
N THR F 133 -6.25 36.70 -4.80
CA THR F 133 -6.76 35.35 -4.66
C THR F 133 -7.23 34.84 -6.01
N PRO F 134 -6.98 33.58 -6.35
CA PRO F 134 -7.53 33.04 -7.59
C PRO F 134 -9.01 32.74 -7.43
N ALA F 135 -9.76 32.99 -8.50
CA ALA F 135 -11.17 32.64 -8.51
C ALA F 135 -11.31 31.12 -8.56
N SER F 136 -12.34 30.60 -7.91
CA SER F 136 -12.57 29.16 -7.95
C SER F 136 -12.97 28.74 -9.37
N GLU F 137 -12.52 27.56 -9.78
CA GLU F 137 -12.83 27.05 -11.10
C GLU F 137 -14.17 26.35 -11.05
N LEU F 138 -15.14 26.84 -11.83
CA LEU F 138 -16.51 26.38 -11.78
C LEU F 138 -17.04 26.12 -13.18
N HIS F 139 -18.07 25.29 -13.25
CA HIS F 139 -19.04 25.32 -14.34
C HIS F 139 -20.42 25.32 -13.72
N TRP F 140 -21.45 25.60 -14.52
CA TRP F 140 -22.77 25.86 -13.97
C TRP F 140 -23.84 25.00 -14.64
N LEU F 141 -24.82 24.61 -13.82
CA LEU F 141 -26.10 24.07 -14.26
C LEU F 141 -27.15 25.15 -14.08
N VAL F 142 -27.93 25.40 -15.13
CA VAL F 142 -29.02 26.38 -15.08
C VAL F 142 -30.30 25.64 -15.41
N GLY F 143 -31.32 25.79 -14.55
CA GLY F 143 -32.59 25.12 -14.77
C GLY F 143 -33.74 26.05 -14.47
N ASP F 144 -34.93 25.68 -14.97
CA ASP F 144 -36.14 26.47 -14.70
C ASP F 144 -37.38 25.59 -14.75
N LYS F 145 -38.54 26.22 -14.55
CA LYS F 145 -39.82 25.55 -14.41
C LYS F 145 -40.31 24.88 -15.70
N THR F 146 -39.57 24.98 -16.80
CA THR F 146 -39.88 24.19 -17.97
C THR F 146 -39.38 22.76 -17.85
N GLY F 147 -38.62 22.45 -16.81
CA GLY F 147 -38.05 21.13 -16.68
C GLY F 147 -36.86 20.88 -17.58
N LYS F 148 -36.35 21.92 -18.22
CA LYS F 148 -35.19 21.83 -19.08
C LYS F 148 -34.02 22.56 -18.42
N SER F 149 -32.81 22.15 -18.78
CA SER F 149 -31.63 22.77 -18.19
C SER F 149 -30.51 22.87 -19.21
N ILE F 150 -29.56 23.75 -18.90
CA ILE F 150 -28.36 23.90 -19.71
C ILE F 150 -27.14 23.83 -18.81
N VAL F 151 -26.01 23.50 -19.43
CA VAL F 151 -24.69 23.48 -18.81
C VAL F 151 -23.85 24.59 -19.42
N VAL F 152 -23.21 25.39 -18.57
CA VAL F 152 -22.39 26.51 -19.00
C VAL F 152 -20.96 26.21 -18.56
N GLU F 153 -20.05 26.10 -19.54
CA GLU F 153 -18.66 25.77 -19.28
C GLU F 153 -17.74 26.72 -20.03
N SER F 154 -16.84 27.35 -19.30
CA SER F 154 -15.75 28.15 -19.85
C SER F 154 -14.46 27.33 -19.74
N ASP F 155 -13.90 26.95 -20.88
CA ASP F 155 -12.69 26.13 -20.92
C ASP F 155 -11.66 26.72 -21.87
N GLU F 156 -10.63 25.92 -22.19
CA GLU F 156 -9.54 26.39 -23.05
C GLU F 156 -10.05 26.98 -24.36
N LYS F 157 -11.16 26.48 -24.87
CA LYS F 157 -11.68 26.89 -26.18
C LYS F 157 -12.79 27.93 -26.07
N GLY F 158 -12.96 28.54 -24.91
CA GLY F 158 -13.92 29.60 -24.74
C GLY F 158 -15.16 29.19 -23.97
N LEU F 159 -16.22 29.98 -24.13
CA LEU F 159 -17.47 29.76 -23.45
C LEU F 159 -18.38 28.88 -24.30
N HIS F 160 -18.95 27.85 -23.68
CA HIS F 160 -19.88 26.95 -24.37
C HIS F 160 -21.14 26.81 -23.53
N VAL F 161 -22.27 26.61 -24.20
CA VAL F 161 -23.56 26.41 -23.57
C VAL F 161 -24.20 25.19 -24.19
N TYR F 162 -24.48 24.17 -23.35
CA TYR F 162 -24.94 22.86 -23.81
C TYR F 162 -26.35 22.62 -23.32
N ASP F 163 -27.22 22.14 -24.21
CA ASP F 163 -28.49 21.60 -23.74
C ASP F 163 -28.22 20.34 -22.94
N ASN F 164 -28.86 20.23 -21.76
CA ASN F 164 -28.59 19.13 -20.85
C ASN F 164 -29.73 18.10 -20.93
N PRO F 165 -29.57 17.00 -21.64
CA PRO F 165 -30.67 16.02 -21.75
C PRO F 165 -30.91 15.20 -20.49
N VAL F 166 -30.02 15.21 -19.50
CA VAL F 166 -30.18 14.37 -18.31
C VAL F 166 -30.42 15.15 -17.04
N ASN F 167 -30.35 16.49 -17.08
CA ASN F 167 -30.73 17.36 -15.96
C ASN F 167 -29.89 17.11 -14.71
N ALA F 168 -28.62 16.79 -14.93
CA ALA F 168 -27.69 16.56 -13.83
C ALA F 168 -26.31 17.07 -14.26
N LEU F 169 -25.47 17.32 -13.26
CA LEU F 169 -24.10 17.74 -13.52
C LEU F 169 -23.23 17.38 -12.32
N THR F 170 -21.97 17.01 -12.60
CA THR F 170 -21.00 16.85 -11.51
C THR F 170 -19.81 17.73 -11.83
N ASN F 171 -18.60 17.17 -11.94
CA ASN F 171 -17.40 17.97 -12.08
C ASN F 171 -16.77 17.66 -13.43
N ALA F 172 -15.48 17.30 -13.47
CA ALA F 172 -14.83 16.98 -14.74
C ALA F 172 -15.29 15.61 -15.24
N PRO F 173 -15.16 15.32 -16.54
CA PRO F 173 -14.54 16.09 -17.63
C PRO F 173 -15.49 17.06 -18.31
N LEU F 174 -15.15 17.54 -19.51
CA LEU F 174 -16.03 18.46 -20.22
C LEU F 174 -17.37 17.79 -20.48
N PHE F 175 -18.43 18.60 -20.58
CA PHE F 175 -19.77 18.03 -20.61
C PHE F 175 -19.99 17.05 -21.75
N PRO F 176 -19.58 17.32 -23.00
CA PRO F 176 -19.77 16.31 -24.06
C PRO F 176 -19.13 14.99 -23.71
N GLN F 177 -18.01 15.03 -22.99
CA GLN F 177 -17.36 13.80 -22.57
C GLN F 177 -18.18 13.07 -21.52
N GLN F 178 -18.82 13.79 -20.60
CA GLN F 178 -19.72 13.14 -19.65
C GLN F 178 -20.84 12.43 -20.38
N LEU F 179 -21.39 13.06 -21.43
CA LEU F 179 -22.52 12.46 -22.13
C LEU F 179 -22.08 11.21 -22.90
N THR F 180 -20.87 11.23 -23.47
CA THR F 180 -20.36 10.02 -24.11
C THR F 180 -20.26 8.87 -23.13
N ASN F 181 -19.69 9.13 -21.95
CA ASN F 181 -19.51 8.06 -20.97
C ASN F 181 -20.85 7.44 -20.55
N LEU F 182 -21.93 8.22 -20.53
CA LEU F 182 -23.25 7.68 -20.20
C LEU F 182 -23.59 6.49 -21.07
N ALA F 183 -23.27 6.56 -22.36
CA ALA F 183 -23.64 5.48 -23.27
C ALA F 183 -22.92 4.17 -22.92
N ASN F 184 -21.83 4.24 -22.17
CA ASN F 184 -21.15 3.01 -21.75
C ASN F 184 -22.00 2.19 -20.80
N TYR F 185 -23.10 2.73 -20.29
CA TYR F 185 -23.95 2.05 -19.32
C TYR F 185 -25.35 1.79 -19.89
N ALA F 186 -25.48 1.81 -21.21
CA ALA F 186 -26.77 1.65 -21.89
C ALA F 186 -27.44 0.31 -21.60
N ALA F 187 -26.68 -0.69 -21.17
CA ALA F 187 -27.23 -2.01 -20.86
C ALA F 187 -27.80 -2.13 -19.45
N VAL F 188 -27.54 -1.15 -18.59
CA VAL F 188 -28.03 -1.18 -17.21
C VAL F 188 -29.56 -1.07 -17.17
N VAL F 189 -30.18 -1.84 -16.29
CA VAL F 189 -31.63 -1.76 -16.04
C VAL F 189 -31.89 -1.93 -14.56
N PRO F 190 -32.98 -1.32 -14.06
CA PRO F 190 -33.24 -1.42 -12.61
C PRO F 190 -33.62 -2.83 -12.17
N GLY F 191 -34.13 -3.65 -13.08
CA GLY F 191 -34.58 -4.98 -12.69
C GLY F 191 -33.65 -6.07 -13.15
N GLN F 192 -34.22 -7.15 -13.67
CA GLN F 192 -33.45 -8.27 -14.17
C GLN F 192 -33.40 -8.22 -15.69
N PRO F 193 -32.22 -8.40 -16.27
CA PRO F 193 -32.14 -8.41 -17.73
C PRO F 193 -32.64 -9.71 -18.30
N ASN F 194 -33.18 -9.62 -19.52
CA ASN F 194 -33.39 -10.81 -20.32
C ASN F 194 -32.03 -11.42 -20.63
N ASN F 195 -31.96 -12.75 -20.62
CA ASN F 195 -30.66 -13.38 -20.80
C ASN F 195 -30.39 -13.52 -22.30
N ASP F 196 -29.80 -12.48 -22.87
CA ASP F 196 -29.17 -12.57 -24.18
C ASP F 196 -27.66 -12.65 -24.06
N PHE F 197 -27.17 -12.78 -22.83
CA PHE F 197 -25.75 -12.94 -22.58
C PHE F 197 -25.29 -14.33 -22.98
N LEU F 198 -25.91 -15.36 -22.40
CA LEU F 198 -25.65 -16.77 -22.73
C LEU F 198 -26.98 -17.45 -23.02
N PRO F 199 -27.57 -17.22 -24.19
CA PRO F 199 -28.85 -17.87 -24.52
C PRO F 199 -28.72 -19.38 -24.48
N GLY F 200 -29.78 -20.03 -24.01
CA GLY F 200 -29.75 -21.46 -23.82
C GLY F 200 -29.16 -21.91 -22.50
N VAL F 201 -28.66 -21.00 -21.67
CA VAL F 201 -28.09 -21.33 -20.37
C VAL F 201 -28.95 -20.67 -19.29
N ASP F 202 -29.32 -21.46 -18.29
CA ASP F 202 -30.05 -20.94 -17.14
C ASP F 202 -29.05 -20.36 -16.15
N LEU F 203 -29.08 -19.04 -15.97
CA LEU F 203 -28.16 -18.37 -15.07
C LEU F 203 -28.71 -18.35 -13.66
N LYS F 204 -27.81 -18.33 -12.69
CA LYS F 204 -28.20 -18.24 -11.28
C LYS F 204 -28.50 -16.79 -10.95
N MET F 205 -29.75 -16.38 -11.20
CA MET F 205 -30.20 -15.01 -10.91
C MET F 205 -30.42 -14.87 -9.40
N TYR F 206 -29.31 -14.83 -8.68
CA TYR F 206 -29.30 -15.01 -7.23
C TYR F 206 -29.71 -13.74 -6.46
N SER F 207 -29.65 -12.55 -7.07
CA SER F 207 -30.02 -11.30 -6.41
C SER F 207 -31.02 -10.52 -7.26
N ARG F 208 -31.86 -9.73 -6.59
CA ARG F 208 -32.64 -8.74 -7.31
C ARG F 208 -31.71 -7.69 -7.91
N SER F 209 -32.22 -7.03 -8.97
CA SER F 209 -31.54 -5.90 -9.59
C SER F 209 -30.13 -6.25 -10.08
N LEU F 210 -29.95 -7.46 -10.59
CA LEU F 210 -28.67 -7.78 -11.22
C LEU F 210 -28.43 -6.90 -12.45
N GLY F 211 -29.48 -6.25 -12.96
CA GLY F 211 -29.31 -5.28 -14.04
C GLY F 211 -28.52 -4.06 -13.65
N THR F 212 -28.37 -3.77 -12.35
CA THR F 212 -27.55 -2.65 -11.92
C THR F 212 -26.18 -3.08 -11.41
N HIS F 213 -25.75 -4.31 -11.70
CA HIS F 213 -24.49 -4.79 -11.14
C HIS F 213 -23.30 -3.93 -11.57
N HIS F 214 -23.39 -3.26 -12.72
CA HIS F 214 -22.29 -2.41 -13.19
C HIS F 214 -22.60 -0.92 -13.07
N LEU F 215 -23.65 -0.56 -12.34
CA LEU F 215 -23.92 0.84 -12.04
C LEU F 215 -22.82 1.39 -11.15
N PRO F 216 -22.22 2.54 -11.48
CA PRO F 216 -21.05 3.01 -10.71
C PRO F 216 -21.42 3.48 -9.32
N GLY F 217 -20.61 3.11 -8.34
CA GLY F 217 -20.80 3.60 -6.98
C GLY F 217 -19.64 4.42 -6.45
N GLY F 218 -18.68 4.72 -7.31
CA GLY F 218 -17.49 5.43 -6.87
C GLY F 218 -17.78 6.87 -6.49
N MET F 219 -16.79 7.48 -5.83
CA MET F 219 -16.87 8.87 -5.41
C MET F 219 -16.34 9.84 -6.46
N ASP F 220 -15.74 9.33 -7.54
CA ASP F 220 -15.22 10.18 -8.60
C ASP F 220 -16.36 10.82 -9.41
N SER F 221 -16.00 11.80 -10.24
CA SER F 221 -17.01 12.66 -10.85
C SER F 221 -17.86 11.90 -11.86
N GLU F 222 -17.24 11.02 -12.67
CA GLU F 222 -18.00 10.27 -13.66
C GLU F 222 -18.93 9.26 -13.00
N SER F 223 -18.45 8.51 -12.01
CA SER F 223 -19.31 7.55 -11.33
C SER F 223 -20.54 8.25 -10.77
N ARG F 224 -20.34 9.39 -10.12
CA ARG F 224 -21.46 10.09 -9.52
C ARG F 224 -22.41 10.63 -10.59
N PHE F 225 -21.88 11.08 -11.73
CA PHE F 225 -22.74 11.57 -12.79
C PHE F 225 -23.63 10.48 -13.35
N VAL F 226 -23.04 9.33 -13.68
CA VAL F 226 -23.81 8.21 -14.24
C VAL F 226 -24.87 7.73 -13.25
N LYS F 227 -24.49 7.53 -12.00
CA LYS F 227 -25.47 7.02 -11.05
C LYS F 227 -26.59 8.02 -10.79
N VAL F 228 -26.25 9.31 -10.63
CA VAL F 228 -27.32 10.27 -10.33
C VAL F 228 -28.27 10.41 -11.49
N CYS F 229 -27.76 10.31 -12.71
CA CYS F 229 -28.61 10.37 -13.89
C CYS F 229 -29.65 9.26 -13.86
N PHE F 230 -29.20 8.05 -13.50
CA PHE F 230 -30.07 6.88 -13.37
C PHE F 230 -31.09 7.09 -12.25
N ALA F 231 -30.63 7.52 -11.07
CA ALA F 231 -31.52 7.74 -9.95
C ALA F 231 -32.57 8.79 -10.27
N LEU F 232 -32.15 9.90 -10.89
CA LEU F 232 -33.07 10.99 -11.22
C LEU F 232 -34.08 10.55 -12.25
N ASN F 233 -33.63 9.81 -13.26
CA ASN F 233 -34.52 9.39 -14.34
C ASN F 233 -35.62 8.48 -13.84
N HIS F 234 -35.28 7.57 -12.92
CA HIS F 234 -36.22 6.55 -12.46
C HIS F 234 -36.98 6.98 -11.21
N ALA F 235 -36.80 8.20 -10.75
CA ALA F 235 -37.45 8.65 -9.53
C ALA F 235 -38.96 8.76 -9.71
N PRO F 236 -39.72 8.72 -8.63
CA PRO F 236 -41.18 8.88 -8.75
C PRO F 236 -41.57 10.24 -9.31
N LYS F 237 -42.76 10.29 -9.87
CA LYS F 237 -43.32 11.52 -10.40
C LYS F 237 -44.73 11.73 -9.86
N ASP F 238 -45.30 12.90 -10.17
CA ASP F 238 -46.69 13.22 -9.86
C ASP F 238 -46.94 13.27 -8.36
N SER F 239 -45.98 13.81 -7.62
CA SER F 239 -46.02 13.79 -6.16
C SER F 239 -46.21 15.20 -5.62
N ASP F 240 -46.82 15.29 -4.45
CA ASP F 240 -47.07 16.58 -3.82
C ASP F 240 -45.80 17.06 -3.12
N GLU F 241 -45.90 18.16 -2.39
CA GLU F 241 -44.70 18.88 -1.97
C GLU F 241 -43.78 17.99 -1.13
N VAL F 242 -44.30 17.47 0.00
CA VAL F 242 -43.44 16.77 0.93
C VAL F 242 -42.84 15.52 0.30
N GLU F 243 -43.67 14.73 -0.41
CA GLU F 243 -43.17 13.52 -1.03
C GLU F 243 -42.11 13.82 -2.08
N SER F 244 -42.27 14.93 -2.79
CA SER F 244 -41.29 15.35 -3.79
C SER F 244 -39.97 15.71 -3.14
N VAL F 245 -40.00 16.52 -2.07
CA VAL F 245 -38.78 16.90 -1.36
C VAL F 245 -38.07 15.65 -0.84
N THR F 246 -38.83 14.73 -0.24
CA THR F 246 -38.27 13.45 0.21
C THR F 246 -37.56 12.72 -0.93
N ASN F 247 -38.23 12.57 -2.08
CA ASN F 247 -37.62 11.84 -3.18
C ASN F 247 -36.38 12.55 -3.70
N PHE F 248 -36.41 13.89 -3.73
CA PHE F 248 -35.26 14.69 -4.18
C PHE F 248 -34.04 14.40 -3.33
N PHE F 249 -34.21 14.43 -2.00
CA PHE F 249 -33.08 14.17 -1.13
C PHE F 249 -32.54 12.75 -1.31
N HIS F 250 -33.42 11.78 -1.57
CA HIS F 250 -32.95 10.41 -1.79
C HIS F 250 -32.15 10.27 -3.08
N ILE F 251 -32.52 11.04 -4.11
CA ILE F 251 -31.74 11.01 -5.36
C ILE F 251 -30.31 11.45 -5.10
N LEU F 252 -30.14 12.59 -4.43
CA LEU F 252 -28.78 13.07 -4.18
C LEU F 252 -28.06 12.22 -3.14
N GLN F 253 -28.79 11.63 -2.20
CA GLN F 253 -28.17 10.71 -1.26
C GLN F 253 -27.61 9.48 -1.96
N SER F 254 -28.16 9.10 -3.12
CA SER F 254 -27.61 7.94 -3.82
C SER F 254 -26.17 8.16 -4.29
N VAL F 255 -25.69 9.40 -4.31
CA VAL F 255 -24.32 9.66 -4.74
C VAL F 255 -23.65 10.50 -3.66
N GLU F 256 -24.08 10.29 -2.42
CA GLU F 256 -23.48 10.94 -1.28
C GLU F 256 -22.05 10.48 -1.09
N GLN F 257 -21.19 11.40 -0.65
CA GLN F 257 -19.80 11.07 -0.32
C GLN F 257 -19.67 11.01 1.20
N VAL F 258 -19.36 9.85 1.70
CA VAL F 258 -19.25 9.60 3.13
C VAL F 258 -17.80 9.82 3.52
N LYS F 259 -17.58 10.34 4.73
CA LYS F 259 -16.21 10.56 5.18
C LYS F 259 -15.40 9.27 5.16
N GLY F 260 -14.22 9.33 4.54
CA GLY F 260 -13.33 8.18 4.42
C GLY F 260 -13.22 7.61 3.03
N MET F 261 -14.22 7.80 2.18
CA MET F 261 -14.25 7.15 0.88
C MET F 261 -13.62 7.98 -0.24
N ASP F 262 -13.42 9.29 -0.06
CA ASP F 262 -12.84 10.16 -1.08
C ASP F 262 -11.65 10.86 -0.43
N GLU F 263 -10.46 10.29 -0.61
CA GLU F 263 -9.26 10.82 0.00
C GLU F 263 -8.63 11.83 -0.96
N VAL F 264 -8.54 13.08 -0.53
CA VAL F 264 -7.90 14.13 -1.31
C VAL F 264 -6.60 14.57 -0.71
N GLY F 265 -6.22 14.02 0.43
CA GLY F 265 -4.95 14.30 1.04
C GLY F 265 -4.75 13.36 2.22
N PRO F 266 -3.59 13.47 2.89
CA PRO F 266 -3.30 12.55 4.01
C PRO F 266 -4.33 12.69 5.11
N ASN F 267 -5.23 11.71 5.23
CA ASN F 267 -6.35 11.78 6.16
C ASN F 267 -7.22 13.00 5.92
N ILE F 268 -7.29 13.47 4.67
CA ILE F 268 -8.15 14.58 4.30
C ILE F 268 -9.17 14.07 3.31
N PHE F 269 -10.46 14.27 3.61
CA PHE F 269 -11.53 13.61 2.89
C PHE F 269 -12.54 14.61 2.37
N GLU F 270 -12.94 14.43 1.11
CA GLU F 270 -14.06 15.15 0.54
C GLU F 270 -15.36 14.42 0.90
N TYR F 271 -16.33 15.15 1.44
CA TYR F 271 -17.58 14.55 1.87
C TYR F 271 -18.71 15.51 1.56
N THR F 272 -19.95 15.02 1.59
CA THR F 272 -21.10 15.84 1.24
C THR F 272 -21.42 16.76 2.42
N MET F 273 -21.05 18.04 2.29
CA MET F 273 -21.19 18.98 3.40
C MET F 273 -22.63 19.43 3.60
N TYR F 274 -23.36 19.66 2.50
CA TYR F 274 -24.77 20.01 2.59
C TYR F 274 -25.48 19.57 1.33
N THR F 275 -26.80 19.52 1.43
CA THR F 275 -27.69 19.21 0.31
C THR F 275 -28.81 20.23 0.32
N SER F 276 -28.97 20.95 -0.80
CA SER F 276 -30.00 21.97 -0.97
C SER F 276 -31.04 21.49 -1.97
N CYS F 277 -32.28 21.87 -1.73
CA CYS F 277 -33.41 21.47 -2.57
C CYS F 277 -34.36 22.66 -2.62
N MET F 278 -34.49 23.28 -3.79
CA MET F 278 -35.21 24.54 -3.92
C MET F 278 -36.41 24.36 -4.85
N ASN F 279 -37.60 24.63 -4.33
CA ASN F 279 -38.82 24.56 -5.12
C ASN F 279 -38.90 25.82 -5.98
N LEU F 280 -38.82 25.68 -7.30
CA LEU F 280 -38.79 26.84 -8.18
C LEU F 280 -40.10 27.61 -8.15
N GLU F 281 -41.22 26.91 -8.03
CA GLU F 281 -42.53 27.55 -8.05
C GLU F 281 -42.80 28.32 -6.76
N LYS F 282 -42.32 27.83 -5.63
CA LYS F 282 -42.72 28.36 -4.34
C LYS F 282 -41.64 29.16 -3.65
N GLY F 283 -40.40 29.10 -4.13
CA GLY F 283 -39.34 29.87 -3.51
C GLY F 283 -38.94 29.37 -2.15
N ILE F 284 -39.05 28.07 -1.91
CA ILE F 284 -38.68 27.46 -0.64
C ILE F 284 -37.38 26.70 -0.84
N LEU F 285 -36.42 26.97 0.05
CA LEU F 285 -35.16 26.23 0.09
C LEU F 285 -35.24 25.20 1.21
N TYR F 286 -35.09 23.93 0.86
CA TYR F 286 -35.00 22.83 1.82
C TYR F 286 -33.54 22.40 1.91
N PHE F 287 -33.10 22.01 3.11
CA PHE F 287 -31.67 21.70 3.24
C PHE F 287 -31.41 20.78 4.42
N ASN F 288 -30.36 19.96 4.29
CA ASN F 288 -29.73 19.33 5.45
C ASN F 288 -28.22 19.36 5.23
N CYS F 289 -27.48 18.72 6.14
CA CYS F 289 -26.03 18.77 6.06
C CYS F 289 -25.47 17.48 6.62
N TYR F 290 -24.14 17.34 6.54
CA TYR F 290 -23.55 16.07 6.98
C TYR F 290 -23.89 15.76 8.43
N ASP F 291 -23.93 16.80 9.29
CA ASP F 291 -24.15 16.61 10.72
C ASP F 291 -25.62 16.60 11.11
N ASP F 292 -26.55 16.94 10.22
CA ASP F 292 -27.96 17.03 10.60
C ASP F 292 -28.80 16.44 9.49
N SER F 293 -29.39 15.28 9.77
CA SER F 293 -30.20 14.55 8.80
C SER F 293 -31.58 15.19 8.63
N ARG F 294 -32.06 15.92 9.62
CA ARG F 294 -33.38 16.54 9.52
C ARG F 294 -33.40 17.60 8.43
N ILE F 295 -34.46 17.59 7.63
CA ILE F 295 -34.66 18.59 6.60
C ILE F 295 -35.23 19.86 7.24
N SER F 296 -34.61 21.01 6.92
CA SER F 296 -35.07 22.32 7.33
C SER F 296 -35.58 23.08 6.11
N ALA F 297 -36.39 24.11 6.36
CA ALA F 297 -36.97 24.85 5.25
C ALA F 297 -37.01 26.35 5.56
N VAL F 298 -36.55 27.16 4.62
CA VAL F 298 -36.70 28.61 4.64
C VAL F 298 -37.54 29.02 3.44
N ASP F 299 -38.63 29.76 3.69
CA ASP F 299 -39.49 30.28 2.63
C ASP F 299 -39.10 31.73 2.37
N MET F 300 -38.57 31.99 1.17
CA MET F 300 -38.14 33.34 0.81
C MET F 300 -39.31 34.34 0.86
N ASN F 301 -40.52 33.88 0.54
CA ASN F 301 -41.70 34.74 0.51
C ASN F 301 -42.27 35.06 1.88
N LYS F 302 -41.77 34.44 2.94
CA LYS F 302 -42.13 34.86 4.29
C LYS F 302 -41.27 36.03 4.77
N GLU F 303 -40.35 36.52 3.94
CA GLU F 303 -39.50 37.64 4.29
C GLU F 303 -39.86 38.87 3.46
N ASP F 304 -39.26 39.99 3.81
CA ASP F 304 -39.54 41.27 3.14
C ASP F 304 -38.64 41.38 1.92
N LEU F 305 -39.16 40.97 0.76
CA LEU F 305 -38.38 40.96 -0.47
C LEU F 305 -38.17 42.36 -1.04
N SER F 306 -38.90 43.37 -0.57
CA SER F 306 -38.65 44.75 -0.92
C SER F 306 -37.45 45.34 -0.17
N SER F 307 -36.88 44.59 0.75
CA SER F 307 -35.77 45.03 1.58
C SER F 307 -34.53 45.33 0.74
N SER F 308 -33.53 45.92 1.40
CA SER F 308 -32.24 46.18 0.78
C SER F 308 -31.08 45.45 1.47
N ASP F 309 -31.34 44.72 2.55
CA ASP F 309 -30.32 44.00 3.29
C ASP F 309 -30.45 42.51 3.06
N LEU F 310 -29.31 41.83 3.10
CA LEU F 310 -29.31 40.37 3.03
C LEU F 310 -29.92 39.77 4.29
N ILE F 311 -30.74 38.74 4.09
CA ILE F 311 -31.40 38.00 5.17
C ILE F 311 -30.74 36.63 5.25
N VAL F 312 -30.19 36.30 6.42
CA VAL F 312 -29.27 35.18 6.56
C VAL F 312 -29.79 34.21 7.62
N PHE F 313 -29.69 32.91 7.33
CA PHE F 313 -30.06 31.85 8.26
C PHE F 313 -28.96 30.81 8.31
N ASP F 314 -28.87 30.12 9.44
CA ASP F 314 -27.87 29.06 9.61
C ASP F 314 -28.14 27.92 8.66
N LEU F 315 -27.07 27.43 8.01
CA LEU F 315 -27.14 26.24 7.19
C LEU F 315 -26.64 25.01 7.93
N PHE F 316 -25.43 25.09 8.49
CA PHE F 316 -24.86 23.94 9.20
C PHE F 316 -25.44 23.87 10.61
N LYS F 317 -25.94 22.69 10.97
CA LYS F 317 -26.64 22.47 12.23
C LYS F 317 -26.16 21.17 12.88
N LYS F 318 -26.45 21.04 14.17
CA LYS F 318 -26.15 19.81 14.89
C LYS F 318 -27.24 18.77 14.64
N GLN F 319 -26.89 17.50 14.85
CA GLN F 319 -27.86 16.44 14.65
C GLN F 319 -29.08 16.66 15.52
N ASP F 320 -30.25 16.70 14.89
CA ASP F 320 -31.49 17.10 15.55
C ASP F 320 -32.30 15.85 15.83
N ILE F 321 -32.03 15.23 16.97
CA ILE F 321 -32.60 13.92 17.29
C ILE F 321 -33.93 14.12 18.01
N SER F 322 -34.95 13.39 17.54
CA SER F 322 -36.26 13.35 18.18
C SER F 322 -36.25 12.24 19.23
N PHE F 323 -36.24 12.61 20.51
CA PHE F 323 -36.19 11.62 21.58
C PHE F 323 -37.62 11.18 21.88
N ILE F 324 -37.90 9.91 21.60
CA ILE F 324 -39.27 9.42 21.55
C ILE F 324 -39.80 9.18 22.96
N ASN F 325 -39.01 8.57 23.82
CA ASN F 325 -39.46 8.27 25.18
C ASN F 325 -38.66 9.09 26.18
N HIS F 326 -39.25 9.28 27.35
CA HIS F 326 -38.75 10.19 28.37
C HIS F 326 -38.75 9.52 29.74
N HIS F 327 -39.02 10.29 30.79
CA HIS F 327 -39.23 9.79 32.16
C HIS F 327 -37.91 9.44 32.86
N CYS G 2 -11.52 -1.68 -35.47
CA CYS G 2 -10.13 -1.59 -35.84
C CYS G 2 -9.25 -1.13 -34.67
N THR G 3 -8.03 -1.65 -34.63
CA THR G 3 -7.06 -1.32 -33.60
C THR G 3 -5.70 -1.24 -34.26
N SER G 4 -5.00 -0.12 -34.08
CA SER G 4 -3.69 0.09 -34.68
C SER G 4 -2.69 0.44 -33.59
N ILE G 5 -1.44 -0.02 -33.76
CA ILE G 5 -0.39 0.22 -32.77
C ILE G 5 0.94 0.49 -33.46
N LEU G 6 1.80 1.19 -32.72
CA LEU G 6 3.21 1.32 -33.02
C LEU G 6 3.97 0.72 -31.85
N TYR G 7 4.86 -0.23 -32.16
CA TYR G 7 5.55 -1.06 -31.16
C TYR G 7 7.05 -0.89 -31.38
N SER G 8 7.78 -0.62 -30.30
CA SER G 8 9.18 -0.18 -30.43
C SER G 8 10.11 -0.98 -29.53
N PRO G 9 10.18 -2.31 -29.70
CA PRO G 9 11.09 -3.09 -28.85
C PRO G 9 12.56 -2.92 -29.22
N LYS G 10 12.87 -2.69 -30.50
CA LYS G 10 14.23 -2.49 -31.01
C LYS G 10 14.12 -1.85 -32.38
N ASP G 11 13.81 -2.64 -33.40
CA ASP G 11 13.17 -2.09 -34.58
C ASP G 11 11.77 -1.60 -34.20
N HIS G 12 11.10 -0.97 -35.17
CA HIS G 12 9.80 -0.36 -34.94
C HIS G 12 8.78 -0.99 -35.87
N TYR G 13 7.61 -1.32 -35.31
CA TYR G 13 6.59 -2.10 -36.00
C TYR G 13 5.26 -1.37 -35.95
N PHE G 14 4.60 -1.28 -37.09
CA PHE G 14 3.40 -0.47 -37.28
C PHE G 14 2.39 -1.35 -37.97
N GLY G 15 1.16 -1.40 -37.45
CA GLY G 15 0.17 -2.27 -38.04
C GLY G 15 -1.16 -2.14 -37.34
N ARG G 16 -2.08 -3.01 -37.72
CA ARG G 16 -3.43 -2.87 -37.23
C ARG G 16 -4.19 -4.18 -37.42
N ASN G 17 -5.23 -4.34 -36.58
CA ASN G 17 -6.36 -5.20 -36.90
C ASN G 17 -7.35 -4.42 -37.75
N LEU G 18 -7.89 -5.07 -38.77
CA LEU G 18 -9.05 -4.53 -39.48
C LEU G 18 -10.26 -5.34 -39.08
N ASP G 19 -11.17 -4.73 -38.33
CA ASP G 19 -12.38 -5.37 -37.84
C ASP G 19 -13.57 -4.84 -38.62
N TYR G 20 -14.27 -5.72 -39.33
CA TYR G 20 -15.46 -5.29 -40.06
C TYR G 20 -16.30 -6.51 -40.37
N GLU G 21 -17.51 -6.26 -40.87
CA GLU G 21 -18.40 -7.36 -41.20
C GLU G 21 -18.30 -7.75 -42.67
N ILE G 22 -17.72 -6.90 -43.50
CA ILE G 22 -17.68 -7.09 -44.94
C ILE G 22 -16.24 -6.93 -45.43
N ALA G 23 -15.83 -7.82 -46.33
CA ALA G 23 -14.55 -7.67 -47.01
C ALA G 23 -14.74 -6.85 -48.27
N TYR G 24 -13.67 -6.16 -48.68
CA TYR G 24 -13.74 -5.18 -49.76
C TYR G 24 -12.67 -5.43 -50.81
N GLY G 25 -12.20 -6.66 -50.94
CA GLY G 25 -11.17 -6.94 -51.92
C GLY G 25 -9.80 -6.44 -51.56
N GLN G 26 -9.47 -6.39 -50.27
CA GLN G 26 -8.14 -5.97 -49.86
C GLN G 26 -7.11 -7.01 -50.25
N LYS G 27 -5.93 -6.54 -50.63
CA LYS G 27 -4.80 -7.40 -50.93
C LYS G 27 -3.55 -6.70 -50.41
N VAL G 28 -2.41 -7.36 -50.55
CA VAL G 28 -1.11 -6.74 -50.27
C VAL G 28 -0.69 -6.01 -51.53
N VAL G 29 -0.49 -4.70 -51.43
CA VAL G 29 -0.12 -3.86 -52.58
C VAL G 29 1.17 -3.11 -52.26
N ILE G 30 2.18 -3.31 -53.09
CA ILE G 30 3.36 -2.44 -53.13
C ILE G 30 3.15 -1.41 -54.22
N THR G 31 3.31 -0.14 -53.87
CA THR G 31 3.28 0.90 -54.88
C THR G 31 4.70 1.38 -55.08
N PRO G 32 5.33 1.10 -56.24
CA PRO G 32 6.73 1.47 -56.43
C PRO G 32 6.89 2.98 -56.65
N ARG G 33 8.15 3.41 -56.68
CA ARG G 33 8.45 4.84 -56.70
C ARG G 33 7.82 5.55 -57.90
N ASN G 34 7.75 4.88 -59.04
CA ASN G 34 7.35 5.57 -60.27
C ASN G 34 5.93 5.25 -60.72
N TYR G 35 5.12 4.64 -59.86
CA TYR G 35 3.68 4.65 -60.09
C TYR G 35 3.18 6.09 -59.97
N GLU G 36 2.40 6.54 -60.95
CA GLU G 36 1.97 7.92 -60.97
C GLU G 36 0.69 8.07 -60.15
N PHE G 37 0.77 8.84 -59.06
CA PHE G 37 -0.39 9.21 -58.28
C PHE G 37 -1.09 10.41 -58.90
N LYS G 38 -2.39 10.27 -59.16
CA LYS G 38 -3.24 11.38 -59.59
C LYS G 38 -4.22 11.70 -58.47
N PHE G 39 -4.12 12.91 -57.93
CA PHE G 39 -4.92 13.32 -56.77
C PHE G 39 -6.05 14.26 -57.20
N ALA G 40 -7.09 14.31 -56.36
CA ALA G 40 -8.27 15.10 -56.70
C ALA G 40 -7.95 16.59 -56.77
N ASN G 41 -7.14 17.08 -55.83
CA ASN G 41 -6.83 18.50 -55.80
C ASN G 41 -5.38 18.74 -55.35
N LEU G 42 -4.47 17.85 -55.71
CA LEU G 42 -3.05 17.99 -55.47
C LEU G 42 -2.27 17.74 -56.75
N PRO G 43 -1.08 18.33 -56.87
CA PRO G 43 -0.24 18.05 -58.04
C PRO G 43 0.09 16.58 -58.16
N ALA G 44 0.17 16.11 -59.41
CA ALA G 44 0.55 14.72 -59.64
C ALA G 44 1.96 14.47 -59.11
N GLU G 45 2.19 13.24 -58.67
CA GLU G 45 3.50 12.81 -58.16
C GLU G 45 3.91 11.61 -59.01
N LYS G 46 4.79 11.86 -59.97
CA LYS G 46 5.27 10.82 -60.87
C LYS G 46 6.44 10.02 -60.29
N SER G 47 7.24 10.63 -59.42
CA SER G 47 8.24 9.93 -58.64
C SER G 47 8.06 10.30 -57.17
N HIS G 48 8.21 9.31 -56.30
CA HIS G 48 7.85 9.45 -54.89
C HIS G 48 8.41 8.25 -54.14
N TYR G 49 8.23 8.25 -52.82
CA TYR G 49 8.65 7.12 -52.01
C TYR G 49 7.84 5.89 -52.36
N ALA G 50 8.48 4.73 -52.32
CA ALA G 50 7.76 3.47 -52.47
C ALA G 50 7.07 3.12 -51.15
N MET G 51 5.97 2.36 -51.24
CA MET G 51 5.24 1.99 -50.05
C MET G 51 4.69 0.58 -50.17
N ILE G 52 4.38 -0.02 -49.01
CA ILE G 52 3.86 -1.39 -48.94
C ILE G 52 2.78 -1.43 -47.86
N GLY G 53 1.69 -2.13 -48.13
CA GLY G 53 0.62 -2.24 -47.15
C GLY G 53 -0.55 -3.01 -47.71
N ILE G 54 -1.71 -2.80 -47.09
CA ILE G 54 -2.94 -3.48 -47.48
C ILE G 54 -3.85 -2.46 -48.15
N ALA G 55 -4.37 -2.81 -49.32
CA ALA G 55 -5.20 -1.88 -50.08
C ALA G 55 -6.16 -2.67 -50.95
N ALA G 56 -7.31 -2.07 -51.23
CA ALA G 56 -8.08 -2.48 -52.39
C ALA G 56 -7.52 -1.79 -53.63
N VAL G 57 -7.62 -2.45 -54.78
CA VAL G 57 -7.17 -1.89 -56.05
C VAL G 57 -8.37 -1.76 -56.96
N ALA G 58 -8.66 -0.53 -57.39
CA ALA G 58 -9.80 -0.24 -58.25
C ALA G 58 -9.35 0.72 -59.33
N ASN G 59 -9.53 0.34 -60.59
CA ASN G 59 -9.07 1.13 -61.74
C ASN G 59 -7.59 1.49 -61.58
N ASN G 60 -6.78 0.47 -61.31
CA ASN G 60 -5.33 0.62 -61.17
C ASN G 60 -4.98 1.74 -60.19
N THR G 61 -5.70 1.77 -59.08
CA THR G 61 -5.47 2.78 -58.03
C THR G 61 -5.43 2.05 -56.69
N PRO G 62 -4.34 2.14 -55.94
CA PRO G 62 -4.31 1.50 -54.61
C PRO G 62 -5.06 2.35 -53.60
N LEU G 63 -6.04 1.74 -52.95
CA LEU G 63 -6.83 2.39 -51.91
C LEU G 63 -6.38 1.80 -50.58
N TYR G 64 -5.37 2.43 -49.98
CA TYR G 64 -4.71 1.84 -48.81
C TYR G 64 -5.58 1.94 -47.56
N CYS G 65 -5.63 0.84 -46.80
CA CYS G 65 -6.19 0.83 -45.46
C CYS G 65 -5.13 1.11 -44.40
N ASP G 66 -3.89 0.67 -44.63
CA ASP G 66 -2.74 0.89 -43.78
C ASP G 66 -1.50 0.49 -44.56
N ALA G 67 -0.38 1.18 -44.32
CA ALA G 67 0.81 0.98 -45.14
C ALA G 67 1.99 1.71 -44.51
N ILE G 68 3.18 1.40 -45.01
CA ILE G 68 4.41 2.09 -44.62
C ILE G 68 5.20 2.41 -45.89
N ASN G 69 6.09 3.40 -45.80
CA ASN G 69 6.93 3.73 -46.95
C ASN G 69 8.37 3.29 -46.71
N GLU G 70 9.20 3.43 -47.75
CA GLU G 70 10.57 2.93 -47.70
C GLU G 70 11.47 3.71 -46.75
N LYS G 71 11.02 4.84 -46.21
CA LYS G 71 11.82 5.60 -45.26
C LYS G 71 11.41 5.40 -43.81
N GLY G 72 10.45 4.52 -43.53
CA GLY G 72 10.08 4.24 -42.15
C GLY G 72 8.93 5.06 -41.61
N LEU G 73 8.04 5.53 -42.46
CA LEU G 73 6.83 6.25 -42.06
C LEU G 73 5.62 5.34 -42.25
N GLY G 74 4.70 5.35 -41.31
CA GLY G 74 3.52 4.52 -41.41
C GLY G 74 2.24 5.31 -41.17
N VAL G 75 1.20 4.98 -41.94
CA VAL G 75 -0.12 5.55 -41.74
C VAL G 75 -1.15 4.42 -41.78
N ALA G 76 -2.05 4.41 -40.80
CA ALA G 76 -3.17 3.48 -40.75
C ALA G 76 -4.46 4.27 -40.72
N GLY G 77 -5.43 3.89 -41.54
CA GLY G 77 -6.75 4.50 -41.53
C GLY G 77 -7.70 3.61 -40.75
N LEU G 78 -8.34 4.19 -39.75
CA LEU G 78 -9.24 3.44 -38.88
C LEU G 78 -10.62 4.03 -38.97
N SER G 79 -11.63 3.16 -38.99
CA SER G 79 -13.02 3.57 -39.05
C SER G 79 -13.34 4.60 -37.97
N PHE G 80 -14.16 5.59 -38.34
CA PHE G 80 -14.48 6.71 -37.45
C PHE G 80 -15.92 7.16 -37.65
N ALA G 81 -16.80 6.23 -37.99
CA ALA G 81 -18.20 6.56 -38.28
C ALA G 81 -18.84 7.29 -37.12
N GLY G 82 -19.62 8.33 -37.45
CA GLY G 82 -20.29 9.12 -36.44
C GLY G 82 -19.45 10.19 -35.80
N GLN G 83 -18.13 10.16 -35.97
CA GLN G 83 -17.22 11.17 -35.45
C GLN G 83 -16.59 12.02 -36.56
N GLY G 84 -16.19 11.41 -37.66
CA GLY G 84 -15.48 12.14 -38.69
C GLY G 84 -16.39 13.11 -39.44
N LYS G 85 -15.78 14.17 -39.96
CA LYS G 85 -16.47 15.07 -40.86
C LYS G 85 -15.50 15.55 -41.92
N TYR G 86 -15.95 15.53 -43.16
CA TYR G 86 -15.17 16.01 -44.29
C TYR G 86 -15.78 17.31 -44.80
N PHE G 87 -14.96 18.09 -45.50
CA PHE G 87 -15.40 19.43 -45.86
C PHE G 87 -15.18 19.69 -47.35
N PRO G 88 -16.03 20.52 -47.96
CA PRO G 88 -15.88 20.79 -49.40
C PRO G 88 -14.54 21.43 -49.71
N VAL G 89 -14.06 21.19 -50.94
CA VAL G 89 -12.77 21.72 -51.34
C VAL G 89 -12.79 23.25 -51.24
N VAL G 90 -11.73 23.81 -50.66
CA VAL G 90 -11.66 25.24 -50.41
C VAL G 90 -10.33 25.78 -50.92
N GLU G 91 -10.34 27.04 -51.37
CA GLU G 91 -9.22 27.59 -52.12
C GLU G 91 -8.01 27.91 -51.24
N ASP G 92 -8.21 28.29 -49.98
CA ASP G 92 -7.13 28.71 -49.11
C ASP G 92 -6.53 27.57 -48.30
N LYS G 93 -6.83 26.32 -48.65
CA LYS G 93 -6.28 25.17 -47.94
C LYS G 93 -5.77 24.14 -48.95
N LYS G 94 -4.83 23.32 -48.48
CA LYS G 94 -4.39 22.14 -49.21
C LYS G 94 -5.40 21.01 -49.00
N ASN G 95 -6.10 20.62 -50.06
CA ASN G 95 -7.19 19.65 -49.95
C ASN G 95 -6.68 18.24 -50.24
N ILE G 96 -6.85 17.34 -49.26
CA ILE G 96 -6.59 15.92 -49.44
C ILE G 96 -7.89 15.17 -49.23
N ALA G 97 -8.24 14.31 -50.18
CA ALA G 97 -9.42 13.48 -50.01
C ALA G 97 -9.10 12.35 -49.03
N SER G 98 -10.13 11.87 -48.33
CA SER G 98 -9.89 10.90 -47.26
C SER G 98 -9.23 9.64 -47.80
N PHE G 99 -9.64 9.18 -48.97
CA PHE G 99 -9.10 7.93 -49.51
C PHE G 99 -7.67 8.07 -50.03
N GLU G 100 -7.18 9.28 -50.29
CA GLU G 100 -5.80 9.44 -50.73
C GLU G 100 -4.85 9.83 -49.60
N PHE G 101 -5.35 9.96 -48.37
CA PHE G 101 -4.51 10.46 -47.28
C PHE G 101 -3.28 9.59 -47.07
N ILE G 102 -3.47 8.27 -46.99
CA ILE G 102 -2.33 7.40 -46.74
C ILE G 102 -1.36 7.46 -47.92
N SER G 103 -1.89 7.39 -49.15
CA SER G 103 -1.02 7.44 -50.33
C SER G 103 -0.22 8.73 -50.36
N TYR G 104 -0.90 9.86 -50.21
CA TYR G 104 -0.23 11.16 -50.33
C TYR G 104 0.84 11.32 -49.26
N ILE G 105 0.49 11.05 -48.00
CA ILE G 105 1.44 11.27 -46.90
C ILE G 105 2.66 10.37 -47.06
N LEU G 106 2.44 9.10 -47.39
CA LEU G 106 3.57 8.19 -47.48
C LEU G 106 4.39 8.44 -48.74
N ALA G 107 3.75 8.97 -49.79
CA ALA G 107 4.51 9.30 -50.99
C ALA G 107 5.46 10.47 -50.75
N THR G 108 5.09 11.38 -49.85
CA THR G 108 5.65 12.73 -49.81
C THR G 108 6.57 13.00 -48.62
N TYR G 109 6.36 12.32 -47.48
CA TYR G 109 7.04 12.68 -46.24
C TYR G 109 7.77 11.49 -45.64
N GLU G 110 8.72 11.79 -44.76
CA GLU G 110 9.51 10.75 -44.12
C GLU G 110 9.26 10.58 -42.63
N THR G 111 8.79 11.62 -41.92
CA THR G 111 8.71 11.56 -40.47
C THR G 111 7.39 12.12 -39.96
N VAL G 112 7.08 11.76 -38.71
CA VAL G 112 5.92 12.27 -38.00
C VAL G 112 6.04 13.79 -37.83
N ASP G 113 7.21 14.27 -37.43
CA ASP G 113 7.45 15.71 -37.35
C ASP G 113 7.10 16.42 -38.66
N GLN G 114 7.49 15.84 -39.80
CA GLN G 114 7.22 16.49 -41.08
C GLN G 114 5.74 16.48 -41.39
N VAL G 115 5.06 15.36 -41.11
CA VAL G 115 3.62 15.30 -41.33
C VAL G 115 2.92 16.35 -40.48
N LYS G 116 3.29 16.42 -39.20
CA LYS G 116 2.72 17.40 -38.29
C LYS G 116 2.94 18.82 -38.81
N GLU G 117 4.18 19.13 -39.20
CA GLU G 117 4.52 20.48 -39.65
C GLU G 117 3.71 20.88 -40.88
N ASN G 118 3.43 19.92 -41.76
CA ASN G 118 2.85 20.25 -43.05
C ASN G 118 1.35 19.97 -43.12
N LEU G 119 0.73 19.58 -42.01
CA LEU G 119 -0.72 19.50 -41.94
C LEU G 119 -1.35 20.81 -41.48
N THR G 120 -0.57 21.84 -41.17
CA THR G 120 -1.15 23.03 -40.55
C THR G 120 -2.15 23.74 -41.45
N ASP G 121 -2.07 23.55 -42.77
CA ASP G 121 -3.00 24.21 -43.69
C ASP G 121 -3.86 23.22 -44.47
N VAL G 122 -4.06 22.01 -43.95
CA VAL G 122 -4.72 20.95 -44.70
C VAL G 122 -6.22 20.94 -44.38
N ASN G 123 -7.01 20.64 -45.41
CA ASN G 123 -8.42 20.28 -45.29
C ASN G 123 -8.58 18.86 -45.82
N ILE G 124 -9.28 18.01 -45.07
CA ILE G 124 -9.63 16.68 -45.57
C ILE G 124 -10.94 16.83 -46.34
N SER G 125 -10.88 16.63 -47.65
CA SER G 125 -12.00 16.97 -48.52
C SER G 125 -13.07 15.89 -48.49
N ASP G 126 -14.27 16.26 -48.91
CA ASP G 126 -15.39 15.33 -49.00
C ASP G 126 -15.39 14.55 -50.31
N VAL G 127 -14.31 14.59 -51.07
CA VAL G 127 -14.28 13.99 -52.39
C VAL G 127 -14.17 12.47 -52.25
N SER G 128 -15.11 11.74 -52.84
CA SER G 128 -15.12 10.29 -52.81
C SER G 128 -14.45 9.72 -54.05
N PHE G 129 -13.88 8.52 -53.90
CA PHE G 129 -13.19 7.89 -55.03
C PHE G 129 -14.16 7.56 -56.15
N SER G 130 -15.31 6.97 -55.83
CA SER G 130 -16.31 6.67 -56.85
C SER G 130 -17.27 7.83 -57.03
N PRO G 134 -19.68 7.72 -51.92
CA PRO G 134 -19.55 8.45 -50.65
C PRO G 134 -18.39 7.93 -49.81
N ALA G 135 -17.51 8.82 -49.36
CA ALA G 135 -16.26 8.40 -48.74
C ALA G 135 -16.48 7.89 -47.31
N SER G 136 -15.72 6.86 -46.95
CA SER G 136 -15.78 6.32 -45.60
C SER G 136 -15.26 7.33 -44.58
N GLU G 137 -15.88 7.36 -43.41
CA GLU G 137 -15.41 8.21 -42.32
C GLU G 137 -14.24 7.55 -41.64
N LEU G 138 -13.09 8.22 -41.62
CA LEU G 138 -11.85 7.67 -41.08
C LEU G 138 -11.17 8.68 -40.18
N HIS G 139 -10.26 8.16 -39.34
CA HIS G 139 -9.19 8.96 -38.75
C HIS G 139 -7.93 8.12 -38.86
N TRP G 140 -6.79 8.72 -38.55
CA TRP G 140 -5.52 8.10 -38.90
C TRP G 140 -4.54 8.13 -37.75
N LEU G 141 -3.78 7.04 -37.62
CA LEU G 141 -2.58 6.96 -36.81
C LEU G 141 -1.38 7.08 -37.73
N VAL G 142 -0.42 7.92 -37.37
CA VAL G 142 0.84 8.09 -38.08
C VAL G 142 1.98 7.86 -37.10
N GLY G 143 2.91 6.99 -37.45
CA GLY G 143 4.05 6.72 -36.59
C GLY G 143 5.30 6.55 -37.44
N ASP G 144 6.45 6.58 -36.77
CA ASP G 144 7.72 6.42 -37.47
C ASP G 144 8.74 5.79 -36.53
N LYS G 145 10.00 5.75 -36.97
CA LYS G 145 11.08 5.09 -36.23
C LYS G 145 11.60 5.90 -35.06
N THR G 146 11.03 7.08 -34.78
CA THR G 146 11.31 7.71 -33.50
C THR G 146 10.58 7.01 -32.35
N GLY G 147 9.68 6.09 -32.66
CA GLY G 147 8.83 5.52 -31.62
C GLY G 147 7.72 6.44 -31.18
N LYS G 148 7.44 7.49 -31.94
CA LYS G 148 6.38 8.41 -31.60
C LYS G 148 5.32 8.41 -32.68
N SER G 149 4.12 8.83 -32.29
CA SER G 149 2.98 8.76 -33.20
C SER G 149 2.08 9.97 -32.97
N ILE G 150 1.22 10.21 -33.96
CA ILE G 150 0.23 11.26 -33.90
C ILE G 150 -1.08 10.68 -34.39
N VAL G 151 -2.16 11.32 -33.95
CA VAL G 151 -3.52 11.01 -34.37
C VAL G 151 -4.05 12.19 -35.18
N VAL G 152 -4.63 11.90 -36.34
CA VAL G 152 -5.16 12.91 -37.23
C VAL G 152 -6.66 12.69 -37.33
N GLU G 153 -7.44 13.68 -36.94
CA GLU G 153 -8.90 13.56 -36.92
C GLU G 153 -9.52 14.80 -37.54
N SER G 154 -10.42 14.59 -38.50
CA SER G 154 -11.25 15.66 -39.03
C SER G 154 -12.66 15.46 -38.50
N ASP G 155 -13.14 16.42 -37.70
CA ASP G 155 -14.46 16.32 -37.09
C ASP G 155 -15.28 17.59 -37.30
N GLU G 156 -16.36 17.75 -36.54
CA GLU G 156 -17.22 18.93 -36.69
C GLU G 156 -16.44 20.23 -36.54
N LYS G 157 -15.37 20.22 -35.75
CA LYS G 157 -14.56 21.41 -35.52
C LYS G 157 -13.33 21.49 -36.41
N GLY G 158 -13.26 20.69 -37.47
CA GLY G 158 -12.15 20.80 -38.41
C GLY G 158 -11.06 19.77 -38.21
N LEU G 159 -9.84 20.10 -38.64
CA LEU G 159 -8.73 19.16 -38.61
C LEU G 159 -7.91 19.35 -37.33
N HIS G 160 -7.62 18.24 -36.67
CA HIS G 160 -6.82 18.24 -35.44
C HIS G 160 -5.71 17.22 -35.57
N VAL G 161 -4.55 17.55 -35.00
CA VAL G 161 -3.42 16.63 -34.91
C VAL G 161 -3.01 16.56 -33.46
N TYR G 162 -3.03 15.36 -32.88
CA TYR G 162 -2.70 15.16 -31.47
C TYR G 162 -1.45 14.32 -31.35
N ASP G 163 -0.54 14.71 -30.45
CA ASP G 163 0.49 13.75 -30.07
C ASP G 163 -0.15 12.58 -29.35
N ASN G 164 0.33 11.38 -29.64
CA ASN G 164 -0.27 10.17 -29.09
C ASN G 164 0.65 9.56 -28.04
N PRO G 165 0.39 9.77 -26.74
CA PRO G 165 1.30 9.25 -25.71
C PRO G 165 1.26 7.73 -25.54
N VAL G 166 0.27 7.04 -26.10
CA VAL G 166 0.12 5.60 -25.89
C VAL G 166 0.30 4.79 -27.17
N ASN G 167 0.51 5.44 -28.32
CA ASN G 167 0.88 4.75 -29.56
C ASN G 167 -0.15 3.71 -30.00
N ALA G 168 -1.42 4.00 -29.77
CA ALA G 168 -2.50 3.09 -30.15
C ALA G 168 -3.69 3.93 -30.59
N LEU G 169 -4.60 3.30 -31.34
CA LEU G 169 -5.79 4.02 -31.78
C LEU G 169 -6.86 2.98 -32.10
N THR G 170 -8.11 3.31 -31.83
CA THR G 170 -9.19 2.45 -32.31
C THR G 170 -10.18 3.30 -33.09
N ASN G 171 -11.43 3.37 -32.65
CA ASN G 171 -12.45 4.12 -33.38
C ASN G 171 -12.93 5.29 -32.53
N ALA G 172 -14.24 5.47 -32.42
CA ALA G 172 -14.81 6.53 -31.63
C ALA G 172 -14.58 6.28 -30.14
N PRO G 173 -14.61 7.33 -29.29
CA PRO G 173 -14.90 8.76 -29.53
C PRO G 173 -13.69 9.57 -29.99
N LEU G 174 -13.79 10.90 -29.94
CA LEU G 174 -12.65 11.75 -30.28
C LEU G 174 -11.45 11.41 -29.42
N PHE G 175 -10.26 11.59 -29.98
CA PHE G 175 -9.04 11.14 -29.29
C PHE G 175 -8.86 11.71 -27.89
N PRO G 176 -9.08 13.02 -27.62
CA PRO G 176 -8.92 13.48 -26.23
C PRO G 176 -9.85 12.77 -25.25
N GLN G 177 -11.02 12.31 -25.70
CA GLN G 177 -11.92 11.52 -24.87
C GLN G 177 -11.36 10.12 -24.63
N GLN G 178 -10.71 9.52 -25.64
CA GLN G 178 -10.05 8.24 -25.42
C GLN G 178 -8.98 8.35 -24.33
N LEU G 179 -8.25 9.47 -24.32
CA LEU G 179 -7.18 9.61 -23.34
C LEU G 179 -7.75 9.83 -21.94
N THR G 180 -8.84 10.60 -21.84
CA THR G 180 -9.47 10.81 -20.54
C THR G 180 -9.94 9.50 -19.93
N ASN G 181 -10.60 8.66 -20.75
CA ASN G 181 -11.13 7.39 -20.25
C ASN G 181 -10.02 6.47 -19.77
N LEU G 182 -8.80 6.62 -20.30
CA LEU G 182 -7.69 5.79 -19.85
C LEU G 182 -7.44 5.96 -18.35
N ALA G 183 -7.60 7.19 -17.84
CA ALA G 183 -7.35 7.43 -16.43
C ALA G 183 -8.35 6.71 -15.53
N ASN G 184 -9.50 6.29 -16.07
CA ASN G 184 -10.43 5.49 -15.28
C ASN G 184 -9.86 4.14 -14.88
N TYR G 185 -8.77 3.70 -15.52
CA TYR G 185 -8.17 2.39 -15.27
C TYR G 185 -6.81 2.52 -14.61
N ALA G 186 -6.55 3.65 -13.97
CA ALA G 186 -5.23 3.93 -13.39
C ALA G 186 -4.85 2.96 -12.27
N ALA G 187 -5.81 2.28 -11.65
CA ALA G 187 -5.50 1.33 -10.59
C ALA G 187 -5.16 -0.06 -11.11
N VAL G 188 -5.30 -0.30 -12.41
CA VAL G 188 -4.99 -1.62 -12.96
C VAL G 188 -3.49 -1.90 -12.83
N VAL G 189 -3.14 -3.12 -12.43
CA VAL G 189 -1.76 -3.59 -12.45
C VAL G 189 -1.73 -5.02 -12.96
N PRO G 190 -0.62 -5.42 -13.58
CA PRO G 190 -0.55 -6.81 -14.10
C PRO G 190 -0.49 -7.86 -13.01
N GLY G 191 -0.01 -7.53 -11.80
CA GLY G 191 0.09 -8.51 -10.74
C GLY G 191 -1.01 -8.39 -9.70
N GLN G 192 -0.63 -8.42 -8.42
CA GLN G 192 -1.58 -8.27 -7.34
C GLN G 192 -1.46 -6.88 -6.73
N PRO G 193 -2.56 -6.16 -6.55
CA PRO G 193 -2.48 -4.88 -5.86
C PRO G 193 -2.18 -5.09 -4.38
N ASN G 194 -1.56 -4.08 -3.78
CA ASN G 194 -1.47 -4.03 -2.33
C ASN G 194 -2.85 -3.70 -1.76
N ASN G 195 -3.20 -4.30 -0.62
CA ASN G 195 -4.54 -4.13 -0.08
C ASN G 195 -4.64 -2.81 0.69
N ASP G 196 -4.93 -1.75 -0.04
CA ASP G 196 -5.38 -0.49 0.52
C ASP G 196 -6.87 -0.32 0.33
N PHE G 197 -7.54 -1.39 -0.11
CA PHE G 197 -8.99 -1.42 -0.27
C PHE G 197 -9.68 -1.62 1.08
N LEU G 198 -9.34 -2.68 1.79
CA LEU G 198 -9.87 -2.93 3.13
C LEU G 198 -8.71 -3.15 4.10
N PRO G 199 -7.99 -2.08 4.45
CA PRO G 199 -6.82 -2.23 5.34
C PRO G 199 -7.21 -2.92 6.64
N GLY G 200 -6.39 -3.87 7.06
CA GLY G 200 -6.65 -4.66 8.24
C GLY G 200 -7.47 -5.92 8.00
N VAL G 201 -7.94 -6.13 6.77
CA VAL G 201 -8.64 -7.36 6.40
C VAL G 201 -7.75 -8.14 5.47
N ASP G 202 -7.66 -9.45 5.70
CA ASP G 202 -6.87 -10.31 4.82
C ASP G 202 -7.78 -10.83 3.72
N LEU G 203 -7.57 -10.36 2.50
CA LEU G 203 -8.44 -10.76 1.41
C LEU G 203 -8.03 -12.12 0.85
N LYS G 204 -8.97 -12.79 0.22
CA LYS G 204 -8.72 -14.07 -0.43
C LYS G 204 -8.19 -13.77 -1.83
N MET G 205 -6.88 -13.59 -1.95
CA MET G 205 -6.25 -13.35 -3.26
C MET G 205 -6.17 -14.67 -4.03
N TYR G 206 -7.34 -15.07 -4.55
CA TYR G 206 -7.62 -16.43 -5.01
C TYR G 206 -7.12 -16.70 -6.43
N SER G 207 -6.85 -15.66 -7.21
CA SER G 207 -6.36 -15.83 -8.58
C SER G 207 -5.15 -14.95 -8.79
N ARG G 208 -4.30 -15.38 -9.71
CA ARG G 208 -3.23 -14.51 -10.20
C ARG G 208 -3.83 -13.32 -10.94
N SER G 209 -3.07 -12.23 -10.99
CA SER G 209 -3.42 -11.03 -11.74
C SER G 209 -4.80 -10.49 -11.37
N LEU G 210 -5.14 -10.53 -10.07
CA LEU G 210 -6.35 -9.83 -9.66
C LEU G 210 -6.27 -8.33 -9.95
N GLY G 211 -5.06 -7.80 -10.15
CA GLY G 211 -4.93 -6.41 -10.55
C GLY G 211 -5.50 -6.08 -11.92
N THR G 212 -5.81 -7.10 -12.75
CA THR G 212 -6.45 -6.85 -14.03
C THR G 212 -7.92 -7.21 -14.05
N HIS G 213 -8.55 -7.37 -12.89
CA HIS G 213 -9.94 -7.81 -12.88
C HIS G 213 -10.87 -6.80 -13.54
N HIS G 214 -10.51 -5.52 -13.54
CA HIS G 214 -11.34 -4.51 -14.20
C HIS G 214 -10.78 -4.07 -15.55
N LEU G 215 -9.82 -4.81 -16.10
CA LEU G 215 -9.32 -4.51 -17.44
C LEU G 215 -10.41 -4.82 -18.47
N PRO G 216 -10.71 -3.91 -19.39
CA PRO G 216 -11.83 -4.14 -20.32
C PRO G 216 -11.54 -5.25 -21.32
N GLY G 217 -12.57 -6.04 -21.63
CA GLY G 217 -12.45 -7.07 -22.65
C GLY G 217 -13.52 -7.01 -23.71
N GLY G 218 -14.30 -5.93 -23.72
CA GLY G 218 -15.36 -5.77 -24.68
C GLY G 218 -14.86 -5.63 -26.11
N MET G 219 -15.82 -5.75 -27.03
CA MET G 219 -15.56 -5.56 -28.45
C MET G 219 -15.75 -4.11 -28.89
N ASP G 220 -16.24 -3.24 -28.01
CA ASP G 220 -16.46 -1.84 -28.36
C ASP G 220 -15.14 -1.08 -28.41
N SER G 221 -15.21 0.14 -28.95
CA SER G 221 -14.01 0.89 -29.29
C SER G 221 -13.19 1.27 -28.05
N GLU G 222 -13.85 1.72 -26.98
CA GLU G 222 -13.12 2.13 -25.79
C GLU G 222 -12.48 0.93 -25.08
N SER G 223 -13.20 -0.20 -24.99
CA SER G 223 -12.64 -1.39 -24.35
C SER G 223 -11.36 -1.85 -25.05
N ARG G 224 -11.41 -1.93 -26.38
CA ARG G 224 -10.22 -2.33 -27.13
C ARG G 224 -9.09 -1.32 -26.95
N PHE G 225 -9.41 -0.02 -26.92
CA PHE G 225 -8.35 0.97 -26.78
C PHE G 225 -7.61 0.80 -25.45
N VAL G 226 -8.36 0.71 -24.35
CA VAL G 226 -7.76 0.61 -23.03
C VAL G 226 -6.92 -0.66 -22.94
N LYS G 227 -7.49 -1.78 -23.35
CA LYS G 227 -6.77 -3.05 -23.25
C LYS G 227 -5.53 -3.06 -24.14
N VAL G 228 -5.63 -2.57 -25.38
CA VAL G 228 -4.45 -2.65 -26.24
C VAL G 228 -3.36 -1.71 -25.74
N CYS G 229 -3.75 -0.57 -25.15
CA CYS G 229 -2.75 0.33 -24.57
C CYS G 229 -1.97 -0.37 -23.47
N PHE G 230 -2.68 -1.16 -22.65
CA PHE G 230 -2.06 -1.95 -21.59
C PHE G 230 -1.16 -3.05 -22.17
N ALA G 231 -1.69 -3.84 -23.10
CA ALA G 231 -0.90 -4.92 -23.69
C ALA G 231 0.35 -4.36 -24.34
N LEU G 232 0.25 -3.24 -25.05
CA LEU G 232 1.39 -2.66 -25.73
C LEU G 232 2.42 -2.15 -24.72
N ASN G 233 1.96 -1.40 -23.73
CA ASN G 233 2.86 -0.80 -22.75
C ASN G 233 3.70 -1.86 -22.04
N HIS G 234 3.12 -3.03 -21.78
CA HIS G 234 3.76 -4.05 -20.95
C HIS G 234 4.44 -5.15 -21.77
N ALA G 235 4.45 -5.03 -23.09
CA ALA G 235 5.02 -6.06 -23.95
C ALA G 235 6.54 -6.11 -23.83
N PRO G 236 7.17 -7.23 -24.21
CA PRO G 236 8.63 -7.34 -24.09
C PRO G 236 9.36 -6.32 -24.95
N LYS G 237 10.58 -6.01 -24.52
CA LYS G 237 11.47 -5.09 -25.21
C LYS G 237 12.77 -5.79 -25.54
N ASP G 238 13.55 -5.16 -26.42
CA ASP G 238 14.91 -5.60 -26.77
C ASP G 238 14.92 -6.95 -27.51
N SER G 239 13.89 -7.22 -28.30
CA SER G 239 13.75 -8.50 -28.98
C SER G 239 14.20 -8.39 -30.44
N ASP G 240 14.65 -9.52 -30.99
CA ASP G 240 15.07 -9.59 -32.39
C ASP G 240 13.83 -9.74 -33.27
N GLU G 241 14.05 -10.00 -34.56
CA GLU G 241 12.99 -9.79 -35.54
C GLU G 241 11.80 -10.73 -35.31
N VAL G 242 12.06 -12.04 -35.26
CA VAL G 242 10.94 -12.97 -35.19
C VAL G 242 10.26 -12.87 -33.84
N GLU G 243 11.02 -12.69 -32.76
CA GLU G 243 10.42 -12.52 -31.44
C GLU G 243 9.56 -11.26 -31.40
N SER G 244 10.02 -10.17 -32.01
CA SER G 244 9.23 -8.94 -32.03
C SER G 244 7.94 -9.12 -32.81
N VAL G 245 8.02 -9.71 -34.01
CA VAL G 245 6.82 -9.92 -34.81
C VAL G 245 5.83 -10.80 -34.05
N THR G 246 6.34 -11.85 -33.37
CA THR G 246 5.47 -12.72 -32.60
C THR G 246 4.73 -11.96 -31.52
N ASN G 247 5.46 -11.14 -30.75
CA ASN G 247 4.87 -10.33 -29.70
C ASN G 247 3.87 -9.33 -30.27
N PHE G 248 4.20 -8.72 -31.42
CA PHE G 248 3.32 -7.74 -32.04
C PHE G 248 1.95 -8.36 -32.32
N PHE G 249 1.95 -9.55 -32.91
CA PHE G 249 0.69 -10.21 -33.22
C PHE G 249 -0.09 -10.59 -31.96
N HIS G 250 0.62 -10.97 -30.88
CA HIS G 250 -0.09 -11.28 -29.64
C HIS G 250 -0.73 -10.03 -29.05
N ILE G 251 -0.04 -8.88 -29.14
CA ILE G 251 -0.64 -7.64 -28.64
C ILE G 251 -1.97 -7.40 -29.34
N LEU G 252 -1.99 -7.46 -30.66
CA LEU G 252 -3.25 -7.22 -31.37
C LEU G 252 -4.24 -8.35 -31.16
N GLN G 253 -3.75 -9.57 -30.88
CA GLN G 253 -4.64 -10.68 -30.59
C GLN G 253 -5.40 -10.47 -29.29
N SER G 254 -4.80 -9.77 -28.32
CA SER G 254 -5.46 -9.48 -27.07
C SER G 254 -6.74 -8.68 -27.25
N VAL G 255 -6.93 -8.05 -28.41
CA VAL G 255 -8.15 -7.30 -28.69
C VAL G 255 -8.84 -7.80 -29.97
N GLU G 256 -8.66 -9.08 -30.29
CA GLU G 256 -9.28 -9.63 -31.49
C GLU G 256 -10.79 -9.70 -31.31
N GLN G 257 -11.51 -9.58 -32.42
CA GLN G 257 -12.96 -9.71 -32.42
C GLN G 257 -13.33 -11.05 -33.04
N VAL G 258 -13.81 -11.98 -32.22
CA VAL G 258 -14.22 -13.29 -32.69
C VAL G 258 -15.63 -13.20 -33.24
N LYS G 259 -15.92 -13.97 -34.29
CA LYS G 259 -17.26 -14.00 -34.85
C LYS G 259 -18.28 -14.37 -33.79
N GLY G 260 -19.33 -13.56 -33.68
CA GLY G 260 -20.41 -13.78 -32.75
C GLY G 260 -20.44 -12.79 -31.59
N MET G 261 -19.30 -12.17 -31.28
CA MET G 261 -19.20 -11.30 -30.11
C MET G 261 -19.58 -9.85 -30.38
N ASP G 262 -19.61 -9.43 -31.64
CA ASP G 262 -19.89 -8.05 -32.01
C ASP G 262 -21.00 -8.08 -33.07
N GLU G 263 -22.24 -7.89 -32.63
CA GLU G 263 -23.38 -7.97 -33.52
C GLU G 263 -23.69 -6.58 -34.07
N VAL G 264 -23.47 -6.39 -35.37
CA VAL G 264 -23.74 -5.11 -36.02
C VAL G 264 -24.99 -5.14 -36.85
N GLY G 265 -25.67 -6.28 -36.93
CA GLY G 265 -26.90 -6.42 -37.66
C GLY G 265 -27.48 -7.80 -37.41
N PRO G 266 -28.72 -8.04 -37.85
CA PRO G 266 -29.33 -9.36 -37.68
C PRO G 266 -28.44 -10.47 -38.21
N ASN G 267 -27.82 -11.22 -37.29
CA ASN G 267 -26.89 -12.30 -37.59
C ASN G 267 -25.69 -11.84 -38.41
N ILE G 268 -25.35 -10.56 -38.34
CA ILE G 268 -24.20 -10.00 -39.03
C ILE G 268 -23.20 -9.51 -37.98
N PHE G 269 -21.94 -9.93 -38.12
CA PHE G 269 -20.95 -9.76 -37.06
C PHE G 269 -19.70 -9.09 -37.57
N GLU G 270 -19.22 -8.09 -36.83
CA GLU G 270 -17.91 -7.51 -37.07
C GLU G 270 -16.86 -8.38 -36.39
N TYR G 271 -15.84 -8.78 -37.15
CA TYR G 271 -14.77 -9.62 -36.64
C TYR G 271 -13.46 -9.17 -37.25
N THR G 272 -12.36 -9.65 -36.67
CA THR G 272 -11.02 -9.25 -37.10
C THR G 272 -10.70 -9.98 -38.41
N MET G 273 -10.78 -9.24 -39.51
CA MET G 273 -10.57 -9.81 -40.84
C MET G 273 -9.11 -10.08 -41.13
N TYR G 274 -8.23 -9.14 -40.82
CA TYR G 274 -6.80 -9.37 -41.00
C TYR G 274 -6.02 -8.58 -39.96
N THR G 275 -4.76 -8.97 -39.81
CA THR G 275 -3.83 -8.32 -38.89
C THR G 275 -2.54 -8.09 -39.68
N SER G 276 -2.09 -6.82 -39.75
CA SER G 276 -0.87 -6.47 -40.44
C SER G 276 0.19 -5.99 -39.46
N CYS G 277 1.45 -6.29 -39.79
CA CYS G 277 2.60 -5.92 -38.97
C CYS G 277 3.70 -5.47 -39.93
N MET G 278 4.06 -4.19 -39.94
CA MET G 278 5.04 -3.69 -40.90
C MET G 278 6.27 -3.17 -40.16
N ASN G 279 7.43 -3.78 -40.45
CA ASN G 279 8.71 -3.35 -39.88
C ASN G 279 9.17 -2.08 -40.60
N LEU G 280 9.22 -0.95 -39.86
CA LEU G 280 9.55 0.33 -40.48
C LEU G 280 11.01 0.38 -40.95
N GLU G 281 11.93 -0.22 -40.20
CA GLU G 281 13.34 -0.21 -40.60
C GLU G 281 13.58 -1.00 -41.88
N LYS G 282 12.84 -2.08 -42.11
CA LYS G 282 13.17 -3.07 -43.10
C LYS G 282 12.20 -3.16 -44.27
N GLY G 283 11.06 -2.49 -44.21
CA GLY G 283 10.09 -2.55 -45.29
C GLY G 283 9.40 -3.89 -45.45
N ILE G 284 9.26 -4.66 -44.36
CA ILE G 284 8.68 -6.00 -44.40
C ILE G 284 7.28 -5.96 -43.83
N LEU G 285 6.31 -6.47 -44.59
CA LEU G 285 4.93 -6.57 -44.17
C LEU G 285 4.65 -8.02 -43.78
N TYR G 286 4.27 -8.23 -42.52
CA TYR G 286 3.83 -9.52 -42.03
C TYR G 286 2.32 -9.46 -41.82
N PHE G 287 1.62 -10.56 -42.13
CA PHE G 287 0.17 -10.55 -42.01
C PHE G 287 -0.39 -11.94 -41.75
N ASN G 288 -1.56 -11.99 -41.11
CA ASN G 288 -2.43 -13.16 -41.17
C ASN G 288 -3.86 -12.66 -41.24
N CYS G 289 -4.82 -13.58 -41.19
CA CYS G 289 -6.21 -13.21 -41.36
C CYS G 289 -7.08 -14.14 -40.52
N TYR G 290 -8.39 -13.85 -40.51
CA TYR G 290 -9.28 -14.64 -39.67
C TYR G 290 -9.21 -16.11 -40.03
N ASP G 291 -9.20 -16.42 -41.33
CA ASP G 291 -9.21 -17.80 -41.79
C ASP G 291 -7.84 -18.47 -41.83
N ASP G 292 -6.75 -17.73 -41.63
CA ASP G 292 -5.41 -18.33 -41.71
C ASP G 292 -4.54 -17.77 -40.59
N SER G 293 -4.18 -18.62 -39.63
CA SER G 293 -3.40 -18.22 -38.47
C SER G 293 -1.91 -18.09 -38.78
N ARG G 294 -1.41 -18.80 -39.78
CA ARG G 294 0.02 -18.72 -40.09
C ARG G 294 0.39 -17.32 -40.56
N ILE G 295 1.57 -16.86 -40.16
CA ILE G 295 2.04 -15.52 -40.52
C ILE G 295 2.78 -15.61 -41.85
N SER G 296 2.43 -14.72 -42.78
CA SER G 296 3.11 -14.56 -44.06
C SER G 296 3.92 -13.25 -44.07
N ALA G 297 4.95 -13.21 -44.91
CA ALA G 297 5.81 -12.03 -45.00
C ALA G 297 6.13 -11.68 -46.45
N VAL G 298 5.97 -10.40 -46.80
CA VAL G 298 6.36 -9.84 -48.09
C VAL G 298 7.36 -8.73 -47.83
N ASP G 299 8.54 -8.83 -48.41
CA ASP G 299 9.57 -7.82 -48.26
C ASP G 299 9.53 -6.89 -49.48
N MET G 300 9.22 -5.62 -49.22
CA MET G 300 9.15 -4.62 -50.29
C MET G 300 10.47 -4.50 -51.03
N ASN G 301 11.58 -4.69 -50.33
CA ASN G 301 12.89 -4.45 -50.93
C ASN G 301 13.36 -5.59 -51.83
N LYS G 302 12.63 -6.68 -51.91
CA LYS G 302 12.90 -7.72 -52.89
C LYS G 302 12.18 -7.49 -54.21
N GLU G 303 11.43 -6.40 -54.33
CA GLU G 303 10.76 -6.05 -55.58
C GLU G 303 11.55 -4.95 -56.29
N ASP G 304 11.14 -4.66 -57.52
CA ASP G 304 11.76 -3.60 -58.32
C ASP G 304 11.05 -2.30 -58.00
N LEU G 305 11.63 -1.51 -57.11
CA LEU G 305 10.93 -0.33 -56.62
C LEU G 305 10.93 0.83 -57.62
N SER G 306 11.75 0.76 -58.66
CA SER G 306 11.67 1.74 -59.73
C SER G 306 10.61 1.41 -60.77
N SER G 307 9.87 0.33 -60.57
CA SER G 307 8.66 -0.03 -61.31
C SER G 307 7.69 1.13 -61.43
N SER G 308 6.70 0.99 -62.31
CA SER G 308 5.59 1.92 -62.39
C SER G 308 4.24 1.23 -62.22
N ASP G 309 4.22 -0.08 -62.01
CA ASP G 309 2.99 -0.84 -61.86
C ASP G 309 2.82 -1.33 -60.43
N LEU G 310 1.58 -1.39 -59.98
CA LEU G 310 1.30 -1.96 -58.65
C LEU G 310 1.72 -3.42 -58.62
N ILE G 311 2.34 -3.81 -57.50
CA ILE G 311 2.78 -5.18 -57.25
C ILE G 311 1.86 -5.76 -56.18
N VAL G 312 1.04 -6.75 -56.54
CA VAL G 312 -0.08 -7.20 -55.72
C VAL G 312 0.12 -8.64 -55.29
N PHE G 313 -0.16 -8.92 -54.02
CA PHE G 313 -0.13 -10.27 -53.44
C PHE G 313 -1.45 -10.54 -52.75
N ASP G 314 -1.78 -11.83 -52.64
CA ASP G 314 -2.99 -12.25 -51.93
C ASP G 314 -2.84 -12.05 -50.43
N LEU G 315 -3.91 -11.53 -49.81
CA LEU G 315 -3.93 -11.32 -48.36
C LEU G 315 -4.70 -12.43 -47.66
N PHE G 316 -5.98 -12.55 -47.95
CA PHE G 316 -6.83 -13.57 -47.35
C PHE G 316 -6.44 -14.94 -47.89
N LYS G 317 -6.26 -15.90 -46.97
CA LYS G 317 -5.83 -17.25 -47.30
C LYS G 317 -6.63 -18.24 -46.47
N LYS G 318 -6.68 -19.49 -46.94
CA LYS G 318 -7.30 -20.58 -46.18
C LYS G 318 -6.34 -21.06 -45.10
N GLN G 319 -6.91 -21.73 -44.08
CA GLN G 319 -6.12 -22.15 -42.93
C GLN G 319 -5.01 -23.09 -43.37
N ASP G 320 -3.78 -22.73 -43.03
CA ASP G 320 -2.59 -23.42 -43.53
C ASP G 320 -2.06 -24.33 -42.43
N ILE G 321 -2.70 -25.50 -42.32
CA ILE G 321 -2.38 -26.46 -41.26
C ILE G 321 -1.17 -27.29 -41.63
N SER G 322 -0.22 -27.43 -40.71
CA SER G 322 0.95 -28.27 -40.88
C SER G 322 0.63 -29.68 -40.37
N PHE G 323 0.57 -30.66 -41.27
CA PHE G 323 0.23 -32.03 -40.89
C PHE G 323 1.50 -32.79 -40.53
N ILE G 324 1.58 -33.25 -39.28
CA ILE G 324 2.83 -33.74 -38.70
C ILE G 324 3.05 -35.22 -39.03
N ASN G 325 2.01 -36.03 -39.06
CA ASN G 325 2.20 -37.47 -39.22
C ASN G 325 1.31 -38.04 -40.34
N CYS H 2 -5.12 -21.07 -16.98
CA CYS H 2 -5.56 -21.98 -18.02
C CYS H 2 -7.05 -21.83 -18.32
N THR H 3 -7.42 -22.13 -19.56
CA THR H 3 -8.82 -22.08 -20.01
C THR H 3 -9.08 -23.29 -20.88
N SER H 4 -10.13 -24.05 -20.57
CA SER H 4 -10.50 -25.23 -21.35
C SER H 4 -11.94 -25.10 -21.79
N ILE H 5 -12.25 -25.60 -23.00
CA ILE H 5 -13.60 -25.54 -23.54
C ILE H 5 -13.97 -26.83 -24.25
N LEU H 6 -15.29 -27.01 -24.45
CA LEU H 6 -15.86 -28.03 -25.31
C LEU H 6 -16.75 -27.32 -26.32
N TYR H 7 -16.37 -27.37 -27.60
CA TYR H 7 -17.00 -26.65 -28.69
C TYR H 7 -17.72 -27.66 -29.59
N SER H 8 -18.98 -27.40 -29.91
CA SER H 8 -19.85 -28.41 -30.55
C SER H 8 -20.55 -27.87 -31.79
N PRO H 9 -19.81 -27.37 -32.78
CA PRO H 9 -20.48 -26.79 -33.96
C PRO H 9 -21.10 -27.83 -34.87
N LYS H 10 -20.53 -29.03 -34.92
CA LYS H 10 -21.02 -30.11 -35.78
C LYS H 10 -20.38 -31.39 -35.28
N ASP H 11 -19.08 -31.54 -35.53
CA ASP H 11 -18.25 -32.39 -34.70
C ASP H 11 -17.99 -31.67 -33.37
N HIS H 12 -17.34 -32.38 -32.45
CA HIS H 12 -17.10 -31.86 -31.10
C HIS H 12 -15.61 -31.75 -30.86
N TYR H 13 -15.18 -30.59 -30.37
CA TYR H 13 -13.77 -30.23 -30.21
C TYR H 13 -13.52 -29.88 -28.76
N PHE H 14 -12.42 -30.41 -28.21
CA PHE H 14 -12.13 -30.32 -26.79
C PHE H 14 -10.67 -29.97 -26.63
N GLY H 15 -10.35 -29.01 -25.76
CA GLY H 15 -8.98 -28.58 -25.60
C GLY H 15 -8.88 -27.39 -24.66
N ARG H 16 -7.71 -26.75 -24.66
CA ARG H 16 -7.41 -25.74 -23.65
C ARG H 16 -6.27 -24.82 -24.08
N ASN H 17 -6.24 -23.64 -23.48
CA ASN H 17 -5.01 -22.87 -23.31
C ASN H 17 -4.30 -23.37 -22.07
N LEU H 18 -2.98 -23.52 -22.14
CA LEU H 18 -2.17 -23.71 -20.95
C LEU H 18 -1.40 -22.43 -20.68
N ASP H 19 -1.75 -21.74 -19.60
CA ASP H 19 -1.15 -20.47 -19.24
C ASP H 19 -0.25 -20.69 -18.03
N TYR H 20 1.03 -20.36 -18.14
CA TYR H 20 1.96 -20.48 -17.03
C TYR H 20 3.22 -19.70 -17.36
N GLU H 21 4.12 -19.63 -16.37
CA GLU H 21 5.36 -18.88 -16.52
C GLU H 21 6.57 -19.75 -16.83
N ILE H 22 6.44 -21.07 -16.77
CA ILE H 22 7.54 -21.95 -17.13
C ILE H 22 6.97 -23.19 -17.79
N ALA H 23 7.70 -23.71 -18.78
CA ALA H 23 7.36 -24.95 -19.47
C ALA H 23 7.92 -26.15 -18.74
N TYR H 24 7.32 -27.30 -19.01
CA TYR H 24 7.69 -28.52 -18.30
C TYR H 24 7.89 -29.67 -19.26
N GLY H 25 8.58 -29.43 -20.38
CA GLY H 25 8.87 -30.50 -21.31
C GLY H 25 7.68 -31.09 -22.02
N GLN H 26 6.55 -30.38 -22.05
CA GLN H 26 5.36 -30.89 -22.72
C GLN H 26 5.65 -31.26 -24.17
N LYS H 27 5.05 -32.36 -24.63
CA LYS H 27 5.12 -32.77 -26.02
C LYS H 27 3.76 -33.35 -26.40
N VAL H 28 3.60 -33.69 -27.69
CA VAL H 28 2.41 -34.41 -28.14
C VAL H 28 2.65 -35.90 -27.94
N VAL H 29 1.72 -36.57 -27.25
CA VAL H 29 1.93 -38.00 -26.92
C VAL H 29 0.65 -38.79 -27.22
N ILE H 30 0.79 -39.82 -28.06
CA ILE H 30 -0.22 -40.83 -28.25
C ILE H 30 0.14 -42.02 -27.37
N THR H 31 -0.78 -42.44 -26.52
CA THR H 31 -0.58 -43.66 -25.74
C THR H 31 -1.43 -44.77 -26.34
N PRO H 32 -0.83 -45.82 -26.91
CA PRO H 32 -1.61 -46.83 -27.64
C PRO H 32 -2.29 -47.80 -26.67
N ARG H 33 -3.15 -48.65 -27.25
CA ARG H 33 -4.05 -49.49 -26.45
C ARG H 33 -3.32 -50.42 -25.50
N ASN H 34 -2.13 -50.89 -25.88
CA ASN H 34 -1.42 -51.87 -25.05
C ASN H 34 -0.17 -51.28 -24.39
N TYR H 35 -0.10 -49.97 -24.25
CA TYR H 35 0.82 -49.40 -23.27
C TYR H 35 0.32 -49.78 -21.89
N GLU H 36 1.21 -50.28 -21.03
CA GLU H 36 0.82 -50.74 -19.71
C GLU H 36 0.95 -49.60 -18.71
N PHE H 37 -0.19 -49.13 -18.19
CA PHE H 37 -0.20 -48.09 -17.17
C PHE H 37 0.14 -48.67 -15.80
N LYS H 38 1.13 -48.08 -15.12
CA LYS H 38 1.51 -48.50 -13.78
C LYS H 38 0.99 -47.47 -12.76
N PHE H 39 -0.29 -47.61 -12.42
CA PHE H 39 -0.94 -46.69 -11.50
C PHE H 39 -0.45 -46.89 -10.06
N ALA H 40 -0.52 -45.81 -9.27
CA ALA H 40 0.09 -45.81 -7.93
C ALA H 40 -0.62 -46.77 -6.98
N ASN H 41 -1.95 -46.85 -7.05
CA ASN H 41 -2.73 -47.65 -6.11
C ASN H 41 -3.95 -48.24 -6.81
N LEU H 42 -3.79 -48.60 -8.07
CA LEU H 42 -4.84 -49.24 -8.84
C LEU H 42 -4.18 -50.37 -9.62
N PRO H 43 -4.96 -51.37 -10.06
CA PRO H 43 -4.36 -52.48 -10.83
C PRO H 43 -3.79 -51.97 -12.15
N ALA H 44 -2.62 -52.50 -12.52
CA ALA H 44 -2.02 -52.16 -13.79
C ALA H 44 -2.95 -52.55 -14.94
N GLU H 45 -2.96 -51.74 -15.99
CA GLU H 45 -3.88 -51.93 -17.11
C GLU H 45 -3.06 -52.02 -18.39
N LYS H 46 -2.88 -53.25 -18.88
CA LYS H 46 -2.12 -53.50 -20.10
C LYS H 46 -2.99 -53.45 -21.35
N SER H 47 -4.29 -53.27 -21.22
CA SER H 47 -5.17 -53.19 -22.39
C SER H 47 -6.29 -52.19 -22.09
N HIS H 48 -6.42 -51.16 -22.93
CA HIS H 48 -7.28 -50.04 -22.63
C HIS H 48 -7.53 -49.24 -23.90
N TYR H 49 -8.31 -48.15 -23.77
CA TYR H 49 -8.50 -47.24 -24.89
C TYR H 49 -7.22 -46.47 -25.20
N ALA H 50 -7.01 -46.20 -26.49
CA ALA H 50 -5.90 -45.36 -26.93
C ALA H 50 -6.26 -43.89 -26.76
N MET H 51 -5.23 -43.05 -26.59
CA MET H 51 -5.46 -41.64 -26.30
C MET H 51 -4.37 -40.77 -26.92
N ILE H 52 -4.71 -39.49 -27.09
CA ILE H 52 -3.79 -38.52 -27.67
C ILE H 52 -3.98 -37.21 -26.92
N GLY H 53 -2.87 -36.56 -26.59
CA GLY H 53 -2.93 -35.26 -25.97
C GLY H 53 -1.56 -34.66 -25.76
N ILE H 54 -1.50 -33.67 -24.88
CA ILE H 54 -0.24 -33.04 -24.50
C ILE H 54 0.20 -33.60 -23.18
N ALA H 55 1.49 -33.96 -23.08
CA ALA H 55 2.02 -34.54 -21.87
C ALA H 55 3.52 -34.31 -21.80
N ALA H 56 4.04 -34.29 -20.57
CA ALA H 56 5.44 -34.57 -20.36
C ALA H 56 5.63 -36.09 -20.37
N VAL H 57 6.87 -36.52 -20.61
CA VAL H 57 7.20 -37.95 -20.56
C VAL H 57 8.43 -38.09 -19.67
N ALA H 58 8.30 -38.90 -18.61
CA ALA H 58 9.41 -39.20 -17.73
C ALA H 58 9.33 -40.67 -17.33
N ASN H 59 10.46 -41.36 -17.39
CA ASN H 59 10.54 -42.80 -17.15
C ASN H 59 9.42 -43.54 -17.88
N ASN H 60 9.33 -43.28 -19.18
CA ASN H 60 8.38 -43.96 -20.06
C ASN H 60 6.96 -43.86 -19.52
N THR H 61 6.62 -42.69 -18.97
CA THR H 61 5.30 -42.46 -18.38
C THR H 61 4.74 -41.17 -18.93
N PRO H 62 3.56 -41.18 -19.57
CA PRO H 62 2.94 -39.95 -20.06
C PRO H 62 2.23 -39.23 -18.92
N LEU H 63 2.64 -38.00 -18.66
CA LEU H 63 2.02 -37.14 -17.64
C LEU H 63 1.17 -36.12 -18.39
N TYR H 64 -0.08 -36.48 -18.65
CA TYR H 64 -0.95 -35.68 -19.51
C TYR H 64 -1.40 -34.40 -18.82
N CYS H 65 -1.38 -33.30 -19.58
CA CYS H 65 -2.02 -32.06 -19.21
C CYS H 65 -3.46 -32.03 -19.68
N ASP H 66 -3.72 -32.61 -20.85
CA ASP H 66 -5.04 -32.69 -21.46
C ASP H 66 -4.98 -33.72 -22.58
N ALA H 67 -6.08 -34.43 -22.81
CA ALA H 67 -6.07 -35.50 -23.81
C ALA H 67 -7.49 -35.94 -24.15
N ILE H 68 -7.61 -36.66 -25.25
CA ILE H 68 -8.85 -37.35 -25.60
C ILE H 68 -8.51 -38.80 -25.92
N ASN H 69 -9.53 -39.67 -25.88
CA ASN H 69 -9.34 -41.07 -26.26
C ASN H 69 -10.10 -41.41 -27.54
N GLU H 70 -9.87 -42.64 -28.03
CA GLU H 70 -10.43 -43.06 -29.31
C GLU H 70 -11.95 -43.16 -29.29
N LYS H 71 -12.58 -43.15 -28.12
CA LYS H 71 -14.03 -43.23 -28.03
C LYS H 71 -14.70 -41.86 -28.01
N GLY H 72 -13.93 -40.78 -27.99
CA GLY H 72 -14.51 -39.45 -27.98
C GLY H 72 -14.71 -38.85 -26.60
N LEU H 73 -13.89 -39.23 -25.63
CA LEU H 73 -13.93 -38.67 -24.29
C LEU H 73 -12.69 -37.81 -24.09
N GLY H 74 -12.86 -36.64 -23.48
CA GLY H 74 -11.74 -35.74 -23.23
C GLY H 74 -11.67 -35.32 -21.79
N VAL H 75 -10.43 -35.15 -21.31
CA VAL H 75 -10.18 -34.68 -19.94
C VAL H 75 -9.04 -33.67 -19.96
N ALA H 76 -9.25 -32.52 -19.33
CA ALA H 76 -8.21 -31.51 -19.22
C ALA H 76 -7.93 -31.21 -17.75
N GLY H 77 -6.66 -31.18 -17.37
CA GLY H 77 -6.27 -30.74 -16.06
C GLY H 77 -5.89 -29.27 -16.06
N LEU H 78 -6.52 -28.47 -15.20
CA LEU H 78 -6.29 -27.05 -15.13
C LEU H 78 -5.84 -26.69 -13.71
N SER H 79 -4.90 -25.76 -13.61
CA SER H 79 -4.37 -25.37 -12.32
C SER H 79 -5.50 -24.91 -11.39
N PHE H 80 -5.32 -25.20 -10.11
CA PHE H 80 -6.35 -24.97 -9.11
C PHE H 80 -5.73 -24.60 -7.78
N ALA H 81 -4.57 -23.93 -7.83
CA ALA H 81 -3.78 -23.69 -6.63
C ALA H 81 -4.56 -22.87 -5.61
N GLY H 82 -4.41 -23.24 -4.34
CA GLY H 82 -5.12 -22.60 -3.25
C GLY H 82 -6.52 -23.10 -3.01
N GLN H 83 -7.11 -23.84 -3.94
CA GLN H 83 -8.43 -24.44 -3.79
C GLN H 83 -8.39 -25.95 -3.71
N GLY H 84 -7.52 -26.60 -4.49
CA GLY H 84 -7.51 -28.05 -4.52
C GLY H 84 -6.96 -28.64 -3.24
N LYS H 85 -7.50 -29.80 -2.87
CA LYS H 85 -6.96 -30.56 -1.76
C LYS H 85 -6.95 -32.04 -2.13
N TYR H 86 -5.83 -32.69 -1.89
CA TYR H 86 -5.70 -34.13 -2.05
C TYR H 86 -5.61 -34.78 -0.68
N PHE H 87 -5.86 -36.09 -0.65
CA PHE H 87 -6.06 -36.81 0.59
C PHE H 87 -5.24 -38.08 0.61
N PRO H 88 -4.80 -38.53 1.79
CA PRO H 88 -3.99 -39.75 1.86
C PRO H 88 -4.72 -40.96 1.30
N VAL H 89 -3.94 -41.92 0.83
CA VAL H 89 -4.52 -43.16 0.33
C VAL H 89 -5.21 -43.88 1.49
N VAL H 90 -6.43 -44.35 1.25
CA VAL H 90 -7.17 -45.10 2.26
C VAL H 90 -7.58 -46.43 1.66
N GLU H 91 -7.82 -47.40 2.54
CA GLU H 91 -8.09 -48.76 2.12
C GLU H 91 -9.48 -48.94 1.54
N ASP H 92 -10.38 -47.97 1.69
CA ASP H 92 -11.78 -48.17 1.36
C ASP H 92 -12.28 -47.21 0.29
N LYS H 93 -11.36 -46.60 -0.46
CA LYS H 93 -11.71 -45.75 -1.59
C LYS H 93 -10.90 -46.17 -2.81
N LYS H 94 -11.46 -45.90 -3.99
CA LYS H 94 -10.72 -46.01 -5.24
C LYS H 94 -9.77 -44.81 -5.33
N ASN H 95 -8.47 -45.04 -5.13
CA ASN H 95 -7.49 -43.97 -5.07
C ASN H 95 -6.89 -43.71 -6.45
N ILE H 96 -7.08 -42.49 -6.97
CA ILE H 96 -6.45 -42.03 -8.22
C ILE H 96 -5.58 -40.82 -7.89
N ALA H 97 -4.29 -40.90 -8.19
CA ALA H 97 -3.41 -39.78 -7.90
C ALA H 97 -3.64 -38.65 -8.92
N SER H 98 -3.34 -37.42 -8.49
CA SER H 98 -3.67 -36.26 -9.33
C SER H 98 -3.02 -36.38 -10.72
N PHE H 99 -1.74 -36.77 -10.77
CA PHE H 99 -1.02 -36.80 -12.04
C PHE H 99 -1.47 -37.93 -12.95
N GLU H 100 -2.21 -38.92 -12.46
CA GLU H 100 -2.68 -40.02 -13.29
C GLU H 100 -4.18 -39.95 -13.58
N PHE H 101 -4.84 -38.87 -13.19
CA PHE H 101 -6.30 -38.82 -13.33
C PHE H 101 -6.72 -38.85 -14.80
N ILE H 102 -6.05 -38.07 -15.65
CA ILE H 102 -6.37 -38.07 -17.07
C ILE H 102 -6.13 -39.45 -17.67
N SER H 103 -4.95 -40.01 -17.39
CA SER H 103 -4.59 -41.34 -17.88
C SER H 103 -5.64 -42.39 -17.52
N TYR H 104 -6.02 -42.45 -16.24
CA TYR H 104 -6.95 -43.50 -15.81
C TYR H 104 -8.33 -43.32 -16.43
N ILE H 105 -8.83 -42.09 -16.47
CA ILE H 105 -10.21 -41.88 -16.92
C ILE H 105 -10.34 -42.19 -18.41
N LEU H 106 -9.35 -41.76 -19.20
CA LEU H 106 -9.41 -42.00 -20.64
C LEU H 106 -9.10 -43.45 -20.97
N ALA H 107 -8.22 -44.09 -20.20
CA ALA H 107 -7.94 -45.52 -20.40
C ALA H 107 -9.20 -46.36 -20.23
N THR H 108 -10.08 -45.97 -19.33
CA THR H 108 -11.11 -46.84 -18.79
C THR H 108 -12.53 -46.53 -19.24
N TYR H 109 -12.85 -45.26 -19.52
CA TYR H 109 -14.24 -44.89 -19.71
C TYR H 109 -14.47 -44.27 -21.08
N GLU H 110 -15.75 -44.13 -21.44
CA GLU H 110 -16.16 -43.73 -22.77
C GLU H 110 -17.01 -42.47 -22.82
N THR H 111 -17.82 -42.20 -21.81
CA THR H 111 -18.75 -41.08 -21.85
C THR H 111 -18.66 -40.32 -20.54
N VAL H 112 -19.22 -39.11 -20.56
CA VAL H 112 -19.26 -38.31 -19.35
C VAL H 112 -20.19 -38.96 -18.33
N ASP H 113 -21.38 -39.38 -18.78
CA ASP H 113 -22.31 -40.09 -17.90
C ASP H 113 -21.62 -41.27 -17.20
N GLN H 114 -20.75 -41.96 -17.92
CA GLN H 114 -20.04 -43.10 -17.36
C GLN H 114 -19.02 -42.65 -16.31
N VAL H 115 -18.36 -41.53 -16.56
CA VAL H 115 -17.40 -41.00 -15.58
C VAL H 115 -18.13 -40.54 -14.33
N LYS H 116 -19.28 -39.89 -14.51
CA LYS H 116 -20.07 -39.46 -13.37
C LYS H 116 -20.44 -40.64 -12.47
N GLU H 117 -20.83 -41.76 -13.08
CA GLU H 117 -21.28 -42.90 -12.29
C GLU H 117 -20.13 -43.56 -11.55
N ASN H 118 -18.93 -43.51 -12.10
CA ASN H 118 -17.78 -44.23 -11.58
C ASN H 118 -16.89 -43.40 -10.68
N LEU H 119 -17.24 -42.15 -10.40
CA LEU H 119 -16.46 -41.35 -9.47
C LEU H 119 -17.01 -41.44 -8.05
N THR H 120 -18.11 -42.16 -7.85
CA THR H 120 -18.82 -42.13 -6.58
C THR H 120 -17.92 -42.51 -5.41
N ASP H 121 -17.02 -43.48 -5.60
CA ASP H 121 -16.21 -43.97 -4.50
C ASP H 121 -14.72 -43.66 -4.67
N VAL H 122 -14.41 -42.53 -5.32
CA VAL H 122 -13.04 -42.21 -5.72
C VAL H 122 -12.44 -41.22 -4.74
N ASN H 123 -11.16 -41.41 -4.44
CA ASN H 123 -10.36 -40.48 -3.65
C ASN H 123 -9.22 -39.97 -4.53
N ILE H 124 -9.09 -38.64 -4.66
CA ILE H 124 -7.94 -38.08 -5.35
C ILE H 124 -6.80 -38.03 -4.34
N SER H 125 -5.81 -38.88 -4.54
CA SER H 125 -4.77 -39.09 -3.54
C SER H 125 -3.68 -38.04 -3.64
N ASP H 126 -2.89 -37.94 -2.56
CA ASP H 126 -1.79 -37.00 -2.48
C ASP H 126 -0.48 -37.60 -2.96
N VAL H 127 -0.52 -38.69 -3.72
CA VAL H 127 0.70 -39.29 -4.25
C VAL H 127 1.27 -38.42 -5.37
N SER H 128 2.58 -38.19 -5.33
CA SER H 128 3.24 -37.44 -6.39
C SER H 128 4.03 -38.39 -7.28
N PHE H 129 4.15 -38.02 -8.56
CA PHE H 129 4.94 -38.83 -9.48
C PHE H 129 6.38 -38.96 -9.01
N SER H 130 6.92 -37.91 -8.38
CA SER H 130 8.26 -37.98 -7.78
C SER H 130 8.31 -37.20 -6.47
N PRO H 134 6.08 -32.59 -4.65
CA PRO H 134 4.64 -32.61 -4.34
C PRO H 134 3.78 -32.36 -5.59
N ALA H 135 2.65 -33.06 -5.68
CA ALA H 135 1.80 -32.95 -6.86
C ALA H 135 1.22 -31.55 -6.97
N SER H 136 1.08 -31.07 -8.21
CA SER H 136 0.47 -29.77 -8.42
C SER H 136 -1.04 -29.86 -8.22
N GLU H 137 -1.63 -28.77 -7.74
CA GLU H 137 -3.05 -28.72 -7.45
C GLU H 137 -3.84 -28.49 -8.73
N LEU H 138 -4.82 -29.34 -8.99
CA LEU H 138 -5.53 -29.35 -10.25
C LEU H 138 -7.01 -29.56 -10.02
N HIS H 139 -7.82 -29.15 -11.00
CA HIS H 139 -9.17 -29.66 -11.17
C HIS H 139 -9.35 -29.98 -12.65
N TRP H 140 -10.48 -30.61 -13.00
CA TRP H 140 -10.59 -31.25 -14.31
C TRP H 140 -11.92 -30.91 -14.97
N LEU H 141 -11.84 -30.70 -16.28
CA LEU H 141 -12.99 -30.64 -17.16
C LEU H 141 -13.06 -31.95 -17.95
N VAL H 142 -14.26 -32.53 -18.04
CA VAL H 142 -14.47 -33.80 -18.74
C VAL H 142 -15.62 -33.59 -19.69
N GLY H 143 -15.41 -33.87 -20.98
CA GLY H 143 -16.45 -33.70 -21.97
C GLY H 143 -16.43 -34.81 -23.00
N ASP H 144 -17.51 -34.90 -23.78
CA ASP H 144 -17.65 -35.98 -24.75
C ASP H 144 -18.47 -35.50 -25.94
N LYS H 145 -18.70 -36.42 -26.89
CA LYS H 145 -19.37 -36.11 -28.15
C LYS H 145 -20.87 -35.92 -27.99
N THR H 146 -21.43 -36.00 -26.79
CA THR H 146 -22.80 -35.53 -26.59
C THR H 146 -22.86 -34.02 -26.42
N GLY H 147 -21.71 -33.36 -26.41
CA GLY H 147 -21.69 -31.92 -26.20
C GLY H 147 -21.93 -31.52 -24.76
N LYS H 148 -21.82 -32.46 -23.83
CA LYS H 148 -22.01 -32.23 -22.41
C LYS H 148 -20.67 -32.35 -21.68
N SER H 149 -20.56 -31.68 -20.54
CA SER H 149 -19.32 -31.72 -19.77
C SER H 149 -19.63 -31.69 -18.28
N ILE H 150 -18.63 -32.07 -17.50
CA ILE H 150 -18.71 -32.05 -16.05
C ILE H 150 -17.39 -31.50 -15.52
N VAL H 151 -17.46 -30.94 -14.32
CA VAL H 151 -16.29 -30.40 -13.64
C VAL H 151 -16.04 -31.25 -12.41
N VAL H 152 -14.79 -31.68 -12.25
CA VAL H 152 -14.40 -32.55 -11.16
C VAL H 152 -13.43 -31.77 -10.27
N GLU H 153 -13.82 -31.57 -9.01
CA GLU H 153 -13.00 -30.81 -8.07
C GLU H 153 -12.90 -31.59 -6.77
N SER H 154 -11.67 -31.76 -6.30
CA SER H 154 -11.36 -32.25 -4.96
C SER H 154 -10.88 -31.07 -4.14
N ASP H 155 -11.60 -30.73 -3.08
CA ASP H 155 -11.27 -29.57 -2.26
C ASP H 155 -11.34 -29.96 -0.79
N GLU H 156 -11.44 -28.95 0.08
CA GLU H 156 -11.40 -29.19 1.52
C GLU H 156 -12.54 -30.10 1.95
N LYS H 157 -13.67 -30.04 1.28
CA LYS H 157 -14.83 -30.85 1.61
C LYS H 157 -14.90 -32.12 0.78
N GLY H 158 -13.80 -32.53 0.14
CA GLY H 158 -13.74 -33.78 -0.58
C GLY H 158 -13.92 -33.67 -2.08
N LEU H 159 -14.41 -34.75 -2.70
CA LEU H 159 -14.55 -34.85 -4.14
C LEU H 159 -15.96 -34.45 -4.55
N HIS H 160 -16.04 -33.54 -5.52
CA HIS H 160 -17.30 -33.07 -6.06
C HIS H 160 -17.31 -33.23 -7.57
N VAL H 161 -18.48 -33.50 -8.13
CA VAL H 161 -18.66 -33.63 -9.57
C VAL H 161 -19.86 -32.78 -9.96
N TYR H 162 -19.64 -31.76 -10.79
CA TYR H 162 -20.66 -30.80 -11.18
C TYR H 162 -21.00 -30.94 -12.66
N ASP H 163 -22.28 -30.87 -12.99
CA ASP H 163 -22.65 -30.64 -14.38
C ASP H 163 -22.22 -29.23 -14.78
N ASN H 164 -21.76 -29.08 -16.02
CA ASN H 164 -21.19 -27.81 -16.48
C ASN H 164 -22.06 -27.23 -17.60
N PRO H 165 -22.93 -26.27 -17.30
CA PRO H 165 -23.88 -25.80 -18.32
C PRO H 165 -23.26 -24.90 -19.39
N VAL H 166 -22.01 -24.49 -19.22
CA VAL H 166 -21.37 -23.54 -20.12
C VAL H 166 -20.17 -24.15 -20.85
N ASN H 167 -19.79 -25.39 -20.51
CA ASN H 167 -18.77 -26.15 -21.24
C ASN H 167 -17.41 -25.46 -21.27
N ALA H 168 -17.07 -24.77 -20.18
CA ALA H 168 -15.78 -24.11 -20.06
C ALA H 168 -15.32 -24.20 -18.61
N LEU H 169 -14.02 -23.97 -18.41
CA LEU H 169 -13.47 -23.99 -17.05
C LEU H 169 -12.17 -23.21 -17.04
N THR H 170 -11.86 -22.50 -15.94
CA THR H 170 -10.55 -21.89 -15.79
C THR H 170 -9.94 -22.38 -14.49
N ASN H 171 -9.58 -21.48 -13.58
CA ASN H 171 -8.85 -21.84 -12.35
C ASN H 171 -9.77 -21.61 -11.16
N ALA H 172 -9.32 -20.95 -10.10
CA ALA H 172 -10.16 -20.64 -8.95
C ALA H 172 -11.21 -19.59 -9.32
N PRO H 173 -12.32 -19.50 -8.56
CA PRO H 173 -12.64 -20.21 -7.31
C PRO H 173 -13.36 -21.53 -7.56
N LEU H 174 -14.01 -22.08 -6.53
CA LEU H 174 -14.74 -23.34 -6.70
C LEU H 174 -15.83 -23.15 -7.75
N PHE H 175 -16.17 -24.24 -8.44
CA PHE H 175 -17.03 -24.11 -9.62
C PHE H 175 -18.40 -23.49 -9.35
N PRO H 176 -19.13 -23.83 -8.28
CA PRO H 176 -20.40 -23.13 -8.05
C PRO H 176 -20.23 -21.63 -7.96
N GLN H 177 -19.11 -21.17 -7.39
CA GLN H 177 -18.84 -19.73 -7.30
C GLN H 177 -18.58 -19.12 -8.68
N GLN H 178 -17.88 -19.83 -9.57
CA GLN H 178 -17.73 -19.36 -10.95
C GLN H 178 -19.08 -19.20 -11.62
N LEU H 179 -19.98 -20.15 -11.40
CA LEU H 179 -21.30 -20.05 -12.01
C LEU H 179 -22.09 -18.87 -11.45
N THR H 180 -21.96 -18.60 -10.15
CA THR H 180 -22.64 -17.46 -9.55
C THR H 180 -22.17 -16.15 -10.18
N ASN H 181 -20.84 -16.00 -10.33
CA ASN H 181 -20.27 -14.78 -10.89
C ASN H 181 -20.73 -14.54 -12.32
N LEU H 182 -20.99 -15.62 -13.07
CA LEU H 182 -21.51 -15.49 -14.43
C LEU H 182 -22.76 -14.64 -14.48
N ALA H 183 -23.67 -14.83 -13.54
CA ALA H 183 -24.94 -14.11 -13.58
C ALA H 183 -24.76 -12.61 -13.39
N ASN H 184 -23.61 -12.18 -12.89
CA ASN H 184 -23.32 -10.75 -12.79
C ASN H 184 -23.22 -10.08 -14.15
N TYR H 185 -23.18 -10.86 -15.23
CA TYR H 185 -23.00 -10.33 -16.58
C TYR H 185 -24.22 -10.60 -17.44
N ALA H 186 -25.37 -10.83 -16.80
CA ALA H 186 -26.60 -11.18 -17.51
C ALA H 186 -27.06 -10.11 -18.48
N ALA H 187 -26.65 -8.86 -18.28
CA ALA H 187 -27.06 -7.77 -19.15
C ALA H 187 -26.16 -7.59 -20.36
N VAL H 188 -25.06 -8.35 -20.45
CA VAL H 188 -24.15 -8.22 -21.58
C VAL H 188 -24.82 -8.74 -22.85
N VAL H 189 -24.67 -8.00 -23.95
CA VAL H 189 -25.15 -8.45 -25.25
C VAL H 189 -24.10 -8.14 -26.31
N PRO H 190 -24.06 -8.92 -27.39
CA PRO H 190 -23.03 -8.68 -28.42
C PRO H 190 -23.29 -7.43 -29.26
N GLY H 191 -24.54 -6.97 -29.36
CA GLY H 191 -24.83 -5.76 -30.12
C GLY H 191 -25.10 -4.55 -29.26
N GLN H 192 -26.19 -3.85 -29.55
CA GLN H 192 -26.58 -2.68 -28.78
C GLN H 192 -27.78 -3.02 -27.91
N PRO H 193 -27.73 -2.68 -26.62
CA PRO H 193 -28.91 -2.88 -25.78
C PRO H 193 -30.01 -1.89 -26.13
N ASN H 194 -31.24 -2.27 -25.84
CA ASN H 194 -32.32 -1.30 -25.87
C ASN H 194 -32.11 -0.31 -24.72
N ASN H 195 -32.46 0.94 -24.93
CA ASN H 195 -32.21 1.93 -23.89
C ASN H 195 -33.30 1.82 -22.82
N ASP H 196 -33.11 0.86 -21.92
CA ASP H 196 -33.85 0.82 -20.67
C ASP H 196 -33.08 1.46 -19.53
N PHE H 197 -31.90 2.01 -19.83
CA PHE H 197 -31.07 2.67 -18.82
C PHE H 197 -31.62 4.06 -18.48
N LEU H 198 -31.77 4.92 -19.49
CA LEU H 198 -32.37 6.23 -19.30
C LEU H 198 -33.48 6.40 -20.33
N PRO H 199 -34.64 5.77 -20.10
CA PRO H 199 -35.76 5.92 -21.03
C PRO H 199 -36.10 7.39 -21.24
N GLY H 200 -36.38 7.75 -22.49
CA GLY H 200 -36.67 9.13 -22.83
C GLY H 200 -35.45 9.98 -23.15
N VAL H 201 -34.25 9.44 -22.99
CA VAL H 201 -33.00 10.15 -23.29
C VAL H 201 -32.36 9.48 -24.50
N ASP H 202 -31.98 10.26 -25.50
CA ASP H 202 -31.26 9.75 -26.66
C ASP H 202 -29.78 9.63 -26.29
N LEU H 203 -29.28 8.40 -26.18
CA LEU H 203 -27.90 8.19 -25.80
C LEU H 203 -26.98 8.32 -27.01
N LYS H 204 -25.72 8.70 -26.75
CA LYS H 204 -24.71 8.78 -27.81
C LYS H 204 -24.14 7.39 -28.04
N MET H 205 -24.84 6.58 -28.84
CA MET H 205 -24.39 5.22 -29.09
C MET H 205 -23.18 5.24 -30.04
N TYR H 206 -22.03 5.65 -29.48
CA TYR H 206 -20.90 6.09 -30.29
C TYR H 206 -20.03 4.96 -30.83
N SER H 207 -20.19 3.74 -30.33
CA SER H 207 -19.40 2.62 -30.82
C SER H 207 -20.31 1.43 -31.04
N ARG H 208 -19.88 0.55 -31.93
CA ARG H 208 -20.50 -0.76 -32.06
C ARG H 208 -20.28 -1.57 -30.78
N SER H 209 -21.21 -2.48 -30.50
CA SER H 209 -21.09 -3.46 -29.41
C SER H 209 -20.92 -2.80 -28.05
N LEU H 210 -21.66 -1.73 -27.81
CA LEU H 210 -21.64 -1.15 -26.46
C LEU H 210 -22.25 -2.10 -25.45
N GLY H 211 -22.98 -3.12 -25.90
CA GLY H 211 -23.46 -4.16 -25.02
C GLY H 211 -22.37 -5.02 -24.40
N THR H 212 -21.14 -4.96 -24.90
CA THR H 212 -20.04 -5.69 -24.29
C THR H 212 -19.09 -4.79 -23.52
N HIS H 213 -19.51 -3.55 -23.22
CA HIS H 213 -18.59 -2.63 -22.56
C HIS H 213 -18.13 -3.13 -21.20
N HIS H 214 -18.91 -3.99 -20.53
CA HIS H 214 -18.54 -4.53 -19.23
C HIS H 214 -18.10 -5.99 -19.28
N LEU H 215 -17.91 -6.54 -20.47
CA LEU H 215 -17.37 -7.89 -20.62
C LEU H 215 -15.92 -7.93 -20.12
N PRO H 216 -15.56 -8.89 -19.26
CA PRO H 216 -14.21 -8.88 -18.67
C PRO H 216 -13.10 -9.19 -19.65
N GLY H 217 -11.98 -8.48 -19.50
CA GLY H 217 -10.80 -8.71 -20.32
C GLY H 217 -9.55 -8.95 -19.51
N GLY H 218 -9.71 -9.12 -18.21
CA GLY H 218 -8.56 -9.32 -17.35
C GLY H 218 -7.90 -10.66 -17.58
N MET H 219 -6.68 -10.76 -17.07
CA MET H 219 -5.92 -12.00 -17.09
C MET H 219 -6.31 -12.95 -15.96
N ASP H 220 -7.11 -12.51 -15.00
CA ASP H 220 -7.43 -13.34 -13.85
C ASP H 220 -8.43 -14.44 -14.23
N SER H 221 -8.61 -15.39 -13.29
CA SER H 221 -9.37 -16.60 -13.60
C SER H 221 -10.84 -16.32 -13.85
N GLU H 222 -11.45 -15.42 -13.07
CA GLU H 222 -12.86 -15.15 -13.27
C GLU H 222 -13.10 -14.38 -14.57
N SER H 223 -12.22 -13.40 -14.88
CA SER H 223 -12.37 -12.65 -16.13
C SER H 223 -12.33 -13.59 -17.35
N ARG H 224 -11.34 -14.48 -17.38
CA ARG H 224 -11.21 -15.39 -18.51
C ARG H 224 -12.41 -16.34 -18.61
N PHE H 225 -12.90 -16.82 -17.46
CA PHE H 225 -14.05 -17.70 -17.46
C PHE H 225 -15.26 -17.01 -18.08
N VAL H 226 -15.56 -15.79 -17.62
CA VAL H 226 -16.74 -15.09 -18.12
C VAL H 226 -16.61 -14.83 -19.62
N LYS H 227 -15.45 -14.36 -20.05
CA LYS H 227 -15.30 -14.00 -21.46
C LYS H 227 -15.33 -15.23 -22.36
N VAL H 228 -14.66 -16.32 -21.96
CA VAL H 228 -14.67 -17.49 -22.82
C VAL H 228 -16.06 -18.10 -22.91
N CYS H 229 -16.84 -18.06 -21.82
CA CYS H 229 -18.22 -18.57 -21.89
C CYS H 229 -19.03 -17.83 -22.94
N PHE H 230 -18.85 -16.50 -22.98
CA PHE H 230 -19.49 -15.67 -23.99
C PHE H 230 -18.98 -16.01 -25.38
N ALA H 231 -17.65 -16.06 -25.55
CA ALA H 231 -17.07 -16.38 -26.84
C ALA H 231 -17.58 -17.72 -27.35
N LEU H 232 -17.59 -18.72 -26.47
CA LEU H 232 -18.01 -20.06 -26.84
C LEU H 232 -19.49 -20.10 -27.21
N ASN H 233 -20.34 -19.51 -26.36
CA ASN H 233 -21.78 -19.55 -26.60
C ASN H 233 -22.16 -18.90 -27.92
N HIS H 234 -21.44 -17.85 -28.33
CA HIS H 234 -21.82 -17.07 -29.49
C HIS H 234 -21.05 -17.44 -30.76
N ALA H 235 -20.16 -18.43 -30.69
CA ALA H 235 -19.34 -18.78 -31.83
C ALA H 235 -20.18 -19.45 -32.91
N PRO H 236 -19.69 -19.53 -34.15
CA PRO H 236 -20.50 -20.08 -35.23
C PRO H 236 -20.74 -21.59 -35.08
N LYS H 237 -21.83 -22.05 -35.70
CA LYS H 237 -22.24 -23.45 -35.70
C LYS H 237 -22.32 -23.99 -37.13
N ASP H 238 -22.39 -25.33 -37.22
CA ASP H 238 -22.59 -26.06 -38.48
C ASP H 238 -21.38 -25.99 -39.41
N SER H 239 -20.17 -25.88 -38.88
CA SER H 239 -18.99 -25.67 -39.70
C SER H 239 -18.30 -26.98 -40.03
N ASP H 240 -17.66 -27.03 -41.20
CA ASP H 240 -16.81 -28.16 -41.56
C ASP H 240 -15.54 -28.15 -40.70
N GLU H 241 -14.65 -29.11 -40.98
CA GLU H 241 -13.55 -29.38 -40.07
C GLU H 241 -12.63 -28.17 -39.93
N VAL H 242 -12.16 -27.60 -41.05
CA VAL H 242 -11.12 -26.58 -40.96
C VAL H 242 -11.71 -25.30 -40.41
N GLU H 243 -12.91 -24.92 -40.84
CA GLU H 243 -13.58 -23.76 -40.26
C GLU H 243 -13.85 -23.96 -38.77
N SER H 244 -14.24 -25.18 -38.37
CA SER H 244 -14.48 -25.45 -36.96
C SER H 244 -13.20 -25.28 -36.14
N VAL H 245 -12.09 -25.84 -36.61
CA VAL H 245 -10.83 -25.69 -35.88
C VAL H 245 -10.44 -24.21 -35.81
N THR H 246 -10.61 -23.48 -36.93
CA THR H 246 -10.27 -22.06 -36.94
C THR H 246 -11.06 -21.31 -35.87
N ASN H 247 -12.36 -21.57 -35.81
CA ASN H 247 -13.19 -20.86 -34.83
C ASN H 247 -12.83 -21.26 -33.41
N PHE H 248 -12.49 -22.54 -33.19
CA PHE H 248 -12.06 -22.99 -31.87
C PHE H 248 -10.86 -22.21 -31.37
N PHE H 249 -9.84 -22.05 -32.21
CA PHE H 249 -8.64 -21.32 -31.80
C PHE H 249 -8.94 -19.86 -31.55
N HIS H 250 -9.89 -19.28 -32.28
CA HIS H 250 -10.25 -17.88 -32.01
C HIS H 250 -10.95 -17.75 -30.67
N ILE H 251 -11.76 -18.74 -30.27
CA ILE H 251 -12.44 -18.68 -28.98
C ILE H 251 -11.42 -18.60 -27.86
N LEU H 252 -10.44 -19.50 -27.88
CA LEU H 252 -9.41 -19.51 -26.84
C LEU H 252 -8.49 -18.30 -26.96
N GLN H 253 -8.29 -17.77 -28.18
CA GLN H 253 -7.46 -16.58 -28.30
C GLN H 253 -8.12 -15.37 -27.67
N SER H 254 -9.46 -15.36 -27.58
CA SER H 254 -10.14 -14.26 -26.93
C SER H 254 -9.75 -14.10 -25.46
N VAL H 255 -9.12 -15.11 -24.86
CA VAL H 255 -8.69 -15.03 -23.48
C VAL H 255 -7.22 -15.42 -23.36
N GLU H 256 -6.46 -15.19 -24.43
CA GLU H 256 -5.03 -15.46 -24.39
C GLU H 256 -4.34 -14.50 -23.42
N GLN H 257 -3.26 -14.96 -22.81
CA GLN H 257 -2.45 -14.13 -21.92
C GLN H 257 -1.16 -13.75 -22.63
N VAL H 258 -1.01 -12.46 -22.93
CA VAL H 258 0.19 -11.93 -23.57
C VAL H 258 1.26 -11.68 -22.51
N LYS H 259 2.52 -11.87 -22.89
CA LYS H 259 3.63 -11.63 -21.97
C LYS H 259 3.60 -10.18 -21.48
N GLY H 260 3.67 -10.00 -20.16
CA GLY H 260 3.69 -8.70 -19.53
C GLY H 260 2.42 -8.36 -18.78
N MET H 261 1.29 -8.96 -19.17
CA MET H 261 0.01 -8.58 -18.59
C MET H 261 -0.36 -9.33 -17.32
N ASP H 262 0.26 -10.48 -17.05
CA ASP H 262 -0.02 -11.25 -15.84
C ASP H 262 1.31 -11.46 -15.12
N GLU H 263 1.59 -10.62 -14.14
CA GLU H 263 2.84 -10.69 -13.40
C GLU H 263 2.67 -11.62 -12.20
N VAL H 264 3.49 -12.66 -12.14
CA VAL H 264 3.45 -13.62 -11.04
C VAL H 264 4.72 -13.63 -10.23
N GLY H 265 5.66 -12.73 -10.53
CA GLY H 265 6.88 -12.61 -9.79
C GLY H 265 7.66 -11.46 -10.38
N PRO H 266 8.78 -11.08 -9.77
CA PRO H 266 9.58 -9.98 -10.32
C PRO H 266 10.04 -10.27 -11.73
N ASN H 267 9.45 -9.57 -12.70
CA ASN H 267 9.70 -9.78 -14.13
C ASN H 267 9.39 -11.20 -14.58
N ILE H 268 8.52 -11.90 -13.86
CA ILE H 268 8.07 -13.25 -14.22
C ILE H 268 6.59 -13.18 -14.57
N PHE H 269 6.24 -13.73 -15.73
CA PHE H 269 4.92 -13.52 -16.31
C PHE H 269 4.31 -14.85 -16.75
N GLU H 270 3.02 -14.99 -16.48
CA GLU H 270 2.26 -16.14 -16.94
C GLU H 270 1.64 -15.79 -18.29
N TYR H 271 1.86 -16.65 -19.29
CA TYR H 271 1.36 -16.39 -20.62
C TYR H 271 0.87 -17.69 -21.24
N THR H 272 0.16 -17.58 -22.36
CA THR H 272 -0.42 -18.75 -23.01
C THR H 272 0.68 -19.50 -23.75
N MET H 273 1.15 -20.59 -23.16
CA MET H 273 2.28 -21.34 -23.71
C MET H 273 1.86 -22.18 -24.91
N TYR H 274 0.73 -22.88 -24.82
CA TYR H 274 0.22 -23.60 -25.97
C TYR H 274 -1.29 -23.63 -25.93
N THR H 275 -1.86 -23.93 -27.08
CA THR H 275 -3.29 -24.11 -27.26
C THR H 275 -3.51 -25.45 -27.95
N SER H 276 -4.40 -26.28 -27.41
CA SER H 276 -4.70 -27.58 -28.01
C SER H 276 -6.17 -27.64 -28.41
N CYS H 277 -6.43 -28.34 -29.51
CA CYS H 277 -7.77 -28.50 -30.05
C CYS H 277 -7.90 -29.94 -30.51
N MET H 278 -8.86 -30.68 -29.95
CA MET H 278 -8.94 -32.12 -30.22
C MET H 278 -10.31 -32.50 -30.71
N ASN H 279 -10.39 -33.00 -31.95
CA ASN H 279 -11.64 -33.49 -32.52
C ASN H 279 -12.00 -34.82 -31.87
N LEU H 280 -13.09 -34.85 -31.10
CA LEU H 280 -13.47 -36.06 -30.38
C LEU H 280 -13.89 -37.18 -31.33
N GLU H 281 -14.61 -36.84 -32.41
CA GLU H 281 -15.01 -37.85 -33.38
C GLU H 281 -13.80 -38.49 -34.06
N LYS H 282 -12.84 -37.66 -34.49
CA LYS H 282 -11.81 -38.11 -35.42
C LYS H 282 -10.47 -38.40 -34.77
N GLY H 283 -10.31 -38.14 -33.48
CA GLY H 283 -9.03 -38.42 -32.86
C GLY H 283 -7.87 -37.60 -33.39
N ILE H 284 -8.10 -36.36 -33.80
CA ILE H 284 -7.06 -35.48 -34.31
C ILE H 284 -6.76 -34.39 -33.29
N LEU H 285 -5.48 -34.17 -33.01
CA LEU H 285 -5.02 -33.08 -32.17
C LEU H 285 -4.45 -31.95 -33.03
N TYR H 286 -5.07 -30.78 -32.96
CA TYR H 286 -4.52 -29.57 -33.56
C TYR H 286 -3.92 -28.70 -32.46
N PHE H 287 -2.77 -28.07 -32.75
CA PHE H 287 -2.12 -27.27 -31.72
C PHE H 287 -1.33 -26.11 -32.32
N ASN H 288 -1.14 -25.06 -31.51
CA ASN H 288 -0.05 -24.11 -31.73
C ASN H 288 0.49 -23.69 -30.37
N CYS H 289 1.44 -22.76 -30.37
CA CYS H 289 2.02 -22.32 -29.11
C CYS H 289 2.34 -20.84 -29.22
N TYR H 290 2.89 -20.29 -28.13
CA TYR H 290 3.18 -18.86 -28.11
C TYR H 290 4.13 -18.45 -29.22
N ASP H 291 5.09 -19.32 -29.55
CA ASP H 291 6.13 -18.97 -30.50
C ASP H 291 5.79 -19.30 -31.94
N ASP H 292 4.71 -20.06 -32.18
CA ASP H 292 4.35 -20.47 -33.54
C ASP H 292 2.84 -20.37 -33.68
N SER H 293 2.37 -19.41 -34.48
CA SER H 293 0.94 -19.26 -34.65
C SER H 293 0.36 -20.19 -35.71
N ARG H 294 1.19 -20.85 -36.50
CA ARG H 294 0.71 -21.85 -37.44
C ARG H 294 0.15 -23.05 -36.68
N ILE H 295 -1.03 -23.51 -37.07
CA ILE H 295 -1.64 -24.70 -36.45
C ILE H 295 -1.02 -25.95 -37.05
N SER H 296 -0.63 -26.89 -36.20
CA SER H 296 -0.19 -28.22 -36.58
C SER H 296 -1.25 -29.27 -36.22
N ALA H 297 -1.11 -30.47 -36.78
CA ALA H 297 -2.12 -31.49 -36.52
C ALA H 297 -1.51 -32.88 -36.50
N VAL H 298 -1.96 -33.70 -35.55
CA VAL H 298 -1.55 -35.09 -35.44
C VAL H 298 -2.81 -35.95 -35.43
N ASP H 299 -2.90 -36.90 -36.36
CA ASP H 299 -4.01 -37.83 -36.41
C ASP H 299 -3.61 -39.09 -35.66
N MET H 300 -4.28 -39.34 -34.53
CA MET H 300 -4.01 -40.55 -33.76
C MET H 300 -4.23 -41.79 -34.60
N ASN H 301 -5.28 -41.77 -35.43
CA ASN H 301 -5.68 -42.92 -36.22
C ASN H 301 -4.76 -43.23 -37.37
N LYS H 302 -3.79 -42.36 -37.68
CA LYS H 302 -2.74 -42.71 -38.63
C LYS H 302 -1.63 -43.53 -37.98
N GLU H 303 -1.75 -43.87 -36.71
CA GLU H 303 -0.75 -44.64 -35.99
C GLU H 303 -1.28 -46.04 -35.69
N ASP H 304 -0.37 -46.91 -35.28
CA ASP H 304 -0.71 -48.29 -34.89
C ASP H 304 -1.18 -48.27 -33.44
N LEU H 305 -2.50 -48.34 -33.25
CA LEU H 305 -3.08 -48.19 -31.91
C LEU H 305 -3.13 -49.50 -31.14
N SER H 306 -2.73 -50.61 -31.74
CA SER H 306 -2.60 -51.87 -31.01
C SER H 306 -1.16 -52.13 -30.59
N SER H 307 -0.35 -51.08 -30.51
CA SER H 307 1.06 -51.19 -30.16
C SER H 307 1.24 -50.94 -28.66
N SER H 308 2.50 -50.86 -28.22
CA SER H 308 2.84 -50.74 -26.81
C SER H 308 3.65 -49.51 -26.44
N ASP H 309 4.34 -48.88 -27.38
CA ASP H 309 5.25 -47.77 -27.07
C ASP H 309 4.54 -46.42 -27.21
N LEU H 310 4.99 -45.45 -26.43
CA LEU H 310 4.50 -44.08 -26.59
C LEU H 310 4.97 -43.52 -27.93
N ILE H 311 4.08 -42.81 -28.62
CA ILE H 311 4.41 -42.13 -29.87
C ILE H 311 4.41 -40.63 -29.56
N VAL H 312 5.56 -39.99 -29.76
CA VAL H 312 5.77 -38.62 -29.29
C VAL H 312 6.16 -37.71 -30.46
N PHE H 313 5.64 -36.49 -30.45
CA PHE H 313 5.96 -35.46 -31.41
C PHE H 313 6.27 -34.16 -30.67
N ASP H 314 6.95 -33.24 -31.36
CA ASP H 314 7.26 -31.95 -30.76
C ASP H 314 6.00 -31.09 -30.68
N LEU H 315 5.85 -30.39 -29.54
CA LEU H 315 4.78 -29.42 -29.37
C LEU H 315 5.27 -28.00 -29.64
N PHE H 316 6.35 -27.59 -29.00
CA PHE H 316 6.83 -26.22 -29.10
C PHE H 316 7.67 -26.06 -30.37
N LYS H 317 7.36 -25.04 -31.16
CA LYS H 317 8.04 -24.84 -32.44
C LYS H 317 8.38 -23.36 -32.62
N LYS H 318 9.36 -23.10 -33.49
CA LYS H 318 9.69 -21.73 -33.86
C LYS H 318 8.62 -21.15 -34.77
N GLN H 319 8.59 -19.82 -34.85
CA GLN H 319 7.61 -19.17 -35.70
C GLN H 319 7.81 -19.58 -37.15
N ASP H 320 6.76 -20.14 -37.74
CA ASP H 320 6.83 -20.80 -39.05
C ASP H 320 6.23 -19.83 -40.09
N ILE H 321 7.06 -18.89 -40.53
CA ILE H 321 6.64 -17.80 -41.39
C ILE H 321 6.70 -18.24 -42.84
N SER H 322 5.65 -17.89 -43.60
CA SER H 322 5.57 -18.23 -45.02
C SER H 322 6.04 -17.00 -45.81
N PHE H 323 7.26 -17.06 -46.32
CA PHE H 323 7.84 -15.94 -47.06
C PHE H 323 7.29 -15.93 -48.48
N ILE H 324 6.53 -14.89 -48.82
CA ILE H 324 5.79 -14.90 -50.07
C ILE H 324 6.70 -14.58 -51.26
N ASN H 325 7.72 -13.74 -51.05
CA ASN H 325 8.54 -13.24 -52.15
C ASN H 325 10.02 -13.12 -51.75
#